data_7L2D
#
_entry.id   7L2D
#
loop_
_entity.id
_entity.type
_entity.pdbx_description
1 polymer 'Spike glycoprotein'
2 polymer '1-87 heavy chain'
3 polymer '1-87 light chain'
4 branched 2-acetamido-2-deoxy-beta-D-glucopyranose-(1-4)-2-acetamido-2-deoxy-beta-D-glucopyranose
5 branched beta-D-mannopyranose-(1-4)-2-acetamido-2-deoxy-beta-D-glucopyranose-(1-4)-2-acetamido-2-deoxy-beta-D-glucopyranose
6 non-polymer 2-acetamido-2-deoxy-beta-D-glucopyranose
#
loop_
_entity_poly.entity_id
_entity_poly.type
_entity_poly.pdbx_seq_one_letter_code
_entity_poly.pdbx_strand_id
1 'polypeptide(L)'
;MFVFLVLLPLVSSQCVNLTTRTQLPPAYTNSFTRGVYYPDKVFRSSVLHSTQDLFLPFFSNVTWFHAIHVSGTNGTKRFD
NPVLPFNDGVYFASTEKSNIIRGWIFGTTLDSKTQSLLIVNNATNVVIKVCEFQFCNDPFLGVYYHKNNKSWMESEFRVY
SSANNCTFEYVSQPFLMDLEGKQGNFKNLREFVFKNIDGYFKIYSKHTPINLVRDLPQGFSALEPLVDLPIGINITRFQT
LLALHRSYLTPGDSSSGWTAGAAAYYVGYLQPRTFLLKYNENGTITDAVDCALDPLSETKCTLKSFTVEKGIYQTSNFRV
QPTESIVRFPNITNLCPFGEVFNATRFASVYAWNRKRISNCVADYSVLYNSASFSTFKCYGVSPTKLNDLCFTNVYADSF
VIRGDEVRQIAPGQTGKIADYNYKLPDDFTGCVIAWNSNNLDSKVGGNYNYLYRLFRKSNLKPFERDISTEIYQAGSTPC
NGVEGFNCYFPLQSYGFQPTNGVGYQPYRVVVLSFELLHAPATVCGPKKSTNLVKNKCVNFNFNGLTGTGVLTESNKKFL
PFQQFGRDIADTTDAVRDPQTLEILDITPCSFGGVSVITPGTNTSNQVAVLYQDVNCTEVPVAIHADQLTPTWRVYSTGS
NVFQTRAGCLIGAEHVNNSYECDIPIGAGICASYQTQTNSPGSASSVASQSIIAYTMSLGAENSVAYSNNSIAIPTNFTI
SVTTEILPVSMTKTSVDCTMYICGDSTECSNLLLQYGSFCTQLNRALTGIAVEQDKNTQEVFAQVKQIYKTPPIKDFGGF
NFSQILPDPSKPSKRSFIEDLLFNKVTLADAGFIKQYGDCLGDIAARDLICAQKFNGLTVLPPLLTDEMIAQYTSALLAG
TITSGWTFGAGAALQIPFAMQMAYRFNGIGVTQNVLYENQKLIANQFNSAIGKIQDSLSSTASALGKLQDVVNQNAQALN
TLVKQLSSNFGAISSVLNDILSRLDPPEAEVQIDRLITGRLQSLQTYVTQQLIRAAEIRASANLAATKMSECVLGQSKRV
DFCGKGYHLMSFPQSAPHGVVFLHVTYVPAQEKNFTTAPAICHDGKAHFPREGVFVSNGTHWFVTQRNFYEPQIITTDNT
FVSGNCDVVIGIVNNTVYDPLQPELDSFKEELDKYFKNHTSPDVDLGDISGINASVVNIQKEIDRLNEVAKNLNESLIDL
QELGKYEQGSGYIPEAPRDGQAYVRKDGEWVLLSTFLGRSLEVLFQGPGHHHHHHHHSAWSHPQFEKGGGSGGGGSGGSA
WSHPQFEK
;
A,B,C
2 'polypeptide(L)'
;QVQLVQSGAEVKKPGASVKVSCKVSGYTLIELSMHWVRQAPGKGLEWMGGFDPEDAETIYAQKFQGRVTMTEDTSTDTAY
MELSSLRSEDTAVYYCATGIAVIGPPPSTYYYYGMDVWGQGTTVTVSSASTKGPSVFPLAPSSKSTSGGTAALGCLVKDY
FPEPVTVSWNSGALTSGVHTFPAVLQSSGLYSLSSVVTVPSSSLGTQTYICNVNHKPSNTKVDKKVEPKSCDKTH
;
H
3 'polypeptide(L)'
;QSALTQPASVSGSPGQSITISCTGTSSDVGGYNYVSWYQQHPGKAPKLMIYDVSKRPSGVSNRFSGSKSGNTASLTISGL
QAEDEADYYCSSYTSSSTYVFGTGTKVTVLGQPKAAPSVTLFPPSSEELQANKATLVCLISDFYPGAVTVAWKADSSPVK
AGVETTTPSKQSNNKYAASSYLSLTPEQWKSHRSYSCQVTHEGSTVEKTVAPTEC
;
L
#
loop_
_chem_comp.id
_chem_comp.type
_chem_comp.name
_chem_comp.formula
BMA D-saccharide, beta linking beta-D-mannopyranose 'C6 H12 O6'
NAG D-saccharide, beta linking 2-acetamido-2-deoxy-beta-D-glucopyranose 'C8 H15 N O6'
#
# COMPACT_ATOMS: atom_id res chain seq x y z
N GLN A 14 -14.31 -41.56 -49.75
CA GLN A 14 -13.96 -40.53 -48.78
C GLN A 14 -12.49 -40.64 -48.38
N CYS A 15 -11.98 -39.60 -47.74
CA CYS A 15 -10.58 -39.48 -47.28
C CYS A 15 -9.62 -39.70 -48.46
N VAL A 16 -9.95 -39.08 -49.59
CA VAL A 16 -9.07 -39.21 -50.79
C VAL A 16 -7.87 -38.26 -50.61
N ASN A 17 -6.84 -38.36 -51.45
CA ASN A 17 -5.73 -37.37 -51.35
C ASN A 17 -6.13 -36.14 -52.15
N LEU A 18 -6.35 -35.02 -51.47
CA LEU A 18 -6.76 -33.76 -52.14
C LEU A 18 -5.51 -32.87 -52.29
N THR A 19 -4.46 -33.15 -51.52
CA THR A 19 -3.26 -32.36 -51.68
C THR A 19 -2.24 -33.09 -52.56
N THR A 20 -1.28 -32.34 -53.07
CA THR A 20 -0.22 -32.90 -53.88
C THR A 20 0.95 -33.33 -53.00
N ARG A 21 1.99 -33.89 -53.62
CA ARG A 21 3.15 -34.35 -52.89
C ARG A 21 4.14 -33.25 -52.55
N THR A 22 4.00 -32.07 -53.16
CA THR A 22 4.92 -30.97 -52.95
C THR A 22 4.18 -29.75 -52.40
N GLN A 23 4.90 -28.94 -51.63
CA GLN A 23 4.35 -27.74 -51.02
C GLN A 23 5.31 -26.59 -51.23
N LEU A 24 4.92 -25.42 -50.73
CA LEU A 24 5.70 -24.19 -50.81
C LEU A 24 5.89 -23.63 -49.42
N PRO A 25 6.97 -22.88 -49.18
CA PRO A 25 7.15 -22.20 -47.90
C PRO A 25 6.05 -21.17 -47.67
N PRO A 26 5.58 -21.03 -46.42
CA PRO A 26 4.47 -20.10 -46.16
C PRO A 26 4.91 -18.66 -46.26
N ALA A 27 3.97 -17.80 -46.59
CA ALA A 27 4.23 -16.36 -46.63
C ALA A 27 4.09 -15.76 -45.23
N TYR A 28 4.94 -14.78 -44.95
CA TYR A 28 4.95 -14.10 -43.66
C TYR A 28 4.57 -12.64 -43.86
N THR A 29 3.62 -12.18 -43.05
CA THR A 29 3.20 -10.79 -43.06
C THR A 29 3.03 -10.30 -41.63
N ASN A 30 2.76 -9.02 -41.49
CA ASN A 30 2.79 -8.35 -40.19
C ASN A 30 1.39 -8.21 -39.61
N SER A 31 1.28 -8.46 -38.30
CA SER A 31 0.06 -8.18 -37.55
C SER A 31 0.13 -6.72 -37.12
N PHE A 32 -0.55 -5.85 -37.87
CA PHE A 32 -0.50 -4.42 -37.61
C PHE A 32 -1.47 -4.09 -36.48
N THR A 33 -1.10 -4.52 -35.27
CA THR A 33 -1.82 -4.24 -34.02
C THR A 33 -3.28 -4.68 -34.10
N ARG A 34 -3.48 -5.98 -34.23
CA ARG A 34 -4.82 -6.55 -34.33
C ARG A 34 -4.95 -7.72 -33.38
N GLY A 35 -6.17 -7.98 -32.92
CA GLY A 35 -6.47 -9.16 -32.15
C GLY A 35 -6.73 -8.98 -30.66
N VAL A 36 -7.17 -7.80 -30.21
CA VAL A 36 -7.48 -7.60 -28.81
C VAL A 36 -8.94 -7.97 -28.55
N TYR A 37 -9.20 -8.57 -27.39
CA TYR A 37 -10.53 -9.07 -27.07
C TYR A 37 -10.89 -8.64 -25.64
N TYR A 38 -12.18 -8.70 -25.33
CA TYR A 38 -12.67 -8.35 -24.00
C TYR A 38 -12.30 -9.45 -23.01
N PRO A 39 -11.57 -9.13 -21.94
CA PRO A 39 -11.21 -10.15 -20.93
C PRO A 39 -12.16 -10.23 -19.74
N ASP A 40 -13.22 -9.42 -19.75
CA ASP A 40 -14.18 -9.40 -18.61
C ASP A 40 -15.53 -8.93 -19.14
N LYS A 41 -16.62 -9.37 -18.53
CA LYS A 41 -17.97 -9.05 -19.07
C LYS A 41 -18.54 -7.86 -18.31
N VAL A 42 -17.74 -7.15 -17.52
CA VAL A 42 -18.30 -6.03 -16.70
C VAL A 42 -18.06 -4.69 -17.42
N PHE A 43 -19.11 -3.90 -17.58
CA PHE A 43 -19.00 -2.62 -18.30
C PHE A 43 -18.00 -1.73 -17.56
N ARG A 44 -17.05 -1.15 -18.29
CA ARG A 44 -16.09 -0.22 -17.68
C ARG A 44 -16.05 1.04 -18.53
N SER A 45 -16.17 2.22 -17.92
CA SER A 45 -16.24 3.46 -18.73
C SER A 45 -15.03 4.35 -18.44
N SER A 46 -14.27 4.74 -19.47
CA SER A 46 -13.10 5.64 -19.30
C SER A 46 -12.13 5.08 -18.26
N VAL A 47 -11.95 3.76 -18.24
CA VAL A 47 -11.02 3.12 -17.28
C VAL A 47 -9.83 2.55 -18.04
N LEU A 48 -8.63 3.05 -17.76
CA LEU A 48 -7.42 2.45 -18.40
C LEU A 48 -7.06 1.25 -17.54
N HIS A 49 -7.79 0.14 -17.69
CA HIS A 49 -7.59 -0.99 -16.79
C HIS A 49 -6.55 -1.94 -17.38
N SER A 50 -5.55 -2.28 -16.59
CA SER A 50 -4.54 -3.24 -17.01
C SER A 50 -5.01 -4.66 -16.73
N THR A 51 -4.70 -5.57 -17.65
CA THR A 51 -5.11 -6.96 -17.54
C THR A 51 -4.04 -7.85 -18.13
N GLN A 52 -3.69 -8.91 -17.40
CA GLN A 52 -2.73 -9.91 -17.87
C GLN A 52 -3.49 -11.12 -18.38
N ASP A 53 -3.32 -11.43 -19.66
CA ASP A 53 -3.96 -12.59 -20.27
C ASP A 53 -3.19 -12.95 -21.54
N LEU A 54 -3.65 -14.01 -22.20
CA LEU A 54 -3.04 -14.47 -23.44
C LEU A 54 -3.45 -13.54 -24.57
N PHE A 55 -2.50 -12.74 -25.06
CA PHE A 55 -2.77 -11.74 -26.08
C PHE A 55 -1.81 -11.92 -27.25
N LEU A 56 -2.28 -11.60 -28.45
CA LEU A 56 -1.41 -11.64 -29.61
C LEU A 56 -0.46 -10.46 -29.59
N PRO A 57 0.86 -10.69 -29.70
CA PRO A 57 1.80 -9.57 -29.66
C PRO A 57 1.65 -8.65 -30.87
N PHE A 58 1.87 -7.37 -30.64
CA PHE A 58 1.79 -6.39 -31.70
C PHE A 58 3.04 -6.44 -32.58
N PHE A 59 2.84 -6.15 -33.86
CA PHE A 59 3.91 -6.13 -34.88
C PHE A 59 4.63 -7.47 -34.94
N SER A 60 3.87 -8.55 -34.88
CA SER A 60 4.41 -9.90 -34.89
C SER A 60 4.15 -10.56 -36.24
N ASN A 61 4.97 -11.58 -36.55
CA ASN A 61 4.75 -12.40 -37.75
C ASN A 61 3.44 -13.17 -37.59
N VAL A 62 2.57 -13.04 -38.58
CA VAL A 62 1.39 -13.90 -38.71
C VAL A 62 1.53 -14.66 -40.03
N THR A 63 1.31 -15.96 -39.98
CA THR A 63 1.61 -16.85 -41.09
C THR A 63 0.48 -16.78 -42.12
N TRP A 64 0.79 -16.20 -43.27
CA TRP A 64 -0.16 -16.23 -44.38
C TRP A 64 -0.19 -17.62 -45.00
N PHE A 65 -1.38 -18.15 -45.21
CA PHE A 65 -1.56 -19.48 -45.76
C PHE A 65 -2.45 -19.38 -47.00
N HIS A 66 -1.84 -19.43 -48.18
CA HIS A 66 -2.59 -19.58 -49.42
C HIS A 66 -3.01 -21.04 -49.51
N ALA A 67 -4.21 -21.34 -48.99
CA ALA A 67 -4.70 -22.72 -49.02
C ALA A 67 -4.93 -23.18 -50.44
N ILE A 68 -5.49 -22.32 -51.28
CA ILE A 68 -5.62 -22.57 -52.71
C ILE A 68 -5.06 -21.34 -53.44
N HIS A 69 -3.99 -21.55 -54.19
CA HIS A 69 -3.27 -20.47 -54.86
C HIS A 69 -3.32 -20.67 -56.36
N VAL A 70 -3.84 -19.70 -57.09
CA VAL A 70 -3.89 -19.75 -58.54
C VAL A 70 -2.65 -19.05 -59.10
N SER A 71 -2.08 -19.63 -60.15
CA SER A 71 -0.87 -19.10 -60.77
C SER A 71 -0.90 -19.35 -62.27
N GLY A 72 -1.27 -18.35 -63.04
CA GLY A 72 -1.30 -18.49 -64.48
C GLY A 72 -2.46 -19.35 -64.94
N THR A 73 -2.21 -20.18 -65.95
CA THR A 73 -3.25 -21.01 -66.55
C THR A 73 -2.99 -22.50 -66.36
N ASN A 74 -1.80 -22.98 -66.72
CA ASN A 74 -1.49 -24.41 -66.59
C ASN A 74 -1.37 -24.81 -65.13
N GLY A 75 -0.71 -23.98 -64.32
CA GLY A 75 -0.68 -24.23 -62.89
C GLY A 75 -1.94 -23.74 -62.20
N THR A 76 -3.03 -24.51 -62.31
CA THR A 76 -4.39 -24.13 -61.92
C THR A 76 -4.41 -23.78 -60.43
N LYS A 77 -4.14 -24.71 -59.53
CA LYS A 77 -4.20 -24.45 -58.10
C LYS A 77 -3.42 -25.48 -57.31
N ARG A 78 -2.88 -25.01 -56.18
CA ARG A 78 -2.15 -25.91 -55.25
C ARG A 78 -2.96 -25.92 -53.96
N PHE A 79 -3.22 -27.09 -53.39
CA PHE A 79 -4.03 -27.23 -52.20
C PHE A 79 -3.16 -27.58 -51.00
N ASP A 80 -3.29 -26.79 -49.93
CA ASP A 80 -2.52 -27.02 -48.73
C ASP A 80 -3.22 -26.45 -47.50
N ASN A 81 -3.68 -27.32 -46.60
CA ASN A 81 -4.26 -26.93 -45.32
C ASN A 81 -3.64 -27.68 -44.14
N PRO A 82 -2.33 -27.52 -43.90
CA PRO A 82 -1.62 -28.42 -42.97
C PRO A 82 -2.03 -28.26 -41.51
N VAL A 83 -1.90 -29.34 -40.75
CA VAL A 83 -2.18 -29.29 -39.32
C VAL A 83 -1.16 -28.40 -38.63
N LEU A 84 -1.61 -27.62 -37.67
CA LEU A 84 -0.78 -26.67 -36.95
C LEU A 84 -0.86 -26.94 -35.46
N PRO A 85 0.20 -26.62 -34.67
CA PRO A 85 0.10 -26.76 -33.22
C PRO A 85 -0.81 -25.64 -32.69
N PHE A 86 -1.80 -25.99 -31.86
CA PHE A 86 -2.69 -24.96 -31.27
C PHE A 86 -1.86 -24.04 -30.37
N ASN A 87 -0.91 -24.61 -29.62
CA ASN A 87 -0.07 -23.82 -28.69
C ASN A 87 -0.95 -23.12 -27.65
N ASP A 88 -0.60 -21.90 -27.26
CA ASP A 88 -1.38 -21.18 -26.22
C ASP A 88 -2.78 -20.87 -26.76
N GLY A 89 -2.87 -20.43 -28.01
CA GLY A 89 -4.16 -20.05 -28.60
C GLY A 89 -3.97 -19.66 -30.06
N VAL A 90 -5.04 -19.54 -30.82
CA VAL A 90 -4.87 -19.27 -32.28
C VAL A 90 -5.66 -18.04 -32.71
N TYR A 91 -4.98 -17.04 -33.29
CA TYR A 91 -5.66 -15.87 -33.84
C TYR A 91 -5.89 -16.15 -35.32
N PHE A 92 -7.16 -16.32 -35.70
CA PHE A 92 -7.53 -16.72 -37.05
C PHE A 92 -8.22 -15.54 -37.72
N ALA A 93 -7.66 -15.09 -38.85
CA ALA A 93 -8.27 -14.04 -39.67
C ALA A 93 -8.24 -14.51 -41.12
N SER A 94 -9.38 -14.35 -41.80
CA SER A 94 -9.49 -14.75 -43.24
C SER A 94 -10.29 -13.70 -43.99
N THR A 95 -9.81 -13.22 -45.14
CA THR A 95 -10.51 -12.12 -45.81
C THR A 95 -11.03 -12.59 -47.18
N GLU A 96 -11.84 -13.65 -47.19
CA GLU A 96 -12.30 -14.20 -48.48
C GLU A 96 -13.81 -13.95 -48.62
N LYS A 97 -14.21 -13.20 -49.64
CA LYS A 97 -15.65 -12.90 -49.88
C LYS A 97 -16.42 -14.17 -50.23
N SER A 98 -15.78 -15.14 -50.88
CA SER A 98 -16.52 -16.31 -51.41
C SER A 98 -17.07 -17.26 -50.34
N ASN A 99 -16.80 -17.02 -49.06
CA ASN A 99 -17.25 -17.94 -47.98
C ASN A 99 -16.65 -19.34 -48.20
N ILE A 100 -15.41 -19.42 -48.68
CA ILE A 100 -14.74 -20.75 -48.81
C ILE A 100 -14.45 -21.34 -47.42
N ILE A 101 -14.00 -20.52 -46.46
CA ILE A 101 -13.62 -21.04 -45.12
C ILE A 101 -14.88 -21.16 -44.27
N ARG A 102 -15.19 -22.37 -43.80
CA ARG A 102 -16.48 -22.52 -43.08
C ARG A 102 -16.35 -23.41 -41.85
N GLY A 103 -15.14 -23.75 -41.43
CA GLY A 103 -15.05 -24.53 -40.17
C GLY A 103 -13.64 -24.73 -39.64
N TRP A 104 -13.50 -25.25 -38.42
CA TRP A 104 -12.15 -25.59 -37.90
C TRP A 104 -12.23 -26.90 -37.12
N ILE A 105 -11.12 -27.60 -36.98
CA ILE A 105 -11.12 -28.81 -36.15
C ILE A 105 -10.08 -28.68 -35.04
N PHE A 106 -10.50 -28.79 -33.79
CA PHE A 106 -9.52 -28.56 -32.70
C PHE A 106 -9.26 -29.92 -32.06
N GLY A 107 -8.01 -30.28 -31.78
CA GLY A 107 -7.82 -31.57 -31.09
C GLY A 107 -6.40 -31.89 -30.71
N THR A 108 -6.14 -33.17 -30.43
CA THR A 108 -4.78 -33.64 -30.06
C THR A 108 -4.30 -34.58 -31.16
N THR A 109 -4.63 -35.85 -31.05
CA THR A 109 -4.28 -36.82 -32.13
C THR A 109 -5.10 -36.48 -33.37
N LEU A 110 -6.23 -35.80 -33.21
CA LEU A 110 -7.15 -35.54 -34.34
C LEU A 110 -7.46 -36.90 -34.95
N ASP A 111 -7.59 -37.91 -34.08
CA ASP A 111 -7.90 -39.27 -34.56
C ASP A 111 -8.98 -39.83 -33.64
N SER A 112 -9.31 -41.11 -33.74
CA SER A 112 -10.40 -41.70 -32.92
C SER A 112 -9.82 -42.20 -31.61
N LYS A 113 -8.51 -42.04 -31.43
CA LYS A 113 -7.88 -42.40 -30.13
C LYS A 113 -8.40 -41.46 -29.06
N THR A 114 -8.42 -40.14 -29.33
CA THR A 114 -8.86 -39.14 -28.33
C THR A 114 -9.90 -38.22 -28.95
N GLN A 115 -10.74 -37.58 -28.14
CA GLN A 115 -11.84 -36.74 -28.69
C GLN A 115 -11.28 -35.48 -29.34
N SER A 116 -12.09 -34.83 -30.19
CA SER A 116 -11.68 -33.57 -30.86
C SER A 116 -12.89 -32.67 -31.08
N LEU A 117 -12.69 -31.35 -31.27
CA LEU A 117 -13.81 -30.39 -31.43
C LEU A 117 -14.10 -30.18 -32.91
N LEU A 118 -15.32 -29.85 -33.30
CA LEU A 118 -15.55 -29.56 -34.73
C LEU A 118 -16.57 -28.43 -34.86
N ILE A 119 -16.15 -27.26 -35.34
CA ILE A 119 -17.15 -26.18 -35.59
C ILE A 119 -17.40 -26.16 -37.10
N VAL A 120 -18.62 -26.55 -37.54
CA VAL A 120 -18.99 -26.46 -38.99
C VAL A 120 -20.03 -25.35 -39.12
N ASN A 121 -19.73 -24.30 -39.90
CA ASN A 121 -20.66 -23.15 -39.97
C ASN A 121 -21.42 -23.21 -41.29
N ASN A 122 -22.48 -24.01 -41.36
CA ASN A 122 -23.31 -24.02 -42.60
C ASN A 122 -24.22 -22.80 -42.59
N ALA A 123 -24.93 -22.54 -43.69
CA ALA A 123 -25.78 -21.34 -43.77
C ALA A 123 -26.88 -21.42 -42.72
N THR A 124 -27.56 -22.55 -42.62
CA THR A 124 -28.73 -22.66 -41.71
C THR A 124 -28.33 -22.53 -40.24
N ASN A 125 -27.28 -23.23 -39.79
CA ASN A 125 -26.96 -23.21 -38.34
C ASN A 125 -25.49 -23.57 -38.12
N VAL A 126 -24.92 -23.22 -36.96
CA VAL A 126 -23.52 -23.65 -36.67
C VAL A 126 -23.60 -24.85 -35.74
N VAL A 127 -22.80 -25.90 -35.97
CA VAL A 127 -22.93 -27.13 -35.14
C VAL A 127 -21.58 -27.35 -34.45
N ILE A 128 -21.57 -27.43 -33.12
CA ILE A 128 -20.30 -27.71 -32.46
C ILE A 128 -20.43 -29.06 -31.76
N LYS A 129 -19.63 -30.02 -32.22
CA LYS A 129 -19.68 -31.38 -31.71
C LYS A 129 -18.33 -31.76 -31.13
N VAL A 130 -18.35 -32.37 -29.94
CA VAL A 130 -17.15 -32.88 -29.30
C VAL A 130 -17.29 -34.39 -29.21
N CYS A 131 -16.62 -35.09 -30.13
CA CYS A 131 -16.66 -36.55 -30.18
C CYS A 131 -15.26 -37.03 -30.51
N GLU A 132 -15.08 -38.35 -30.53
CA GLU A 132 -13.83 -38.95 -31.02
C GLU A 132 -13.98 -39.12 -32.53
N PHE A 133 -13.41 -38.18 -33.28
CA PHE A 133 -13.60 -38.08 -34.72
C PHE A 133 -12.42 -38.73 -35.43
N GLN A 134 -12.71 -39.71 -36.28
CA GLN A 134 -11.69 -40.28 -37.17
C GLN A 134 -11.63 -39.42 -38.43
N PHE A 135 -10.85 -38.34 -38.32
CA PHE A 135 -10.75 -37.36 -39.39
C PHE A 135 -10.07 -37.93 -40.62
N CYS A 136 -10.46 -37.43 -41.79
CA CYS A 136 -9.72 -37.70 -43.00
C CYS A 136 -8.35 -37.03 -42.94
N ASN A 137 -7.42 -37.52 -43.77
CA ASN A 137 -6.11 -36.90 -43.86
C ASN A 137 -6.23 -35.48 -44.42
N ASP A 138 -7.15 -35.28 -45.36
CA ASP A 138 -7.40 -33.96 -45.94
C ASP A 138 -8.83 -33.56 -45.60
N PRO A 139 -9.07 -32.87 -44.49
CA PRO A 139 -10.45 -32.52 -44.10
C PRO A 139 -11.00 -31.35 -44.89
N PHE A 140 -12.24 -31.50 -45.36
CA PHE A 140 -12.93 -30.44 -46.11
C PHE A 140 -14.42 -30.74 -46.09
N LEU A 141 -15.20 -29.73 -46.47
CA LEU A 141 -16.65 -29.86 -46.56
C LEU A 141 -17.07 -30.07 -48.01
N GLY A 142 -17.69 -31.20 -48.27
CA GLY A 142 -18.07 -31.60 -49.62
C GLY A 142 -19.40 -31.06 -50.11
N VAL A 143 -19.44 -29.79 -50.52
CA VAL A 143 -20.65 -29.24 -51.13
C VAL A 143 -20.87 -29.92 -52.46
N TYR A 144 -22.14 -30.31 -52.70
CA TYR A 144 -22.51 -31.02 -53.95
C TYR A 144 -23.99 -30.74 -54.24
N TYR A 145 -24.48 -31.24 -55.37
CA TYR A 145 -25.90 -31.04 -55.75
C TYR A 145 -26.58 -32.41 -55.81
N HIS A 146 -27.67 -32.57 -55.07
CA HIS A 146 -28.44 -33.83 -55.08
C HIS A 146 -29.61 -33.62 -56.03
N LYS A 147 -29.72 -34.45 -57.07
CA LYS A 147 -30.81 -34.17 -58.05
C LYS A 147 -32.18 -34.27 -57.38
N ASN A 148 -32.32 -35.09 -56.33
CA ASN A 148 -33.67 -35.36 -55.74
C ASN A 148 -34.40 -34.15 -55.14
N ASN A 149 -33.78 -33.32 -54.30
CA ASN A 149 -34.57 -32.18 -53.75
C ASN A 149 -34.15 -30.89 -54.46
N LYS A 150 -33.46 -31.02 -55.60
CA LYS A 150 -32.95 -29.83 -56.33
C LYS A 150 -32.16 -28.98 -55.33
N SER A 151 -31.29 -29.60 -54.52
CA SER A 151 -30.59 -28.82 -53.48
C SER A 151 -29.08 -29.05 -53.51
N TRP A 152 -28.30 -27.97 -53.69
CA TRP A 152 -26.84 -28.13 -53.55
C TRP A 152 -26.65 -28.50 -52.09
N MET A 153 -26.44 -29.79 -51.80
CA MET A 153 -26.46 -30.21 -50.37
C MET A 153 -25.01 -30.26 -49.86
N GLU A 154 -24.82 -30.17 -48.55
CA GLU A 154 -23.44 -30.15 -47.99
C GLU A 154 -23.17 -31.46 -47.28
N SER A 155 -22.07 -32.14 -47.64
CA SER A 155 -21.77 -33.46 -47.05
C SER A 155 -20.65 -33.34 -46.02
N GLU A 156 -20.88 -33.86 -44.82
CA GLU A 156 -19.88 -33.74 -43.74
C GLU A 156 -19.02 -35.01 -43.72
N PHE A 157 -19.44 -36.07 -44.41
CA PHE A 157 -18.65 -37.29 -44.29
C PHE A 157 -17.21 -37.08 -44.74
N ARG A 158 -16.95 -36.03 -45.52
CA ARG A 158 -15.59 -35.76 -45.98
C ARG A 158 -14.72 -35.23 -44.85
N VAL A 159 -15.32 -34.72 -43.77
CA VAL A 159 -14.55 -34.21 -42.66
C VAL A 159 -13.94 -35.36 -41.87
N TYR A 160 -14.76 -36.29 -41.43
CA TYR A 160 -14.33 -37.43 -40.63
C TYR A 160 -14.99 -38.70 -41.13
N SER A 161 -14.29 -39.83 -40.96
CA SER A 161 -14.86 -41.11 -41.37
C SER A 161 -15.96 -41.56 -40.42
N SER A 162 -15.74 -41.40 -39.12
CA SER A 162 -16.74 -41.90 -38.14
C SER A 162 -16.69 -41.08 -36.85
N ALA A 163 -17.84 -40.94 -36.18
CA ALA A 163 -17.90 -40.21 -34.90
C ALA A 163 -18.47 -41.12 -33.82
N ASN A 164 -17.83 -41.18 -32.65
CA ASN A 164 -18.29 -42.08 -31.58
C ASN A 164 -18.04 -41.40 -30.23
N ASN A 165 -18.70 -41.86 -29.16
CA ASN A 165 -18.46 -41.32 -27.79
C ASN A 165 -18.64 -39.80 -27.83
N CYS A 166 -19.79 -39.33 -28.26
CA CYS A 166 -20.07 -37.91 -28.35
C CYS A 166 -20.46 -37.36 -26.97
N THR A 167 -19.85 -36.23 -26.60
CA THR A 167 -20.02 -35.66 -25.27
C THR A 167 -20.67 -34.28 -25.30
N PHE A 168 -20.81 -33.66 -26.47
CA PHE A 168 -21.33 -32.30 -26.52
C PHE A 168 -22.06 -32.08 -27.84
N GLU A 169 -22.97 -31.12 -27.83
CA GLU A 169 -23.73 -30.73 -29.01
C GLU A 169 -24.30 -29.33 -28.83
N TYR A 170 -23.87 -28.39 -29.67
CA TYR A 170 -24.29 -27.00 -29.56
C TYR A 170 -24.75 -26.52 -30.93
N VAL A 171 -26.03 -26.18 -31.05
CA VAL A 171 -26.61 -25.67 -32.28
C VAL A 171 -27.14 -24.27 -32.01
N SER A 172 -26.74 -23.30 -32.84
CA SER A 172 -27.14 -21.92 -32.63
C SER A 172 -27.08 -21.17 -33.96
N GLN A 173 -27.21 -19.85 -33.87
CA GLN A 173 -27.22 -18.99 -35.04
C GLN A 173 -25.82 -18.96 -35.68
N PRO A 174 -25.73 -18.97 -37.01
CA PRO A 174 -24.42 -18.78 -37.65
C PRO A 174 -23.85 -17.40 -37.37
N PHE A 175 -22.52 -17.35 -37.29
CA PHE A 175 -21.81 -16.14 -36.91
C PHE A 175 -20.86 -15.65 -37.99
N LEU A 176 -21.26 -15.72 -39.25
CA LEU A 176 -20.46 -15.23 -40.36
C LEU A 176 -21.21 -14.18 -41.19
N MET A 177 -22.23 -13.54 -40.60
CA MET A 177 -23.12 -12.56 -41.23
C MET A 177 -23.79 -13.09 -42.50
N ASP A 178 -24.14 -14.37 -42.53
CA ASP A 178 -24.84 -15.08 -43.60
C ASP A 178 -24.08 -15.06 -44.93
N LEU A 179 -22.78 -14.69 -44.94
CA LEU A 179 -21.96 -14.61 -46.14
C LEU A 179 -22.55 -13.66 -47.19
N GLU A 180 -22.84 -12.44 -46.77
CA GLU A 180 -23.44 -11.43 -47.65
C GLU A 180 -23.09 -10.05 -47.08
N GLY A 181 -23.59 -9.01 -47.73
CA GLY A 181 -23.34 -7.65 -47.32
C GLY A 181 -22.11 -7.01 -47.91
N LYS A 182 -21.56 -7.57 -48.99
CA LYS A 182 -20.34 -7.03 -49.58
C LYS A 182 -20.59 -5.71 -50.30
N GLN A 183 -21.69 -5.64 -51.06
CA GLN A 183 -22.12 -4.50 -51.87
C GLN A 183 -21.13 -4.11 -52.96
N GLY A 184 -20.17 -4.97 -53.31
CA GLY A 184 -19.29 -4.69 -54.42
C GLY A 184 -18.05 -3.93 -54.00
N ASN A 185 -16.89 -4.40 -54.49
CA ASN A 185 -15.58 -3.78 -54.28
C ASN A 185 -15.24 -3.63 -52.80
N PHE A 186 -15.61 -4.65 -52.01
CA PHE A 186 -15.35 -4.66 -50.58
C PHE A 186 -15.08 -6.08 -50.13
N LYS A 187 -14.46 -6.19 -48.96
CA LYS A 187 -14.16 -7.51 -48.38
C LYS A 187 -14.41 -7.46 -46.88
N ASN A 188 -14.74 -8.59 -46.28
CA ASN A 188 -14.99 -8.71 -44.85
C ASN A 188 -13.85 -9.51 -44.21
N LEU A 189 -13.26 -8.94 -43.17
CA LEU A 189 -12.19 -9.61 -42.43
C LEU A 189 -12.84 -10.40 -41.28
N ARG A 190 -12.78 -11.72 -41.38
CA ARG A 190 -13.41 -12.61 -40.40
C ARG A 190 -12.36 -13.00 -39.37
N GLU A 191 -12.31 -12.27 -38.26
CA GLU A 191 -11.32 -12.51 -37.22
C GLU A 191 -11.88 -13.43 -36.14
N PHE A 192 -10.99 -14.27 -35.59
CA PHE A 192 -11.35 -15.22 -34.55
C PHE A 192 -10.16 -15.40 -33.61
N VAL A 193 -10.47 -15.59 -32.33
CA VAL A 193 -9.48 -15.91 -31.30
C VAL A 193 -10.02 -17.08 -30.49
N PHE A 194 -9.24 -18.15 -30.39
CA PHE A 194 -9.61 -19.34 -29.66
C PHE A 194 -8.68 -19.52 -28.45
N LYS A 195 -9.29 -19.74 -27.29
CA LYS A 195 -8.53 -19.95 -26.06
C LYS A 195 -9.11 -21.16 -25.32
N ASN A 196 -8.22 -22.00 -24.82
CA ASN A 196 -8.59 -23.15 -24.00
C ASN A 196 -7.96 -22.98 -22.63
N ILE A 197 -8.74 -22.53 -21.65
CA ILE A 197 -8.31 -22.43 -20.27
C ILE A 197 -9.30 -23.17 -19.40
N ASP A 198 -8.79 -23.77 -18.31
CA ASP A 198 -9.52 -24.47 -17.21
C ASP A 198 -10.80 -25.18 -17.65
N GLY A 199 -10.70 -25.94 -18.74
CA GLY A 199 -11.82 -26.71 -19.23
C GLY A 199 -12.87 -25.92 -20.00
N TYR A 200 -12.59 -24.67 -20.36
CA TYR A 200 -13.54 -23.83 -21.07
C TYR A 200 -12.94 -23.38 -22.39
N PHE A 201 -13.76 -23.36 -23.43
CA PHE A 201 -13.34 -22.89 -24.75
C PHE A 201 -13.96 -21.53 -25.00
N LYS A 202 -13.12 -20.53 -25.27
CA LYS A 202 -13.57 -19.16 -25.43
C LYS A 202 -13.29 -18.69 -26.85
N ILE A 203 -14.33 -18.21 -27.53
CA ILE A 203 -14.21 -17.73 -28.90
C ILE A 203 -14.60 -16.25 -28.94
N TYR A 204 -13.70 -15.45 -29.50
CA TYR A 204 -13.92 -14.02 -29.63
C TYR A 204 -13.88 -13.67 -31.12
N SER A 205 -14.79 -12.78 -31.55
CA SER A 205 -14.89 -12.53 -33.01
C SER A 205 -15.44 -11.15 -33.36
N LYS A 206 -14.73 -10.41 -34.21
CA LYS A 206 -15.24 -9.11 -34.69
C LYS A 206 -15.10 -9.13 -36.21
N HIS A 207 -16.16 -8.79 -36.94
CA HIS A 207 -16.11 -8.85 -38.42
C HIS A 207 -16.26 -7.42 -38.94
N THR A 208 -15.33 -6.97 -39.76
CA THR A 208 -15.36 -5.54 -40.18
C THR A 208 -15.16 -5.42 -41.69
N PRO A 209 -15.70 -4.38 -42.36
CA PRO A 209 -15.43 -4.16 -43.78
C PRO A 209 -14.00 -3.65 -43.99
N ILE A 210 -13.23 -4.33 -44.85
CA ILE A 210 -11.86 -3.92 -45.14
C ILE A 210 -11.80 -3.44 -46.59
N ASN A 211 -10.98 -2.41 -46.81
CA ASN A 211 -10.80 -1.82 -48.14
C ASN A 211 -9.59 -2.40 -48.87
N LEU A 212 -8.47 -2.55 -48.18
CA LEU A 212 -7.27 -3.15 -48.76
C LEU A 212 -7.38 -4.67 -48.65
N VAL A 213 -7.43 -5.35 -49.79
CA VAL A 213 -7.70 -6.78 -49.79
C VAL A 213 -6.45 -7.59 -49.50
N ARG A 214 -5.31 -6.93 -49.34
CA ARG A 214 -4.04 -7.66 -49.29
C ARG A 214 -3.71 -8.12 -47.87
N ASP A 215 -3.73 -7.22 -46.90
CA ASP A 215 -3.17 -7.52 -45.59
C ASP A 215 -4.05 -6.92 -44.50
N LEU A 216 -3.52 -6.89 -43.27
CA LEU A 216 -4.29 -6.50 -42.10
C LEU A 216 -4.45 -4.99 -42.05
N PRO A 217 -5.52 -4.43 -41.43
CA PRO A 217 -5.64 -2.98 -41.31
C PRO A 217 -4.73 -2.38 -40.22
N GLN A 218 -4.17 -1.20 -40.47
CA GLN A 218 -3.43 -0.51 -39.39
C GLN A 218 -4.50 -0.09 -38.40
N GLY A 219 -5.76 -0.42 -38.73
CA GLY A 219 -6.90 -0.06 -37.87
C GLY A 219 -7.00 -0.90 -36.62
N PHE A 220 -7.74 -0.42 -35.63
CA PHE A 220 -7.84 -1.13 -34.33
C PHE A 220 -9.27 -1.56 -34.06
N SER A 221 -9.48 -2.83 -33.72
CA SER A 221 -10.84 -3.31 -33.35
C SER A 221 -10.73 -4.37 -32.25
N ALA A 222 -11.75 -4.47 -31.41
CA ALA A 222 -11.74 -5.45 -30.30
C ALA A 222 -12.59 -6.64 -30.69
N LEU A 223 -12.34 -7.82 -30.11
CA LEU A 223 -13.08 -9.03 -30.52
C LEU A 223 -14.10 -9.38 -29.44
N GLU A 224 -15.38 -9.12 -29.69
CA GLU A 224 -16.45 -9.34 -28.73
C GLU A 224 -16.49 -10.81 -28.31
N PRO A 225 -16.80 -11.08 -27.04
CA PRO A 225 -17.03 -12.47 -26.63
C PRO A 225 -18.28 -13.03 -27.31
N LEU A 226 -18.15 -14.24 -27.83
CA LEU A 226 -19.25 -14.81 -28.60
C LEU A 226 -19.87 -16.01 -27.90
N VAL A 227 -19.07 -17.04 -27.64
CA VAL A 227 -19.53 -18.29 -27.03
C VAL A 227 -18.47 -18.78 -26.04
N ASP A 228 -18.90 -19.46 -24.97
CA ASP A 228 -17.93 -20.04 -24.00
C ASP A 228 -18.28 -21.51 -23.79
N LEU A 229 -18.05 -22.37 -24.77
CA LEU A 229 -18.48 -23.79 -24.70
C LEU A 229 -17.74 -24.56 -23.61
N PRO A 230 -18.41 -25.39 -22.78
CA PRO A 230 -17.71 -26.24 -21.82
C PRO A 230 -17.23 -27.52 -22.47
N ILE A 231 -16.26 -27.44 -23.38
CA ILE A 231 -15.80 -28.63 -24.16
C ILE A 231 -15.09 -29.68 -23.29
N GLY A 232 -14.22 -29.28 -22.37
CA GLY A 232 -13.44 -30.24 -21.56
C GLY A 232 -12.57 -31.22 -22.34
N ILE A 233 -11.80 -30.76 -23.33
CA ILE A 233 -10.85 -31.67 -24.06
C ILE A 233 -9.46 -31.04 -24.16
N ASN A 234 -8.41 -31.86 -24.32
CA ASN A 234 -7.01 -31.36 -24.47
C ASN A 234 -6.88 -30.87 -25.91
N ILE A 235 -6.29 -29.70 -26.15
CA ILE A 235 -6.23 -29.17 -27.54
C ILE A 235 -4.80 -28.72 -27.84
N THR A 236 -3.99 -29.58 -28.46
CA THR A 236 -2.63 -29.26 -28.85
C THR A 236 -2.43 -29.04 -30.34
N ARG A 237 -3.41 -29.34 -31.19
CA ARG A 237 -3.24 -29.23 -32.63
C ARG A 237 -4.45 -28.54 -33.25
N PHE A 238 -4.22 -27.97 -34.44
CA PHE A 238 -5.17 -27.08 -35.09
C PHE A 238 -5.19 -27.33 -36.59
N GLN A 239 -6.39 -27.28 -37.17
CA GLN A 239 -6.59 -27.30 -38.62
C GLN A 239 -7.92 -26.63 -38.91
N THR A 240 -8.09 -26.22 -40.18
CA THR A 240 -9.33 -25.51 -40.59
C THR A 240 -10.12 -26.38 -41.59
N LEU A 241 -11.40 -26.08 -41.78
CA LEU A 241 -12.24 -26.83 -42.76
C LEU A 241 -12.54 -25.90 -43.94
N LEU A 242 -12.32 -26.37 -45.16
CA LEU A 242 -12.54 -25.54 -46.37
C LEU A 242 -13.81 -26.06 -47.05
N ALA A 243 -14.45 -25.26 -47.90
CA ALA A 243 -15.61 -25.78 -48.67
C ALA A 243 -15.17 -25.97 -50.13
N LEU A 244 -15.24 -27.18 -50.66
CA LEU A 244 -14.74 -27.43 -52.03
C LEU A 244 -15.84 -28.06 -52.91
N HIS A 245 -15.95 -27.65 -54.18
CA HIS A 245 -16.96 -28.25 -55.10
C HIS A 245 -16.28 -29.17 -56.11
N ARG A 246 -17.04 -30.04 -56.77
CA ARG A 246 -16.42 -31.04 -57.69
C ARG A 246 -15.81 -30.35 -58.90
N SER A 247 -14.73 -30.89 -59.45
CA SER A 247 -14.15 -30.28 -60.68
C SER A 247 -14.83 -30.79 -61.96
N TYR A 248 -16.06 -31.28 -61.87
CA TYR A 248 -16.82 -31.70 -63.08
C TYR A 248 -17.86 -30.60 -63.33
N LEU A 249 -17.55 -29.40 -62.86
CA LEU A 249 -18.50 -28.25 -62.96
C LEU A 249 -18.84 -27.97 -64.43
N THR A 250 -17.88 -28.04 -65.33
CA THR A 250 -18.14 -27.66 -66.75
C THR A 250 -18.51 -28.90 -67.58
N PRO A 251 -19.45 -28.86 -68.56
CA PRO A 251 -19.69 -30.02 -69.40
C PRO A 251 -18.43 -30.36 -70.20
N GLY A 252 -18.03 -31.63 -70.20
CA GLY A 252 -16.86 -32.05 -70.98
C GLY A 252 -15.57 -31.89 -70.19
N ASP A 253 -15.64 -31.16 -69.07
CA ASP A 253 -14.44 -31.06 -68.20
C ASP A 253 -14.25 -32.45 -67.60
N SER A 254 -13.01 -32.85 -67.36
CA SER A 254 -12.83 -34.24 -66.87
C SER A 254 -11.92 -34.26 -65.64
N SER A 255 -12.37 -33.70 -64.52
CA SER A 255 -11.58 -33.80 -63.27
C SER A 255 -12.50 -34.15 -62.10
N SER A 256 -12.13 -35.16 -61.30
CA SER A 256 -12.97 -35.58 -60.16
C SER A 256 -12.52 -34.87 -58.88
N GLY A 257 -11.47 -34.05 -58.98
CA GLY A 257 -10.92 -33.40 -57.77
C GLY A 257 -11.89 -32.42 -57.18
N TRP A 258 -11.81 -32.17 -55.88
CA TRP A 258 -12.69 -31.13 -55.28
C TRP A 258 -11.98 -29.78 -55.38
N THR A 259 -12.03 -29.15 -56.56
CA THR A 259 -11.38 -27.86 -56.80
C THR A 259 -12.42 -26.76 -56.70
N ALA A 260 -12.06 -25.69 -55.98
CA ALA A 260 -12.92 -24.53 -55.78
C ALA A 260 -12.16 -23.33 -55.20
N GLY A 261 -12.49 -22.14 -55.70
CA GLY A 261 -12.16 -20.80 -55.23
C GLY A 261 -10.72 -20.62 -54.82
N ALA A 262 -10.52 -19.82 -53.77
CA ALA A 262 -9.21 -19.59 -53.19
C ALA A 262 -9.38 -19.15 -51.74
N ALA A 263 -8.44 -19.54 -50.89
CA ALA A 263 -8.47 -19.20 -49.47
C ALA A 263 -7.13 -18.61 -49.05
N ALA A 264 -7.20 -17.55 -48.26
CA ALA A 264 -6.01 -16.79 -47.87
C ALA A 264 -6.07 -16.45 -46.38
N TYR A 265 -6.35 -17.44 -45.53
CA TYR A 265 -6.51 -17.18 -44.11
C TYR A 265 -5.16 -16.94 -43.43
N TYR A 266 -5.21 -16.30 -42.27
CA TYR A 266 -4.03 -15.94 -41.49
C TYR A 266 -4.13 -16.60 -40.12
N VAL A 267 -3.01 -17.14 -39.63
CA VAL A 267 -2.96 -17.84 -38.35
C VAL A 267 -1.90 -17.18 -37.48
N GLY A 268 -2.31 -16.68 -36.33
CA GLY A 268 -1.38 -16.08 -35.39
C GLY A 268 -1.52 -16.74 -34.03
N TYR A 269 -0.40 -16.79 -33.29
CA TYR A 269 -0.39 -17.50 -31.99
C TYR A 269 -0.31 -16.52 -30.83
N LEU A 270 -1.26 -16.59 -29.92
CA LEU A 270 -1.28 -15.70 -28.73
C LEU A 270 -0.11 -16.12 -27.83
N GLN A 271 0.50 -15.17 -27.11
CA GLN A 271 1.56 -15.54 -26.15
C GLN A 271 1.23 -14.77 -24.86
N PRO A 272 1.65 -15.21 -23.66
CA PRO A 272 1.27 -14.48 -22.45
C PRO A 272 1.90 -13.08 -22.47
N ARG A 273 1.11 -12.05 -22.20
CA ARG A 273 1.61 -10.66 -22.25
C ARG A 273 0.79 -9.80 -21.29
N THR A 274 1.30 -8.63 -20.92
CA THR A 274 0.53 -7.71 -20.03
C THR A 274 0.08 -6.50 -20.84
N PHE A 275 -1.22 -6.20 -20.85
CA PHE A 275 -1.73 -5.10 -21.69
C PHE A 275 -2.56 -4.11 -20.87
N LEU A 276 -2.63 -2.87 -21.35
CA LEU A 276 -3.38 -1.79 -20.65
C LEU A 276 -4.53 -1.40 -21.56
N LEU A 277 -5.62 -2.17 -21.54
CA LEU A 277 -6.76 -1.89 -22.44
C LEU A 277 -7.45 -0.61 -22.00
N LYS A 278 -7.97 0.18 -22.95
CA LYS A 278 -8.71 1.43 -22.63
C LYS A 278 -10.17 1.24 -23.02
N TYR A 279 -11.10 1.53 -22.11
CA TYR A 279 -12.55 1.35 -22.39
C TYR A 279 -13.18 2.72 -22.60
N ASN A 280 -13.90 2.90 -23.71
CA ASN A 280 -14.48 4.24 -24.05
C ASN A 280 -15.80 4.43 -23.33
N GLU A 281 -16.37 5.64 -23.41
CA GLU A 281 -17.62 5.95 -22.65
C GLU A 281 -18.69 4.90 -22.93
N ASN A 282 -18.81 4.47 -24.18
CA ASN A 282 -19.86 3.49 -24.56
C ASN A 282 -19.49 2.11 -23.99
N GLY A 283 -18.28 1.97 -23.45
CA GLY A 283 -17.82 0.66 -22.95
C GLY A 283 -17.01 -0.08 -23.99
N THR A 284 -16.60 0.60 -25.06
CA THR A 284 -15.88 -0.07 -26.17
C THR A 284 -14.36 0.16 -26.07
N ILE A 285 -13.56 -0.92 -26.09
CA ILE A 285 -12.09 -0.73 -26.12
C ILE A 285 -11.78 0.05 -27.40
N THR A 286 -11.03 1.14 -27.29
CA THR A 286 -10.74 1.98 -28.48
C THR A 286 -9.23 2.02 -28.74
N ASP A 287 -8.41 1.65 -27.75
CA ASP A 287 -6.94 1.60 -27.92
C ASP A 287 -6.36 0.63 -26.88
N ALA A 288 -5.17 0.08 -27.15
CA ALA A 288 -4.52 -0.80 -26.15
C ALA A 288 -3.01 -0.71 -26.31
N VAL A 289 -2.25 -0.96 -25.24
CA VAL A 289 -0.77 -0.82 -25.32
C VAL A 289 -0.12 -2.14 -24.90
N ASP A 290 0.80 -2.66 -25.71
CA ASP A 290 1.54 -3.89 -25.34
C ASP A 290 2.71 -3.44 -24.47
N CYS A 291 2.83 -3.97 -23.26
CA CYS A 291 3.87 -3.47 -22.35
C CYS A 291 5.27 -3.81 -22.90
N ALA A 292 5.42 -4.95 -23.55
CA ALA A 292 6.78 -5.37 -23.98
C ALA A 292 7.11 -4.88 -25.37
N LEU A 293 6.18 -4.25 -26.07
CA LEU A 293 6.45 -3.90 -27.49
C LEU A 293 7.59 -2.91 -27.66
N ASP A 294 7.60 -1.83 -26.88
CA ASP A 294 8.60 -0.76 -27.15
C ASP A 294 8.93 -0.08 -25.83
N PRO A 295 10.07 0.60 -25.66
CA PRO A 295 10.32 1.30 -24.43
C PRO A 295 9.18 2.28 -24.13
N LEU A 296 8.65 3.00 -25.11
CA LEU A 296 7.62 4.02 -24.78
C LEU A 296 6.39 3.31 -24.21
N SER A 297 5.93 2.27 -24.88
CA SER A 297 4.77 1.51 -24.39
C SER A 297 4.98 1.03 -22.96
N GLU A 298 6.22 0.67 -22.61
CA GLU A 298 6.51 0.30 -21.23
C GLU A 298 6.37 1.51 -20.30
N THR A 299 6.74 2.69 -20.78
CA THR A 299 6.51 3.91 -20.00
C THR A 299 5.02 4.18 -19.80
N LYS A 300 4.22 3.95 -20.85
CA LYS A 300 2.77 4.10 -20.72
C LYS A 300 2.18 3.08 -19.75
N CYS A 301 2.73 1.86 -19.74
CA CYS A 301 2.29 0.86 -18.78
C CYS A 301 2.67 1.24 -17.36
N THR A 302 3.86 1.81 -17.17
CA THR A 302 4.32 2.21 -15.84
C THR A 302 3.49 3.38 -15.30
N LEU A 303 3.26 4.39 -16.13
CA LEU A 303 2.47 5.54 -15.72
C LEU A 303 0.97 5.28 -15.75
N LYS A 304 0.54 4.16 -16.37
CA LYS A 304 -0.87 3.79 -16.52
C LYS A 304 -1.67 4.90 -17.22
N SER A 305 -1.06 5.53 -18.21
CA SER A 305 -1.67 6.59 -18.99
C SER A 305 -1.08 6.59 -20.39
N PHE A 306 -1.93 6.89 -21.38
CA PHE A 306 -1.46 6.86 -22.76
C PHE A 306 -0.63 8.09 -23.09
N THR A 307 -0.95 9.23 -22.49
CA THR A 307 -0.18 10.45 -22.68
C THR A 307 0.95 10.50 -21.66
N VAL A 308 2.18 10.53 -22.17
CA VAL A 308 3.37 10.54 -21.32
C VAL A 308 4.02 11.91 -21.44
N GLU A 309 4.22 12.56 -20.30
CA GLU A 309 4.80 13.90 -20.29
C GLU A 309 6.30 13.84 -20.57
N LYS A 310 6.85 15.03 -20.85
CA LYS A 310 8.28 15.13 -21.21
C LYS A 310 9.16 14.93 -19.98
N GLY A 311 10.17 14.07 -20.11
CA GLY A 311 11.12 13.87 -19.03
C GLY A 311 11.68 12.46 -19.04
N ILE A 312 12.23 12.08 -17.89
CA ILE A 312 12.82 10.77 -17.67
C ILE A 312 11.97 10.03 -16.65
N TYR A 313 11.73 8.75 -16.89
CA TYR A 313 10.88 7.93 -16.03
C TYR A 313 11.52 6.55 -15.82
N GLN A 314 11.44 6.05 -14.60
CA GLN A 314 11.87 4.68 -14.33
C GLN A 314 10.73 3.72 -14.58
N THR A 315 11.01 2.65 -15.30
CA THR A 315 9.99 1.72 -15.75
C THR A 315 10.22 0.33 -15.16
N SER A 316 9.12 -0.33 -14.79
CA SER A 316 9.19 -1.69 -14.30
C SER A 316 9.21 -2.69 -15.47
N ASN A 317 9.50 -3.95 -15.14
CA ASN A 317 9.79 -4.97 -16.13
C ASN A 317 8.50 -5.60 -16.65
N PHE A 318 8.32 -5.57 -17.98
CA PHE A 318 7.35 -6.42 -18.65
C PHE A 318 7.92 -7.04 -19.91
N ARG A 319 9.17 -6.70 -20.28
CA ARG A 319 9.66 -6.99 -21.61
C ARG A 319 10.05 -8.46 -21.78
N VAL A 320 10.59 -9.08 -20.74
CA VAL A 320 11.18 -10.41 -20.84
C VAL A 320 10.23 -11.41 -20.21
N GLN A 321 10.15 -12.62 -20.80
CA GLN A 321 9.35 -13.74 -20.36
C GLN A 321 10.20 -15.00 -20.32
N PRO A 322 9.86 -15.98 -19.48
CA PRO A 322 10.62 -17.24 -19.47
C PRO A 322 10.42 -18.02 -20.77
N THR A 323 11.53 -18.29 -21.46
CA THR A 323 11.46 -19.00 -22.73
C THR A 323 11.17 -20.48 -22.53
N GLU A 324 11.82 -21.09 -21.55
CA GLU A 324 11.66 -22.52 -21.27
C GLU A 324 11.83 -22.73 -19.78
N SER A 325 11.90 -23.99 -19.35
CA SER A 325 12.08 -24.33 -17.95
C SER A 325 13.11 -25.44 -17.83
N ILE A 326 13.96 -25.35 -16.82
CA ILE A 326 14.97 -26.36 -16.52
C ILE A 326 14.79 -26.83 -15.08
N VAL A 327 15.02 -28.11 -14.84
CA VAL A 327 14.97 -28.71 -13.51
C VAL A 327 16.28 -29.45 -13.25
N ARG A 328 16.80 -29.31 -12.02
CA ARG A 328 18.04 -29.95 -11.63
C ARG A 328 17.83 -30.70 -10.32
N PHE A 329 17.84 -32.03 -10.38
CA PHE A 329 17.67 -32.91 -9.24
C PHE A 329 18.89 -33.83 -9.12
N PRO A 330 19.17 -34.36 -7.92
CA PRO A 330 20.33 -35.24 -7.76
C PRO A 330 20.20 -36.54 -8.53
N ASN A 331 21.34 -37.15 -8.83
CA ASN A 331 21.36 -38.45 -9.48
C ASN A 331 20.85 -39.52 -8.52
N ILE A 332 19.58 -39.90 -8.69
CA ILE A 332 18.93 -40.87 -7.81
C ILE A 332 18.31 -41.96 -8.68
N THR A 333 18.59 -43.21 -8.34
CA THR A 333 18.12 -44.35 -9.12
C THR A 333 17.14 -45.23 -8.34
N ASN A 334 17.46 -45.56 -7.09
CA ASN A 334 16.63 -46.50 -6.34
C ASN A 334 15.33 -45.85 -5.90
N LEU A 335 14.24 -46.62 -5.99
CA LEU A 335 12.96 -46.16 -5.50
C LEU A 335 12.90 -46.27 -3.97
N CYS A 336 12.07 -45.42 -3.37
CA CYS A 336 11.96 -45.41 -1.92
C CYS A 336 11.15 -46.60 -1.43
N PRO A 337 11.48 -47.14 -0.24
CA PRO A 337 10.73 -48.27 0.34
C PRO A 337 9.45 -47.84 1.06
N PHE A 338 8.64 -47.02 0.38
CA PHE A 338 7.31 -46.70 0.90
C PHE A 338 6.42 -47.93 0.88
N GLY A 339 6.65 -48.83 -0.07
CA GLY A 339 5.95 -50.10 -0.04
C GLY A 339 6.37 -50.98 1.12
N GLU A 340 7.60 -50.79 1.60
CA GLU A 340 8.04 -51.53 2.79
C GLU A 340 7.36 -51.00 4.05
N VAL A 341 7.30 -49.67 4.19
CA VAL A 341 6.73 -49.07 5.40
C VAL A 341 5.22 -49.24 5.43
N PHE A 342 4.56 -48.97 4.30
CA PHE A 342 3.09 -48.90 4.31
C PHE A 342 2.47 -50.30 4.35
N ASN A 343 3.10 -51.28 3.72
CA ASN A 343 2.54 -52.61 3.58
C ASN A 343 3.11 -53.59 4.59
N ALA A 344 3.62 -53.10 5.73
CA ALA A 344 4.19 -53.97 6.74
C ALA A 344 3.10 -54.81 7.41
N THR A 345 3.46 -56.04 7.78
CA THR A 345 2.50 -56.93 8.41
C THR A 345 2.14 -56.45 9.82
N ARG A 346 3.13 -56.02 10.59
CA ARG A 346 2.93 -55.59 11.97
C ARG A 346 3.41 -54.15 12.13
N PHE A 347 2.53 -53.31 12.66
CA PHE A 347 2.86 -51.94 13.03
C PHE A 347 2.96 -51.82 14.55
N ALA A 348 3.89 -50.97 14.99
CA ALA A 348 4.07 -50.74 16.41
C ALA A 348 2.91 -49.93 16.98
N SER A 349 2.72 -50.03 18.28
CA SER A 349 1.63 -49.33 18.94
C SER A 349 1.94 -47.84 19.08
N VAL A 350 0.97 -47.08 19.61
CA VAL A 350 1.13 -45.64 19.68
C VAL A 350 1.98 -45.24 20.89
N TYR A 351 2.10 -46.13 21.88
CA TYR A 351 2.93 -45.80 23.05
C TYR A 351 4.41 -45.88 22.70
N ALA A 352 4.77 -46.71 21.73
CA ALA A 352 6.10 -46.72 21.13
C ALA A 352 5.92 -46.67 19.62
N TRP A 353 5.71 -45.46 19.10
CA TRP A 353 5.52 -45.29 17.66
C TRP A 353 6.83 -45.50 16.92
N ASN A 354 6.74 -46.16 15.76
CA ASN A 354 7.93 -46.63 15.06
C ASN A 354 8.40 -45.57 14.08
N ARG A 355 9.61 -45.06 14.28
CA ARG A 355 10.18 -44.02 13.44
C ARG A 355 11.24 -44.64 12.52
N LYS A 356 11.09 -44.42 11.22
CA LYS A 356 11.98 -44.98 10.21
C LYS A 356 12.52 -43.85 9.34
N ARG A 357 13.83 -43.81 9.14
CA ARG A 357 14.44 -42.81 8.27
C ARG A 357 14.30 -43.20 6.81
N ILE A 358 14.03 -42.21 5.96
CA ILE A 358 13.96 -42.40 4.51
C ILE A 358 15.01 -41.51 3.87
N SER A 359 15.91 -42.12 3.09
CA SER A 359 16.99 -41.36 2.47
C SER A 359 17.53 -42.14 1.27
N ASN A 360 18.26 -41.42 0.42
CA ASN A 360 19.01 -41.99 -0.71
C ASN A 360 18.10 -42.74 -1.69
N CYS A 361 16.92 -42.17 -1.95
CA CYS A 361 15.96 -42.80 -2.85
C CYS A 361 15.03 -41.73 -3.41
N VAL A 362 14.27 -42.11 -4.43
CA VAL A 362 13.30 -41.22 -5.07
C VAL A 362 11.90 -41.63 -4.61
N ALA A 363 11.10 -40.65 -4.23
CA ALA A 363 9.79 -40.88 -3.62
C ALA A 363 8.70 -40.69 -4.67
N ASP A 364 7.92 -41.75 -4.91
CA ASP A 364 6.79 -41.71 -5.82
C ASP A 364 5.55 -42.13 -5.04
N TYR A 365 4.71 -41.16 -4.69
N TYR A 365 4.72 -41.15 -4.70
CA TYR A 365 3.50 -41.46 -3.94
CA TYR A 365 3.49 -41.43 -3.94
C TYR A 365 2.42 -42.12 -4.80
C TYR A 365 2.43 -42.11 -4.80
N SER A 366 2.48 -41.95 -6.12
CA SER A 366 1.43 -42.45 -7.00
C SER A 366 1.33 -43.98 -6.96
N VAL A 367 2.48 -44.65 -6.87
CA VAL A 367 2.51 -46.11 -6.75
C VAL A 367 1.75 -46.55 -5.50
N LEU A 368 1.74 -45.71 -4.46
CA LEU A 368 0.94 -46.01 -3.27
C LEU A 368 -0.53 -46.12 -3.60
N TYR A 369 -1.08 -45.19 -4.40
N TYR A 369 -1.05 -45.20 -4.42
CA TYR A 369 -2.50 -45.37 -4.72
CA TYR A 369 -2.45 -45.24 -4.83
C TYR A 369 -2.73 -46.36 -5.85
C TYR A 369 -2.72 -46.38 -5.80
N ASN A 370 -1.67 -47.05 -6.30
CA ASN A 370 -1.88 -48.25 -7.09
C ASN A 370 -2.42 -49.38 -6.20
N SER A 371 -2.13 -49.34 -4.90
CA SER A 371 -2.51 -50.41 -4.00
C SER A 371 -3.80 -50.13 -3.24
N ALA A 372 -3.84 -49.04 -2.47
CA ALA A 372 -4.98 -48.74 -1.62
C ALA A 372 -5.31 -47.25 -1.65
N SER A 373 -6.55 -46.94 -1.30
CA SER A 373 -7.02 -45.56 -1.18
C SER A 373 -6.97 -45.16 0.28
N PHE A 374 -6.40 -44.00 0.56
CA PHE A 374 -6.12 -43.59 1.93
C PHE A 374 -7.22 -42.66 2.43
N SER A 375 -7.63 -42.86 3.69
CA SER A 375 -8.78 -42.13 4.21
C SER A 375 -8.45 -40.67 4.49
N THR A 376 -7.28 -40.40 5.05
CA THR A 376 -6.92 -39.05 5.46
C THR A 376 -5.58 -38.68 4.84
N PHE A 377 -5.53 -37.52 4.19
CA PHE A 377 -4.30 -36.98 3.61
C PHE A 377 -4.34 -35.47 3.77
N LYS A 378 -3.69 -34.98 4.82
CA LYS A 378 -3.90 -33.62 5.32
C LYS A 378 -2.57 -32.92 5.58
N CYS A 379 -1.71 -32.89 4.56
CA CYS A 379 -0.36 -32.35 4.67
C CYS A 379 -0.36 -30.90 5.18
N TYR A 380 0.45 -30.65 6.20
CA TYR A 380 0.54 -29.35 6.86
C TYR A 380 1.87 -28.70 6.48
N GLY A 381 1.83 -27.41 6.14
CA GLY A 381 3.01 -26.66 5.77
C GLY A 381 3.42 -26.81 4.32
N VAL A 382 3.02 -27.91 3.67
CA VAL A 382 3.30 -28.14 2.27
C VAL A 382 2.00 -28.59 1.60
N SER A 383 1.86 -28.20 0.33
CA SER A 383 0.68 -28.57 -0.43
C SER A 383 0.89 -29.91 -1.12
N PRO A 384 -0.14 -30.75 -1.18
CA PRO A 384 0.02 -32.04 -1.89
C PRO A 384 0.28 -31.88 -3.37
N THR A 385 -0.31 -30.87 -4.02
CA THR A 385 -0.11 -30.68 -5.45
C THR A 385 1.33 -30.29 -5.77
N LYS A 386 1.97 -29.57 -4.86
CA LYS A 386 3.38 -29.26 -4.97
C LYS A 386 4.27 -30.31 -4.29
N LEU A 387 3.68 -31.41 -3.82
CA LEU A 387 4.46 -32.43 -3.13
C LEU A 387 5.36 -33.18 -4.10
N ASN A 388 4.93 -33.35 -5.34
CA ASN A 388 5.73 -34.08 -6.32
C ASN A 388 6.94 -33.27 -6.77
N ASP A 389 6.78 -31.97 -6.96
CA ASP A 389 7.84 -31.12 -7.49
C ASP A 389 8.70 -30.54 -6.37
N LEU A 390 9.23 -31.44 -5.55
CA LEU A 390 10.03 -31.02 -4.40
C LEU A 390 11.07 -32.08 -4.07
N CYS A 391 12.10 -31.66 -3.35
CA CYS A 391 13.12 -32.55 -2.80
C CYS A 391 13.22 -32.29 -1.32
N PHE A 392 13.21 -33.36 -0.52
CA PHE A 392 13.13 -33.25 0.93
C PHE A 392 14.49 -33.56 1.53
N THR A 393 14.80 -32.91 2.65
CA THR A 393 16.13 -33.07 3.24
C THR A 393 16.21 -34.31 4.12
N ASN A 394 15.35 -34.41 5.14
CA ASN A 394 15.41 -35.48 6.13
C ASN A 394 14.00 -35.97 6.44
N VAL A 395 13.66 -37.15 5.93
CA VAL A 395 12.30 -37.67 6.06
C VAL A 395 12.26 -38.76 7.12
N TYR A 396 11.33 -38.61 8.06
CA TYR A 396 11.08 -39.62 9.08
C TYR A 396 9.63 -40.05 9.01
N ALA A 397 9.39 -41.35 8.98
CA ALA A 397 8.04 -41.91 8.94
C ALA A 397 7.73 -42.50 10.30
N ASP A 398 6.71 -41.94 10.96
CA ASP A 398 6.26 -42.42 12.26
C ASP A 398 4.98 -43.22 12.07
N SER A 399 5.04 -44.51 12.32
CA SER A 399 3.92 -45.42 12.07
C SER A 399 3.35 -45.89 13.39
N PHE A 400 2.02 -45.93 13.46
CA PHE A 400 1.30 -46.49 14.61
C PHE A 400 -0.12 -46.84 14.19
N VAL A 401 -0.86 -47.41 15.13
CA VAL A 401 -2.23 -47.87 14.93
C VAL A 401 -3.11 -47.26 16.01
N ILE A 402 -4.22 -46.63 15.62
CA ILE A 402 -5.15 -46.00 16.55
C ILE A 402 -6.57 -46.39 16.18
N ARG A 403 -7.52 -45.80 16.89
CA ARG A 403 -8.93 -46.01 16.59
C ARG A 403 -9.43 -44.94 15.61
N GLY A 404 -10.69 -45.12 15.18
CA GLY A 404 -11.26 -44.21 14.21
C GLY A 404 -11.52 -42.81 14.78
N ASP A 405 -11.95 -42.74 16.03
CA ASP A 405 -12.26 -41.44 16.63
C ASP A 405 -10.99 -40.63 16.90
N GLU A 406 -9.86 -41.30 17.09
CA GLU A 406 -8.64 -40.63 17.50
C GLU A 406 -7.81 -40.09 16.33
N VAL A 407 -8.27 -40.30 15.09
CA VAL A 407 -7.53 -39.83 13.91
C VAL A 407 -7.42 -38.31 13.93
N ARG A 408 -8.51 -37.63 14.27
CA ARG A 408 -8.49 -36.18 14.42
C ARG A 408 -7.55 -35.73 15.54
N GLN A 409 -7.24 -36.61 16.50
CA GLN A 409 -6.31 -36.25 17.55
C GLN A 409 -4.87 -36.22 17.04
N ILE A 410 -4.62 -36.79 15.85
CA ILE A 410 -3.27 -36.77 15.29
C ILE A 410 -2.87 -35.35 14.89
N ALA A 411 -3.83 -34.56 14.41
CA ALA A 411 -3.54 -33.24 13.87
C ALA A 411 -2.97 -32.32 14.95
N PRO A 412 -2.05 -31.42 14.60
CA PRO A 412 -1.49 -30.51 15.61
C PRO A 412 -2.53 -29.54 16.14
N GLY A 413 -2.35 -29.15 17.40
CA GLY A 413 -3.31 -28.30 18.07
C GLY A 413 -4.50 -29.04 18.67
N GLN A 414 -4.51 -30.36 18.62
CA GLN A 414 -5.62 -31.12 19.16
C GLN A 414 -5.24 -31.76 20.49
N THR A 415 -6.26 -32.13 21.26
CA THR A 415 -6.07 -32.75 22.56
C THR A 415 -6.86 -34.05 22.64
N GLY A 416 -6.29 -35.03 23.33
CA GLY A 416 -6.94 -36.32 23.48
C GLY A 416 -6.02 -37.26 24.23
N LYS A 417 -6.46 -38.51 24.34
CA LYS A 417 -5.61 -39.52 24.98
C LYS A 417 -4.41 -39.86 24.12
N ILE A 418 -4.51 -39.67 22.81
CA ILE A 418 -3.38 -39.89 21.93
C ILE A 418 -2.48 -38.67 21.87
N ALA A 419 -3.07 -37.48 21.80
CA ALA A 419 -2.32 -36.24 21.68
C ALA A 419 -1.55 -35.89 22.95
N ASP A 420 -2.17 -36.09 24.11
CA ASP A 420 -1.54 -35.65 25.36
C ASP A 420 -0.56 -36.69 25.89
N TYR A 421 -0.94 -37.97 25.86
CA TYR A 421 -0.16 -39.01 26.54
C TYR A 421 0.55 -39.97 25.60
N ASN A 422 0.22 -39.97 24.30
CA ASN A 422 0.78 -41.00 23.43
C ASN A 422 1.65 -40.42 22.31
N TYR A 423 1.14 -39.47 21.55
CA TYR A 423 1.88 -38.95 20.40
C TYR A 423 1.43 -37.52 20.11
N LYS A 424 2.38 -36.59 20.13
CA LYS A 424 2.01 -35.16 19.97
C LYS A 424 2.74 -34.56 18.77
N LEU A 425 2.00 -34.12 17.75
CA LEU A 425 2.64 -33.44 16.60
C LEU A 425 3.11 -32.06 17.06
N PRO A 426 4.27 -31.57 16.60
CA PRO A 426 4.75 -30.27 17.02
C PRO A 426 3.84 -29.21 16.41
N ASP A 427 3.77 -28.04 17.01
CA ASP A 427 2.85 -26.98 16.52
C ASP A 427 3.20 -26.59 15.08
N ASP A 428 4.49 -26.55 14.73
CA ASP A 428 4.90 -26.08 13.38
C ASP A 428 5.19 -27.26 12.46
N PHE A 429 4.50 -28.38 12.62
CA PHE A 429 4.82 -29.59 11.83
C PHE A 429 4.81 -29.24 10.36
N THR A 430 5.85 -29.62 9.63
CA THR A 430 5.90 -29.38 8.17
C THR A 430 5.91 -30.75 7.52
N GLY A 431 4.74 -31.39 7.43
CA GLY A 431 4.76 -32.76 6.96
C GLY A 431 3.38 -33.20 6.54
N CYS A 432 3.19 -34.52 6.53
CA CYS A 432 1.93 -35.11 6.08
C CYS A 432 1.47 -36.16 7.07
N VAL A 433 0.16 -36.37 7.12
CA VAL A 433 -0.47 -37.43 7.90
C VAL A 433 -1.27 -38.30 6.96
N ILE A 434 -1.01 -39.60 6.95
CA ILE A 434 -1.66 -40.54 6.06
C ILE A 434 -2.29 -41.63 6.91
N ALA A 435 -3.63 -41.68 6.91
CA ALA A 435 -4.37 -42.63 7.73
C ALA A 435 -5.27 -43.46 6.83
N TRP A 436 -5.31 -44.78 7.08
CA TRP A 436 -6.16 -45.65 6.28
C TRP A 436 -6.78 -46.73 7.16
N ASN A 437 -7.97 -47.16 6.78
CA ASN A 437 -8.68 -48.21 7.52
C ASN A 437 -7.99 -49.55 7.32
N SER A 438 -7.89 -50.32 8.38
CA SER A 438 -7.22 -51.62 8.35
C SER A 438 -7.99 -52.65 9.16
N ASN A 439 -9.31 -52.70 8.97
CA ASN A 439 -10.13 -53.69 9.67
C ASN A 439 -9.82 -55.11 9.22
N ASN A 440 -9.42 -55.30 7.97
CA ASN A 440 -9.19 -56.65 7.46
C ASN A 440 -7.89 -57.24 7.97
N LEU A 441 -6.92 -56.40 8.32
CA LEU A 441 -5.58 -56.87 8.68
C LEU A 441 -5.36 -56.95 10.19
N ASP A 442 -5.50 -55.83 10.90
CA ASP A 442 -5.19 -55.81 12.33
C ASP A 442 -6.25 -56.53 13.16
N SER A 443 -7.52 -56.32 12.83
CA SER A 443 -8.59 -56.91 13.62
C SER A 443 -8.77 -58.38 13.30
N LYS A 444 -9.02 -59.16 14.36
CA LYS A 444 -9.24 -60.62 14.21
C LYS A 444 -10.41 -60.99 15.10
N VAL A 445 -10.99 -62.17 14.88
CA VAL A 445 -12.16 -62.60 15.65
C VAL A 445 -11.76 -62.97 17.07
N GLY A 446 -12.54 -62.48 18.03
CA GLY A 446 -12.27 -62.70 19.43
C GLY A 446 -11.52 -61.59 20.13
N GLY A 447 -11.04 -60.59 19.40
CA GLY A 447 -10.36 -59.48 20.02
C GLY A 447 -8.85 -59.55 19.87
N ASN A 448 -8.29 -58.49 19.28
CA ASN A 448 -6.85 -58.36 19.09
C ASN A 448 -6.31 -57.44 20.17
N TYR A 449 -5.62 -58.03 21.14
CA TYR A 449 -5.17 -57.30 22.33
C TYR A 449 -3.67 -56.99 22.29
N ASN A 450 -3.04 -57.08 21.12
CA ASN A 450 -1.60 -56.84 21.05
C ASN A 450 -1.28 -55.36 21.22
N TYR A 451 -2.09 -54.48 20.65
CA TYR A 451 -1.80 -53.06 20.66
C TYR A 451 -2.19 -52.43 22.00
N LEU A 452 -1.45 -51.38 22.37
CA LEU A 452 -1.62 -50.73 23.66
C LEU A 452 -1.64 -49.21 23.49
N TYR A 453 -2.23 -48.53 24.49
CA TYR A 453 -2.14 -47.07 24.57
C TYR A 453 -1.98 -46.66 26.03
N ARG A 454 -1.43 -45.47 26.23
CA ARG A 454 -1.17 -44.95 27.57
C ARG A 454 -2.41 -44.17 28.04
N LEU A 455 -3.15 -44.77 28.98
CA LEU A 455 -4.35 -44.11 29.50
C LEU A 455 -4.01 -42.99 30.47
N PHE A 456 -3.09 -43.23 31.40
CA PHE A 456 -2.77 -42.26 32.44
C PHE A 456 -1.29 -41.89 32.38
N ARG A 457 -1.02 -40.59 32.47
CA ARG A 457 0.33 -40.08 32.61
C ARG A 457 0.27 -38.80 33.45
N LYS A 458 1.38 -38.49 34.12
CA LYS A 458 1.41 -37.35 35.04
C LYS A 458 1.24 -36.03 34.30
N SER A 459 1.87 -35.88 33.14
CA SER A 459 1.83 -34.64 32.38
C SER A 459 1.70 -34.95 30.90
N ASN A 460 1.28 -33.93 30.14
CA ASN A 460 1.14 -34.08 28.71
C ASN A 460 2.51 -34.21 28.04
N LEU A 461 2.53 -34.93 26.92
CA LEU A 461 3.79 -35.17 26.22
C LEU A 461 4.27 -33.92 25.52
N LYS A 462 5.59 -33.71 25.55
CA LYS A 462 6.22 -32.74 24.68
C LYS A 462 6.19 -33.25 23.25
N PRO A 463 6.28 -32.36 22.26
CA PRO A 463 6.21 -32.80 20.86
C PRO A 463 7.34 -33.77 20.48
N PHE A 464 6.97 -34.79 19.70
CA PHE A 464 7.88 -35.82 19.18
C PHE A 464 8.64 -36.53 20.31
N GLU A 465 7.92 -36.90 21.37
CA GLU A 465 8.50 -37.58 22.52
C GLU A 465 7.83 -38.94 22.71
N ARG A 466 8.65 -39.94 23.03
CA ARG A 466 8.21 -41.32 23.17
C ARG A 466 8.50 -41.78 24.59
N ASP A 467 7.54 -42.44 25.21
CA ASP A 467 7.70 -43.00 26.56
C ASP A 467 7.25 -44.46 26.57
N ILE A 468 8.11 -45.32 27.08
CA ILE A 468 7.83 -46.75 27.18
C ILE A 468 7.79 -47.20 28.64
N SER A 469 7.85 -46.25 29.57
CA SER A 469 7.78 -46.58 31.00
C SER A 469 6.39 -47.10 31.34
N THR A 470 6.35 -48.19 32.12
CA THR A 470 5.11 -48.88 32.44
C THR A 470 4.78 -48.81 33.92
N GLU A 471 5.18 -47.75 34.60
CA GLU A 471 5.03 -47.69 36.05
C GLU A 471 3.63 -47.25 36.44
N ILE A 472 3.20 -47.69 37.62
CA ILE A 472 1.81 -47.53 38.02
C ILE A 472 1.52 -46.07 38.36
N TYR A 473 0.43 -45.56 37.78
CA TYR A 473 0.04 -44.16 37.95
C TYR A 473 -0.52 -43.96 39.35
N GLN A 474 -0.02 -42.95 40.05
CA GLN A 474 -0.47 -42.64 41.41
C GLN A 474 -1.65 -41.67 41.31
N ALA A 475 -2.83 -42.23 41.06
CA ALA A 475 -4.04 -41.40 40.99
C ALA A 475 -4.44 -40.90 42.37
N GLY A 476 -4.33 -41.76 43.39
CA GLY A 476 -4.69 -41.37 44.73
C GLY A 476 -3.60 -40.63 45.45
N SER A 477 -3.97 -40.05 46.60
CA SER A 477 -3.01 -39.30 47.40
C SER A 477 -2.05 -40.24 48.12
N THR A 478 -2.48 -41.46 48.39
CA THR A 478 -1.63 -42.42 49.08
C THR A 478 -0.47 -42.86 48.17
N PRO A 479 0.69 -43.19 48.74
CA PRO A 479 1.77 -43.74 47.91
C PRO A 479 1.40 -45.12 47.37
N CYS A 480 1.55 -45.27 46.05
CA CYS A 480 1.17 -46.52 45.41
C CYS A 480 2.19 -47.62 45.66
N ASN A 481 3.47 -47.24 45.76
CA ASN A 481 4.59 -48.14 46.07
C ASN A 481 4.75 -49.25 45.05
N GLY A 482 4.32 -49.01 43.80
CA GLY A 482 4.53 -49.94 42.72
C GLY A 482 3.79 -51.25 42.84
N VAL A 483 2.59 -51.24 43.40
CA VAL A 483 1.72 -52.42 43.44
C VAL A 483 0.35 -52.02 42.92
N GLU A 484 -0.28 -52.93 42.17
CA GLU A 484 -1.60 -52.65 41.61
C GLU A 484 -2.67 -52.78 42.68
N GLY A 485 -3.62 -51.86 42.65
CA GLY A 485 -4.69 -51.87 43.62
C GLY A 485 -5.67 -50.75 43.37
N PHE A 486 -6.38 -50.36 44.44
CA PHE A 486 -7.28 -49.22 44.36
C PHE A 486 -6.49 -47.94 44.17
N ASN A 487 -6.95 -47.09 43.26
CA ASN A 487 -6.27 -45.88 42.80
C ASN A 487 -4.87 -46.15 42.26
N CYS A 488 -4.63 -47.35 41.73
CA CYS A 488 -3.35 -47.73 41.14
C CYS A 488 -3.63 -48.53 39.88
N TYR A 489 -3.41 -47.92 38.72
CA TYR A 489 -3.75 -48.53 37.45
C TYR A 489 -2.51 -48.67 36.59
N PHE A 490 -2.46 -49.76 35.82
CA PHE A 490 -1.40 -49.93 34.84
C PHE A 490 -1.58 -48.90 33.72
N PRO A 491 -0.52 -48.17 33.33
CA PRO A 491 -0.70 -47.09 32.35
C PRO A 491 -1.07 -47.57 30.96
N LEU A 492 -0.62 -48.75 30.55
CA LEU A 492 -0.88 -49.26 29.21
C LEU A 492 -2.13 -50.13 29.22
N GLN A 493 -3.05 -49.86 28.31
CA GLN A 493 -4.30 -50.59 28.21
C GLN A 493 -4.50 -51.02 26.75
N SER A 494 -5.06 -52.21 26.58
CA SER A 494 -5.30 -52.76 25.26
C SER A 494 -6.48 -52.09 24.57
N TYR A 495 -6.39 -51.96 23.24
CA TYR A 495 -7.50 -51.45 22.45
C TYR A 495 -8.69 -52.39 22.49
N GLY A 496 -8.47 -53.67 22.19
CA GLY A 496 -9.57 -54.61 22.05
C GLY A 496 -10.35 -54.40 20.77
N PHE A 497 -9.67 -54.36 19.63
CA PHE A 497 -10.36 -54.32 18.35
C PHE A 497 -11.12 -55.61 18.09
N GLN A 498 -12.30 -55.47 17.52
CA GLN A 498 -13.15 -56.56 17.10
C GLN A 498 -13.68 -56.28 15.70
N PRO A 499 -13.81 -57.30 14.86
CA PRO A 499 -14.28 -57.06 13.48
C PRO A 499 -15.72 -56.57 13.39
N THR A 500 -16.52 -56.85 14.42
CA THR A 500 -17.92 -56.44 14.45
C THR A 500 -18.12 -55.06 15.07
N ASN A 501 -17.04 -54.37 15.45
CA ASN A 501 -17.16 -53.08 16.08
C ASN A 501 -17.56 -52.01 15.06
N GLY A 502 -17.93 -50.84 15.56
CA GLY A 502 -18.30 -49.73 14.71
C GLY A 502 -17.10 -49.11 14.03
N VAL A 503 -17.40 -48.17 13.11
CA VAL A 503 -16.36 -47.55 12.30
C VAL A 503 -15.43 -46.70 13.15
N GLY A 504 -15.94 -46.18 14.28
CA GLY A 504 -15.08 -45.43 15.17
C GLY A 504 -14.14 -46.32 15.97
N TYR A 505 -14.54 -47.57 16.19
CA TYR A 505 -13.75 -48.52 16.95
C TYR A 505 -12.94 -49.45 16.07
N GLN A 506 -12.98 -49.26 14.75
CA GLN A 506 -12.18 -50.08 13.85
C GLN A 506 -10.74 -49.58 13.84
N PRO A 507 -9.76 -50.46 13.59
CA PRO A 507 -8.37 -50.00 13.50
C PRO A 507 -8.13 -49.05 12.34
N TYR A 508 -7.27 -48.06 12.57
CA TYR A 508 -6.79 -47.16 11.54
C TYR A 508 -5.28 -47.05 11.65
N ARG A 509 -4.59 -47.33 10.56
CA ARG A 509 -3.14 -47.21 10.55
C ARG A 509 -2.73 -45.82 10.09
N VAL A 510 -1.84 -45.19 10.87
CA VAL A 510 -1.43 -43.81 10.63
C VAL A 510 0.09 -43.77 10.45
N VAL A 511 0.52 -43.18 9.34
CA VAL A 511 1.92 -42.91 9.06
C VAL A 511 2.07 -41.40 8.92
N VAL A 512 2.95 -40.83 9.72
CA VAL A 512 3.18 -39.39 9.74
C VAL A 512 4.56 -39.16 9.14
N LEU A 513 4.61 -38.45 8.02
CA LEU A 513 5.87 -38.09 7.39
C LEU A 513 6.30 -36.72 7.88
N SER A 514 7.48 -36.64 8.48
CA SER A 514 8.04 -35.38 8.97
C SER A 514 9.30 -35.09 8.19
N PHE A 515 9.38 -33.88 7.63
CA PHE A 515 10.52 -33.50 6.80
C PHE A 515 10.73 -31.99 6.87
N GLU A 516 11.97 -31.58 6.61
CA GLU A 516 12.35 -30.18 6.59
C GLU A 516 12.57 -29.78 5.14
N LEU A 517 12.18 -28.56 4.79
CA LEU A 517 12.11 -28.13 3.40
C LEU A 517 13.07 -26.98 3.11
N LEU A 518 13.96 -27.20 2.14
CA LEU A 518 14.80 -26.18 1.52
C LEU A 518 15.72 -25.49 2.54
N HIS A 519 16.18 -26.24 3.53
CA HIS A 519 17.18 -25.76 4.49
C HIS A 519 18.43 -26.60 4.55
N ALA A 520 18.54 -27.66 3.76
CA ALA A 520 19.63 -28.62 3.85
C ALA A 520 19.78 -29.34 2.52
N PRO A 521 20.91 -29.98 2.23
CA PRO A 521 21.00 -30.84 1.04
C PRO A 521 20.00 -32.00 1.12
N ALA A 522 19.45 -32.35 -0.03
CA ALA A 522 18.34 -33.29 -0.11
C ALA A 522 18.84 -34.66 -0.56
N THR A 523 18.34 -35.70 0.11
CA THR A 523 18.65 -37.08 -0.24
C THR A 523 17.46 -37.82 -0.84
N VAL A 524 16.28 -37.18 -0.88
CA VAL A 524 15.07 -37.79 -1.42
C VAL A 524 14.34 -36.73 -2.25
N CYS A 525 13.79 -37.14 -3.39
CA CYS A 525 13.22 -36.23 -4.36
C CYS A 525 11.93 -36.79 -4.95
N GLY A 526 11.38 -36.06 -5.93
CA GLY A 526 10.11 -36.39 -6.52
C GLY A 526 10.23 -37.01 -7.89
N PRO A 527 9.07 -37.18 -8.57
CA PRO A 527 9.07 -37.90 -9.85
C PRO A 527 9.61 -37.11 -11.03
N LYS A 528 9.90 -35.82 -10.85
CA LYS A 528 10.31 -35.00 -11.99
C LYS A 528 11.70 -35.42 -12.48
N LYS A 529 11.83 -35.55 -13.80
CA LYS A 529 13.07 -35.99 -14.43
C LYS A 529 13.90 -34.76 -14.78
N SER A 530 15.19 -34.83 -14.45
CA SER A 530 16.06 -33.67 -14.61
C SER A 530 16.44 -33.45 -16.07
N THR A 531 16.64 -32.19 -16.43
CA THR A 531 16.99 -31.78 -17.79
C THR A 531 18.37 -31.14 -17.78
N ASN A 532 18.81 -30.73 -18.97
CA ASN A 532 20.12 -30.10 -19.11
C ASN A 532 20.11 -28.69 -18.52
N LEU A 533 21.26 -28.27 -17.99
CA LEU A 533 21.36 -26.95 -17.40
C LEU A 533 21.74 -25.92 -18.46
N VAL A 534 21.20 -24.71 -18.31
CA VAL A 534 21.49 -23.60 -19.20
C VAL A 534 22.10 -22.47 -18.38
N LYS A 535 23.26 -22.00 -18.80
CA LYS A 535 23.98 -20.93 -18.11
C LYS A 535 23.75 -19.59 -18.78
N ASN A 536 23.66 -18.54 -17.94
CA ASN A 536 23.59 -17.14 -18.37
C ASN A 536 22.38 -16.89 -19.29
N LYS A 537 21.23 -17.37 -18.84
CA LYS A 537 19.98 -17.19 -19.63
C LYS A 537 18.81 -17.07 -18.66
N CYS A 538 17.89 -16.13 -18.91
CA CYS A 538 16.71 -15.93 -18.09
C CYS A 538 15.76 -17.10 -18.34
N VAL A 539 15.66 -18.00 -17.36
CA VAL A 539 14.96 -19.26 -17.52
C VAL A 539 14.34 -19.66 -16.18
N ASN A 540 13.19 -20.32 -16.25
CA ASN A 540 12.60 -20.91 -15.06
C ASN A 540 13.45 -22.08 -14.60
N PHE A 541 13.79 -22.09 -13.31
CA PHE A 541 14.66 -23.12 -12.77
C PHE A 541 14.03 -23.73 -11.52
N ASN A 542 14.30 -25.03 -11.34
CA ASN A 542 13.88 -25.76 -10.15
C ASN A 542 15.11 -26.51 -9.62
N PHE A 543 15.87 -25.84 -8.77
CA PHE A 543 17.10 -26.41 -8.22
C PHE A 543 16.80 -27.02 -6.86
N ASN A 544 16.84 -28.35 -6.79
CA ASN A 544 16.66 -29.13 -5.56
C ASN A 544 15.33 -28.82 -4.88
N GLY A 545 14.28 -28.64 -5.68
CA GLY A 545 12.98 -28.28 -5.16
C GLY A 545 12.76 -26.80 -4.96
N LEU A 546 13.71 -25.96 -5.31
CA LEU A 546 13.59 -24.51 -5.16
C LEU A 546 13.27 -23.91 -6.52
N THR A 547 12.13 -23.25 -6.64
CA THR A 547 11.65 -22.71 -7.91
C THR A 547 11.97 -21.23 -7.99
N GLY A 548 12.43 -20.79 -9.17
CA GLY A 548 12.73 -19.40 -9.38
C GLY A 548 12.84 -19.07 -10.85
N THR A 549 13.08 -17.78 -11.13
CA THR A 549 13.24 -17.29 -12.48
C THR A 549 14.39 -16.29 -12.51
N GLY A 550 15.50 -16.67 -13.12
CA GLY A 550 16.65 -15.78 -13.21
C GLY A 550 17.79 -16.44 -13.96
N VAL A 551 18.85 -15.65 -14.14
CA VAL A 551 20.06 -16.12 -14.78
C VAL A 551 20.95 -16.78 -13.73
N LEU A 552 21.60 -17.86 -14.13
CA LEU A 552 22.53 -18.57 -13.26
C LEU A 552 23.95 -18.30 -13.70
N THR A 553 24.80 -17.85 -12.79
CA THR A 553 26.18 -17.53 -13.13
C THR A 553 27.13 -18.32 -12.25
N GLU A 554 28.37 -18.43 -12.73
CA GLU A 554 29.42 -19.08 -11.96
C GLU A 554 29.88 -18.17 -10.83
N SER A 555 30.06 -18.75 -9.64
CA SER A 555 30.42 -18.00 -8.46
C SER A 555 31.66 -18.61 -7.82
N ASN A 556 32.44 -17.76 -7.15
CA ASN A 556 33.65 -18.16 -6.46
C ASN A 556 33.43 -18.45 -4.98
N LYS A 557 32.20 -18.35 -4.49
CA LYS A 557 31.92 -18.56 -3.08
C LYS A 557 32.06 -20.04 -2.72
N LYS A 558 32.69 -20.30 -1.57
CA LYS A 558 32.92 -21.66 -1.09
C LYS A 558 31.83 -22.05 -0.11
N PHE A 559 31.22 -23.21 -0.33
CA PHE A 559 30.10 -23.68 0.47
C PHE A 559 30.53 -24.80 1.40
N LEU A 560 30.11 -24.73 2.65
CA LEU A 560 30.31 -25.81 3.59
C LEU A 560 29.45 -27.01 3.20
N PRO A 561 29.88 -28.23 3.57
CA PRO A 561 29.12 -29.43 3.15
C PRO A 561 27.69 -29.50 3.66
N PHE A 562 27.42 -28.96 4.85
CA PHE A 562 26.06 -29.00 5.36
C PHE A 562 25.22 -27.84 4.81
N GLN A 563 25.87 -26.86 4.19
CA GLN A 563 25.16 -25.73 3.62
C GLN A 563 24.81 -26.00 2.16
N GLN A 564 23.55 -25.79 1.81
CA GLN A 564 23.09 -26.02 0.44
C GLN A 564 22.60 -24.73 -0.19
N PHE A 565 21.71 -24.02 0.49
CA PHE A 565 21.10 -22.80 -0.02
C PHE A 565 21.76 -21.59 0.64
N GLY A 566 22.08 -20.58 -0.16
CA GLY A 566 22.73 -19.39 0.36
C GLY A 566 21.88 -18.14 0.23
N ARG A 567 21.70 -17.42 1.34
CA ARG A 567 20.80 -16.23 1.31
C ARG A 567 21.56 -15.01 1.82
N ASP A 568 22.20 -14.25 0.94
CA ASP A 568 23.02 -13.10 1.38
C ASP A 568 22.14 -12.04 2.06
N ILE A 569 20.97 -11.73 1.49
CA ILE A 569 20.13 -10.64 2.06
C ILE A 569 19.09 -11.26 2.99
N ALA A 570 19.06 -12.59 3.08
CA ALA A 570 18.07 -13.31 3.91
C ALA A 570 16.68 -13.08 3.34
N ASP A 571 16.63 -12.65 2.07
CA ASP A 571 15.33 -12.41 1.40
C ASP A 571 15.28 -13.27 0.15
N THR A 572 16.44 -13.51 -0.46
CA THR A 572 16.45 -14.25 -1.74
C THR A 572 17.53 -15.33 -1.70
N THR A 573 17.28 -16.48 -2.35
CA THR A 573 18.34 -17.50 -2.45
C THR A 573 19.29 -17.01 -3.53
N ASP A 574 20.29 -16.21 -3.16
CA ASP A 574 21.18 -15.60 -4.15
C ASP A 574 22.20 -16.61 -4.68
N ALA A 575 22.54 -17.62 -3.90
CA ALA A 575 23.48 -18.65 -4.29
C ALA A 575 22.94 -20.02 -3.94
N VAL A 576 23.28 -21.03 -4.75
CA VAL A 576 22.83 -22.39 -4.55
C VAL A 576 23.94 -23.33 -5.00
N ARG A 577 23.88 -24.56 -4.51
CA ARG A 577 24.75 -25.64 -4.97
C ARG A 577 23.96 -26.54 -5.89
N ASP A 578 24.47 -26.75 -7.11
CA ASP A 578 23.80 -27.62 -8.05
C ASP A 578 23.87 -29.06 -7.57
N PRO A 579 22.78 -29.83 -7.70
CA PRO A 579 22.78 -31.20 -7.16
C PRO A 579 23.70 -32.18 -7.86
N GLN A 580 23.66 -32.22 -9.20
CA GLN A 580 24.43 -33.22 -9.93
C GLN A 580 25.92 -32.91 -9.88
N THR A 581 26.33 -31.77 -10.43
CA THR A 581 27.70 -31.30 -10.35
C THR A 581 27.80 -30.34 -9.17
N LEU A 582 28.84 -30.50 -8.35
CA LEU A 582 28.94 -29.76 -7.09
C LEU A 582 29.41 -28.32 -7.26
N GLU A 583 29.36 -27.77 -8.48
CA GLU A 583 29.67 -26.37 -8.70
C GLU A 583 28.63 -25.49 -8.04
N ILE A 584 29.05 -24.28 -7.64
CA ILE A 584 28.19 -23.33 -6.96
C ILE A 584 27.70 -22.31 -7.99
N LEU A 585 26.39 -22.17 -8.10
CA LEU A 585 25.77 -21.25 -9.06
C LEU A 585 25.09 -20.14 -8.29
N ASP A 586 25.44 -18.89 -8.59
CA ASP A 586 24.69 -17.82 -7.95
C ASP A 586 23.59 -17.29 -8.87
N ILE A 587 22.51 -16.85 -8.26
CA ILE A 587 21.27 -16.52 -8.95
C ILE A 587 21.16 -15.01 -9.03
N THR A 588 20.97 -14.49 -10.24
CA THR A 588 20.72 -13.08 -10.44
C THR A 588 19.39 -12.94 -11.17
N PRO A 589 18.55 -11.96 -10.84
CA PRO A 589 17.37 -11.71 -11.69
C PRO A 589 17.79 -11.28 -13.09
N CYS A 590 17.03 -11.69 -14.10
CA CYS A 590 17.48 -11.50 -15.48
C CYS A 590 17.24 -10.07 -15.95
N SER A 591 16.57 -9.25 -15.13
CA SER A 591 16.46 -7.82 -15.37
C SER A 591 17.14 -7.08 -14.24
N PHE A 592 18.10 -6.22 -14.59
CA PHE A 592 18.78 -5.42 -13.58
C PHE A 592 17.93 -4.22 -13.16
N GLY A 593 16.90 -3.90 -13.95
CA GLY A 593 15.90 -2.94 -13.54
C GLY A 593 16.34 -1.49 -13.54
N GLY A 594 17.48 -1.18 -14.13
CA GLY A 594 17.96 0.17 -14.24
C GLY A 594 17.49 0.90 -15.49
N VAL A 595 16.47 0.39 -16.16
CA VAL A 595 16.02 0.98 -17.42
C VAL A 595 15.29 2.28 -17.12
N SER A 596 15.81 3.38 -17.65
CA SER A 596 15.17 4.69 -17.55
C SER A 596 14.86 5.19 -18.95
N VAL A 597 13.62 5.58 -19.18
CA VAL A 597 13.17 6.06 -20.48
C VAL A 597 13.19 7.58 -20.48
N ILE A 598 13.86 8.16 -21.48
CA ILE A 598 13.91 9.60 -21.68
C ILE A 598 13.08 9.90 -22.91
N THR A 599 12.01 10.69 -22.74
CA THR A 599 11.08 10.92 -23.82
C THR A 599 10.64 12.38 -23.84
N PRO A 600 10.33 12.93 -25.01
CA PRO A 600 9.57 14.18 -25.06
C PRO A 600 8.09 13.93 -24.80
N GLY A 601 7.30 14.98 -24.99
CA GLY A 601 5.86 14.82 -24.89
C GLY A 601 5.32 13.90 -25.97
N THR A 602 4.27 13.15 -25.62
CA THR A 602 3.66 12.22 -26.57
C THR A 602 3.02 12.97 -27.72
N ASN A 603 2.49 14.17 -27.45
CA ASN A 603 1.96 15.03 -28.50
C ASN A 603 3.06 15.45 -29.46
N THR A 604 4.25 15.76 -28.94
CA THR A 604 5.35 16.23 -29.79
C THR A 604 5.90 15.11 -30.65
N SER A 605 6.20 13.96 -30.04
CA SER A 605 6.84 12.87 -30.77
C SER A 605 6.65 11.57 -30.01
N ASN A 606 6.98 10.46 -30.69
CA ASN A 606 6.96 9.13 -30.10
C ASN A 606 8.35 8.53 -29.94
N GLN A 607 9.40 9.26 -30.34
CA GLN A 607 10.76 8.76 -30.20
C GLN A 607 11.20 8.79 -28.74
N VAL A 608 11.92 7.74 -28.33
CA VAL A 608 12.39 7.61 -26.96
C VAL A 608 13.87 7.21 -26.97
N ALA A 609 14.53 7.45 -25.85
CA ALA A 609 15.89 6.96 -25.61
C ALA A 609 15.89 6.19 -24.30
N VAL A 610 16.83 5.26 -24.14
CA VAL A 610 16.89 4.42 -22.95
C VAL A 610 18.27 4.51 -22.33
N LEU A 611 18.32 4.71 -21.02
CA LEU A 611 19.55 4.62 -20.25
C LEU A 611 19.50 3.34 -19.42
N TYR A 612 20.57 2.56 -19.49
CA TYR A 612 20.73 1.39 -18.66
C TYR A 612 21.74 1.74 -17.57
N GLN A 613 21.30 1.66 -16.31
CA GLN A 613 22.04 2.28 -15.23
C GLN A 613 23.27 1.47 -14.83
N ASP A 614 24.42 2.14 -14.78
CA ASP A 614 25.66 1.65 -14.17
C ASP A 614 26.14 0.33 -14.79
N VAL A 615 26.04 0.25 -16.11
CA VAL A 615 26.52 -0.91 -16.86
C VAL A 615 27.39 -0.43 -18.00
N ASN A 616 28.32 -1.28 -18.44
CA ASN A 616 29.12 -0.97 -19.61
C ASN A 616 28.30 -1.14 -20.87
N CYS A 617 28.65 -0.38 -21.92
CA CYS A 617 27.90 -0.45 -23.16
C CYS A 617 28.09 -1.79 -23.86
N THR A 618 29.31 -2.33 -23.83
CA THR A 618 29.56 -3.62 -24.48
C THR A 618 28.83 -4.76 -23.77
N GLU A 619 28.43 -4.55 -22.52
CA GLU A 619 27.63 -5.51 -21.78
C GLU A 619 26.14 -5.20 -21.84
N VAL A 620 25.72 -4.23 -22.66
CA VAL A 620 24.28 -3.99 -22.84
C VAL A 620 23.53 -5.18 -23.42
N PRO A 621 24.00 -5.86 -24.50
CA PRO A 621 23.25 -7.06 -24.94
C PRO A 621 23.22 -8.18 -23.92
N VAL A 622 24.27 -8.32 -23.13
CA VAL A 622 24.33 -9.39 -22.12
C VAL A 622 23.37 -9.09 -20.97
N ALA A 623 23.27 -7.83 -20.57
CA ALA A 623 22.51 -7.48 -19.37
C ALA A 623 21.01 -7.63 -19.59
N ILE A 624 20.50 -7.19 -20.74
CA ILE A 624 19.07 -7.25 -20.99
C ILE A 624 18.64 -8.51 -21.74
N HIS A 625 19.61 -9.30 -22.23
CA HIS A 625 19.36 -10.54 -22.96
C HIS A 625 18.49 -10.30 -24.20
N ALA A 626 19.06 -9.57 -25.15
CA ALA A 626 18.31 -9.12 -26.32
C ALA A 626 17.93 -10.26 -27.26
N ASP A 627 18.56 -11.43 -27.09
CA ASP A 627 18.16 -12.59 -27.89
C ASP A 627 16.73 -13.02 -27.59
N GLN A 628 16.34 -12.98 -26.30
CA GLN A 628 14.98 -13.32 -25.93
C GLN A 628 14.00 -12.18 -26.16
N LEU A 629 14.49 -10.96 -26.39
CA LEU A 629 13.63 -9.80 -26.48
C LEU A 629 13.04 -9.64 -27.87
N THR A 630 12.06 -8.74 -27.96
CA THR A 630 11.47 -8.38 -29.24
C THR A 630 12.48 -7.55 -30.05
N PRO A 631 12.38 -7.56 -31.39
CA PRO A 631 13.29 -6.72 -32.19
C PRO A 631 13.11 -5.23 -31.95
N THR A 632 11.94 -4.80 -31.49
CA THR A 632 11.76 -3.39 -31.14
C THR A 632 12.60 -3.02 -29.92
N TRP A 633 12.83 -3.99 -29.03
CA TRP A 633 13.78 -3.78 -27.94
C TRP A 633 15.22 -3.97 -28.42
N ARG A 634 15.43 -4.87 -29.39
CA ARG A 634 16.78 -5.17 -29.84
C ARG A 634 17.36 -4.05 -30.69
N VAL A 635 16.53 -3.21 -31.30
CA VAL A 635 17.06 -2.06 -32.03
C VAL A 635 17.57 -1.00 -31.04
N TYR A 636 17.01 -0.99 -29.83
CA TYR A 636 17.56 -0.18 -28.75
C TYR A 636 18.63 -0.91 -27.95
N SER A 637 18.84 -2.20 -28.19
CA SER A 637 19.91 -2.92 -27.51
C SER A 637 21.27 -2.52 -28.07
N THR A 638 21.37 -2.41 -29.40
CA THR A 638 22.64 -2.07 -30.05
C THR A 638 22.34 -1.24 -31.30
N GLY A 639 23.04 -0.12 -31.43
CA GLY A 639 22.85 0.75 -32.58
C GLY A 639 24.05 1.65 -32.77
N SER A 640 23.89 2.60 -33.70
CA SER A 640 24.94 3.58 -33.93
C SER A 640 24.94 4.66 -32.86
N ASN A 641 23.76 4.99 -32.33
CA ASN A 641 23.61 6.06 -31.33
C ASN A 641 23.77 5.44 -29.94
N VAL A 642 25.01 5.19 -29.56
CA VAL A 642 25.35 4.65 -28.25
C VAL A 642 26.35 5.59 -27.59
N PHE A 643 26.05 5.99 -26.35
CA PHE A 643 26.91 6.88 -25.59
C PHE A 643 27.19 6.27 -24.22
N GLN A 644 28.40 6.50 -23.72
CA GLN A 644 28.82 6.00 -22.42
C GLN A 644 28.83 7.14 -21.41
N THR A 645 28.03 7.00 -20.36
CA THR A 645 27.96 7.97 -19.28
C THR A 645 28.35 7.30 -17.97
N ARG A 646 28.63 8.13 -16.97
CA ARG A 646 28.91 7.59 -15.63
C ARG A 646 27.64 7.02 -15.01
N ALA A 647 26.48 7.58 -15.35
CA ALA A 647 25.21 7.03 -14.86
C ALA A 647 24.91 5.69 -15.49
N GLY A 648 25.26 5.52 -16.77
CA GLY A 648 25.00 4.28 -17.45
C GLY A 648 25.28 4.41 -18.94
N CYS A 649 24.69 3.49 -19.70
CA CYS A 649 24.84 3.49 -21.16
C CYS A 649 23.54 4.00 -21.77
N LEU A 650 23.64 5.01 -22.63
CA LEU A 650 22.48 5.67 -23.21
C LEU A 650 22.39 5.33 -24.69
N ILE A 651 21.27 4.75 -25.12
CA ILE A 651 21.05 4.35 -26.50
C ILE A 651 19.75 4.97 -26.99
N GLY A 652 19.81 5.59 -28.17
CA GLY A 652 18.67 6.25 -28.75
C GLY A 652 18.79 7.76 -28.84
N ALA A 653 19.85 8.34 -28.27
CA ALA A 653 20.11 9.76 -28.35
C ALA A 653 21.47 9.98 -28.98
N GLU A 654 21.58 10.99 -29.84
CA GLU A 654 22.86 11.23 -30.56
C GLU A 654 23.71 12.24 -29.80
N HIS A 655 24.95 11.87 -29.45
CA HIS A 655 25.83 12.77 -28.67
C HIS A 655 26.12 14.04 -29.48
N VAL A 656 26.01 15.20 -28.85
CA VAL A 656 26.35 16.49 -29.53
C VAL A 656 27.40 17.19 -28.68
N ASN A 657 28.54 17.54 -29.28
CA ASN A 657 29.64 18.21 -28.54
C ASN A 657 29.13 19.56 -28.03
N ASN A 658 28.36 20.28 -28.84
CA ASN A 658 27.81 21.60 -28.45
C ASN A 658 27.05 21.45 -27.12
N SER A 659 27.32 22.33 -26.15
CA SER A 659 26.67 22.28 -24.85
C SER A 659 25.47 23.21 -24.84
N TYR A 660 24.39 22.74 -24.20
CA TYR A 660 23.17 23.51 -24.07
C TYR A 660 22.69 23.46 -22.63
N GLU A 661 21.69 24.28 -22.32
CA GLU A 661 21.12 24.24 -20.96
C GLU A 661 20.32 22.96 -20.80
N CYS A 662 20.19 22.47 -19.58
CA CYS A 662 19.52 21.22 -19.28
C CYS A 662 18.02 21.43 -19.14
N ASP A 663 17.24 20.61 -19.84
CA ASP A 663 15.80 20.56 -19.70
C ASP A 663 15.27 19.20 -19.29
N ILE A 664 15.92 18.12 -19.74
CA ILE A 664 15.62 16.77 -19.27
C ILE A 664 16.88 16.25 -18.61
N PRO A 665 16.91 16.11 -17.28
CA PRO A 665 18.16 15.69 -16.63
C PRO A 665 18.41 14.19 -16.78
N ILE A 666 19.33 13.83 -17.67
CA ILE A 666 19.76 12.43 -17.75
C ILE A 666 20.58 12.06 -16.52
N GLY A 667 21.53 12.90 -16.15
CA GLY A 667 22.37 12.62 -15.00
C GLY A 667 23.84 12.53 -15.35
N ALA A 668 24.69 12.56 -14.31
CA ALA A 668 26.15 12.46 -14.44
C ALA A 668 26.73 13.55 -15.35
N GLY A 669 26.03 14.68 -15.43
CA GLY A 669 26.44 15.78 -16.27
C GLY A 669 25.90 15.76 -17.68
N ILE A 670 25.13 14.75 -18.06
CA ILE A 670 24.59 14.61 -19.40
C ILE A 670 23.10 14.96 -19.33
N CYS A 671 22.60 15.69 -20.33
CA CYS A 671 21.21 16.09 -20.41
C CYS A 671 20.71 15.90 -21.83
N ALA A 672 19.39 15.69 -21.95
CA ALA A 672 18.75 15.41 -23.24
C ALA A 672 17.85 16.56 -23.65
N SER A 673 17.73 16.74 -24.96
CA SER A 673 16.78 17.70 -25.51
C SER A 673 16.31 17.22 -26.88
N TYR A 674 15.06 17.55 -27.20
CA TYR A 674 14.51 17.23 -28.51
C TYR A 674 14.77 18.40 -29.46
N GLN A 675 15.66 18.19 -30.42
CA GLN A 675 16.10 19.27 -31.29
C GLN A 675 16.20 18.77 -32.73
N THR A 676 16.51 19.70 -33.62
CA THR A 676 16.65 19.37 -35.04
C THR A 676 18.04 18.84 -35.35
N SER A 689 15.71 15.71 -38.81
CA SER A 689 14.73 16.78 -38.69
C SER A 689 14.29 16.96 -37.23
N GLN A 690 14.08 15.85 -36.55
CA GLN A 690 13.71 15.85 -35.13
C GLN A 690 14.32 14.63 -34.47
N SER A 691 15.13 14.86 -33.44
CA SER A 691 15.81 13.77 -32.75
C SER A 691 16.17 14.18 -31.34
N ILE A 692 16.46 13.18 -30.51
CA ILE A 692 16.89 13.39 -29.14
C ILE A 692 18.41 13.50 -29.11
N ILE A 693 18.91 14.62 -28.59
CA ILE A 693 20.34 14.87 -28.51
C ILE A 693 20.76 14.88 -27.04
N ALA A 694 21.94 14.34 -26.78
CA ALA A 694 22.52 14.27 -25.45
C ALA A 694 23.78 15.12 -25.43
N TYR A 695 23.88 16.00 -24.43
CA TYR A 695 24.95 16.98 -24.35
C TYR A 695 25.42 17.12 -22.91
N THR A 696 26.67 17.54 -22.75
CA THR A 696 27.15 17.92 -21.42
C THR A 696 26.41 19.18 -20.97
N MET A 697 26.09 19.23 -19.67
CA MET A 697 25.33 20.35 -19.14
C MET A 697 26.16 21.64 -19.18
N SER A 698 25.53 22.71 -19.68
CA SER A 698 26.23 23.97 -19.82
C SER A 698 26.47 24.61 -18.46
N LEU A 699 27.74 24.88 -18.17
CA LEU A 699 28.06 25.72 -17.01
C LEU A 699 27.58 27.15 -17.22
N GLY A 700 27.59 27.59 -18.46
CA GLY A 700 27.14 28.92 -18.82
C GLY A 700 28.00 29.50 -19.91
N ALA A 701 27.78 30.78 -20.18
CA ALA A 701 28.55 31.47 -21.20
C ALA A 701 29.97 31.72 -20.71
N GLU A 702 30.94 31.36 -21.54
CA GLU A 702 32.34 31.59 -21.22
C GLU A 702 32.66 33.08 -21.28
N ASN A 703 33.47 33.54 -20.33
CA ASN A 703 33.85 34.93 -20.26
C ASN A 703 35.26 35.03 -19.72
N SER A 704 35.92 36.15 -20.03
CA SER A 704 37.28 36.39 -19.57
C SER A 704 37.45 37.86 -19.22
N VAL A 705 38.03 38.11 -18.04
CA VAL A 705 38.35 39.45 -17.60
C VAL A 705 39.79 39.45 -17.10
N ALA A 706 40.53 40.48 -17.46
CA ALA A 706 41.95 40.61 -17.10
C ALA A 706 42.07 41.43 -15.82
N TYR A 707 42.43 40.77 -14.73
CA TYR A 707 42.66 41.48 -13.47
C TYR A 707 43.90 42.33 -13.57
N SER A 708 43.82 43.55 -13.03
CA SER A 708 44.97 44.43 -12.96
C SER A 708 44.89 45.25 -11.67
N ASN A 709 46.07 45.62 -11.16
CA ASN A 709 46.12 46.37 -9.91
C ASN A 709 45.89 47.86 -10.13
N ASN A 710 45.86 48.31 -11.38
CA ASN A 710 45.69 49.73 -11.69
C ASN A 710 44.67 49.96 -12.81
N SER A 711 43.70 49.07 -12.98
CA SER A 711 42.69 49.19 -14.02
C SER A 711 41.31 49.04 -13.41
N ILE A 712 40.37 49.84 -13.91
CA ILE A 712 38.98 49.84 -13.47
C ILE A 712 38.10 49.82 -14.70
N ALA A 713 36.91 49.26 -14.57
CA ALA A 713 35.92 49.21 -15.64
C ALA A 713 34.65 49.91 -15.16
N ILE A 714 34.30 51.01 -15.81
CA ILE A 714 33.17 51.85 -15.43
C ILE A 714 32.20 51.88 -16.60
N PRO A 715 30.91 51.65 -16.37
CA PRO A 715 29.95 51.64 -17.50
C PRO A 715 29.77 53.03 -18.09
N THR A 716 29.70 53.07 -19.43
CA THR A 716 29.41 54.30 -20.15
C THR A 716 27.94 54.46 -20.51
N ASN A 717 27.24 53.34 -20.73
CA ASN A 717 25.82 53.35 -21.03
C ASN A 717 25.13 52.31 -20.16
N PHE A 718 23.80 52.38 -20.13
CA PHE A 718 23.00 51.54 -19.23
C PHE A 718 21.76 51.05 -19.97
N THR A 719 21.21 49.92 -19.52
CA THR A 719 20.05 49.31 -20.11
C THR A 719 19.03 49.01 -19.02
N ILE A 720 17.77 49.39 -19.25
CA ILE A 720 16.68 49.12 -18.33
C ILE A 720 15.91 47.93 -18.87
N SER A 721 15.93 46.83 -18.13
CA SER A 721 15.40 45.56 -18.64
C SER A 721 14.31 45.03 -17.73
N VAL A 722 13.29 44.41 -18.34
CA VAL A 722 12.21 43.78 -17.60
C VAL A 722 12.33 42.27 -17.81
N THR A 723 12.60 41.56 -16.73
CA THR A 723 12.71 40.11 -16.74
C THR A 723 11.48 39.49 -16.09
N THR A 724 11.26 38.21 -16.38
CA THR A 724 10.07 37.49 -15.93
C THR A 724 10.49 36.34 -15.02
N GLU A 725 9.94 36.30 -13.81
CA GLU A 725 10.18 35.18 -12.90
C GLU A 725 8.84 34.61 -12.45
N ILE A 726 8.65 33.32 -12.69
CA ILE A 726 7.36 32.66 -12.48
C ILE A 726 7.51 31.70 -11.32
N LEU A 727 6.67 31.85 -10.29
CA LEU A 727 6.77 31.03 -9.10
C LEU A 727 5.40 30.47 -8.72
N PRO A 728 5.27 29.15 -8.57
CA PRO A 728 4.01 28.59 -8.07
C PRO A 728 3.73 29.02 -6.64
N VAL A 729 2.45 29.16 -6.33
CA VAL A 729 2.01 29.62 -5.02
C VAL A 729 1.33 28.50 -4.25
N SER A 730 0.25 27.96 -4.82
CA SER A 730 -0.59 27.00 -4.11
C SER A 730 -0.87 25.81 -5.01
N MET A 731 -1.12 24.67 -4.37
CA MET A 731 -1.56 23.47 -5.05
C MET A 731 -3.04 23.29 -4.74
N THR A 732 -3.79 22.71 -5.68
CA THR A 732 -5.23 22.54 -5.53
C THR A 732 -5.57 21.69 -4.33
N LYS A 733 -6.37 22.25 -3.42
CA LYS A 733 -6.67 21.59 -2.16
C LYS A 733 -7.59 20.40 -2.38
N THR A 734 -7.21 19.27 -1.79
CA THR A 734 -7.99 18.04 -1.85
C THR A 734 -8.32 17.57 -0.44
N SER A 735 -9.41 16.82 -0.32
CA SER A 735 -9.79 16.19 0.93
C SER A 735 -10.47 14.88 0.62
N VAL A 736 -10.56 14.00 1.63
CA VAL A 736 -11.12 12.68 1.47
C VAL A 736 -12.37 12.55 2.32
N ASP A 737 -13.40 11.91 1.78
CA ASP A 737 -14.62 11.60 2.51
C ASP A 737 -14.48 10.20 3.08
N CYS A 738 -14.50 10.07 4.40
CA CYS A 738 -14.23 8.80 5.04
C CYS A 738 -15.36 7.81 4.85
N THR A 739 -16.61 8.28 4.89
CA THR A 739 -17.76 7.41 4.68
C THR A 739 -17.74 6.82 3.27
N MET A 740 -17.42 7.65 2.28
CA MET A 740 -17.35 7.16 0.90
C MET A 740 -16.14 6.27 0.69
N TYR A 741 -15.01 6.60 1.33
CA TYR A 741 -13.79 5.84 1.12
C TYR A 741 -13.88 4.45 1.75
N ILE A 742 -14.48 4.35 2.94
CA ILE A 742 -14.53 3.08 3.64
C ILE A 742 -15.80 2.33 3.25
N CYS A 743 -16.97 2.93 3.49
CA CYS A 743 -18.22 2.23 3.27
C CYS A 743 -18.55 2.11 1.79
N GLY A 744 -18.67 3.24 1.10
CA GLY A 744 -19.20 3.21 -0.25
C GLY A 744 -20.69 2.97 -0.18
N ASP A 745 -21.11 1.78 -0.62
CA ASP A 745 -22.49 1.35 -0.55
C ASP A 745 -22.68 0.10 0.29
N SER A 746 -21.87 -0.08 1.33
CA SER A 746 -21.89 -1.32 2.09
C SER A 746 -23.10 -1.39 3.02
N THR A 747 -23.54 -2.62 3.30
CA THR A 747 -24.63 -2.82 4.25
C THR A 747 -24.18 -2.52 5.67
N GLU A 748 -23.05 -3.06 6.08
CA GLU A 748 -22.53 -2.86 7.44
C GLU A 748 -21.57 -1.67 7.48
N CYS A 749 -22.11 -0.51 7.11
CA CYS A 749 -21.31 0.72 7.13
C CYS A 749 -20.94 1.11 8.56
N SER A 750 -21.85 0.84 9.51
CA SER A 750 -21.59 1.19 10.90
C SER A 750 -20.44 0.39 11.49
N ASN A 751 -20.40 -0.92 11.21
CA ASN A 751 -19.37 -1.76 11.80
C ASN A 751 -17.99 -1.42 11.23
N LEU A 752 -17.89 -1.31 9.91
CA LEU A 752 -16.62 -0.95 9.28
C LEU A 752 -16.18 0.45 9.68
N LEU A 753 -17.12 1.38 9.78
CA LEU A 753 -16.77 2.73 10.21
C LEU A 753 -16.27 2.76 11.65
N LEU A 754 -16.93 2.02 12.54
CA LEU A 754 -16.51 1.97 13.94
C LEU A 754 -15.14 1.32 14.06
N GLN A 755 -14.85 0.30 13.25
CA GLN A 755 -13.54 -0.33 13.30
C GLN A 755 -12.45 0.60 12.77
N TYR A 756 -12.66 1.20 11.60
CA TYR A 756 -11.57 1.80 10.84
C TYR A 756 -11.73 3.29 10.57
N GLY A 757 -12.55 4.01 11.35
CA GLY A 757 -12.82 5.40 11.02
C GLY A 757 -11.77 6.36 11.54
N SER A 758 -11.10 6.00 12.64
CA SER A 758 -10.12 6.92 13.22
C SER A 758 -8.88 7.03 12.35
N PHE A 759 -8.53 5.95 11.65
CA PHE A 759 -7.42 5.96 10.71
C PHE A 759 -7.68 6.96 9.57
N CYS A 760 -8.84 6.83 8.93
CA CYS A 760 -9.21 7.76 7.87
C CYS A 760 -9.40 9.17 8.41
N THR A 761 -9.87 9.30 9.65
CA THR A 761 -10.08 10.62 10.25
C THR A 761 -8.75 11.33 10.47
N GLN A 762 -7.73 10.61 10.95
CA GLN A 762 -6.43 11.23 11.15
C GLN A 762 -5.77 11.56 9.81
N LEU A 763 -5.94 10.69 8.81
CA LEU A 763 -5.42 10.98 7.48
C LEU A 763 -6.12 12.20 6.86
N ASN A 764 -7.43 12.30 7.04
CA ASN A 764 -8.18 13.45 6.52
C ASN A 764 -7.83 14.72 7.28
N ARG A 765 -7.54 14.59 8.59
CA ARG A 765 -7.06 15.74 9.35
C ARG A 765 -5.72 16.23 8.84
N ALA A 766 -4.83 15.29 8.51
CA ALA A 766 -3.53 15.66 7.95
C ALA A 766 -3.69 16.35 6.60
N LEU A 767 -4.57 15.82 5.74
CA LEU A 767 -4.76 16.42 4.42
C LEU A 767 -5.46 17.77 4.51
N THR A 768 -6.39 17.92 5.45
CA THR A 768 -7.04 19.20 5.69
C THR A 768 -6.05 20.22 6.23
N GLY A 769 -5.14 19.78 7.09
CA GLY A 769 -4.06 20.66 7.54
C GLY A 769 -3.16 21.09 6.41
N ILE A 770 -2.90 20.19 5.45
CA ILE A 770 -2.16 20.56 4.25
C ILE A 770 -2.90 21.62 3.46
N ALA A 771 -4.22 21.45 3.27
CA ALA A 771 -5.01 22.41 2.51
C ALA A 771 -5.05 23.78 3.20
N VAL A 772 -5.21 23.79 4.53
CA VAL A 772 -5.16 25.02 5.29
C VAL A 772 -3.78 25.66 5.18
N GLU A 773 -2.75 24.82 5.06
CA GLU A 773 -1.38 25.34 4.93
C GLU A 773 -1.25 26.05 3.59
N GLN A 774 -1.80 25.45 2.54
CA GLN A 774 -1.75 26.09 1.23
C GLN A 774 -2.49 27.43 1.24
N ASP A 775 -3.64 27.48 1.93
CA ASP A 775 -4.32 28.76 2.12
C ASP A 775 -3.44 29.75 2.88
N LYS A 776 -2.67 29.26 3.84
CA LYS A 776 -1.73 30.10 4.57
C LYS A 776 -0.62 30.61 3.65
N ASN A 777 -0.15 29.78 2.71
CA ASN A 777 0.83 30.23 1.73
C ASN A 777 0.26 31.34 0.85
N THR A 778 -0.98 31.17 0.39
CA THR A 778 -1.60 32.19 -0.45
C THR A 778 -1.78 33.50 0.31
N GLN A 779 -2.20 33.41 1.59
CA GLN A 779 -2.30 34.60 2.43
C GLN A 779 -0.94 35.22 2.68
N GLU A 780 0.09 34.41 2.85
CA GLU A 780 1.43 34.91 3.14
C GLU A 780 2.01 35.67 1.95
N VAL A 781 1.77 35.18 0.73
CA VAL A 781 2.39 35.81 -0.42
C VAL A 781 1.53 36.97 -0.94
N PHE A 782 0.21 36.90 -0.76
CA PHE A 782 -0.68 37.88 -1.37
C PHE A 782 -1.29 38.88 -0.40
N ALA A 783 -1.19 38.65 0.90
CA ALA A 783 -1.70 39.59 1.89
C ALA A 783 -0.61 40.05 2.86
N GLN A 784 0.56 40.40 2.32
CA GLN A 784 1.60 41.00 3.15
C GLN A 784 1.15 42.34 3.71
N VAL A 785 0.55 43.18 2.88
CA VAL A 785 -0.03 44.44 3.29
C VAL A 785 -1.51 44.42 2.97
N LYS A 786 -2.35 44.59 3.99
CA LYS A 786 -3.79 44.47 3.85
C LYS A 786 -4.46 45.80 3.51
N GLN A 787 -3.70 46.89 3.40
CA GLN A 787 -4.27 48.20 3.12
C GLN A 787 -4.68 48.25 1.65
N ILE A 788 -5.97 47.99 1.40
CA ILE A 788 -6.49 48.02 0.04
C ILE A 788 -6.62 49.47 -0.41
N TYR A 789 -6.00 49.79 -1.53
CA TYR A 789 -5.92 51.16 -2.02
C TYR A 789 -6.71 51.29 -3.31
N LYS A 790 -7.31 52.46 -3.51
CA LYS A 790 -8.11 52.71 -4.71
C LYS A 790 -7.23 52.71 -5.95
N THR A 791 -7.70 52.05 -7.00
CA THR A 791 -6.94 51.99 -8.23
C THR A 791 -6.97 53.35 -8.92
N PRO A 792 -5.83 53.99 -9.15
CA PRO A 792 -5.82 55.33 -9.73
C PRO A 792 -6.22 55.31 -11.19
N PRO A 793 -6.85 56.37 -11.68
CA PRO A 793 -7.02 56.53 -13.13
C PRO A 793 -5.66 56.67 -13.79
N ILE A 794 -5.58 56.24 -15.06
CA ILE A 794 -4.31 56.21 -15.75
C ILE A 794 -3.79 57.63 -15.99
N LYS A 795 -2.49 57.80 -15.83
CA LYS A 795 -1.82 59.08 -15.95
C LYS A 795 -0.59 58.92 -16.81
N ASP A 796 0.25 59.97 -16.85
CA ASP A 796 1.51 59.89 -17.58
C ASP A 796 2.48 58.94 -16.88
N PHE A 797 2.51 58.97 -15.55
CA PHE A 797 3.41 58.15 -14.71
C PHE A 797 4.87 58.34 -15.12
N GLY A 798 5.23 59.57 -15.44
CA GLY A 798 6.59 59.86 -15.89
C GLY A 798 6.95 59.22 -17.20
N GLY A 799 5.99 59.04 -18.10
CA GLY A 799 6.23 58.44 -19.39
C GLY A 799 6.18 56.92 -19.41
N PHE A 800 6.01 56.28 -18.25
CA PHE A 800 5.96 54.83 -18.19
C PHE A 800 4.51 54.37 -18.32
N ASN A 801 4.29 53.36 -19.17
CA ASN A 801 2.95 52.86 -19.47
C ASN A 801 2.70 51.59 -18.64
N PHE A 802 1.81 51.70 -17.65
CA PHE A 802 1.43 50.57 -16.82
C PHE A 802 0.03 50.05 -17.12
N SER A 803 -0.59 50.48 -18.23
CA SER A 803 -1.97 50.11 -18.49
C SER A 803 -2.12 48.62 -18.76
N GLN A 804 -1.04 47.95 -19.14
CA GLN A 804 -1.13 46.53 -19.43
C GLN A 804 -1.00 45.70 -18.16
N ILE A 805 -0.35 46.24 -17.12
CA ILE A 805 -0.23 45.51 -15.87
C ILE A 805 -1.31 45.97 -14.87
N LEU A 806 -1.77 47.21 -15.01
CA LEU A 806 -2.82 47.72 -14.15
C LEU A 806 -4.16 47.13 -14.59
N PRO A 807 -5.05 46.82 -13.65
CA PRO A 807 -6.38 46.32 -14.03
C PRO A 807 -7.18 47.36 -14.82
N ASP A 808 -7.93 46.87 -15.79
CA ASP A 808 -8.76 47.72 -16.63
C ASP A 808 -10.15 47.80 -16.01
N PRO A 809 -10.67 49.01 -15.73
CA PRO A 809 -12.02 49.12 -15.14
C PRO A 809 -13.13 48.64 -16.06
N SER A 810 -12.89 48.49 -17.36
CA SER A 810 -13.92 47.98 -18.27
C SER A 810 -14.25 46.52 -17.97
N LYS A 811 -13.26 45.73 -17.60
CA LYS A 811 -13.49 44.34 -17.24
C LYS A 811 -14.25 44.25 -15.92
N PRO A 812 -15.15 43.26 -15.79
CA PRO A 812 -15.86 43.09 -14.51
C PRO A 812 -14.95 42.74 -13.35
N SER A 813 -13.87 42.02 -13.60
CA SER A 813 -12.94 41.64 -12.55
C SER A 813 -11.78 42.63 -12.48
N LYS A 814 -10.89 42.39 -11.52
CA LYS A 814 -9.67 43.17 -11.37
C LYS A 814 -8.51 42.59 -12.17
N ARG A 815 -8.80 41.75 -13.17
CA ARG A 815 -7.74 41.18 -13.99
C ARG A 815 -7.26 42.18 -15.03
N SER A 816 -5.95 42.15 -15.30
CA SER A 816 -5.35 42.95 -16.36
C SER A 816 -5.16 42.08 -17.59
N PHE A 817 -4.69 42.70 -18.67
CA PHE A 817 -4.47 41.99 -19.93
C PHE A 817 -3.39 40.92 -19.82
N ILE A 818 -2.28 41.28 -19.16
CA ILE A 818 -1.24 40.31 -18.89
C ILE A 818 -1.75 39.23 -17.95
N GLU A 819 -2.49 39.62 -16.92
CA GLU A 819 -3.13 38.63 -16.04
C GLU A 819 -4.13 37.78 -16.80
N ASP A 820 -4.79 38.37 -17.81
CA ASP A 820 -5.68 37.60 -18.66
C ASP A 820 -4.93 36.53 -19.44
N LEU A 821 -3.76 36.86 -19.98
CA LEU A 821 -2.97 35.85 -20.69
C LEU A 821 -2.42 34.79 -19.73
N LEU A 822 -2.01 35.21 -18.53
CA LEU A 822 -1.58 34.26 -17.50
C LEU A 822 -2.70 33.29 -17.14
N PHE A 823 -3.94 33.77 -17.12
CA PHE A 823 -5.06 32.85 -16.87
C PHE A 823 -5.38 31.98 -18.08
N ASN A 824 -5.21 32.53 -19.30
CA ASN A 824 -5.61 31.80 -20.49
C ASN A 824 -4.62 30.69 -20.84
N LYS A 825 -3.32 30.95 -20.69
CA LYS A 825 -2.32 29.98 -21.13
C LYS A 825 -2.29 28.76 -20.22
N VAL A 826 -2.66 28.92 -18.95
CA VAL A 826 -2.76 27.76 -18.07
C VAL A 826 -4.07 27.04 -18.33
N THR A 827 -3.99 25.73 -18.58
CA THR A 827 -5.15 24.91 -18.86
C THR A 827 -5.40 23.96 -17.70
N LEU A 828 -6.68 23.72 -17.42
CA LEU A 828 -7.05 22.83 -16.32
C LEU A 828 -6.68 21.38 -16.64
N ALA A 829 -6.81 20.99 -17.90
CA ALA A 829 -6.47 19.63 -18.32
C ALA A 829 -4.97 19.41 -18.31
N ALA A 852 -15.67 13.43 -5.88
CA ALA A 852 -17.11 13.10 -5.75
C ALA A 852 -17.25 11.58 -5.77
N GLN A 853 -18.44 11.07 -6.11
CA GLN A 853 -18.68 9.61 -6.17
C GLN A 853 -17.78 9.03 -7.26
N LYS A 854 -17.58 9.78 -8.34
CA LYS A 854 -16.67 9.35 -9.43
C LYS A 854 -15.25 9.24 -8.90
N PHE A 855 -14.83 10.15 -8.02
CA PHE A 855 -13.43 10.16 -7.52
C PHE A 855 -13.29 9.28 -6.28
N ASN A 856 -14.36 8.60 -5.89
CA ASN A 856 -14.34 7.70 -4.71
C ASN A 856 -14.00 8.48 -3.43
N GLY A 857 -14.67 9.60 -3.19
CA GLY A 857 -14.50 10.33 -1.92
C GLY A 857 -13.44 11.42 -1.97
N LEU A 858 -12.85 11.71 -3.13
CA LEU A 858 -11.90 12.84 -3.18
C LEU A 858 -12.67 14.10 -3.58
N THR A 859 -12.72 15.11 -2.71
CA THR A 859 -13.40 16.37 -2.96
C THR A 859 -12.36 17.48 -3.06
N VAL A 860 -12.55 18.35 -4.05
CA VAL A 860 -11.66 19.48 -4.28
C VAL A 860 -12.23 20.66 -3.49
N LEU A 861 -11.53 21.06 -2.44
CA LEU A 861 -11.93 22.23 -1.69
C LEU A 861 -11.45 23.50 -2.40
N PRO A 862 -12.34 24.45 -2.67
CA PRO A 862 -11.93 25.72 -3.27
C PRO A 862 -11.06 26.50 -2.31
N PRO A 863 -10.11 27.30 -2.81
CA PRO A 863 -9.25 28.09 -1.93
C PRO A 863 -10.04 29.17 -1.21
N LEU A 864 -9.58 29.50 0.00
CA LEU A 864 -10.23 30.56 0.77
C LEU A 864 -10.08 31.91 0.09
N LEU A 865 -8.90 32.19 -0.46
CA LEU A 865 -8.68 33.43 -1.19
C LEU A 865 -9.16 33.23 -2.63
N THR A 866 -10.27 33.87 -2.97
CA THR A 866 -10.83 33.78 -4.31
C THR A 866 -9.94 34.53 -5.29
N ASP A 867 -9.90 34.04 -6.53
CA ASP A 867 -9.04 34.63 -7.57
C ASP A 867 -9.40 36.08 -7.86
N GLU A 868 -10.68 36.43 -7.69
CA GLU A 868 -11.11 37.82 -7.87
C GLU A 868 -10.45 38.72 -6.83
N MET A 869 -10.53 38.35 -5.55
CA MET A 869 -9.94 39.22 -4.53
C MET A 869 -8.43 38.99 -4.42
N ILE A 870 -7.92 37.89 -4.97
CA ILE A 870 -6.48 37.76 -5.16
C ILE A 870 -5.99 38.79 -6.16
N ALA A 871 -6.71 38.95 -7.27
CA ALA A 871 -6.38 39.99 -8.24
C ALA A 871 -6.60 41.38 -7.65
N GLN A 872 -7.56 41.52 -6.74
CA GLN A 872 -7.77 42.80 -6.06
C GLN A 872 -6.59 43.13 -5.15
N TYR A 873 -6.07 42.13 -4.43
CA TYR A 873 -4.85 42.33 -3.65
C TYR A 873 -3.67 42.69 -4.55
N THR A 874 -3.56 42.02 -5.70
CA THR A 874 -2.50 42.32 -6.64
C THR A 874 -2.59 43.76 -7.13
N SER A 875 -3.81 44.22 -7.44
CA SER A 875 -4.02 45.61 -7.82
C SER A 875 -3.69 46.56 -6.68
N ALA A 876 -3.98 46.17 -5.44
CA ALA A 876 -3.72 47.03 -4.29
C ALA A 876 -2.22 47.25 -4.09
N LEU A 877 -1.44 46.15 -4.06
CA LEU A 877 0.01 46.31 -3.92
C LEU A 877 0.63 46.93 -5.17
N LEU A 878 0.03 46.72 -6.34
CA LEU A 878 0.55 47.37 -7.55
C LEU A 878 0.36 48.88 -7.48
N ALA A 879 -0.83 49.33 -7.06
CA ALA A 879 -1.09 50.75 -6.93
C ALA A 879 -0.27 51.37 -5.79
N GLY A 880 0.00 50.59 -4.76
CA GLY A 880 0.90 51.06 -3.71
C GLY A 880 2.32 51.22 -4.21
N THR A 881 2.77 50.31 -5.07
CA THR A 881 4.12 50.41 -5.63
C THR A 881 4.23 51.59 -6.59
N ILE A 882 3.20 51.81 -7.42
CA ILE A 882 3.26 52.90 -8.40
C ILE A 882 3.21 54.26 -7.70
N THR A 883 2.26 54.44 -6.79
CA THR A 883 2.03 55.77 -6.23
C THR A 883 2.75 55.96 -4.89
N SER A 884 2.48 55.07 -3.94
CA SER A 884 3.01 55.28 -2.59
C SER A 884 4.44 54.78 -2.46
N GLY A 885 4.68 53.50 -2.72
CA GLY A 885 6.00 52.93 -2.59
C GLY A 885 6.28 52.38 -1.20
N TRP A 886 7.40 52.82 -0.61
CA TRP A 886 7.81 52.31 0.70
C TRP A 886 6.79 52.65 1.78
N THR A 887 6.06 53.75 1.60
CA THR A 887 5.04 54.15 2.56
C THR A 887 3.77 53.32 2.45
N PHE A 888 3.63 52.51 1.39
CA PHE A 888 2.38 51.78 1.16
C PHE A 888 2.11 50.77 2.26
N GLY A 889 3.14 50.07 2.72
CA GLY A 889 2.99 49.17 3.83
C GLY A 889 3.12 49.86 5.18
N ALA A 890 3.50 51.14 5.15
CA ALA A 890 3.72 51.87 6.40
C ALA A 890 2.41 52.26 7.05
N GLY A 891 1.39 52.51 6.25
CA GLY A 891 0.15 53.08 6.75
C GLY A 891 0.18 54.60 6.70
N ALA A 892 -1.00 55.19 6.47
CA ALA A 892 -1.17 56.61 6.19
C ALA A 892 -0.26 57.03 5.03
N ALA A 893 -0.60 56.53 3.84
CA ALA A 893 0.34 56.49 2.72
C ALA A 893 0.72 57.87 2.24
N LEU A 894 1.95 57.97 1.73
CA LEU A 894 2.49 59.18 1.17
C LEU A 894 2.53 59.05 -0.35
N GLN A 895 1.71 59.88 -1.01
CA GLN A 895 1.66 59.89 -2.49
C GLN A 895 2.91 60.60 -3.01
N ILE A 896 3.64 59.96 -3.92
CA ILE A 896 4.91 60.47 -4.45
C ILE A 896 4.81 60.43 -5.97
N PRO A 897 5.34 61.43 -6.69
CA PRO A 897 5.49 61.27 -8.14
C PRO A 897 6.41 60.10 -8.45
N PHE A 898 6.05 59.37 -9.51
CA PHE A 898 6.73 58.11 -9.81
C PHE A 898 8.16 58.34 -10.30
N ALA A 899 8.41 59.51 -10.89
CA ALA A 899 9.77 59.85 -11.31
C ALA A 899 10.69 59.99 -10.11
N MET A 900 10.18 60.54 -9.00
CA MET A 900 11.01 60.67 -7.80
C MET A 900 11.25 59.31 -7.16
N GLN A 901 10.31 58.38 -7.29
CA GLN A 901 10.55 57.02 -6.82
C GLN A 901 11.61 56.32 -7.67
N MET A 902 11.55 56.52 -8.99
CA MET A 902 12.65 56.10 -9.87
C MET A 902 13.98 56.69 -9.43
N ALA A 903 14.00 57.99 -9.09
CA ALA A 903 15.24 58.65 -8.71
C ALA A 903 15.80 58.12 -7.39
N TYR A 904 14.91 57.87 -6.43
CA TYR A 904 15.38 57.36 -5.14
C TYR A 904 15.82 55.90 -5.24
N ARG A 905 15.20 55.12 -6.12
CA ARG A 905 15.68 53.76 -6.31
C ARG A 905 16.99 53.72 -7.08
N PHE A 906 17.18 54.68 -7.99
CA PHE A 906 18.50 54.87 -8.61
C PHE A 906 19.55 55.24 -7.56
N ASN A 907 19.20 56.11 -6.63
CA ASN A 907 20.12 56.42 -5.53
C ASN A 907 20.35 55.20 -4.65
N GLY A 908 19.37 54.31 -4.58
CA GLY A 908 19.56 53.05 -3.88
C GLY A 908 20.58 52.15 -4.55
N ILE A 909 20.52 52.03 -5.88
CA ILE A 909 21.45 51.11 -6.55
C ILE A 909 22.85 51.67 -6.69
N GLY A 910 23.04 52.97 -6.50
CA GLY A 910 24.37 53.56 -6.53
C GLY A 910 24.61 54.59 -7.61
N VAL A 911 23.57 55.11 -8.25
CA VAL A 911 23.69 56.11 -9.31
C VAL A 911 22.84 57.32 -8.93
N THR A 912 23.33 58.52 -9.26
CA THR A 912 22.61 59.72 -8.85
C THR A 912 21.38 59.95 -9.73
N GLN A 913 20.58 60.93 -9.31
CA GLN A 913 19.28 61.16 -9.95
C GLN A 913 19.42 61.83 -11.31
N ASN A 914 20.60 62.39 -11.61
CA ASN A 914 20.77 63.15 -12.85
C ASN A 914 20.73 62.24 -14.08
N VAL A 915 21.14 60.98 -13.91
CA VAL A 915 21.07 60.01 -14.99
C VAL A 915 19.61 59.79 -15.40
N LEU A 916 18.72 59.70 -14.40
CA LEU A 916 17.29 59.74 -14.67
C LEU A 916 16.87 61.04 -15.34
N TYR A 917 17.18 62.17 -14.71
CA TYR A 917 16.46 63.40 -15.03
C TYR A 917 16.98 64.03 -16.32
N GLU A 918 18.11 63.55 -16.84
CA GLU A 918 18.47 63.92 -18.21
C GLU A 918 17.94 62.91 -19.23
N ASN A 919 17.74 61.65 -18.81
CA ASN A 919 17.38 60.58 -19.72
C ASN A 919 16.10 59.86 -19.31
N GLN A 920 15.06 60.61 -18.93
CA GLN A 920 13.81 59.99 -18.50
C GLN A 920 13.07 59.38 -19.69
N LYS A 921 13.09 60.06 -20.83
CA LYS A 921 12.35 59.59 -22.00
C LYS A 921 12.91 58.28 -22.53
N LEU A 922 14.23 58.15 -22.57
CA LEU A 922 14.85 56.92 -23.05
C LEU A 922 14.53 55.74 -22.15
N ILE A 923 14.55 55.96 -20.83
CA ILE A 923 14.22 54.89 -19.88
C ILE A 923 12.74 54.50 -20.02
N ALA A 924 11.88 55.51 -20.23
CA ALA A 924 10.46 55.22 -20.43
C ALA A 924 10.23 54.41 -21.70
N ASN A 925 10.92 54.76 -22.79
CA ASN A 925 10.78 54.00 -24.04
C ASN A 925 11.32 52.59 -23.89
N GLN A 926 12.45 52.41 -23.19
CA GLN A 926 12.98 51.07 -22.97
C GLN A 926 12.04 50.23 -22.12
N PHE A 927 11.45 50.82 -21.08
CA PHE A 927 10.50 50.09 -20.25
C PHE A 927 9.26 49.71 -21.03
N ASN A 928 8.74 50.62 -21.85
CA ASN A 928 7.57 50.32 -22.67
C ASN A 928 7.87 49.24 -23.69
N SER A 929 9.06 49.28 -24.29
CA SER A 929 9.46 48.26 -25.25
C SER A 929 9.62 46.90 -24.58
N ALA A 930 10.15 46.87 -23.35
CA ALA A 930 10.29 45.61 -22.63
C ALA A 930 8.93 45.06 -22.23
N ILE A 931 8.00 45.93 -21.82
CA ILE A 931 6.64 45.49 -21.50
C ILE A 931 5.96 44.93 -22.74
N GLY A 932 6.14 45.59 -23.88
CA GLY A 932 5.60 45.07 -25.13
C GLY A 932 6.25 43.78 -25.57
N LYS A 933 7.54 43.60 -25.26
CA LYS A 933 8.22 42.36 -25.62
C LYS A 933 7.70 41.19 -24.79
N ILE A 934 7.50 41.39 -23.48
CA ILE A 934 6.88 40.37 -22.64
C ILE A 934 5.44 40.12 -23.09
N GLN A 935 4.76 41.19 -23.53
CA GLN A 935 3.40 41.08 -24.05
C GLN A 935 3.35 40.17 -25.26
N ASP A 936 4.27 40.37 -26.21
CA ASP A 936 4.31 39.55 -27.42
C ASP A 936 4.77 38.14 -27.11
N SER A 937 5.67 37.98 -26.14
CA SER A 937 6.14 36.65 -25.76
C SER A 937 5.02 35.83 -25.15
N LEU A 938 4.19 36.45 -24.31
CA LEU A 938 3.06 35.74 -23.74
C LEU A 938 1.95 35.52 -24.78
N SER A 939 1.76 36.47 -25.69
CA SER A 939 0.68 36.33 -26.67
C SER A 939 1.09 35.44 -27.84
N SER A 940 2.37 35.07 -27.92
CA SER A 940 2.86 34.27 -29.03
C SER A 940 2.56 32.79 -28.85
N THR A 941 1.96 32.41 -27.71
CA THR A 941 1.65 31.02 -27.34
C THR A 941 2.87 30.11 -27.34
N ALA A 942 4.05 30.65 -27.01
CA ALA A 942 5.23 29.82 -26.88
C ALA A 942 5.16 28.98 -25.62
N SER A 943 6.05 27.98 -25.55
CA SER A 943 6.06 27.11 -24.38
C SER A 943 6.57 27.86 -23.16
N ALA A 944 5.62 28.27 -22.30
CA ALA A 944 5.93 28.97 -21.07
C ALA A 944 5.00 28.46 -19.98
N LEU A 945 5.18 29.00 -18.78
CA LEU A 945 4.40 28.63 -17.59
C LEU A 945 4.49 27.14 -17.30
N GLY A 946 5.70 26.57 -17.44
CA GLY A 946 5.85 25.14 -17.26
C GLY A 946 5.73 24.72 -15.81
N LYS A 947 6.03 25.63 -14.88
CA LYS A 947 5.97 25.28 -13.47
C LYS A 947 4.52 25.15 -12.98
N LEU A 948 3.66 26.10 -13.34
CA LEU A 948 2.27 26.04 -12.91
C LEU A 948 1.52 24.89 -13.58
N GLN A 949 1.76 24.69 -14.88
CA GLN A 949 1.18 23.54 -15.57
C GLN A 949 1.74 22.25 -15.01
N ASP A 950 3.00 22.27 -14.54
CA ASP A 950 3.58 21.10 -13.89
C ASP A 950 2.87 20.79 -12.58
N VAL A 951 2.53 21.84 -11.81
CA VAL A 951 1.78 21.64 -10.56
C VAL A 951 0.42 21.03 -10.83
N VAL A 952 -0.28 21.57 -11.84
CA VAL A 952 -1.61 21.06 -12.19
C VAL A 952 -1.53 19.62 -12.68
N ASN A 953 -0.53 19.32 -13.51
CA ASN A 953 -0.38 17.97 -14.05
C ASN A 953 0.02 16.98 -12.97
N GLN A 954 0.85 17.40 -12.01
CA GLN A 954 1.20 16.50 -10.91
C GLN A 954 0.02 16.23 -10.00
N ASN A 955 -0.82 17.24 -9.76
CA ASN A 955 -2.04 17.01 -8.98
C ASN A 955 -2.98 16.04 -9.69
N ALA A 956 -3.18 16.24 -10.99
CA ALA A 956 -4.04 15.34 -11.77
C ALA A 956 -3.46 13.94 -11.83
N GLN A 957 -2.13 13.83 -11.97
CA GLN A 957 -1.48 12.53 -12.02
C GLN A 957 -1.58 11.80 -10.68
N ALA A 958 -1.47 12.54 -9.57
CA ALA A 958 -1.63 11.94 -8.25
C ALA A 958 -3.04 11.41 -8.06
N LEU A 959 -4.05 12.20 -8.48
CA LEU A 959 -5.43 11.72 -8.39
C LEU A 959 -5.67 10.50 -9.28
N ASN A 960 -5.09 10.51 -10.49
CA ASN A 960 -5.27 9.40 -11.42
C ASN A 960 -4.60 8.13 -10.92
N THR A 961 -3.38 8.23 -10.39
CA THR A 961 -2.72 7.03 -9.87
C THR A 961 -3.38 6.57 -8.58
N LEU A 962 -4.01 7.48 -7.84
CA LEU A 962 -4.78 7.07 -6.66
C LEU A 962 -5.99 6.25 -7.05
N VAL A 963 -6.78 6.72 -8.03
CA VAL A 963 -7.96 5.96 -8.42
C VAL A 963 -7.59 4.67 -9.14
N LYS A 964 -6.44 4.68 -9.84
CA LYS A 964 -5.95 3.45 -10.46
C LYS A 964 -5.49 2.43 -9.43
N GLN A 965 -4.95 2.91 -8.29
CA GLN A 965 -4.60 1.98 -7.21
C GLN A 965 -5.85 1.48 -6.48
N LEU A 966 -6.87 2.33 -6.38
CA LEU A 966 -8.16 1.86 -5.85
C LEU A 966 -8.83 0.86 -6.78
N SER A 967 -8.48 0.88 -8.08
CA SER A 967 -9.04 -0.11 -9.00
C SER A 967 -8.59 -1.53 -8.70
N SER A 968 -7.49 -1.71 -7.96
CA SER A 968 -7.02 -3.06 -7.64
C SER A 968 -7.88 -3.68 -6.55
N ASN A 969 -7.81 -5.02 -6.45
CA ASN A 969 -8.57 -5.73 -5.42
C ASN A 969 -7.78 -5.95 -4.14
N PHE A 970 -6.48 -5.63 -4.14
CA PHE A 970 -5.60 -5.72 -2.97
C PHE A 970 -5.56 -7.13 -2.39
N GLY A 971 -5.55 -8.14 -3.26
CA GLY A 971 -5.45 -9.51 -2.83
C GLY A 971 -6.76 -10.16 -2.45
N ALA A 972 -7.88 -9.44 -2.52
CA ALA A 972 -9.18 -10.04 -2.25
C ALA A 972 -9.65 -10.82 -3.47
N ILE A 973 -10.72 -11.60 -3.27
CA ILE A 973 -11.25 -12.40 -4.37
C ILE A 973 -12.09 -11.53 -5.29
N SER A 974 -12.49 -10.35 -4.83
CA SER A 974 -13.26 -9.42 -5.65
C SER A 974 -12.77 -8.01 -5.37
N SER A 975 -13.00 -7.12 -6.34
CA SER A 975 -12.49 -5.76 -6.28
C SER A 975 -13.50 -4.76 -5.73
N VAL A 976 -14.79 -5.08 -5.72
CA VAL A 976 -15.83 -4.20 -5.24
C VAL A 976 -16.34 -4.75 -3.91
N LEU A 977 -16.61 -3.84 -2.96
CA LEU A 977 -16.79 -4.24 -1.58
C LEU A 977 -18.18 -4.83 -1.34
N ASN A 978 -19.17 -4.39 -2.12
CA ASN A 978 -20.52 -4.95 -1.98
C ASN A 978 -20.55 -6.42 -2.32
N ASP A 979 -19.72 -6.84 -3.28
CA ASP A 979 -19.69 -8.24 -3.69
C ASP A 979 -19.18 -9.14 -2.57
N ILE A 980 -18.12 -8.69 -1.87
CA ILE A 980 -17.54 -9.50 -0.81
C ILE A 980 -18.39 -9.43 0.45
N LEU A 981 -19.18 -8.37 0.62
CA LEU A 981 -20.26 -8.44 1.61
C LEU A 981 -21.32 -9.45 1.20
N SER A 982 -21.55 -9.60 -0.10
CA SER A 982 -22.69 -10.37 -0.57
C SER A 982 -22.44 -11.88 -0.50
N ARG A 983 -21.30 -12.34 -0.99
CA ARG A 983 -21.12 -13.79 -1.16
C ARG A 983 -20.84 -14.50 0.16
N LEU A 984 -20.06 -13.89 1.05
CA LEU A 984 -19.55 -14.59 2.22
C LEU A 984 -20.19 -14.07 3.50
N ASP A 985 -20.42 -15.00 4.44
CA ASP A 985 -20.85 -14.62 5.77
C ASP A 985 -19.72 -13.89 6.50
N PRO A 986 -20.07 -12.98 7.41
CA PRO A 986 -19.05 -12.08 8.04
C PRO A 986 -17.89 -12.79 8.74
N PRO A 987 -18.07 -13.92 9.47
CA PRO A 987 -16.92 -14.49 10.20
C PRO A 987 -15.71 -14.87 9.33
N GLU A 988 -15.92 -15.26 8.07
CA GLU A 988 -14.78 -15.45 7.18
C GLU A 988 -14.64 -14.34 6.16
N ALA A 989 -15.63 -13.47 6.02
CA ALA A 989 -15.50 -12.35 5.10
C ALA A 989 -14.68 -11.22 5.69
N GLU A 990 -14.57 -11.14 7.03
CA GLU A 990 -13.90 -10.02 7.66
C GLU A 990 -12.41 -9.97 7.32
N VAL A 991 -11.82 -11.12 6.99
CA VAL A 991 -10.41 -11.14 6.56
C VAL A 991 -10.26 -10.41 5.22
N GLN A 992 -11.16 -10.68 4.28
CA GLN A 992 -11.13 -9.99 3.00
C GLN A 992 -11.49 -8.52 3.15
N ILE A 993 -12.39 -8.22 4.10
CA ILE A 993 -12.73 -6.83 4.39
C ILE A 993 -11.50 -6.07 4.87
N ASP A 994 -10.75 -6.68 5.80
CA ASP A 994 -9.53 -6.08 6.31
C ASP A 994 -8.50 -5.90 5.20
N ARG A 995 -8.35 -6.92 4.35
CA ARG A 995 -7.37 -6.85 3.26
C ARG A 995 -7.69 -5.70 2.30
N LEU A 996 -8.94 -5.65 1.82
CA LEU A 996 -9.31 -4.65 0.82
C LEU A 996 -9.28 -3.24 1.40
N ILE A 997 -9.87 -3.05 2.59
CA ILE A 997 -9.96 -1.70 3.15
C ILE A 997 -8.59 -1.22 3.60
N THR A 998 -7.77 -2.11 4.18
CA THR A 998 -6.42 -1.76 4.57
C THR A 998 -5.57 -1.39 3.36
N GLY A 999 -5.73 -2.11 2.25
CA GLY A 999 -5.03 -1.73 1.03
C GLY A 999 -5.46 -0.38 0.49
N ARG A 1000 -6.76 -0.08 0.56
CA ARG A 1000 -7.24 1.24 0.15
C ARG A 1000 -6.67 2.35 1.03
N LEU A 1001 -6.59 2.09 2.33
CA LEU A 1001 -6.06 3.11 3.25
C LEU A 1001 -4.55 3.27 3.08
N GLN A 1002 -3.87 2.21 2.66
CA GLN A 1002 -2.43 2.36 2.38
C GLN A 1002 -2.30 3.21 1.12
N SER A 1003 -3.13 2.95 0.11
CA SER A 1003 -3.10 3.77 -1.09
C SER A 1003 -3.30 5.24 -0.75
N LEU A 1004 -4.25 5.52 0.15
CA LEU A 1004 -4.47 6.90 0.57
C LEU A 1004 -3.28 7.42 1.37
N GLN A 1005 -2.60 6.54 2.09
CA GLN A 1005 -1.38 6.93 2.82
C GLN A 1005 -0.28 7.37 1.87
N THR A 1006 -0.06 6.61 0.80
CA THR A 1006 0.93 7.03 -0.20
C THR A 1006 0.49 8.29 -0.93
N TYR A 1007 -0.83 8.47 -1.11
CA TYR A 1007 -1.33 9.73 -1.65
C TYR A 1007 -1.01 10.89 -0.71
N VAL A 1008 -1.14 10.67 0.61
CA VAL A 1008 -0.80 11.70 1.59
C VAL A 1008 0.68 12.03 1.54
N THR A 1009 1.54 11.01 1.41
CA THR A 1009 2.98 11.27 1.32
C THR A 1009 3.34 12.04 0.05
N GLN A 1010 2.70 11.69 -1.07
CA GLN A 1010 2.94 12.41 -2.33
C GLN A 1010 2.47 13.86 -2.23
N GLN A 1011 1.30 14.08 -1.62
CA GLN A 1011 0.83 15.44 -1.39
C GLN A 1011 1.75 16.19 -0.45
N LEU A 1012 2.35 15.48 0.51
CA LEU A 1012 3.32 16.08 1.42
C LEU A 1012 4.58 16.52 0.69
N ILE A 1013 5.08 15.70 -0.22
CA ILE A 1013 6.27 16.07 -0.99
C ILE A 1013 5.99 17.26 -1.88
N ARG A 1014 4.85 17.23 -2.57
CA ARG A 1014 4.48 18.37 -3.42
C ARG A 1014 4.22 19.60 -2.57
N ALA A 1015 3.68 19.43 -1.37
CA ALA A 1015 3.46 20.54 -0.47
C ALA A 1015 4.77 21.14 0.02
N ALA A 1016 5.78 20.30 0.24
CA ALA A 1016 7.10 20.82 0.63
C ALA A 1016 7.74 21.61 -0.50
N GLU A 1017 7.59 21.12 -1.74
CA GLU A 1017 8.06 21.90 -2.89
C GLU A 1017 7.31 23.21 -3.00
N ILE A 1018 6.00 23.18 -2.74
CA ILE A 1018 5.19 24.41 -2.70
C ILE A 1018 5.65 25.33 -1.57
N ARG A 1019 6.02 24.76 -0.43
CA ARG A 1019 6.36 25.66 0.70
C ARG A 1019 7.58 26.48 0.30
N ALA A 1020 8.60 25.81 -0.24
CA ALA A 1020 9.85 26.53 -0.59
C ALA A 1020 9.53 27.57 -1.65
N SER A 1021 8.77 27.20 -2.67
CA SER A 1021 8.49 28.15 -3.78
C SER A 1021 7.71 29.35 -3.23
N ALA A 1022 6.72 29.08 -2.38
CA ALA A 1022 5.91 30.17 -1.81
C ALA A 1022 6.81 31.02 -0.94
N ASN A 1023 7.68 30.40 -0.15
CA ASN A 1023 8.53 31.19 0.77
C ASN A 1023 9.44 32.07 -0.09
N LEU A 1024 9.99 31.52 -1.17
CA LEU A 1024 10.80 32.35 -2.08
C LEU A 1024 9.89 33.47 -2.58
N ALA A 1025 8.69 33.10 -3.02
CA ALA A 1025 7.79 34.11 -3.57
C ALA A 1025 7.43 35.17 -2.52
N ALA A 1026 7.24 34.75 -1.26
CA ALA A 1026 6.92 35.70 -0.20
C ALA A 1026 8.11 36.59 0.12
N THR A 1027 9.32 36.03 0.12
CA THR A 1027 10.51 36.85 0.31
C THR A 1027 10.70 37.82 -0.85
N LYS A 1028 10.38 37.38 -2.07
CA LYS A 1028 10.44 38.29 -3.22
C LYS A 1028 9.39 39.38 -3.12
N MET A 1029 8.17 39.04 -2.66
CA MET A 1029 7.15 40.06 -2.50
C MET A 1029 7.53 41.07 -1.43
N SER A 1030 8.15 40.60 -0.34
CA SER A 1030 8.53 41.51 0.74
C SER A 1030 9.72 42.37 0.36
N GLU A 1031 10.67 41.83 -0.40
CA GLU A 1031 11.90 42.57 -0.69
C GLU A 1031 11.95 43.13 -2.11
N CYS A 1032 11.56 42.36 -3.12
CA CYS A 1032 11.65 42.88 -4.49
C CYS A 1032 10.54 43.86 -4.80
N VAL A 1033 9.36 43.67 -4.21
CA VAL A 1033 8.20 44.50 -4.55
C VAL A 1033 8.03 45.66 -3.58
N LEU A 1034 7.85 45.34 -2.30
CA LEU A 1034 7.61 46.37 -1.28
C LEU A 1034 8.82 47.29 -1.11
N GLY A 1035 10.02 46.73 -1.11
CA GLY A 1035 11.21 47.53 -0.98
C GLY A 1035 12.16 47.36 -2.15
N GLN A 1036 13.45 47.60 -1.90
CA GLN A 1036 14.49 47.38 -2.90
C GLN A 1036 15.53 46.45 -2.30
N SER A 1037 15.84 45.36 -3.00
CA SER A 1037 16.77 44.35 -2.52
C SER A 1037 18.12 44.54 -3.19
N LYS A 1038 19.17 44.67 -2.37
CA LYS A 1038 20.53 44.79 -2.89
C LYS A 1038 21.17 43.44 -3.13
N ARG A 1039 20.44 42.36 -2.87
CA ARG A 1039 20.98 41.01 -3.16
C ARG A 1039 21.20 40.92 -4.66
N VAL A 1040 22.16 40.13 -5.11
CA VAL A 1040 22.49 40.08 -6.56
C VAL A 1040 21.87 38.82 -7.18
N ASP A 1041 21.15 38.98 -8.29
CA ASP A 1041 20.51 37.84 -9.00
C ASP A 1041 19.47 37.17 -8.10
N PHE A 1042 18.83 37.92 -7.21
CA PHE A 1042 17.74 37.35 -6.39
C PHE A 1042 16.44 37.86 -7.02
N CYS A 1043 16.41 39.14 -7.31
CA CYS A 1043 15.24 39.78 -7.91
C CYS A 1043 15.59 40.12 -9.36
N GLY A 1044 15.33 39.18 -10.26
CA GLY A 1044 15.73 39.40 -11.65
C GLY A 1044 17.23 39.28 -11.82
N LYS A 1045 17.69 39.79 -12.96
CA LYS A 1045 19.14 39.76 -13.28
C LYS A 1045 19.65 41.19 -13.44
N GLY A 1046 20.60 41.58 -12.61
CA GLY A 1046 21.17 42.92 -12.61
C GLY A 1046 20.82 43.70 -11.36
N TYR A 1047 21.26 44.96 -11.37
CA TYR A 1047 20.91 45.88 -10.30
C TYR A 1047 19.43 46.21 -10.32
N HIS A 1048 18.78 46.01 -9.17
CA HIS A 1048 17.33 45.93 -9.08
C HIS A 1048 16.69 47.30 -8.95
N LEU A 1049 15.69 47.59 -9.79
CA LEU A 1049 14.89 48.78 -9.57
C LEU A 1049 13.55 48.47 -8.88
N MET A 1050 12.68 47.70 -9.54
CA MET A 1050 11.38 47.33 -8.96
C MET A 1050 10.96 45.94 -9.43
N SER A 1051 9.84 45.48 -8.88
CA SER A 1051 9.22 44.24 -9.29
C SER A 1051 7.71 44.41 -9.18
N PHE A 1052 7.01 44.07 -10.25
CA PHE A 1052 5.56 44.15 -10.27
C PHE A 1052 4.98 42.75 -10.20
N PRO A 1053 4.19 42.44 -9.17
CA PRO A 1053 3.55 41.13 -9.10
C PRO A 1053 2.26 41.10 -9.92
N GLN A 1054 2.00 39.93 -10.50
CA GLN A 1054 0.74 39.66 -11.19
C GLN A 1054 0.28 38.27 -10.80
N SER A 1055 -1.03 38.14 -10.54
CA SER A 1055 -1.58 36.86 -10.12
C SER A 1055 -1.62 35.89 -11.31
N ALA A 1056 -1.78 34.61 -10.98
CA ALA A 1056 -1.87 33.56 -11.97
C ALA A 1056 -2.57 32.38 -11.31
N PRO A 1057 -3.29 31.56 -12.08
CA PRO A 1057 -3.95 30.40 -11.47
C PRO A 1057 -2.93 29.43 -10.90
N HIS A 1058 -2.94 29.34 -9.57
CA HIS A 1058 -1.94 28.61 -8.77
C HIS A 1058 -0.52 29.13 -9.02
N GLY A 1059 -0.36 30.46 -9.04
CA GLY A 1059 0.98 30.99 -9.15
C GLY A 1059 1.01 32.51 -9.12
N VAL A 1060 2.22 33.04 -9.07
CA VAL A 1060 2.46 34.48 -9.16
C VAL A 1060 3.64 34.71 -10.11
N VAL A 1061 3.54 35.77 -10.91
CA VAL A 1061 4.61 36.12 -11.84
C VAL A 1061 5.13 37.51 -11.48
N PHE A 1062 6.45 37.64 -11.45
CA PHE A 1062 7.11 38.88 -11.09
C PHE A 1062 7.75 39.47 -12.34
N LEU A 1063 7.42 40.71 -12.64
CA LEU A 1063 8.07 41.47 -13.69
C LEU A 1063 9.12 42.36 -13.04
N HIS A 1064 10.38 41.96 -13.14
CA HIS A 1064 11.49 42.64 -12.48
C HIS A 1064 12.06 43.70 -13.43
N VAL A 1065 11.92 44.96 -13.05
CA VAL A 1065 12.60 46.06 -13.73
C VAL A 1065 13.96 46.22 -13.07
N THR A 1066 15.02 46.03 -13.86
CA THR A 1066 16.39 45.99 -13.37
C THR A 1066 17.29 46.86 -14.24
N TYR A 1067 18.43 47.21 -13.66
CA TYR A 1067 19.46 48.05 -14.29
C TYR A 1067 20.63 47.15 -14.69
N VAL A 1068 21.08 47.28 -15.93
CA VAL A 1068 22.18 46.47 -16.47
C VAL A 1068 23.22 47.42 -17.03
N PRO A 1069 24.51 47.25 -16.69
CA PRO A 1069 25.55 48.02 -17.38
C PRO A 1069 25.65 47.60 -18.84
N ALA A 1070 25.43 48.55 -19.75
CA ALA A 1070 25.35 48.22 -21.17
C ALA A 1070 26.73 48.06 -21.78
N GLN A 1071 27.58 49.08 -21.65
CA GLN A 1071 28.88 49.09 -22.30
C GLN A 1071 29.97 49.22 -21.25
N GLU A 1072 31.16 48.76 -21.61
CA GLU A 1072 32.32 48.78 -20.72
C GLU A 1072 33.42 49.62 -21.35
N LYS A 1073 34.32 50.12 -20.49
CA LYS A 1073 35.47 50.89 -20.94
C LYS A 1073 36.55 50.85 -19.87
N ASN A 1074 37.78 50.54 -20.27
CA ASN A 1074 38.89 50.53 -19.34
C ASN A 1074 39.28 51.94 -18.92
N PHE A 1075 39.75 52.06 -17.68
CA PHE A 1075 40.33 53.31 -17.18
C PHE A 1075 41.47 52.98 -16.23
N THR A 1076 42.42 53.90 -16.14
CA THR A 1076 43.45 53.79 -15.12
C THR A 1076 42.93 54.33 -13.80
N THR A 1077 43.24 53.62 -12.71
CA THR A 1077 42.69 53.96 -11.40
C THR A 1077 43.79 54.10 -10.36
N ALA A 1078 43.49 54.83 -9.30
CA ALA A 1078 44.41 55.04 -8.18
C ALA A 1078 43.60 55.08 -6.89
N PRO A 1079 44.16 54.60 -5.77
CA PRO A 1079 43.41 54.64 -4.51
C PRO A 1079 43.24 56.04 -3.92
N ALA A 1080 44.25 56.89 -4.07
CA ALA A 1080 44.23 58.19 -3.42
C ALA A 1080 45.04 59.19 -4.23
N ILE A 1081 44.91 60.48 -3.89
CA ILE A 1081 45.64 61.55 -4.55
C ILE A 1081 46.51 62.26 -3.53
N CYS A 1082 47.79 62.43 -3.84
CA CYS A 1082 48.72 63.12 -2.96
C CYS A 1082 48.84 64.57 -3.41
N HIS A 1083 48.25 65.48 -2.64
CA HIS A 1083 48.28 66.90 -2.96
C HIS A 1083 48.71 67.69 -1.74
N ASP A 1084 49.68 68.59 -1.93
CA ASP A 1084 50.23 69.45 -0.89
C ASP A 1084 50.80 68.65 0.28
N GLY A 1085 51.35 67.47 -0.02
CA GLY A 1085 51.87 66.60 1.02
C GLY A 1085 50.82 65.88 1.83
N LYS A 1086 49.56 65.91 1.40
CA LYS A 1086 48.47 65.28 2.12
C LYS A 1086 47.77 64.27 1.22
N ALA A 1087 47.33 63.15 1.81
CA ALA A 1087 46.60 62.15 1.06
C ALA A 1087 45.11 62.45 1.05
N HIS A 1088 44.48 62.27 -0.10
CA HIS A 1088 43.07 62.54 -0.31
C HIS A 1088 42.40 61.27 -0.80
N PHE A 1089 41.36 60.84 -0.07
CA PHE A 1089 40.61 59.64 -0.39
C PHE A 1089 39.19 60.00 -0.81
N PRO A 1090 38.60 59.29 -1.78
CA PRO A 1090 37.29 59.69 -2.29
C PRO A 1090 36.19 59.43 -1.28
N ARG A 1091 35.34 60.44 -1.07
CA ARG A 1091 34.17 60.28 -0.20
C ARG A 1091 33.18 59.31 -0.81
N GLU A 1092 32.95 59.42 -2.12
CA GLU A 1092 32.09 58.51 -2.86
C GLU A 1092 32.60 58.39 -4.29
N GLY A 1093 32.64 57.17 -4.80
CA GLY A 1093 33.17 56.94 -6.12
C GLY A 1093 34.64 56.55 -6.11
N VAL A 1094 35.14 56.27 -7.32
CA VAL A 1094 36.52 55.83 -7.51
C VAL A 1094 37.21 56.81 -8.44
N PHE A 1095 38.54 56.81 -8.40
CA PHE A 1095 39.32 57.68 -9.27
C PHE A 1095 39.57 56.98 -10.61
N VAL A 1096 39.31 57.71 -11.69
CA VAL A 1096 39.57 57.23 -13.05
C VAL A 1096 40.43 58.27 -13.76
N SER A 1097 41.14 57.82 -14.78
CA SER A 1097 42.02 58.70 -15.54
C SER A 1097 41.74 58.56 -17.03
N ASN A 1098 41.67 59.70 -17.72
CA ASN A 1098 41.56 59.66 -19.20
C ASN A 1098 42.82 60.40 -19.67
N GLY A 1099 43.61 59.78 -20.53
CA GLY A 1099 44.89 60.34 -20.96
C GLY A 1099 45.86 60.51 -19.80
N THR A 1100 46.04 61.77 -19.40
CA THR A 1100 46.83 62.05 -18.20
C THR A 1100 45.95 62.60 -17.08
N HIS A 1101 44.81 63.20 -17.42
CA HIS A 1101 44.01 63.92 -16.44
C HIS A 1101 43.13 62.94 -15.66
N TRP A 1102 42.75 63.35 -14.45
CA TRP A 1102 42.07 62.48 -13.49
C TRP A 1102 40.72 63.06 -13.10
N PHE A 1103 39.75 62.17 -12.86
CA PHE A 1103 38.45 62.51 -12.30
C PHE A 1103 38.10 61.50 -11.21
N VAL A 1104 37.03 61.82 -10.49
CA VAL A 1104 36.35 60.87 -9.60
C VAL A 1104 34.95 60.65 -10.15
N THR A 1105 34.50 59.40 -10.13
CA THR A 1105 33.22 59.06 -10.75
C THR A 1105 32.58 57.90 -10.02
N GLN A 1106 31.33 57.64 -10.38
CA GLN A 1106 30.56 56.56 -9.76
C GLN A 1106 31.03 55.22 -10.27
N ARG A 1107 30.76 54.17 -9.47
CA ARG A 1107 31.13 52.82 -9.87
C ARG A 1107 30.26 52.32 -11.02
N ASN A 1108 29.00 52.75 -11.06
CA ASN A 1108 28.01 52.16 -11.96
C ASN A 1108 27.71 53.03 -13.17
N PHE A 1109 28.27 54.24 -13.25
CA PHE A 1109 28.04 55.11 -14.39
C PHE A 1109 29.24 56.04 -14.53
N TYR A 1110 29.66 56.28 -15.78
CA TYR A 1110 30.80 57.14 -16.05
C TYR A 1110 30.30 58.58 -16.13
N GLU A 1111 30.32 59.26 -14.99
CA GLU A 1111 30.00 60.69 -14.90
C GLU A 1111 31.21 61.37 -14.28
N PRO A 1112 32.19 61.74 -15.10
CA PRO A 1112 33.43 62.29 -14.56
C PRO A 1112 33.22 63.69 -14.00
N GLN A 1113 33.60 63.87 -12.74
CA GLN A 1113 33.57 65.17 -12.07
C GLN A 1113 35.00 65.52 -11.68
N ILE A 1114 35.34 66.81 -11.78
CA ILE A 1114 36.66 67.27 -11.38
C ILE A 1114 36.83 67.08 -9.89
N ILE A 1115 38.05 66.72 -9.47
CA ILE A 1115 38.29 66.43 -8.07
C ILE A 1115 38.30 67.72 -7.25
N THR A 1116 37.52 67.74 -6.18
CA THR A 1116 37.38 68.91 -5.34
C THR A 1116 37.54 68.50 -3.88
N THR A 1117 37.74 69.49 -3.02
CA THR A 1117 37.81 69.22 -1.58
C THR A 1117 36.45 68.79 -1.04
N ASP A 1118 35.37 69.09 -1.76
CA ASP A 1118 34.07 68.52 -1.41
C ASP A 1118 33.99 67.06 -1.82
N ASN A 1119 34.66 66.69 -2.91
CA ASN A 1119 34.57 65.32 -3.42
C ASN A 1119 35.40 64.35 -2.59
N THR A 1120 36.55 64.80 -2.08
CA THR A 1120 37.49 63.94 -1.39
C THR A 1120 37.71 64.43 0.03
N PHE A 1121 38.08 63.52 0.93
CA PHE A 1121 38.42 63.91 2.29
C PHE A 1121 39.90 63.67 2.55
N VAL A 1122 40.41 64.37 3.57
CA VAL A 1122 41.84 64.43 3.86
C VAL A 1122 42.13 63.57 5.07
N SER A 1123 43.05 62.62 4.92
CA SER A 1123 43.49 61.77 6.01
C SER A 1123 44.84 61.16 5.67
N GLY A 1124 45.65 60.91 6.70
CA GLY A 1124 46.90 60.21 6.52
C GLY A 1124 47.97 61.04 5.80
N ASN A 1125 48.97 60.31 5.31
CA ASN A 1125 50.09 60.88 4.59
C ASN A 1125 50.33 60.07 3.33
N CYS A 1126 51.07 60.65 2.39
CA CYS A 1126 51.26 60.02 1.08
C CYS A 1126 52.19 58.80 1.16
N ASP A 1127 52.97 58.68 2.23
CA ASP A 1127 53.98 57.63 2.28
C ASP A 1127 53.38 56.26 2.57
N VAL A 1128 52.38 56.21 3.46
CA VAL A 1128 51.90 54.92 3.96
C VAL A 1128 50.97 54.26 2.94
N VAL A 1129 50.34 55.06 2.07
CA VAL A 1129 49.44 54.50 1.07
C VAL A 1129 50.24 53.93 -0.09
N ILE A 1130 49.77 52.80 -0.62
CA ILE A 1130 50.44 52.09 -1.70
C ILE A 1130 49.66 52.32 -3.00
N GLY A 1131 50.35 52.76 -4.03
CA GLY A 1131 49.72 52.98 -5.33
C GLY A 1131 49.23 54.38 -5.57
N ILE A 1132 49.62 55.35 -4.74
CA ILE A 1132 49.14 56.72 -4.91
C ILE A 1132 49.87 57.37 -6.08
N VAL A 1133 49.16 58.23 -6.81
CA VAL A 1133 49.70 58.93 -7.97
C VAL A 1133 49.75 60.41 -7.66
N ASN A 1134 50.59 61.14 -8.39
CA ASN A 1134 50.67 62.59 -8.19
C ASN A 1134 49.69 63.31 -9.12
N ASN A 1135 48.90 64.19 -8.53
CA ASN A 1135 47.92 64.99 -9.25
C ASN A 1135 47.63 66.22 -8.40
N THR A 1136 46.63 67.01 -8.81
CA THR A 1136 46.24 68.20 -8.09
C THR A 1136 44.79 68.10 -7.65
N VAL A 1137 44.45 68.85 -6.61
CA VAL A 1137 43.10 68.89 -6.08
C VAL A 1137 42.64 70.35 -6.15
N TYR A 1138 41.71 70.62 -7.06
CA TYR A 1138 41.11 71.94 -7.16
C TYR A 1138 40.19 72.18 -5.95
N ASP A 1139 40.09 73.45 -5.55
CA ASP A 1139 39.20 73.80 -4.45
C ASP A 1139 38.27 74.93 -4.87
N PRO A 1140 37.00 74.88 -4.48
CA PRO A 1140 36.07 75.96 -4.85
C PRO A 1140 36.30 77.24 -4.08
N LEU A 1141 37.02 77.19 -2.96
CA LEU A 1141 37.19 78.38 -2.12
C LEU A 1141 38.19 79.36 -2.74
N GLN A 1142 39.12 78.86 -3.55
CA GLN A 1142 40.15 79.71 -4.13
C GLN A 1142 39.62 80.77 -5.10
N PRO A 1143 38.71 80.48 -6.05
CA PRO A 1143 38.19 81.59 -6.88
C PRO A 1143 37.36 82.61 -6.11
N GLU A 1144 36.78 82.23 -4.97
CA GLU A 1144 35.93 83.15 -4.23
C GLU A 1144 36.71 84.09 -3.33
N LEU A 1145 38.04 83.93 -3.26
CA LEU A 1145 38.86 84.84 -2.46
C LEU A 1145 38.83 86.25 -3.04
N ASP A 1146 38.89 86.36 -4.37
CA ASP A 1146 38.76 87.66 -5.03
C ASP A 1146 37.28 88.00 -5.20
N SER A 1147 36.99 89.30 -5.15
CA SER A 1147 35.64 89.86 -5.28
C SER A 1147 34.67 89.29 -4.24
N GLN B 1 -11.40 -40.95 -64.42
CA GLN B 1 -12.17 -39.90 -63.70
C GLN B 1 -13.60 -40.38 -63.49
N VAL B 2 -14.50 -40.06 -64.44
CA VAL B 2 -15.89 -40.58 -64.38
C VAL B 2 -15.95 -41.75 -65.35
N GLN B 3 -15.94 -42.98 -64.85
CA GLN B 3 -15.96 -44.18 -65.73
C GLN B 3 -17.27 -44.94 -65.54
N LEU B 4 -17.96 -45.24 -66.63
CA LEU B 4 -19.23 -45.99 -66.55
C LEU B 4 -18.95 -47.44 -66.91
N VAL B 5 -19.36 -48.37 -66.05
CA VAL B 5 -19.09 -49.82 -66.28
C VAL B 5 -20.40 -50.50 -66.65
N GLN B 6 -20.37 -51.45 -67.58
CA GLN B 6 -21.59 -52.11 -68.02
C GLN B 6 -21.58 -53.59 -67.61
N SER B 7 -22.70 -54.26 -67.88
CA SER B 7 -22.89 -55.64 -67.46
C SER B 7 -22.56 -56.66 -68.54
N GLY B 8 -22.19 -56.23 -69.74
CA GLY B 8 -21.91 -57.15 -70.82
C GLY B 8 -23.16 -57.57 -71.58
N ALA B 9 -22.96 -58.47 -72.53
CA ALA B 9 -24.03 -58.90 -73.41
C ALA B 9 -24.91 -59.97 -72.74
N GLU B 10 -26.21 -59.94 -73.04
CA GLU B 10 -27.11 -60.98 -72.58
C GLU B 10 -28.02 -61.45 -73.71
N VAL B 11 -27.72 -62.61 -74.29
CA VAL B 11 -28.61 -63.17 -75.31
C VAL B 11 -29.83 -63.76 -74.62
N LYS B 12 -31.00 -63.56 -75.22
CA LYS B 12 -32.26 -63.92 -74.60
C LYS B 12 -33.13 -64.65 -75.62
N LYS B 13 -34.39 -64.88 -75.23
CA LYS B 13 -35.40 -65.49 -76.08
C LYS B 13 -36.57 -64.52 -76.20
N PRO B 14 -37.36 -64.61 -77.29
CA PRO B 14 -38.49 -63.68 -77.46
C PRO B 14 -39.54 -63.85 -76.37
N GLY B 15 -39.98 -62.73 -75.79
CA GLY B 15 -40.96 -62.71 -74.74
C GLY B 15 -40.39 -62.53 -73.35
N ALA B 16 -39.08 -62.63 -73.18
CA ALA B 16 -38.47 -62.58 -71.86
C ALA B 16 -38.12 -61.13 -71.50
N SER B 17 -37.40 -60.96 -70.39
CA SER B 17 -37.06 -59.65 -69.86
C SER B 17 -35.55 -59.54 -69.71
N VAL B 18 -35.04 -58.33 -69.97
CA VAL B 18 -33.60 -58.08 -69.97
C VAL B 18 -33.26 -57.13 -68.83
N LYS B 19 -32.23 -57.50 -68.05
CA LYS B 19 -31.77 -56.75 -66.89
C LYS B 19 -30.35 -56.25 -67.16
N VAL B 20 -30.13 -54.95 -67.05
CA VAL B 20 -28.85 -54.32 -67.37
C VAL B 20 -28.43 -53.45 -66.20
N SER B 21 -27.11 -53.27 -66.02
CA SER B 21 -26.56 -52.46 -64.96
C SER B 21 -25.58 -51.44 -65.53
N CYS B 22 -25.41 -50.35 -64.81
CA CYS B 22 -24.47 -49.29 -65.19
C CYS B 22 -23.79 -48.77 -63.93
N LYS B 23 -22.49 -49.04 -63.82
CA LYS B 23 -21.76 -48.68 -62.58
C LYS B 23 -20.90 -47.44 -62.81
N VAL B 24 -21.00 -46.48 -61.90
CA VAL B 24 -20.22 -45.25 -61.95
C VAL B 24 -19.01 -45.39 -61.04
N SER B 25 -18.00 -44.57 -61.27
CA SER B 25 -16.79 -44.56 -60.45
C SER B 25 -16.12 -43.20 -60.55
N GLY B 26 -15.55 -42.74 -59.44
CA GLY B 26 -14.90 -41.46 -59.37
C GLY B 26 -15.83 -40.29 -59.12
N TYR B 27 -17.13 -40.56 -59.26
CA TYR B 27 -18.19 -39.53 -59.08
C TYR B 27 -19.48 -40.28 -58.72
N THR B 28 -20.38 -39.72 -57.89
CA THR B 28 -21.60 -40.45 -57.43
C THR B 28 -22.84 -40.26 -58.34
N LEU B 29 -23.74 -41.24 -58.38
CA LEU B 29 -24.98 -41.22 -59.24
C LEU B 29 -26.01 -40.21 -58.73
N ILE B 30 -25.89 -39.80 -57.46
CA ILE B 30 -26.86 -38.82 -56.90
C ILE B 30 -26.53 -37.46 -57.51
N GLU B 31 -25.31 -37.33 -58.04
CA GLU B 31 -24.89 -36.03 -58.60
C GLU B 31 -24.93 -36.13 -60.13
N LEU B 32 -25.35 -37.29 -60.66
CA LEU B 32 -25.31 -37.46 -62.13
C LEU B 32 -26.69 -37.77 -62.72
N SER B 33 -27.07 -37.01 -63.75
CA SER B 33 -28.34 -37.30 -64.46
C SER B 33 -28.00 -38.33 -65.54
N MET B 34 -28.81 -39.37 -65.72
CA MET B 34 -28.41 -40.46 -66.66
C MET B 34 -29.40 -40.67 -67.81
N HIS B 35 -28.90 -40.78 -69.05
CA HIS B 35 -29.75 -41.07 -70.21
C HIS B 35 -29.41 -42.44 -70.76
N TRP B 36 -30.41 -43.12 -71.30
CA TRP B 36 -30.20 -44.45 -71.91
C TRP B 36 -30.24 -44.31 -73.42
N VAL B 37 -29.68 -45.28 -74.12
CA VAL B 37 -29.50 -45.22 -75.56
C VAL B 37 -29.77 -46.62 -76.15
N ARG B 38 -30.40 -46.63 -77.33
CA ARG B 38 -30.79 -47.86 -78.01
C ARG B 38 -30.11 -47.93 -79.38
N GLN B 39 -28.78 -47.80 -79.37
CA GLN B 39 -27.97 -47.84 -80.58
C GLN B 39 -28.18 -49.14 -81.34
N ALA B 40 -28.45 -49.03 -82.63
CA ALA B 40 -28.67 -50.16 -83.51
C ALA B 40 -27.96 -49.89 -84.83
N PRO B 41 -27.46 -50.92 -85.50
CA PRO B 41 -26.86 -50.73 -86.83
C PRO B 41 -27.93 -50.38 -87.87
N GLY B 42 -27.56 -49.50 -88.78
CA GLY B 42 -28.43 -49.12 -89.88
C GLY B 42 -29.50 -48.10 -89.55
N LYS B 43 -29.56 -47.63 -88.31
CA LYS B 43 -30.57 -46.65 -87.92
C LYS B 43 -29.97 -45.75 -86.86
N GLY B 44 -30.42 -44.50 -86.84
CA GLY B 44 -29.91 -43.54 -85.88
C GLY B 44 -30.37 -43.84 -84.46
N LEU B 45 -29.72 -43.16 -83.52
CA LEU B 45 -30.01 -43.37 -82.11
C LEU B 45 -31.37 -42.80 -81.75
N GLU B 46 -32.01 -43.39 -80.73
CA GLU B 46 -33.26 -42.89 -80.20
C GLU B 46 -33.18 -42.78 -78.68
N TRP B 47 -33.90 -41.80 -78.13
CA TRP B 47 -33.81 -41.46 -76.72
C TRP B 47 -34.89 -42.23 -75.96
N MET B 48 -34.48 -43.38 -75.44
CA MET B 48 -35.39 -44.18 -74.58
C MET B 48 -34.73 -44.30 -73.21
N GLY B 49 -35.08 -43.42 -72.27
CA GLY B 49 -34.58 -43.58 -70.90
C GLY B 49 -33.73 -42.43 -70.42
N GLY B 50 -34.30 -41.49 -69.65
CA GLY B 50 -33.41 -40.44 -69.11
C GLY B 50 -33.86 -39.90 -67.78
N PHE B 51 -32.94 -39.40 -66.95
CA PHE B 51 -33.37 -38.72 -65.70
C PHE B 51 -33.27 -37.21 -65.91
N ASP B 52 -34.41 -36.55 -66.06
CA ASP B 52 -34.42 -35.08 -66.27
C ASP B 52 -33.82 -34.41 -65.05
N PRO B 53 -32.77 -33.57 -65.18
CA PRO B 53 -32.29 -32.81 -64.04
C PRO B 53 -33.38 -31.78 -63.67
N GLU B 54 -34.01 -31.18 -64.67
CA GLU B 54 -35.05 -30.14 -64.42
C GLU B 54 -36.22 -30.78 -63.68
N ASP B 55 -36.65 -31.97 -64.11
CA ASP B 55 -37.84 -32.57 -63.47
C ASP B 55 -37.34 -33.73 -62.62
N ALA B 56 -37.73 -33.82 -61.36
CA ALA B 56 -37.15 -34.90 -60.53
C ALA B 56 -37.88 -36.17 -60.93
N GLU B 57 -37.71 -36.59 -62.18
CA GLU B 57 -38.43 -37.76 -62.72
C GLU B 57 -37.54 -38.45 -63.74
N THR B 58 -38.03 -39.53 -64.36
CA THR B 58 -37.26 -40.28 -65.39
C THR B 58 -38.23 -40.61 -66.51
N ILE B 59 -38.38 -39.73 -67.52
CA ILE B 59 -39.44 -40.03 -68.52
C ILE B 59 -38.85 -40.57 -69.82
N TYR B 60 -39.70 -41.17 -70.64
CA TYR B 60 -39.25 -41.75 -71.93
C TYR B 60 -40.17 -41.26 -73.05
N ALA B 61 -39.77 -41.53 -74.31
CA ALA B 61 -40.57 -41.09 -75.47
C ALA B 61 -41.89 -41.85 -75.50
N GLN B 62 -42.89 -41.30 -76.19
CA GLN B 62 -44.24 -41.92 -76.20
C GLN B 62 -44.18 -43.34 -76.77
N LYS B 63 -43.33 -43.57 -77.77
CA LYS B 63 -43.28 -44.90 -78.42
C LYS B 63 -42.92 -45.96 -77.38
N PHE B 64 -42.01 -45.63 -76.47
CA PHE B 64 -41.55 -46.67 -75.52
C PHE B 64 -42.05 -46.39 -74.10
N GLN B 65 -43.33 -46.64 -73.81
CA GLN B 65 -43.77 -46.52 -72.43
C GLN B 65 -44.51 -47.79 -72.02
N GLY B 66 -44.34 -48.17 -70.75
CA GLY B 66 -44.91 -49.38 -70.22
C GLY B 66 -44.12 -50.64 -70.54
N ARG B 67 -43.55 -50.72 -71.73
CA ARG B 67 -42.69 -51.81 -72.15
C ARG B 67 -41.36 -51.83 -71.40
N VAL B 68 -40.97 -50.69 -70.82
CA VAL B 68 -39.69 -50.54 -70.15
C VAL B 68 -39.86 -49.65 -68.93
N THR B 69 -39.15 -49.98 -67.85
CA THR B 69 -39.21 -49.24 -66.59
C THR B 69 -37.82 -48.97 -66.06
N MET B 70 -37.73 -48.08 -65.07
CA MET B 70 -36.40 -47.67 -64.52
C MET B 70 -36.37 -47.77 -62.99
N THR B 71 -35.46 -48.56 -62.43
CA THR B 71 -35.25 -48.69 -61.00
C THR B 71 -33.81 -48.28 -60.69
N GLU B 72 -33.64 -47.44 -59.65
CA GLU B 72 -32.29 -46.90 -59.34
C GLU B 72 -31.85 -47.21 -57.92
N ASP B 73 -30.68 -47.82 -57.75
CA ASP B 73 -30.09 -48.16 -56.45
C ASP B 73 -28.92 -47.22 -56.21
N THR B 74 -29.10 -46.29 -55.26
CA THR B 74 -28.07 -45.31 -54.97
C THR B 74 -27.05 -45.80 -53.95
N SER B 75 -27.29 -46.94 -53.29
CA SER B 75 -26.34 -47.44 -52.31
C SER B 75 -25.10 -48.03 -52.97
N THR B 76 -25.29 -48.84 -54.01
CA THR B 76 -24.18 -49.48 -54.71
C THR B 76 -23.73 -48.69 -55.93
N ASP B 77 -24.34 -47.51 -56.18
CA ASP B 77 -24.05 -46.66 -57.34
C ASP B 77 -24.24 -47.42 -58.65
N THR B 78 -25.34 -48.16 -58.72
CA THR B 78 -25.67 -48.99 -59.86
C THR B 78 -27.04 -48.62 -60.40
N ALA B 79 -27.12 -48.43 -61.71
CA ALA B 79 -28.34 -48.00 -62.39
C ALA B 79 -28.91 -49.16 -63.19
N TYR B 80 -30.22 -49.37 -63.05
CA TYR B 80 -30.85 -50.59 -63.53
C TYR B 80 -31.97 -50.27 -64.52
N MET B 81 -32.35 -51.30 -65.29
CA MET B 81 -33.47 -51.19 -66.23
C MET B 81 -34.17 -52.54 -66.36
N GLU B 82 -35.49 -52.52 -66.27
CA GLU B 82 -36.35 -53.65 -66.61
C GLU B 82 -37.00 -53.39 -67.96
N LEU B 83 -36.75 -54.28 -68.91
CA LEU B 83 -37.57 -54.35 -70.10
C LEU B 83 -38.61 -55.47 -69.92
N SER B 84 -39.67 -55.42 -70.72
CA SER B 84 -40.72 -56.42 -70.59
C SER B 84 -41.38 -56.67 -71.94
N SER B 85 -41.73 -57.94 -72.18
CA SER B 85 -42.44 -58.39 -73.38
C SER B 85 -41.68 -58.07 -74.66
N LEU B 86 -40.44 -58.57 -74.76
CA LEU B 86 -39.61 -58.33 -75.94
C LEU B 86 -39.65 -59.58 -76.82
N ARG B 87 -40.34 -59.47 -77.96
CA ARG B 87 -40.50 -60.59 -78.89
C ARG B 87 -39.80 -60.25 -80.20
N SER B 88 -38.52 -60.61 -80.28
CA SER B 88 -37.71 -60.54 -81.51
C SER B 88 -37.65 -59.15 -82.11
N GLU B 89 -37.52 -58.13 -81.26
CA GLU B 89 -37.44 -56.76 -81.76
C GLU B 89 -36.32 -56.00 -81.04
N ASP B 90 -35.58 -56.65 -80.14
CA ASP B 90 -34.64 -55.99 -79.26
C ASP B 90 -33.21 -56.08 -79.82
N THR B 91 -33.07 -56.26 -81.12
CA THR B 91 -31.75 -56.38 -81.73
C THR B 91 -31.06 -55.03 -81.76
N ALA B 92 -30.40 -54.68 -80.66
CA ALA B 92 -29.75 -53.38 -80.52
C ALA B 92 -28.69 -53.41 -79.43
N VAL B 93 -27.90 -52.34 -79.34
CA VAL B 93 -26.85 -52.20 -78.34
C VAL B 93 -27.20 -51.03 -77.44
N TYR B 94 -27.08 -51.24 -76.12
CA TYR B 94 -27.58 -50.31 -75.12
C TYR B 94 -26.42 -49.56 -74.48
N TYR B 95 -26.26 -48.29 -74.83
CA TYR B 95 -25.25 -47.45 -74.19
C TYR B 95 -25.84 -46.74 -72.97
N CYS B 96 -25.05 -46.69 -71.89
CA CYS B 96 -25.42 -45.97 -70.68
C CYS B 96 -24.75 -44.60 -70.74
N ALA B 97 -25.56 -43.55 -70.87
CA ALA B 97 -25.06 -42.19 -70.96
C ALA B 97 -25.39 -41.40 -69.70
N THR B 98 -24.57 -40.39 -69.42
CA THR B 98 -24.83 -39.52 -68.29
C THR B 98 -24.21 -38.15 -68.55
N GLY B 99 -24.71 -37.16 -67.82
CA GLY B 99 -24.22 -35.79 -67.90
C GLY B 99 -24.31 -35.11 -66.56
N ILE B 100 -23.97 -33.83 -66.50
CA ILE B 100 -24.00 -33.08 -65.25
C ILE B 100 -25.43 -32.82 -64.84
N ALA B 101 -25.68 -32.83 -63.53
CA ALA B 101 -26.97 -32.38 -63.01
C ALA B 101 -27.21 -30.91 -63.34
N VAL B 102 -26.40 -30.04 -62.72
CA VAL B 102 -26.51 -28.58 -63.00
C VAL B 102 -25.10 -28.02 -63.14
N ILE B 103 -24.80 -27.42 -64.29
CA ILE B 103 -23.42 -26.90 -64.52
C ILE B 103 -23.25 -25.62 -63.69
N GLY B 104 -22.00 -25.20 -63.47
CA GLY B 104 -21.73 -23.95 -62.72
C GLY B 104 -21.40 -24.20 -61.26
N PRO B 105 -21.03 -23.13 -60.49
CA PRO B 105 -20.66 -23.24 -59.09
C PRO B 105 -21.89 -23.54 -58.21
N PRO B 106 -21.74 -23.88 -56.90
CA PRO B 106 -22.88 -24.26 -56.05
C PRO B 106 -24.03 -23.25 -55.95
N PRO B 107 -23.83 -21.91 -55.92
CA PRO B 107 -24.97 -20.98 -55.93
C PRO B 107 -25.78 -21.20 -57.20
N SER B 108 -25.12 -21.48 -58.34
CA SER B 108 -25.80 -21.63 -59.66
C SER B 108 -26.66 -22.89 -59.70
N THR B 109 -27.95 -22.75 -60.03
CA THR B 109 -28.85 -23.92 -60.17
C THR B 109 -29.18 -24.12 -61.66
N TYR B 110 -28.37 -23.54 -62.56
CA TYR B 110 -28.67 -23.59 -64.03
C TYR B 110 -28.66 -25.05 -64.52
N TYR B 111 -29.66 -25.43 -65.31
CA TYR B 111 -29.83 -26.85 -65.75
C TYR B 111 -28.85 -27.26 -66.84
N TYR B 112 -28.55 -28.58 -66.94
CA TYR B 112 -27.69 -29.09 -68.04
C TYR B 112 -28.50 -30.03 -68.93
N TYR B 113 -28.47 -29.83 -70.26
CA TYR B 113 -29.24 -30.60 -71.24
C TYR B 113 -28.32 -31.56 -72.01
N GLY B 114 -27.49 -32.31 -71.29
CA GLY B 114 -26.47 -33.10 -71.96
C GLY B 114 -26.43 -34.55 -71.53
N MET B 115 -25.78 -35.35 -72.39
CA MET B 115 -25.58 -36.76 -72.14
C MET B 115 -24.09 -37.13 -72.24
N ASP B 116 -23.24 -36.33 -71.60
CA ASP B 116 -21.79 -36.17 -71.82
C ASP B 116 -21.05 -37.51 -71.72
N VAL B 117 -21.19 -38.26 -70.63
CA VAL B 117 -20.29 -39.40 -70.42
C VAL B 117 -21.00 -40.70 -70.76
N TRP B 118 -20.32 -41.54 -71.54
CA TRP B 118 -20.86 -42.79 -72.04
C TRP B 118 -20.06 -43.96 -71.50
N GLY B 119 -20.66 -45.16 -71.57
CA GLY B 119 -19.96 -46.39 -71.28
C GLY B 119 -19.64 -47.17 -72.54
N GLN B 120 -19.13 -48.39 -72.34
CA GLN B 120 -18.83 -49.25 -73.48
C GLN B 120 -20.09 -49.91 -74.03
N GLY B 121 -21.15 -49.93 -73.23
CA GLY B 121 -22.43 -50.45 -73.68
C GLY B 121 -22.56 -51.95 -73.54
N THR B 122 -23.78 -52.41 -73.80
CA THR B 122 -24.14 -53.82 -73.70
C THR B 122 -24.79 -54.24 -75.00
N THR B 123 -24.27 -55.32 -75.61
CA THR B 123 -24.78 -55.77 -76.90
C THR B 123 -25.79 -56.89 -76.73
N VAL B 124 -27.01 -56.55 -76.32
CA VAL B 124 -28.07 -57.54 -76.15
C VAL B 124 -28.59 -57.97 -77.52
N THR B 125 -29.07 -59.21 -77.60
CA THR B 125 -29.58 -59.75 -78.86
C THR B 125 -30.65 -60.79 -78.54
N VAL B 126 -31.79 -60.69 -79.19
CA VAL B 126 -32.87 -61.66 -79.02
C VAL B 126 -33.04 -62.45 -80.31
N SER B 127 -32.99 -63.77 -80.20
CA SER B 127 -33.15 -64.65 -81.35
C SER B 127 -34.53 -65.31 -81.34
N GLN C 1 -40.21 -38.80 -80.31
CA GLN C 1 -40.93 -39.81 -81.14
C GLN C 1 -40.58 -39.58 -82.62
N SER C 2 -40.41 -38.32 -83.03
CA SER C 2 -40.03 -38.02 -84.41
C SER C 2 -38.54 -38.21 -84.62
N ALA C 3 -38.05 -37.82 -85.80
CA ALA C 3 -36.63 -37.89 -86.10
C ALA C 3 -36.23 -36.62 -86.84
N LEU C 4 -34.97 -36.24 -86.69
CA LEU C 4 -34.43 -35.02 -87.28
C LEU C 4 -33.74 -35.35 -88.60
N THR C 5 -33.83 -34.43 -89.56
CA THR C 5 -33.33 -34.66 -90.91
C THR C 5 -31.84 -34.37 -90.96
N GLN C 6 -31.06 -35.33 -91.43
CA GLN C 6 -29.62 -35.20 -91.61
C GLN C 6 -29.23 -35.75 -92.97
N PRO C 7 -28.46 -35.02 -93.78
CA PRO C 7 -28.04 -35.55 -95.09
C PRO C 7 -26.96 -36.61 -94.93
N ALA C 8 -27.35 -37.87 -95.13
CA ALA C 8 -26.48 -39.00 -94.81
C ALA C 8 -25.34 -39.16 -95.80
N SER C 9 -25.43 -38.54 -96.98
CA SER C 9 -24.41 -38.67 -98.01
C SER C 9 -23.61 -37.38 -98.09
N VAL C 10 -22.51 -37.30 -97.34
CA VAL C 10 -21.60 -36.17 -97.38
C VAL C 10 -20.17 -36.67 -97.48
N SER C 11 -19.31 -35.85 -98.07
CA SER C 11 -17.90 -36.15 -98.27
C SER C 11 -17.17 -34.86 -98.58
N GLY C 12 -15.84 -34.95 -98.65
CA GLY C 12 -15.02 -33.81 -99.01
C GLY C 12 -13.53 -34.08 -98.94
N SER C 13 -12.73 -33.16 -99.45
CA SER C 13 -11.28 -33.24 -99.43
C SER C 13 -10.73 -32.76 -98.10
N PRO C 14 -9.56 -33.24 -97.69
CA PRO C 14 -8.92 -32.72 -96.48
C PRO C 14 -8.54 -31.25 -96.64
N GLY C 15 -8.58 -30.54 -95.50
CA GLY C 15 -8.30 -29.12 -95.49
C GLY C 15 -9.34 -28.30 -96.22
N GLN C 16 -10.61 -28.72 -96.14
CA GLN C 16 -11.70 -28.06 -96.82
C GLN C 16 -12.89 -28.02 -95.88
N SER C 17 -13.71 -26.98 -96.01
CA SER C 17 -14.79 -26.70 -95.08
C SER C 17 -16.08 -27.38 -95.52
N ILE C 18 -16.68 -28.13 -94.60
CA ILE C 18 -17.95 -28.81 -94.82
C ILE C 18 -18.92 -28.40 -93.72
N THR C 19 -20.13 -28.00 -94.12
CA THR C 19 -21.17 -27.66 -93.16
C THR C 19 -22.19 -28.79 -93.11
N ILE C 20 -22.34 -29.40 -91.94
CA ILE C 20 -23.30 -30.49 -91.76
C ILE C 20 -24.56 -29.93 -91.13
N SER C 21 -25.70 -30.17 -91.78
CA SER C 21 -26.94 -29.51 -91.43
C SER C 21 -27.89 -30.46 -90.69
N CYS C 22 -28.59 -29.90 -89.71
CA CYS C 22 -29.65 -30.59 -88.97
C CYS C 22 -30.88 -29.70 -88.97
N THR C 23 -32.01 -30.25 -89.41
CA THR C 23 -33.24 -29.47 -89.54
C THR C 23 -34.39 -30.23 -88.90
N GLY C 24 -35.15 -29.52 -88.06
CA GLY C 24 -36.22 -30.21 -87.32
C GLY C 24 -37.47 -29.37 -87.11
N THR C 25 -38.45 -29.90 -86.38
CA THR C 25 -39.75 -29.20 -86.19
C THR C 25 -39.66 -28.18 -85.06
N SER C 26 -40.61 -27.25 -85.02
CA SER C 26 -40.66 -26.25 -83.92
C SER C 26 -40.93 -26.96 -82.59
N SER C 27 -41.67 -28.07 -82.65
CA SER C 27 -42.01 -28.80 -81.40
C SER C 27 -40.73 -29.25 -80.72
N ASP C 28 -39.75 -29.72 -81.50
CA ASP C 28 -38.50 -30.27 -80.90
C ASP C 28 -37.36 -29.25 -81.02
N VAL C 29 -36.77 -29.13 -82.21
CA VAL C 29 -35.59 -28.22 -82.40
C VAL C 29 -36.06 -26.81 -82.11
N GLY C 30 -37.27 -26.45 -82.54
CA GLY C 30 -37.76 -25.06 -82.38
C GLY C 30 -37.86 -24.61 -80.94
N GLY C 31 -38.21 -25.52 -80.02
CA GLY C 31 -38.44 -25.12 -78.62
C GLY C 31 -37.23 -24.51 -77.93
N TYR C 32 -36.02 -25.05 -78.15
CA TYR C 32 -34.85 -24.55 -77.38
C TYR C 32 -33.62 -24.43 -78.30
N ASN C 33 -32.50 -23.93 -77.76
CA ASN C 33 -31.24 -23.81 -78.55
C ASN C 33 -30.30 -24.93 -78.13
N TYR C 34 -30.82 -25.93 -77.43
CA TYR C 34 -29.96 -27.01 -76.89
C TYR C 34 -29.84 -28.20 -77.84
N VAL C 35 -29.07 -28.03 -78.92
CA VAL C 35 -28.81 -29.14 -79.88
C VAL C 35 -27.32 -29.43 -79.78
N SER C 36 -26.94 -30.69 -79.51
CA SER C 36 -25.51 -31.02 -79.31
C SER C 36 -25.10 -32.13 -80.29
N TRP C 37 -23.91 -32.02 -80.89
CA TRP C 37 -23.49 -33.03 -81.89
C TRP C 37 -22.55 -34.08 -81.27
N TYR C 38 -22.03 -35.02 -82.07
CA TYR C 38 -21.21 -36.10 -81.49
C TYR C 38 -20.09 -36.48 -82.44
N GLN C 39 -19.37 -37.55 -82.13
CA GLN C 39 -18.23 -38.00 -82.97
C GLN C 39 -18.03 -39.47 -82.66
N GLN C 40 -18.95 -40.31 -83.12
CA GLN C 40 -18.85 -41.74 -82.74
C GLN C 40 -18.08 -42.50 -83.80
N HIS C 41 -16.89 -43.01 -83.45
CA HIS C 41 -16.16 -43.87 -84.40
C HIS C 41 -16.89 -45.22 -84.40
N PRO C 42 -16.82 -46.02 -85.47
CA PRO C 42 -17.60 -47.25 -85.50
C PRO C 42 -17.21 -48.12 -84.30
N GLY C 43 -18.21 -48.68 -83.60
CA GLY C 43 -17.95 -49.54 -82.44
C GLY C 43 -17.18 -48.82 -81.35
N LYS C 44 -17.45 -47.53 -81.15
CA LYS C 44 -16.77 -46.76 -80.08
C LYS C 44 -17.80 -45.90 -79.35
N ALA C 45 -17.53 -45.54 -78.09
CA ALA C 45 -18.44 -44.64 -77.35
C ALA C 45 -18.40 -43.25 -78.01
N PRO C 46 -19.55 -42.57 -78.18
CA PRO C 46 -19.58 -41.24 -78.82
C PRO C 46 -18.92 -40.18 -77.93
N LYS C 47 -18.38 -39.12 -78.54
CA LYS C 47 -17.79 -38.01 -77.76
C LYS C 47 -18.63 -36.76 -77.98
N LEU C 48 -18.64 -35.85 -77.00
CA LEU C 48 -19.39 -34.62 -77.17
C LEU C 48 -18.47 -33.51 -77.68
N MET C 49 -18.82 -32.92 -78.82
CA MET C 49 -17.99 -31.90 -79.46
C MET C 49 -18.51 -30.48 -79.23
N ILE C 50 -19.82 -30.24 -79.37
CA ILE C 50 -20.39 -28.93 -79.06
C ILE C 50 -21.65 -29.11 -78.23
N TYR C 51 -21.91 -28.14 -77.35
CA TYR C 51 -23.12 -28.19 -76.51
C TYR C 51 -23.86 -26.86 -76.58
N ASP C 52 -25.17 -26.88 -76.39
CA ASP C 52 -25.99 -25.63 -76.43
C ASP C 52 -25.72 -24.90 -77.75
N VAL C 53 -25.75 -25.60 -78.88
CA VAL C 53 -25.52 -25.01 -80.23
C VAL C 53 -24.04 -24.75 -80.52
N SER C 54 -23.32 -23.94 -79.73
CA SER C 54 -21.93 -23.61 -80.13
C SER C 54 -20.91 -23.86 -79.02
N LYS C 55 -21.29 -23.68 -77.76
CA LYS C 55 -20.30 -23.80 -76.65
C LYS C 55 -19.59 -25.15 -76.75
N ARG C 56 -18.27 -25.14 -77.04
CA ARG C 56 -17.51 -26.42 -77.20
C ARG C 56 -16.70 -26.72 -75.92
N PRO C 57 -16.73 -27.97 -75.39
CA PRO C 57 -16.02 -28.32 -74.14
C PRO C 57 -14.49 -28.27 -74.22
N SER C 58 -13.80 -28.33 -73.07
CA SER C 58 -12.35 -28.38 -73.12
C SER C 58 -11.89 -29.74 -73.61
N GLY C 59 -10.86 -29.74 -74.45
CA GLY C 59 -10.34 -30.96 -75.04
C GLY C 59 -10.68 -31.17 -76.49
N VAL C 60 -11.39 -30.24 -77.12
CA VAL C 60 -11.70 -30.29 -78.54
C VAL C 60 -10.87 -29.19 -79.23
N SER C 61 -10.48 -29.44 -80.48
CA SER C 61 -9.66 -28.48 -81.21
C SER C 61 -10.50 -27.32 -81.71
N ASN C 62 -9.83 -26.30 -82.25
CA ASN C 62 -10.50 -25.14 -82.82
C ASN C 62 -11.22 -25.46 -84.13
N ARG C 63 -11.00 -26.64 -84.69
CA ARG C 63 -11.52 -26.99 -86.01
C ARG C 63 -13.03 -27.25 -86.02
N PHE C 64 -13.65 -27.49 -84.87
CA PHE C 64 -15.07 -27.81 -84.78
C PHE C 64 -15.83 -26.61 -84.26
N SER C 65 -16.91 -26.25 -84.97
CA SER C 65 -17.77 -25.14 -84.58
C SER C 65 -19.18 -25.40 -85.07
N GLY C 66 -20.15 -24.68 -84.50
CA GLY C 66 -21.55 -24.86 -84.92
C GLY C 66 -22.39 -23.61 -84.68
N SER C 67 -23.45 -23.45 -85.46
CA SER C 67 -24.39 -22.31 -85.23
C SER C 67 -25.83 -22.71 -85.58
N LYS C 68 -26.82 -22.26 -84.81
CA LYS C 68 -28.24 -22.51 -85.16
C LYS C 68 -28.98 -21.18 -85.18
N SER C 69 -29.60 -20.85 -86.30
CA SER C 69 -30.40 -19.60 -86.41
C SER C 69 -31.74 -20.01 -87.02
N GLY C 70 -32.84 -19.32 -86.69
CA GLY C 70 -34.13 -19.82 -87.19
C GLY C 70 -34.33 -21.24 -86.66
N ASN C 71 -34.55 -22.22 -87.53
CA ASN C 71 -34.83 -23.60 -87.06
C ASN C 71 -33.66 -24.51 -87.40
N THR C 72 -33.13 -24.42 -88.62
CA THR C 72 -32.11 -25.37 -89.04
C THR C 72 -30.81 -25.13 -88.29
N ALA C 73 -30.21 -26.21 -87.81
CA ALA C 73 -28.95 -26.18 -87.08
C ALA C 73 -27.84 -26.72 -87.96
N SER C 74 -26.64 -26.18 -87.78
CA SER C 74 -25.52 -26.53 -88.64
C SER C 74 -24.30 -26.88 -87.80
N LEU C 75 -23.55 -27.88 -88.23
CA LEU C 75 -22.23 -28.19 -87.69
C LEU C 75 -21.22 -27.90 -88.78
N THR C 76 -20.24 -27.05 -88.47
CA THR C 76 -19.22 -26.64 -89.43
C THR C 76 -17.90 -27.34 -89.11
N ILE C 77 -17.34 -28.03 -90.10
CA ILE C 77 -16.07 -28.73 -89.97
C ILE C 77 -15.05 -28.03 -90.86
N SER C 78 -13.95 -27.59 -90.27
CA SER C 78 -12.87 -26.94 -91.00
C SER C 78 -11.56 -27.64 -90.68
N GLY C 79 -10.60 -27.51 -91.60
CA GLY C 79 -9.31 -28.16 -91.41
C GLY C 79 -9.39 -29.67 -91.34
N LEU C 80 -10.12 -30.27 -92.29
CA LEU C 80 -10.48 -31.69 -92.19
C LEU C 80 -9.25 -32.59 -92.34
N GLN C 81 -9.24 -33.66 -91.54
CA GLN C 81 -8.18 -34.65 -91.58
C GLN C 81 -8.81 -36.02 -91.82
N ALA C 82 -7.96 -37.04 -91.92
CA ALA C 82 -8.39 -38.39 -92.24
C ALA C 82 -8.99 -39.14 -91.07
N GLU C 83 -8.88 -38.61 -89.85
CA GLU C 83 -9.43 -39.31 -88.69
C GLU C 83 -10.85 -38.84 -88.36
N ASP C 84 -11.34 -37.81 -89.05
CA ASP C 84 -12.65 -37.25 -88.75
C ASP C 84 -13.77 -37.85 -89.58
N GLU C 85 -13.49 -38.82 -90.44
CA GLU C 85 -14.53 -39.49 -91.22
C GLU C 85 -15.28 -40.45 -90.30
N ALA C 86 -16.48 -40.05 -89.88
CA ALA C 86 -17.24 -40.79 -88.89
C ALA C 86 -18.72 -40.49 -89.06
N ASP C 87 -19.53 -41.08 -88.21
CA ASP C 87 -20.97 -40.91 -88.28
C ASP C 87 -21.42 -39.92 -87.20
N TYR C 88 -22.12 -38.86 -87.61
CA TYR C 88 -22.44 -37.75 -86.71
C TYR C 88 -23.93 -37.63 -86.50
N TYR C 89 -24.33 -37.22 -85.30
CA TYR C 89 -25.72 -37.04 -84.93
C TYR C 89 -25.94 -35.66 -84.33
N CYS C 90 -27.15 -35.12 -84.52
CA CYS C 90 -27.61 -33.93 -83.82
C CYS C 90 -28.70 -34.32 -82.83
N SER C 91 -28.71 -33.63 -81.68
CA SER C 91 -29.61 -34.03 -80.60
C SER C 91 -30.17 -32.78 -79.93
N SER C 92 -31.49 -32.66 -79.94
CA SER C 92 -32.16 -31.45 -79.47
C SER C 92 -33.24 -31.80 -78.45
N TYR C 93 -33.32 -30.98 -77.40
CA TYR C 93 -34.34 -31.11 -76.37
C TYR C 93 -35.66 -30.51 -76.88
N THR C 94 -36.77 -31.20 -76.57
CA THR C 94 -38.07 -30.79 -77.06
C THR C 94 -38.95 -30.37 -75.90
N SER C 95 -40.13 -29.82 -76.24
CA SER C 95 -41.09 -29.40 -75.23
C SER C 95 -41.68 -30.57 -74.47
N SER C 96 -41.63 -31.77 -75.04
CA SER C 96 -42.06 -32.99 -74.37
C SER C 96 -40.97 -33.59 -73.49
N SER C 97 -39.94 -32.81 -73.14
CA SER C 97 -38.85 -33.21 -72.26
C SER C 97 -38.10 -34.44 -72.80
N THR C 98 -37.81 -34.43 -74.10
CA THR C 98 -37.15 -35.53 -74.77
C THR C 98 -36.02 -34.99 -75.63
N TYR C 99 -34.89 -35.71 -75.65
CA TYR C 99 -33.72 -35.32 -76.43
C TYR C 99 -33.69 -36.16 -77.71
N VAL C 100 -34.45 -35.72 -78.72
CA VAL C 100 -34.56 -36.47 -79.96
C VAL C 100 -33.28 -36.33 -80.78
N PHE C 101 -32.93 -37.38 -81.51
CA PHE C 101 -31.76 -37.38 -82.38
C PHE C 101 -32.16 -37.32 -83.85
N GLY C 102 -31.14 -37.27 -84.70
CA GLY C 102 -31.37 -37.29 -86.14
C GLY C 102 -30.97 -38.62 -86.77
N THR C 103 -31.24 -38.73 -88.08
CA THR C 103 -30.96 -40.00 -88.80
C THR C 103 -29.45 -40.28 -88.74
N GLY C 104 -28.65 -39.23 -88.58
CA GLY C 104 -27.18 -39.38 -88.58
C GLY C 104 -26.57 -39.02 -89.92
N THR C 105 -25.30 -38.62 -89.92
CA THR C 105 -24.63 -38.20 -91.19
C THR C 105 -23.30 -38.95 -91.31
N LYS C 106 -23.03 -39.56 -92.47
CA LYS C 106 -21.75 -40.29 -92.69
C LYS C 106 -20.83 -39.49 -93.60
N VAL C 107 -19.72 -38.96 -93.07
CA VAL C 107 -18.73 -38.21 -93.82
C VAL C 107 -17.57 -39.14 -94.17
N THR C 108 -17.10 -39.03 -95.41
CA THR C 108 -16.00 -39.84 -95.91
C THR C 108 -14.93 -38.93 -96.48
N VAL C 109 -13.69 -39.14 -96.07
CA VAL C 109 -12.57 -38.32 -96.54
C VAL C 109 -12.28 -38.62 -98.01
N GLN D 14 28.70 -56.13 36.22
CA GLN D 14 30.04 -56.41 36.71
C GLN D 14 30.80 -55.12 36.96
N CYS D 15 30.06 -54.02 37.09
CA CYS D 15 30.67 -52.71 37.27
C CYS D 15 31.23 -52.59 38.69
N VAL D 16 32.36 -51.89 38.81
CA VAL D 16 33.08 -51.79 40.08
C VAL D 16 32.58 -50.54 40.81
N ASN D 17 32.22 -50.70 42.07
CA ASN D 17 31.78 -49.56 42.88
C ASN D 17 32.98 -48.68 43.22
N LEU D 18 32.93 -47.43 42.77
CA LEU D 18 33.98 -46.45 43.04
C LEU D 18 33.39 -45.35 43.90
N THR D 19 33.77 -45.33 45.18
CA THR D 19 33.22 -44.39 46.15
C THR D 19 34.34 -43.50 46.67
N THR D 20 34.55 -42.37 46.01
CA THR D 20 35.45 -41.33 46.50
C THR D 20 34.62 -40.40 47.38
N ARG D 21 34.72 -40.58 48.69
CA ARG D 21 33.80 -39.92 49.61
C ARG D 21 34.10 -38.43 49.73
N THR D 22 35.37 -38.06 49.80
CA THR D 22 35.74 -36.66 49.91
C THR D 22 35.52 -35.96 48.57
N GLN D 23 34.80 -34.84 48.60
CA GLN D 23 34.47 -34.10 47.39
C GLN D 23 34.76 -32.63 47.60
N LEU D 24 35.10 -31.95 46.50
CA LEU D 24 35.43 -30.54 46.51
C LEU D 24 34.16 -29.68 46.51
N PRO D 25 34.22 -28.49 47.09
CA PRO D 25 33.13 -27.52 46.89
C PRO D 25 33.09 -27.06 45.45
N PRO D 26 31.93 -26.63 44.94
CA PRO D 26 31.82 -26.30 43.52
C PRO D 26 32.62 -25.06 43.16
N ALA D 27 33.45 -25.20 42.13
CA ALA D 27 34.31 -24.12 41.64
C ALA D 27 33.72 -23.55 40.37
N TYR D 28 33.91 -22.26 40.16
CA TYR D 28 33.34 -21.56 39.02
C TYR D 28 34.45 -20.85 38.25
N THR D 29 34.23 -20.72 36.94
CA THR D 29 35.12 -19.95 36.08
C THR D 29 34.28 -19.18 35.08
N ASN D 30 34.86 -18.11 34.54
CA ASN D 30 34.15 -17.26 33.60
C ASN D 30 34.23 -17.86 32.19
N SER D 31 33.10 -17.83 31.49
CA SER D 31 33.02 -18.31 30.11
C SER D 31 33.23 -17.12 29.18
N PHE D 32 34.42 -17.01 28.59
CA PHE D 32 34.80 -15.85 27.80
C PHE D 32 34.29 -16.03 26.37
N THR D 33 33.02 -15.71 26.16
CA THR D 33 32.37 -15.70 24.84
C THR D 33 32.53 -17.03 24.10
N ARG D 34 32.10 -18.10 24.75
CA ARG D 34 32.13 -19.43 24.16
C ARG D 34 30.74 -20.06 24.26
N GLY D 35 30.50 -21.05 23.40
CA GLY D 35 29.23 -21.72 23.34
C GLY D 35 28.32 -21.28 22.21
N VAL D 36 28.80 -20.44 21.31
CA VAL D 36 27.99 -19.98 20.19
C VAL D 36 28.08 -20.98 19.04
N TYR D 37 26.91 -21.39 18.54
CA TYR D 37 26.83 -22.34 17.45
C TYR D 37 26.16 -21.70 16.24
N TYR D 38 26.33 -22.34 15.08
CA TYR D 38 25.67 -21.87 13.88
C TYR D 38 24.16 -22.06 14.01
N PRO D 39 23.35 -21.05 13.70
CA PRO D 39 21.89 -21.18 13.91
C PRO D 39 21.23 -22.11 12.91
N ASP D 40 21.60 -22.02 11.63
CA ASP D 40 20.94 -22.79 10.59
C ASP D 40 21.93 -23.15 9.50
N LYS D 41 21.56 -24.16 8.70
CA LYS D 41 22.43 -24.68 7.65
C LYS D 41 22.24 -23.88 6.35
N VAL D 42 22.48 -22.58 6.45
CA VAL D 42 22.35 -21.65 5.33
C VAL D 42 23.63 -20.83 5.23
N PHE D 43 24.22 -20.80 4.04
CA PHE D 43 25.40 -19.99 3.80
C PHE D 43 25.04 -18.51 3.81
N ARG D 44 25.68 -17.76 4.70
CA ARG D 44 25.44 -16.33 4.84
C ARG D 44 26.76 -15.60 4.81
N SER D 45 26.85 -14.56 4.00
CA SER D 45 28.09 -13.83 3.80
C SER D 45 27.85 -12.33 4.00
N SER D 46 28.65 -11.73 4.90
CA SER D 46 28.67 -10.29 5.14
C SER D 46 27.31 -9.75 5.54
N VAL D 47 26.58 -10.52 6.34
CA VAL D 47 25.27 -10.11 6.85
C VAL D 47 25.27 -10.28 8.36
N LEU D 48 24.67 -9.32 9.07
CA LEU D 48 24.63 -9.32 10.53
C LEU D 48 23.28 -9.88 11.00
N HIS D 49 23.11 -11.17 10.76
CA HIS D 49 21.88 -11.85 11.16
C HIS D 49 21.81 -12.00 12.67
N SER D 50 20.64 -11.77 13.24
CA SER D 50 20.39 -11.90 14.66
C SER D 50 19.26 -12.90 14.90
N THR D 51 19.40 -13.72 15.93
CA THR D 51 18.41 -14.75 16.20
C THR D 51 18.26 -14.97 17.70
N GLN D 52 17.08 -15.45 18.09
CA GLN D 52 16.74 -15.76 19.47
C GLN D 52 16.64 -17.27 19.62
N ASP D 53 17.49 -17.84 20.48
CA ASP D 53 17.57 -19.29 20.63
C ASP D 53 18.27 -19.56 21.95
N LEU D 54 18.35 -20.83 22.33
CA LEU D 54 19.07 -21.20 23.54
C LEU D 54 20.57 -20.98 23.34
N PHE D 55 21.17 -20.22 24.26
CA PHE D 55 22.61 -19.95 24.17
C PHE D 55 23.20 -19.84 25.58
N LEU D 56 24.51 -20.02 25.66
CA LEU D 56 25.23 -19.71 26.88
C LEU D 56 25.45 -18.20 26.96
N PRO D 57 25.01 -17.54 28.03
CA PRO D 57 25.25 -16.11 28.17
C PRO D 57 26.74 -15.78 28.27
N PHE D 58 27.13 -14.65 27.68
CA PHE D 58 28.53 -14.25 27.69
C PHE D 58 28.94 -13.80 29.08
N PHE D 59 30.17 -14.19 29.47
CA PHE D 59 30.80 -13.79 30.73
C PHE D 59 29.96 -14.24 31.93
N SER D 60 29.79 -15.55 32.07
CA SER D 60 28.97 -16.13 33.11
C SER D 60 29.71 -17.26 33.80
N ASN D 61 29.28 -17.58 35.02
CA ASN D 61 29.89 -18.66 35.78
C ASN D 61 29.55 -20.02 35.17
N VAL D 62 30.58 -20.85 35.00
CA VAL D 62 30.38 -22.25 34.49
C VAL D 62 31.17 -23.17 35.43
N THR D 63 30.60 -24.31 35.84
CA THR D 63 31.29 -25.21 36.81
C THR D 63 32.49 -25.90 36.16
N TRP D 64 33.64 -25.91 36.83
CA TRP D 64 34.87 -26.51 36.25
C TRP D 64 35.27 -27.73 37.07
N PHE D 65 35.49 -28.86 36.39
CA PHE D 65 35.84 -30.13 37.09
C PHE D 65 37.08 -30.73 36.46
N HIS D 66 37.84 -31.52 37.23
CA HIS D 66 39.09 -32.15 36.73
C HIS D 66 39.02 -33.65 36.94
N ALA D 67 40.11 -34.39 36.67
CA ALA D 67 40.05 -35.84 36.80
C ALA D 67 40.85 -36.35 38.00
N ILE D 68 41.84 -35.59 38.46
CA ILE D 68 42.71 -36.03 39.54
C ILE D 68 42.84 -34.90 40.57
N HIS D 69 42.68 -35.25 41.84
CA HIS D 69 42.72 -34.33 42.98
C HIS D 69 41.70 -33.20 42.86
N LYS D 77 43.78 -40.13 44.47
CA LYS D 77 43.02 -40.01 43.22
C LYS D 77 41.56 -39.70 43.51
N ARG D 78 41.12 -38.51 43.09
CA ARG D 78 39.77 -38.02 43.31
C ARG D 78 39.00 -38.15 42.01
N PHE D 79 37.97 -39.00 41.99
CA PHE D 79 37.17 -39.23 40.80
C PHE D 79 35.98 -38.27 40.85
N ASP D 80 35.88 -37.39 39.85
CA ASP D 80 34.82 -36.38 39.78
C ASP D 80 34.00 -36.59 38.52
N ASN D 81 32.79 -37.11 38.68
CA ASN D 81 31.75 -37.03 37.63
C ASN D 81 30.38 -37.02 38.28
N PRO D 82 30.02 -35.93 38.96
CA PRO D 82 28.72 -35.87 39.62
C PRO D 82 27.58 -35.75 38.62
N VAL D 83 26.42 -36.25 39.02
CA VAL D 83 25.23 -36.11 38.19
C VAL D 83 24.79 -34.65 38.21
N LEU D 84 24.43 -34.12 37.05
CA LEU D 84 24.12 -32.70 36.95
C LEU D 84 22.78 -32.49 36.26
N PRO D 85 22.05 -31.43 36.62
CA PRO D 85 20.75 -31.18 35.97
C PRO D 85 20.95 -30.71 34.53
N PHE D 86 20.19 -31.33 33.62
CA PHE D 86 20.17 -30.94 32.21
C PHE D 86 18.98 -30.02 32.02
N ASN D 87 19.21 -28.72 32.08
CA ASN D 87 18.16 -27.72 31.95
C ASN D 87 18.40 -26.84 30.72
N ASP D 88 17.54 -27.02 29.71
CA ASP D 88 17.51 -26.19 28.50
C ASP D 88 18.84 -26.23 27.75
N GLY D 89 19.44 -27.40 27.66
CA GLY D 89 20.68 -27.57 26.92
C GLY D 89 21.91 -27.33 27.79
N VAL D 90 23.02 -27.96 27.37
CA VAL D 90 24.26 -27.91 28.12
C VAL D 90 25.42 -27.68 27.16
N TYR D 91 26.26 -26.70 27.50
CA TYR D 91 27.54 -26.49 26.81
C TYR D 91 28.62 -27.20 27.61
N PHE D 92 29.31 -28.13 26.96
CA PHE D 92 30.28 -29.00 27.61
C PHE D 92 31.61 -28.86 26.87
N ALA D 93 32.63 -28.41 27.58
CA ALA D 93 33.97 -28.29 27.01
C ALA D 93 34.90 -29.25 27.73
N SER D 94 35.94 -29.69 27.03
CA SER D 94 36.89 -30.63 27.61
C SER D 94 38.26 -30.44 26.99
N THR D 95 39.24 -30.13 27.83
CA THR D 95 40.63 -30.02 27.40
C THR D 95 41.41 -31.22 27.92
N GLU D 96 42.14 -31.87 27.02
CA GLU D 96 42.92 -33.06 27.35
C GLU D 96 43.85 -33.37 26.18
N LYS D 97 44.64 -34.44 26.34
CA LYS D 97 45.39 -35.01 25.24
C LYS D 97 45.42 -36.53 25.24
N SER D 98 44.79 -37.19 26.21
CA SER D 98 44.89 -38.63 26.36
C SER D 98 43.56 -39.35 26.13
N ASN D 99 42.53 -38.62 25.69
CA ASN D 99 41.19 -39.17 25.41
C ASN D 99 40.60 -39.84 26.65
N ILE D 100 40.81 -39.23 27.81
CA ILE D 100 40.32 -39.80 29.07
C ILE D 100 38.82 -39.63 29.18
N ILE D 101 38.32 -38.42 28.95
CA ILE D 101 36.89 -38.15 29.00
C ILE D 101 36.24 -38.71 27.74
N ARG D 102 35.49 -39.80 27.88
CA ARG D 102 35.24 -40.63 26.73
C ARG D 102 33.89 -40.34 26.09
N GLY D 103 32.85 -40.20 26.90
CA GLY D 103 31.52 -40.00 26.35
C GLY D 103 30.61 -39.36 27.37
N TRP D 104 29.30 -39.50 27.13
CA TRP D 104 28.28 -38.92 27.98
C TRP D 104 27.06 -39.82 28.07
N ILE D 105 26.29 -39.64 29.14
CA ILE D 105 25.00 -40.30 29.32
C ILE D 105 23.97 -39.23 29.69
N PHE D 106 22.78 -39.34 29.12
CA PHE D 106 21.67 -38.42 29.35
C PHE D 106 20.42 -39.23 29.68
N GLY D 107 19.52 -38.64 30.45
CA GLY D 107 18.28 -39.34 30.75
C GLY D 107 17.51 -38.64 31.84
N THR D 108 16.37 -39.24 32.20
CA THR D 108 15.54 -38.74 33.29
C THR D 108 15.66 -39.68 34.49
N THR D 109 16.48 -39.26 35.45
CA THR D 109 16.79 -39.82 36.76
C THR D 109 17.60 -41.11 36.69
N LEU D 110 17.78 -41.73 35.51
CA LEU D 110 18.78 -42.78 35.26
C LEU D 110 18.60 -44.00 36.16
N ASP D 111 17.44 -44.65 36.09
CA ASP D 111 17.15 -45.79 36.95
C ASP D 111 16.75 -47.06 36.21
N SER D 112 16.86 -47.09 34.88
CA SER D 112 16.46 -48.14 33.94
C SER D 112 14.94 -48.29 33.86
N LYS D 113 14.19 -47.53 34.66
CA LYS D 113 12.71 -47.57 34.53
C LYS D 113 12.32 -46.70 33.32
N THR D 114 13.15 -45.73 32.96
CA THR D 114 12.91 -44.83 31.84
C THR D 114 14.06 -44.95 30.86
N GLN D 115 13.81 -44.61 29.60
CA GLN D 115 14.84 -44.70 28.58
C GLN D 115 15.91 -43.63 28.79
N SER D 116 17.08 -43.87 28.18
CA SER D 116 18.23 -43.00 28.35
C SER D 116 19.11 -43.11 27.12
N LEU D 117 19.94 -42.07 26.94
CA LEU D 117 20.85 -41.94 25.81
C LEU D 117 22.27 -42.14 26.30
N LEU D 118 23.06 -42.90 25.55
CA LEU D 118 24.47 -43.15 25.88
C LEU D 118 25.29 -42.90 24.62
N ILE D 119 26.35 -42.12 24.75
CA ILE D 119 27.30 -41.85 23.68
C ILE D 119 28.68 -42.26 24.16
N VAL D 120 29.28 -43.25 23.49
CA VAL D 120 30.60 -43.75 23.85
C VAL D 120 31.41 -43.87 22.57
N ASN D 121 32.74 -43.72 22.70
CA ASN D 121 33.65 -43.71 21.54
C ASN D 121 34.86 -44.61 21.81
N ASN D 122 34.73 -45.88 21.40
CA ASN D 122 35.93 -46.74 21.43
C ASN D 122 36.78 -46.22 20.28
N ALA D 123 37.98 -46.74 20.06
CA ALA D 123 38.89 -46.10 19.12
C ALA D 123 38.53 -46.38 17.67
N THR D 124 37.67 -47.36 17.41
CA THR D 124 37.23 -47.60 16.04
C THR D 124 36.01 -46.76 15.69
N ASN D 125 34.96 -46.81 16.51
CA ASN D 125 33.67 -46.24 16.14
C ASN D 125 32.96 -45.66 17.36
N VAL D 126 31.99 -44.79 17.09
CA VAL D 126 31.11 -44.22 18.11
C VAL D 126 29.85 -45.07 18.17
N VAL D 127 29.48 -45.48 19.39
CA VAL D 127 28.21 -46.15 19.65
C VAL D 127 27.30 -45.14 20.37
N ILE D 128 26.15 -44.88 19.76
CA ILE D 128 25.11 -44.05 20.35
C ILE D 128 23.88 -44.92 20.50
N LYS D 129 23.39 -45.05 21.73
CA LYS D 129 22.31 -45.99 22.02
C LYS D 129 21.25 -45.32 22.87
N VAL D 130 19.99 -45.42 22.43
CA VAL D 130 18.83 -44.97 23.19
C VAL D 130 18.12 -46.23 23.69
N CYS D 131 18.35 -46.58 24.94
CA CYS D 131 17.84 -47.84 25.46
C CYS D 131 17.47 -47.65 26.91
N GLU D 132 16.95 -48.72 27.52
CA GLU D 132 16.82 -48.75 28.97
C GLU D 132 18.09 -49.36 29.56
N PHE D 133 18.88 -48.53 30.23
CA PHE D 133 20.17 -48.93 30.79
C PHE D 133 20.08 -48.89 32.31
N GLN D 134 20.57 -49.94 32.96
CA GLN D 134 20.69 -49.96 34.42
C GLN D 134 22.06 -49.39 34.77
N PHE D 135 22.11 -48.06 34.85
CA PHE D 135 23.37 -47.38 35.16
C PHE D 135 23.77 -47.63 36.61
N CYS D 136 25.06 -47.81 36.84
CA CYS D 136 25.56 -47.95 38.20
C CYS D 136 25.63 -46.58 38.88
N ASN D 137 26.03 -46.60 40.15
CA ASN D 137 26.13 -45.37 40.90
C ASN D 137 27.30 -44.52 40.44
N ASP D 138 28.38 -45.16 40.00
CA ASP D 138 29.53 -44.48 39.41
C ASP D 138 29.92 -45.18 38.12
N PRO D 139 29.23 -44.88 37.02
CA PRO D 139 29.57 -45.51 35.73
C PRO D 139 30.91 -45.04 35.20
N PHE D 140 31.61 -45.94 34.52
CA PHE D 140 32.89 -45.64 33.90
C PHE D 140 33.22 -46.71 32.87
N LEU D 141 34.02 -46.33 31.87
CA LEU D 141 34.56 -47.29 30.93
C LEU D 141 35.93 -47.76 31.40
N GLY D 142 36.22 -49.05 31.21
CA GLY D 142 37.47 -49.63 31.67
C GLY D 142 38.29 -50.16 30.49
N VAL D 143 39.46 -49.57 30.28
CA VAL D 143 40.42 -50.06 29.30
C VAL D 143 41.64 -50.57 30.05
N TYR D 144 42.02 -51.82 29.77
CA TYR D 144 43.10 -52.44 30.58
C TYR D 144 44.37 -52.53 29.73
N TYR D 145 45.39 -51.75 30.06
CA TYR D 145 46.63 -51.93 29.28
C TYR D 145 47.09 -53.38 29.49
N HIS D 146 47.29 -54.12 28.39
CA HIS D 146 47.62 -55.56 28.50
C HIS D 146 49.10 -55.74 28.84
N LYS D 147 49.48 -55.40 30.07
CA LYS D 147 50.91 -55.52 30.48
C LYS D 147 51.78 -54.71 29.52
N ASN D 148 51.38 -53.49 29.18
CA ASN D 148 52.13 -52.65 28.21
C ASN D 148 52.25 -53.39 26.87
N ASN D 149 51.18 -54.03 26.40
CA ASN D 149 51.22 -54.70 25.08
C ASN D 149 51.27 -53.60 24.01
N LYS D 150 51.74 -53.91 22.81
CA LYS D 150 51.71 -52.87 21.73
C LYS D 150 50.25 -52.49 21.55
N SER D 151 49.36 -53.48 21.48
CA SER D 151 47.91 -53.15 21.47
C SER D 151 47.39 -53.40 22.89
N TRP D 152 47.34 -52.33 23.69
CA TRP D 152 46.94 -52.44 25.13
C TRP D 152 45.54 -51.85 25.35
N MET D 153 44.87 -51.36 24.29
CA MET D 153 43.57 -50.70 24.53
C MET D 153 42.44 -51.72 24.39
N GLU D 154 41.83 -52.12 25.52
CA GLU D 154 40.66 -53.04 25.47
C GLU D 154 39.51 -52.39 26.25
N SER D 155 38.39 -52.10 25.60
CA SER D 155 37.28 -51.37 26.27
C SER D 155 36.29 -52.34 26.92
N GLU D 156 35.94 -52.11 28.18
CA GLU D 156 34.95 -52.97 28.89
C GLU D 156 33.88 -52.06 29.51
N PHE D 157 32.61 -52.30 29.19
CA PHE D 157 31.54 -51.43 29.66
C PHE D 157 31.24 -51.76 31.12
N ARG D 158 31.82 -50.97 32.02
CA ARG D 158 31.39 -50.95 33.42
C ARG D 158 30.37 -49.84 33.66
N VAL D 159 29.56 -49.53 32.65
CA VAL D 159 28.65 -48.39 32.72
C VAL D 159 27.26 -48.85 33.12
N TYR D 160 26.67 -49.73 32.32
CA TYR D 160 25.30 -50.20 32.53
C TYR D 160 25.33 -51.68 32.92
N SER D 161 24.61 -52.03 33.98
CA SER D 161 24.54 -53.42 34.40
C SER D 161 23.69 -54.23 33.43
N SER D 162 22.58 -53.68 32.98
CA SER D 162 21.70 -54.35 32.03
C SER D 162 21.24 -53.35 30.97
N ALA D 163 20.91 -53.88 29.80
CA ALA D 163 20.40 -53.06 28.71
C ALA D 163 19.24 -53.76 28.04
N ASN D 164 18.14 -53.04 27.84
CA ASN D 164 16.96 -53.65 27.24
C ASN D 164 16.13 -52.61 26.51
N ASN D 165 15.42 -53.06 25.48
CA ASN D 165 14.48 -52.26 24.68
C ASN D 165 15.17 -51.06 24.04
N CYS D 166 16.07 -51.35 23.11
CA CYS D 166 16.74 -50.31 22.35
C CYS D 166 15.88 -49.84 21.19
N THR D 167 15.76 -48.51 21.04
CA THR D 167 14.98 -47.93 19.97
C THR D 167 15.81 -47.13 18.97
N PHE D 168 17.09 -46.90 19.27
CA PHE D 168 17.96 -46.12 18.39
C PHE D 168 19.42 -46.49 18.59
N GLU D 169 20.02 -47.15 17.61
CA GLU D 169 21.44 -47.52 17.66
C GLU D 169 22.14 -46.90 16.45
N TYR D 170 23.22 -46.18 16.71
CA TYR D 170 23.94 -45.44 15.67
C TYR D 170 25.43 -45.64 15.87
N VAL D 171 26.07 -46.27 14.88
CA VAL D 171 27.51 -46.53 14.91
C VAL D 171 28.15 -45.66 13.83
N SER D 172 29.04 -44.77 14.26
CA SER D 172 29.60 -43.81 13.27
C SER D 172 31.11 -43.65 13.44
N GLN D 173 31.70 -42.68 12.75
CA GLN D 173 33.16 -42.43 12.87
C GLN D 173 33.44 -41.74 14.21
N PRO D 174 34.70 -41.71 14.72
CA PRO D 174 34.98 -41.14 16.03
C PRO D 174 34.55 -39.68 16.15
N PHE D 175 34.04 -39.28 17.33
CA PHE D 175 33.51 -37.92 17.51
C PHE D 175 34.62 -36.94 17.88
N LEU D 176 35.22 -36.28 16.89
CA LEU D 176 36.23 -35.21 17.15
C LEU D 176 37.48 -35.78 17.84
N MET D 177 37.60 -37.12 17.91
CA MET D 177 38.85 -37.67 18.51
C MET D 177 40.03 -37.05 17.77
N ASP D 178 40.07 -37.23 16.45
CA ASP D 178 41.13 -36.61 15.61
C ASP D 178 42.49 -36.95 16.24
N LEU D 179 42.70 -38.20 16.65
CA LEU D 179 43.95 -38.61 17.35
C LEU D 179 44.14 -37.75 18.60
N GLY D 184 54.82 -31.83 21.21
CA GLY D 184 55.27 -31.53 22.56
C GLY D 184 54.14 -31.51 23.57
N ASN D 185 53.71 -30.31 23.95
CA ASN D 185 52.63 -30.12 24.92
C ASN D 185 51.48 -29.39 24.21
N PHE D 186 50.62 -30.17 23.56
CA PHE D 186 49.43 -29.63 22.89
C PHE D 186 48.21 -30.23 23.59
N LYS D 187 47.24 -29.38 23.93
CA LYS D 187 46.02 -29.80 24.59
C LYS D 187 44.85 -29.52 23.65
N ASN D 188 44.16 -30.58 23.23
CA ASN D 188 42.95 -30.40 22.45
C ASN D 188 41.83 -29.98 23.37
N LEU D 189 41.18 -28.86 23.04
CA LEU D 189 39.99 -28.38 23.72
C LEU D 189 38.81 -28.59 22.79
N ARG D 190 37.94 -29.53 23.15
CA ARG D 190 36.78 -29.88 22.35
C ARG D 190 35.54 -29.28 23.01
N GLU D 191 34.77 -28.53 22.24
CA GLU D 191 33.55 -27.90 22.71
C GLU D 191 32.36 -28.57 22.05
N PHE D 192 31.34 -28.87 22.86
CA PHE D 192 30.12 -29.53 22.45
C PHE D 192 28.95 -28.73 23.00
N VAL D 193 27.86 -28.66 22.24
CA VAL D 193 26.60 -28.11 22.70
C VAL D 193 25.52 -29.16 22.48
N PHE D 194 24.86 -29.56 23.56
CA PHE D 194 23.78 -30.53 23.53
C PHE D 194 22.47 -29.79 23.77
N LYS D 195 21.53 -29.92 22.83
CA LYS D 195 20.25 -29.25 22.95
C LYS D 195 19.13 -30.23 22.64
N ASN D 196 18.14 -30.31 23.53
CA ASN D 196 16.99 -31.19 23.37
C ASN D 196 15.76 -30.34 23.09
N ILE D 197 15.40 -30.22 21.82
CA ILE D 197 14.26 -29.42 21.40
C ILE D 197 13.47 -30.20 20.35
N ASP D 198 12.14 -30.22 20.52
CA ASP D 198 11.20 -30.83 19.56
C ASP D 198 11.46 -32.31 19.34
N GLY D 199 12.00 -32.99 20.35
CA GLY D 199 12.33 -34.39 20.22
C GLY D 199 13.59 -34.69 19.45
N TYR D 200 14.34 -33.67 19.02
CA TYR D 200 15.57 -33.85 18.27
C TYR D 200 16.75 -33.42 19.13
N PHE D 201 17.67 -34.35 19.37
CA PHE D 201 18.86 -34.06 20.15
C PHE D 201 19.96 -33.56 19.23
N LYS D 202 20.33 -32.30 19.38
CA LYS D 202 21.28 -31.64 18.50
C LYS D 202 22.62 -31.48 19.21
N ILE D 203 23.67 -31.98 18.58
CA ILE D 203 25.04 -31.85 19.07
C ILE D 203 25.80 -30.97 18.08
N TYR D 204 26.29 -29.84 18.59
CA TYR D 204 27.20 -28.96 17.86
C TYR D 204 28.61 -29.18 18.41
N SER D 205 29.62 -29.15 17.54
CA SER D 205 30.94 -29.57 17.97
C SER D 205 32.03 -28.81 17.23
N LYS D 206 33.11 -28.50 17.95
CA LYS D 206 34.31 -27.97 17.33
C LYS D 206 35.49 -28.13 18.29
N HIS D 207 36.67 -28.40 17.76
CA HIS D 207 37.87 -28.58 18.56
C HIS D 207 38.92 -27.54 18.18
N THR D 208 39.75 -27.18 19.15
CA THR D 208 40.87 -26.26 18.94
C THR D 208 42.08 -26.76 19.71
N PRO D 209 43.25 -26.90 19.07
CA PRO D 209 44.47 -27.14 19.85
C PRO D 209 44.89 -25.85 20.56
N ILE D 210 45.24 -25.99 21.84
CA ILE D 210 45.58 -24.85 22.68
C ILE D 210 46.52 -25.33 23.78
N ASN D 211 47.25 -24.40 24.38
CA ASN D 211 48.10 -24.72 25.52
C ASN D 211 47.24 -24.97 26.75
N LEU D 212 47.81 -25.65 27.74
CA LEU D 212 47.07 -25.99 28.95
C LEU D 212 46.84 -24.74 29.79
N VAL D 213 45.59 -24.29 29.83
CA VAL D 213 45.20 -23.07 30.53
C VAL D 213 44.13 -23.43 31.55
N ARG D 214 44.22 -22.83 32.74
CA ARG D 214 43.28 -23.12 33.81
C ARG D 214 41.85 -22.75 33.45
N ASP D 215 41.66 -21.58 32.83
CA ASP D 215 40.35 -21.14 32.39
C ASP D 215 40.24 -21.23 30.88
N LEU D 216 39.12 -20.72 30.36
CA LEU D 216 38.86 -20.78 28.93
C LEU D 216 39.83 -19.87 28.18
N PRO D 217 40.31 -20.27 27.00
CA PRO D 217 41.19 -19.40 26.23
C PRO D 217 40.45 -18.18 25.69
N GLN D 218 41.19 -17.09 25.52
CA GLN D 218 40.60 -15.86 25.01
C GLN D 218 40.43 -15.96 23.50
N GLY D 219 39.20 -15.79 23.04
CA GLY D 219 38.92 -15.85 21.62
C GLY D 219 37.50 -16.34 21.37
N PHE D 220 37.19 -16.53 20.09
CA PHE D 220 35.88 -16.97 19.65
C PHE D 220 36.02 -18.24 18.83
N SER D 221 35.19 -19.23 19.13
CA SER D 221 35.13 -20.47 18.38
C SER D 221 33.66 -20.81 18.12
N ALA D 222 33.24 -20.69 16.86
CA ALA D 222 31.86 -20.93 16.48
C ALA D 222 31.67 -22.41 16.20
N LEU D 223 30.84 -23.06 17.01
CA LEU D 223 30.65 -24.50 16.89
C LEU D 223 29.78 -24.82 15.69
N GLU D 224 30.27 -25.75 14.86
CA GLU D 224 29.54 -26.21 13.69
C GLU D 224 28.58 -27.33 14.07
N PRO D 225 27.48 -27.51 13.33
CA PRO D 225 26.56 -28.61 13.63
C PRO D 225 27.20 -29.96 13.34
N LEU D 226 27.30 -30.78 14.40
CA LEU D 226 27.88 -32.10 14.23
C LEU D 226 26.81 -33.11 13.83
N VAL D 227 25.77 -33.28 14.66
CA VAL D 227 24.82 -34.35 14.42
C VAL D 227 23.46 -34.00 15.03
N ASP D 228 22.40 -34.56 14.43
CA ASP D 228 21.05 -34.48 14.96
C ASP D 228 20.52 -35.90 15.12
N LEU D 229 19.90 -36.19 16.26
CA LEU D 229 19.44 -37.53 16.59
C LEU D 229 17.95 -37.52 16.92
N PRO D 230 17.17 -38.44 16.35
CA PRO D 230 15.75 -38.55 16.73
C PRO D 230 15.55 -39.47 17.92
N ILE D 231 16.00 -39.03 19.09
CA ILE D 231 15.98 -39.90 20.27
C ILE D 231 14.56 -40.03 20.83
N GLY D 232 13.80 -38.94 20.83
CA GLY D 232 12.42 -38.95 21.30
C GLY D 232 12.24 -39.33 22.75
N ILE D 233 13.12 -38.86 23.64
CA ILE D 233 13.03 -39.15 25.07
C ILE D 233 13.07 -37.86 25.85
N ASN D 234 12.87 -38.00 27.16
CA ASN D 234 12.89 -36.88 28.10
C ASN D 234 14.19 -36.94 28.88
N ILE D 235 14.93 -35.84 28.89
CA ILE D 235 16.24 -35.76 29.54
C ILE D 235 16.16 -34.72 30.65
N THR D 236 16.56 -35.11 31.85
CA THR D 236 16.62 -34.20 32.99
C THR D 236 17.99 -34.14 33.65
N ARG D 237 18.69 -35.27 33.75
CA ARG D 237 20.00 -35.33 34.39
C ARG D 237 21.01 -35.95 33.43
N PHE D 238 22.25 -35.49 33.51
CA PHE D 238 23.33 -36.05 32.71
C PHE D 238 24.56 -36.23 33.56
N GLN D 239 25.40 -37.20 33.20
CA GLN D 239 26.60 -37.53 33.95
C GLN D 239 27.76 -37.75 32.99
N THR D 240 28.93 -37.25 33.37
CA THR D 240 30.12 -37.41 32.55
C THR D 240 30.62 -38.85 32.60
N LEU D 241 31.12 -39.33 31.46
CA LEU D 241 31.62 -40.70 31.32
C LEU D 241 33.13 -40.63 31.06
N LEU D 242 33.89 -41.29 31.93
CA LEU D 242 35.33 -41.31 31.81
C LEU D 242 35.83 -42.72 31.51
N ALA D 243 37.09 -42.80 31.07
CA ALA D 243 37.77 -44.06 30.79
C ALA D 243 38.95 -44.21 31.73
N LEU D 244 39.15 -45.42 32.24
CA LEU D 244 40.19 -45.69 33.23
C LEU D 244 41.20 -46.70 32.73
N HIS D 245 42.48 -46.40 32.93
CA HIS D 245 43.60 -47.28 32.63
C HIS D 245 43.87 -48.16 33.85
N ARG D 246 43.60 -49.45 33.73
CA ARG D 246 43.98 -50.36 34.81
C ARG D 246 45.35 -50.97 34.55
N GLY D 257 46.22 -49.29 39.62
CA GLY D 257 45.05 -49.55 38.81
C GLY D 257 44.10 -48.37 38.76
N TRP D 258 43.28 -48.33 37.69
CA TRP D 258 42.31 -47.26 37.43
C TRP D 258 42.97 -45.89 37.41
N THR D 259 44.15 -45.83 36.79
CA THR D 259 44.89 -44.58 36.73
C THR D 259 44.27 -43.63 35.71
N ALA D 260 44.15 -42.36 36.09
CA ALA D 260 43.60 -41.33 35.23
C ALA D 260 44.50 -40.09 35.28
N GLY D 261 44.87 -39.58 34.10
CA GLY D 261 45.68 -38.39 34.04
C GLY D 261 44.84 -37.12 34.15
N ALA D 262 45.49 -35.96 33.98
CA ALA D 262 44.75 -34.68 34.19
C ALA D 262 43.89 -34.31 32.98
N ALA D 263 42.57 -34.45 33.10
CA ALA D 263 41.64 -34.00 32.03
C ALA D 263 40.59 -33.10 32.68
N ALA D 264 40.34 -31.91 32.11
CA ALA D 264 39.40 -30.97 32.76
C ALA D 264 38.17 -30.78 31.89
N TYR D 265 36.98 -30.84 32.50
CA TYR D 265 35.73 -30.66 31.75
C TYR D 265 34.94 -29.47 32.29
N TYR D 266 34.50 -28.59 31.41
CA TYR D 266 33.71 -27.41 31.83
C TYR D 266 32.24 -27.68 31.53
N VAL D 267 31.34 -27.24 32.41
CA VAL D 267 29.91 -27.48 32.25
C VAL D 267 29.17 -26.16 32.42
N GLY D 268 28.33 -25.82 31.45
CA GLY D 268 27.51 -24.63 31.55
C GLY D 268 26.11 -24.91 31.05
N TYR D 269 25.17 -24.15 31.60
CA TYR D 269 23.75 -24.33 31.31
C TYR D 269 23.28 -23.22 30.38
N LEU D 270 22.69 -23.61 29.25
CA LEU D 270 22.18 -22.63 28.30
C LEU D 270 20.87 -22.03 28.79
N GLN D 271 20.65 -20.78 28.44
CA GLN D 271 19.44 -20.04 28.78
C GLN D 271 18.85 -19.45 27.50
N PRO D 272 17.55 -19.17 27.51
CA PRO D 272 16.95 -18.49 26.35
C PRO D 272 17.47 -17.06 26.23
N ARG D 273 18.15 -16.79 25.12
CA ARG D 273 18.73 -15.47 24.88
C ARG D 273 18.54 -15.13 23.41
N THR D 274 18.96 -13.92 23.05
CA THR D 274 19.03 -13.50 21.66
C THR D 274 20.41 -12.94 21.36
N PHE D 275 21.01 -13.40 20.27
CA PHE D 275 22.34 -12.98 19.86
C PHE D 275 22.28 -12.28 18.51
N LEU D 276 23.29 -11.46 18.25
CA LEU D 276 23.54 -10.90 16.92
C LEU D 276 24.83 -11.52 16.39
N LEU D 277 24.75 -12.12 15.21
CA LEU D 277 25.84 -12.91 14.65
C LEU D 277 26.46 -12.18 13.46
N LYS D 278 27.79 -12.22 13.38
CA LYS D 278 28.50 -11.62 12.27
C LYS D 278 29.11 -12.71 11.39
N TYR D 279 28.86 -12.60 10.08
CA TYR D 279 29.39 -13.53 9.10
C TYR D 279 30.41 -12.82 8.24
N ASN D 280 31.54 -13.49 7.99
CA ASN D 280 32.57 -12.90 7.15
C ASN D 280 32.31 -13.20 5.68
N GLU D 281 33.24 -12.78 4.83
CA GLU D 281 33.12 -13.02 3.40
C GLU D 281 33.31 -14.50 3.08
N ASN D 282 34.16 -15.19 3.85
CA ASN D 282 34.42 -16.61 3.60
C ASN D 282 33.28 -17.49 4.11
N GLY D 283 32.35 -16.94 4.88
CA GLY D 283 31.18 -17.67 5.31
C GLY D 283 31.21 -18.24 6.71
N THR D 284 32.20 -17.86 7.53
CA THR D 284 32.32 -18.36 8.89
C THR D 284 31.88 -17.28 9.87
N ILE D 285 31.42 -17.72 11.04
CA ILE D 285 31.02 -16.78 12.07
C ILE D 285 32.27 -16.23 12.76
N THR D 286 32.42 -14.91 12.73
CA THR D 286 33.60 -14.25 13.28
C THR D 286 33.37 -13.70 14.68
N ASP D 287 32.35 -12.86 14.86
CA ASP D 287 32.06 -12.26 16.15
C ASP D 287 30.57 -12.38 16.44
N ALA D 288 30.21 -12.27 17.71
CA ALA D 288 28.82 -12.31 18.12
C ALA D 288 28.61 -11.38 19.32
N VAL D 289 27.38 -10.92 19.49
CA VAL D 289 27.01 -9.99 20.54
C VAL D 289 25.81 -10.56 21.29
N ASP D 290 25.96 -10.73 22.61
CA ASP D 290 24.82 -11.05 23.47
C ASP D 290 24.03 -9.78 23.72
N CYS D 291 22.72 -9.82 23.45
CA CYS D 291 21.91 -8.61 23.57
C CYS D 291 21.68 -8.22 25.02
N ALA D 292 21.69 -9.19 25.94
CA ALA D 292 21.41 -8.92 27.34
C ALA D 292 22.65 -8.62 28.16
N LEU D 293 23.83 -8.52 27.54
CA LEU D 293 25.07 -8.40 28.30
C LEU D 293 25.29 -6.97 28.79
N ASP D 294 25.43 -6.03 27.87
CA ASP D 294 25.86 -4.69 28.18
C ASP D 294 24.95 -3.68 27.51
N PRO D 295 24.89 -2.44 28.03
CA PRO D 295 24.18 -1.37 27.29
C PRO D 295 24.76 -1.09 25.92
N LEU D 296 26.09 -1.20 25.78
CA LEU D 296 26.71 -1.13 24.46
C LEU D 296 26.21 -2.25 23.57
N SER D 297 26.00 -3.43 24.15
CA SER D 297 25.47 -4.55 23.41
C SER D 297 24.01 -4.32 23.03
N GLU D 298 23.25 -3.64 23.88
CA GLU D 298 21.88 -3.31 23.51
C GLU D 298 21.84 -2.29 22.38
N THR D 299 22.79 -1.34 22.36
CA THR D 299 22.87 -0.44 21.22
C THR D 299 23.25 -1.18 19.95
N LYS D 300 24.16 -2.17 20.06
CA LYS D 300 24.53 -2.97 18.91
C LYS D 300 23.36 -3.80 18.40
N CYS D 301 22.52 -4.30 19.31
CA CYS D 301 21.37 -5.09 18.91
C CYS D 301 20.26 -4.20 18.31
N THR D 302 20.02 -3.03 18.91
CA THR D 302 18.98 -2.14 18.40
C THR D 302 19.36 -1.54 17.06
N LEU D 303 20.58 -1.02 16.95
CA LEU D 303 21.06 -0.46 15.69
C LEU D 303 21.43 -1.54 14.68
N LYS D 304 21.48 -2.81 15.10
CA LYS D 304 21.78 -3.96 14.24
C LYS D 304 23.14 -3.83 13.57
N SER D 305 24.12 -3.25 14.27
CA SER D 305 25.45 -3.08 13.72
C SER D 305 26.47 -3.18 14.86
N PHE D 306 27.63 -3.76 14.55
CA PHE D 306 28.71 -3.84 15.54
C PHE D 306 29.25 -2.46 15.88
N THR D 307 29.44 -1.61 14.88
CA THR D 307 29.90 -0.26 15.14
C THR D 307 28.73 0.64 15.54
N VAL D 308 28.98 1.52 16.49
CA VAL D 308 28.00 2.46 16.99
C VAL D 308 28.66 3.83 17.10
N GLU D 309 28.04 4.82 16.46
CA GLU D 309 28.65 6.17 16.41
C GLU D 309 28.38 6.95 17.68
N LYS D 310 29.02 8.11 17.80
CA LYS D 310 28.92 8.93 19.02
C LYS D 310 27.52 9.50 19.16
N GLY D 311 26.90 9.35 20.31
CA GLY D 311 25.61 9.94 20.59
C GLY D 311 24.80 9.13 21.59
N ILE D 312 23.52 9.47 21.65
CA ILE D 312 22.56 8.85 22.56
C ILE D 312 21.57 8.05 21.72
N TYR D 313 21.30 6.82 22.15
CA TYR D 313 20.46 5.90 21.39
C TYR D 313 19.43 5.25 22.31
N GLN D 314 18.17 5.26 21.89
CA GLN D 314 17.14 4.52 22.60
C GLN D 314 17.17 3.06 22.16
N THR D 315 17.04 2.15 23.14
CA THR D 315 17.20 0.73 22.89
C THR D 315 15.97 -0.04 23.34
N SER D 316 15.70 -1.14 22.67
CA SER D 316 14.64 -2.05 23.08
C SER D 316 15.08 -2.86 24.29
N ASN D 317 14.09 -3.38 25.02
CA ASN D 317 14.35 -4.10 26.26
C ASN D 317 14.72 -5.55 25.95
N PHE D 318 15.98 -5.91 26.20
CA PHE D 318 16.42 -7.29 26.18
C PHE D 318 17.04 -7.69 27.50
N ARG D 319 17.10 -6.78 28.48
CA ARG D 319 17.86 -7.05 29.72
C ARG D 319 17.15 -8.03 30.66
N VAL D 320 15.83 -8.02 30.69
CA VAL D 320 15.07 -8.78 31.67
C VAL D 320 14.35 -9.92 30.97
N GLN D 321 14.60 -11.14 31.43
CA GLN D 321 13.87 -12.33 30.98
C GLN D 321 13.29 -13.02 32.20
N PRO D 322 11.99 -13.27 32.25
CA PRO D 322 11.40 -13.92 33.43
C PRO D 322 11.83 -15.38 33.56
N THR D 323 11.91 -15.84 34.81
CA THR D 323 12.33 -17.20 35.10
C THR D 323 11.35 -17.95 35.99
N GLU D 324 10.27 -17.32 36.43
CA GLU D 324 9.29 -17.94 37.31
C GLU D 324 7.91 -17.85 36.67
N SER D 325 7.02 -18.75 37.09
CA SER D 325 5.64 -18.78 36.63
C SER D 325 4.73 -18.92 37.83
N ILE D 326 3.73 -18.03 37.91
CA ILE D 326 2.71 -18.10 39.00
C ILE D 326 1.34 -18.26 38.35
N VAL D 327 0.47 -19.12 38.88
CA VAL D 327 -0.92 -19.26 38.34
C VAL D 327 -1.88 -19.01 39.50
N ARG D 328 -2.85 -18.13 39.31
CA ARG D 328 -3.86 -17.89 40.37
C ARG D 328 -5.26 -18.15 39.81
N PHE D 329 -5.99 -19.11 40.39
CA PHE D 329 -7.36 -19.48 39.93
C PHE D 329 -8.23 -19.60 41.17
N PRO D 330 -9.57 -19.45 41.09
CA PRO D 330 -10.41 -19.48 42.30
C PRO D 330 -10.39 -20.75 43.16
N ASN D 331 -10.93 -20.71 44.37
CA ASN D 331 -11.03 -21.88 45.24
C ASN D 331 -12.21 -22.76 44.79
N ILE D 332 -11.98 -23.50 43.72
CA ILE D 332 -12.94 -24.46 43.20
C ILE D 332 -12.26 -25.83 43.13
N THR D 333 -12.89 -26.83 43.73
CA THR D 333 -12.37 -28.19 43.72
C THR D 333 -13.41 -29.25 43.43
N ASN D 334 -14.70 -28.90 43.44
CA ASN D 334 -15.74 -29.86 43.09
C ASN D 334 -15.67 -30.18 41.60
N LEU D 335 -15.84 -31.45 41.28
CA LEU D 335 -15.83 -31.87 39.88
C LEU D 335 -17.12 -31.42 39.19
N CYS D 336 -16.99 -30.96 37.95
CA CYS D 336 -18.14 -30.53 37.19
C CYS D 336 -19.00 -31.73 36.81
N PRO D 337 -20.34 -31.55 36.76
CA PRO D 337 -21.23 -32.69 36.45
C PRO D 337 -21.19 -33.09 34.98
N PHE D 338 -20.01 -33.56 34.53
CA PHE D 338 -19.87 -34.03 33.16
C PHE D 338 -20.61 -35.35 32.95
N GLY D 339 -20.77 -36.13 34.01
CA GLY D 339 -21.51 -37.38 33.90
C GLY D 339 -22.97 -37.15 33.59
N GLU D 340 -23.56 -36.08 34.13
CA GLU D 340 -24.98 -35.80 33.89
C GLU D 340 -25.23 -35.36 32.45
N VAL D 341 -24.30 -34.58 31.89
CA VAL D 341 -24.54 -34.00 30.57
C VAL D 341 -23.94 -34.87 29.47
N PHE D 342 -23.14 -35.88 29.83
CA PHE D 342 -22.54 -36.75 28.84
C PHE D 342 -23.02 -38.19 28.91
N ASN D 343 -23.50 -38.65 30.06
CA ASN D 343 -23.76 -40.05 30.30
C ASN D 343 -25.23 -40.31 30.65
N ALA D 344 -26.11 -39.35 30.36
CA ALA D 344 -27.52 -39.50 30.72
C ALA D 344 -28.20 -40.55 29.84
N THR D 345 -29.19 -41.24 30.41
CA THR D 345 -29.91 -42.26 29.67
C THR D 345 -30.75 -41.64 28.56
N ARG D 346 -31.40 -40.51 28.84
CA ARG D 346 -32.29 -39.85 27.90
C ARG D 346 -31.78 -38.46 27.58
N PHE D 347 -31.72 -38.13 26.29
CA PHE D 347 -31.41 -36.79 25.82
C PHE D 347 -32.61 -36.22 25.10
N ALA D 348 -32.78 -34.90 25.20
CA ALA D 348 -33.86 -34.23 24.51
C ALA D 348 -33.59 -34.16 23.02
N SER D 349 -34.65 -34.05 22.24
CA SER D 349 -34.52 -34.00 20.79
C SER D 349 -33.99 -32.64 20.33
N VAL D 350 -33.69 -32.55 19.04
CA VAL D 350 -33.07 -31.34 18.51
C VAL D 350 -34.09 -30.20 18.39
N TYR D 351 -35.38 -30.53 18.31
CA TYR D 351 -36.40 -29.49 18.20
C TYR D 351 -36.57 -28.74 19.51
N ALA D 352 -36.25 -29.39 20.63
CA ALA D 352 -36.17 -28.74 21.94
C ALA D 352 -34.84 -29.14 22.57
N TRP D 353 -33.78 -28.42 22.20
CA TRP D 353 -32.45 -28.73 22.72
C TRP D 353 -32.34 -28.31 24.19
N ASN D 354 -31.71 -29.17 24.99
CA ASN D 354 -31.69 -29.00 26.44
C ASN D 354 -30.46 -28.18 26.83
N ARG D 355 -30.68 -27.06 27.51
CA ARG D 355 -29.61 -26.19 27.96
C ARG D 355 -29.40 -26.38 29.46
N LYS D 356 -28.16 -26.67 29.85
CA LYS D 356 -27.81 -26.92 31.25
C LYS D 356 -26.71 -25.96 31.67
N ARG D 357 -26.94 -25.23 32.75
CA ARG D 357 -25.94 -24.32 33.29
C ARG D 357 -24.88 -25.11 34.07
N ILE D 358 -23.61 -24.78 33.84
CA ILE D 358 -22.50 -25.39 34.56
C ILE D 358 -21.75 -24.27 35.27
N SER D 359 -21.62 -24.38 36.59
CA SER D 359 -20.97 -23.34 37.38
C SER D 359 -20.48 -23.94 38.70
N ASN D 360 -19.57 -23.19 39.34
CA ASN D 360 -19.06 -23.49 40.69
C ASN D 360 -18.39 -24.87 40.77
N CYS D 361 -17.55 -25.17 39.78
CA CYS D 361 -16.86 -26.44 39.71
C CYS D 361 -15.62 -26.31 38.84
N VAL D 362 -14.80 -27.36 38.82
CA VAL D 362 -13.59 -27.35 38.01
C VAL D 362 -13.80 -28.24 36.78
N ALA D 363 -13.39 -27.74 35.61
CA ALA D 363 -13.64 -28.47 34.35
C ALA D 363 -12.44 -29.32 33.95
N ASP D 364 -12.38 -30.55 34.44
CA ASP D 364 -11.27 -31.46 34.03
C ASP D 364 -11.81 -32.31 32.88
N TYR D 365 -11.38 -32.01 31.65
CA TYR D 365 -11.81 -32.84 30.50
CA TYR D 365 -11.77 -32.83 30.47
C TYR D 365 -11.18 -34.26 30.36
N SER D 366 -10.10 -34.41 31.13
CA SER D 366 -9.41 -35.71 31.08
C SER D 366 -10.31 -36.84 31.56
N VAL D 367 -11.11 -36.63 32.61
CA VAL D 367 -11.90 -37.75 33.17
C VAL D 367 -12.82 -38.35 32.09
N LEU D 368 -12.92 -37.70 30.94
CA LEU D 368 -13.81 -38.18 29.89
C LEU D 368 -13.11 -39.12 28.92
N TYR D 369 -11.78 -39.24 29.00
CA TYR D 369 -11.04 -40.08 28.07
C TYR D 369 -11.34 -41.56 28.28
N ASN D 370 -11.48 -41.99 29.54
CA ASN D 370 -11.53 -43.41 29.86
C ASN D 370 -12.84 -44.03 29.39
N SER D 371 -13.97 -43.38 29.68
CA SER D 371 -15.26 -44.02 29.47
C SER D 371 -15.72 -43.90 28.02
N ALA D 372 -15.53 -42.74 27.39
CA ALA D 372 -16.07 -42.49 26.08
C ALA D 372 -15.02 -41.83 25.19
N SER D 373 -15.21 -41.96 23.88
CA SER D 373 -14.38 -41.31 22.88
C SER D 373 -15.26 -40.46 21.98
N PHE D 374 -14.79 -39.26 21.64
CA PHE D 374 -15.57 -38.29 20.90
C PHE D 374 -15.15 -38.31 19.43
N SER D 375 -16.12 -38.53 18.54
CA SER D 375 -15.81 -38.56 17.11
C SER D 375 -15.44 -37.18 16.59
N THR D 376 -16.13 -36.14 17.05
CA THR D 376 -15.90 -34.78 16.59
C THR D 376 -15.67 -33.88 17.79
N PHE D 377 -14.56 -33.14 17.78
CA PHE D 377 -14.24 -32.17 18.82
C PHE D 377 -13.66 -30.92 18.16
N LYS D 378 -14.53 -29.97 17.83
CA LYS D 378 -14.12 -28.76 17.14
C LYS D 378 -14.48 -27.55 17.99
N CYS D 379 -13.47 -26.75 18.34
CA CYS D 379 -13.69 -25.58 19.17
C CYS D 379 -13.38 -24.31 18.38
N TYR D 380 -14.26 -23.32 18.49
CA TYR D 380 -14.16 -22.06 17.76
C TYR D 380 -13.89 -20.94 18.75
N GLY D 381 -12.92 -20.09 18.43
CA GLY D 381 -12.49 -19.02 19.29
C GLY D 381 -11.47 -19.40 20.33
N VAL D 382 -11.49 -20.65 20.80
CA VAL D 382 -10.53 -21.18 21.75
C VAL D 382 -9.94 -22.45 21.16
N SER D 383 -8.62 -22.58 21.20
CA SER D 383 -7.97 -23.78 20.71
C SER D 383 -8.28 -24.97 21.63
N PRO D 384 -8.26 -26.20 21.10
CA PRO D 384 -8.31 -27.36 21.99
C PRO D 384 -7.17 -27.40 22.98
N THR D 385 -5.97 -27.01 22.57
CA THR D 385 -4.90 -26.77 23.53
C THR D 385 -5.15 -25.45 24.25
N LYS D 386 -4.52 -25.30 25.41
CA LYS D 386 -4.70 -24.22 26.39
C LYS D 386 -6.12 -24.16 26.92
N LEU D 387 -6.92 -25.22 26.74
CA LEU D 387 -8.27 -25.23 27.30
C LEU D 387 -8.23 -25.49 28.79
N ASN D 388 -7.27 -26.29 29.25
CA ASN D 388 -7.13 -26.57 30.67
C ASN D 388 -6.42 -25.44 31.41
N ASP D 389 -5.76 -24.55 30.68
CA ASP D 389 -5.03 -23.43 31.26
C ASP D 389 -5.84 -22.14 31.30
N LEU D 390 -7.13 -22.21 31.01
CA LEU D 390 -7.94 -21.03 30.73
C LEU D 390 -9.30 -21.13 31.40
N CYS D 391 -9.74 -20.05 32.03
CA CYS D 391 -11.01 -20.03 32.75
C CYS D 391 -12.16 -19.74 31.80
N PHE D 392 -13.38 -20.05 32.24
CA PHE D 392 -14.59 -19.81 31.47
C PHE D 392 -15.60 -19.11 32.37
N THR D 393 -16.20 -18.02 31.88
CA THR D 393 -17.12 -17.26 32.72
C THR D 393 -18.49 -17.94 32.81
N ASN D 394 -19.17 -18.11 31.67
CA ASN D 394 -20.53 -18.63 31.65
C ASN D 394 -20.57 -19.83 30.73
N VAL D 395 -20.97 -20.98 31.26
CA VAL D 395 -20.95 -22.24 30.53
C VAL D 395 -22.36 -22.80 30.48
N TYR D 396 -22.88 -22.98 29.27
CA TYR D 396 -24.14 -23.66 29.04
C TYR D 396 -23.90 -24.82 28.08
N ALA D 397 -24.20 -26.03 28.53
CA ALA D 397 -24.08 -27.23 27.71
C ALA D 397 -25.42 -27.48 27.05
N ASP D 398 -25.42 -27.55 25.71
CA ASP D 398 -26.63 -27.78 24.95
C ASP D 398 -26.59 -29.21 24.41
N SER D 399 -27.58 -30.01 24.79
CA SER D 399 -27.63 -31.43 24.47
C SER D 399 -28.81 -31.71 23.55
N PHE D 400 -28.56 -32.50 22.51
CA PHE D 400 -29.55 -32.95 21.54
C PHE D 400 -28.94 -34.10 20.74
N VAL D 401 -29.81 -34.83 20.04
CA VAL D 401 -29.41 -36.02 19.30
C VAL D 401 -29.78 -35.83 17.84
N ILE D 402 -28.81 -36.03 16.93
CA ILE D 402 -28.99 -35.88 15.50
C ILE D 402 -28.33 -37.06 14.79
N ARG D 403 -28.33 -37.00 13.46
CA ARG D 403 -27.76 -38.06 12.65
C ARG D 403 -26.28 -37.80 12.37
N GLY D 404 -25.60 -38.82 11.83
CA GLY D 404 -24.15 -38.73 11.65
C GLY D 404 -23.73 -37.75 10.58
N ASP D 405 -24.20 -37.97 9.34
CA ASP D 405 -23.86 -37.06 8.24
C ASP D 405 -24.43 -35.66 8.47
N GLU D 406 -25.41 -35.55 9.35
CA GLU D 406 -26.06 -34.34 9.80
C GLU D 406 -25.25 -33.57 10.83
N VAL D 407 -24.18 -34.19 11.37
CA VAL D 407 -23.37 -33.58 12.43
C VAL D 407 -22.71 -32.30 11.93
N ARG D 408 -22.28 -32.28 10.67
CA ARG D 408 -21.62 -31.10 10.11
C ARG D 408 -22.55 -29.90 10.06
N GLN D 409 -23.86 -30.10 10.19
CA GLN D 409 -24.79 -28.97 10.19
C GLN D 409 -24.67 -28.16 11.48
N ILE D 410 -24.02 -28.71 12.52
CA ILE D 410 -23.89 -28.01 13.79
C ILE D 410 -22.94 -26.82 13.66
N ALA D 411 -21.89 -26.95 12.84
CA ALA D 411 -20.86 -25.92 12.72
C ALA D 411 -21.46 -24.62 12.17
N PRO D 412 -21.01 -23.48 12.69
CA PRO D 412 -21.59 -22.19 12.29
C PRO D 412 -21.29 -21.85 10.84
N GLY D 413 -22.15 -21.02 10.26
CA GLY D 413 -22.00 -20.60 8.89
C GLY D 413 -22.23 -21.72 7.88
N GLN D 414 -23.24 -22.55 8.13
CA GLN D 414 -23.62 -23.61 7.22
C GLN D 414 -25.14 -23.77 7.25
N THR D 415 -25.67 -24.49 6.26
CA THR D 415 -27.10 -24.66 6.08
C THR D 415 -27.47 -26.13 6.19
N GLY D 416 -28.71 -26.38 6.62
CA GLY D 416 -29.24 -27.73 6.75
C GLY D 416 -30.62 -27.62 7.37
N LYS D 417 -31.19 -28.79 7.66
CA LYS D 417 -32.44 -28.81 8.41
C LYS D 417 -32.21 -28.32 9.83
N ILE D 418 -31.12 -28.77 10.45
CA ILE D 418 -30.79 -28.37 11.81
C ILE D 418 -30.39 -26.90 11.86
N ALA D 419 -29.49 -26.49 10.96
CA ALA D 419 -28.91 -25.15 11.04
C ALA D 419 -29.92 -24.07 10.72
N ASP D 420 -31.00 -24.42 10.01
CA ASP D 420 -32.05 -23.46 9.69
C ASP D 420 -33.26 -23.58 10.59
N TYR D 421 -33.81 -24.79 10.77
CA TYR D 421 -35.11 -24.94 11.40
C TYR D 421 -35.05 -25.50 12.82
N ASN D 422 -33.94 -26.09 13.23
CA ASN D 422 -33.87 -26.78 14.51
C ASN D 422 -32.90 -26.13 15.48
N TYR D 423 -31.63 -25.93 15.09
CA TYR D 423 -30.63 -25.39 16.02
C TYR D 423 -29.56 -24.65 15.24
N LYS D 424 -29.45 -23.34 15.49
CA LYS D 424 -28.52 -22.47 14.78
C LYS D 424 -27.51 -21.89 15.77
N LEU D 425 -26.22 -22.14 15.52
CA LEU D 425 -25.18 -21.45 16.26
C LEU D 425 -24.95 -20.06 15.67
N PRO D 426 -24.53 -19.08 16.47
CA PRO D 426 -24.23 -17.75 15.93
C PRO D 426 -22.98 -17.76 15.08
N ASP D 427 -22.85 -16.75 14.22
CA ASP D 427 -21.69 -16.63 13.35
C ASP D 427 -20.42 -16.39 14.16
N ASP D 428 -20.51 -15.57 15.20
CA ASP D 428 -19.38 -15.31 16.09
C ASP D 428 -19.48 -16.21 17.33
N PHE D 429 -19.37 -17.52 17.11
CA PHE D 429 -19.53 -18.50 18.17
C PHE D 429 -18.17 -18.75 18.82
N THR D 430 -18.12 -18.57 20.14
CA THR D 430 -16.92 -18.84 20.93
C THR D 430 -17.25 -19.98 21.88
N GLY D 431 -16.94 -21.20 21.44
CA GLY D 431 -17.28 -22.37 22.22
C GLY D 431 -16.69 -23.65 21.67
N CYS D 432 -17.32 -24.78 21.97
CA CYS D 432 -16.87 -26.08 21.49
C CYS D 432 -18.05 -26.92 21.04
N VAL D 433 -17.78 -27.86 20.14
CA VAL D 433 -18.75 -28.80 19.61
C VAL D 433 -18.16 -30.19 19.80
N ILE D 434 -18.88 -31.05 20.52
CA ILE D 434 -18.47 -32.43 20.78
C ILE D 434 -19.56 -33.34 20.25
N ALA D 435 -19.17 -34.41 19.57
CA ALA D 435 -20.13 -35.36 19.01
C ALA D 435 -19.54 -36.75 19.05
N TRP D 436 -20.36 -37.71 19.48
CA TRP D 436 -19.93 -39.10 19.55
C TRP D 436 -21.06 -40.01 19.11
N ASN D 437 -20.69 -41.12 18.47
CA ASN D 437 -21.67 -42.10 18.00
C ASN D 437 -22.36 -42.78 19.18
N SER D 438 -23.68 -42.97 19.05
CA SER D 438 -24.49 -43.59 20.08
C SER D 438 -25.44 -44.62 19.48
N ASN D 439 -24.97 -45.39 18.50
CA ASN D 439 -25.82 -46.41 17.88
C ASN D 439 -26.06 -47.58 18.82
N ASN D 440 -25.16 -47.77 19.80
CA ASN D 440 -25.26 -48.93 20.67
C ASN D 440 -26.41 -48.81 21.67
N LEU D 441 -26.72 -47.60 22.12
CA LEU D 441 -27.68 -47.41 23.20
C LEU D 441 -28.82 -46.45 22.90
N ASP D 442 -28.68 -45.57 21.91
CA ASP D 442 -29.79 -44.70 21.52
C ASP D 442 -30.63 -45.28 20.38
N SER D 443 -30.29 -46.47 19.90
CA SER D 443 -31.05 -47.13 18.84
C SER D 443 -31.59 -48.45 19.36
N LYS D 444 -32.88 -48.70 19.10
CA LYS D 444 -33.53 -49.93 19.51
C LYS D 444 -33.88 -50.73 18.27
N VAL D 445 -33.99 -52.06 18.45
CA VAL D 445 -34.38 -52.92 17.34
C VAL D 445 -35.84 -52.66 16.97
N GLY D 446 -36.09 -52.61 15.65
CA GLY D 446 -37.40 -52.29 15.15
C GLY D 446 -37.67 -50.80 14.98
N GLY D 447 -36.75 -49.94 15.40
CA GLY D 447 -36.90 -48.52 15.23
C GLY D 447 -37.17 -47.80 16.54
N ASN D 448 -36.51 -46.66 16.72
CA ASN D 448 -36.71 -45.79 17.86
C ASN D 448 -37.24 -44.45 17.36
N TYR D 449 -38.46 -44.11 17.76
CA TYR D 449 -39.17 -42.95 17.22
C TYR D 449 -39.30 -41.81 18.23
N ASN D 450 -38.49 -41.81 19.29
CA ASN D 450 -38.63 -40.78 20.31
C ASN D 450 -38.09 -39.43 19.83
N TYR D 451 -36.95 -39.45 19.15
CA TYR D 451 -36.32 -38.21 18.70
C TYR D 451 -37.05 -37.65 17.49
N LEU D 452 -37.13 -36.32 17.41
CA LEU D 452 -37.89 -35.64 16.38
C LEU D 452 -37.09 -34.47 15.82
N TYR D 453 -37.42 -34.08 14.59
CA TYR D 453 -36.83 -32.91 13.96
C TYR D 453 -37.93 -32.12 13.27
N ARG D 454 -37.70 -30.81 13.13
CA ARG D 454 -38.66 -29.91 12.49
C ARG D 454 -38.33 -29.82 11.01
N LEU D 455 -39.15 -30.49 10.19
CA LEU D 455 -38.88 -30.55 8.76
C LEU D 455 -39.27 -29.24 8.06
N PHE D 456 -40.38 -28.64 8.45
CA PHE D 456 -40.90 -27.43 7.80
C PHE D 456 -40.97 -26.28 8.79
N ARG D 457 -40.57 -25.10 8.34
CA ARG D 457 -40.78 -23.87 9.08
C ARG D 457 -40.89 -22.72 8.09
N LYS D 458 -41.60 -21.66 8.49
CA LYS D 458 -41.79 -20.51 7.60
C LYS D 458 -40.49 -19.77 7.35
N SER D 459 -39.66 -19.61 8.38
CA SER D 459 -38.39 -18.92 8.25
C SER D 459 -37.35 -19.63 9.12
N ASN D 460 -36.08 -19.45 8.73
CA ASN D 460 -35.00 -20.03 9.51
C ASN D 460 -34.84 -19.32 10.85
N LEU D 461 -34.36 -20.04 11.85
CA LEU D 461 -34.25 -19.49 13.19
C LEU D 461 -33.12 -18.48 13.30
N LYS D 462 -33.32 -17.51 14.20
CA LYS D 462 -32.22 -16.70 14.67
C LYS D 462 -31.32 -17.55 15.57
N PRO D 463 -30.05 -17.17 15.75
CA PRO D 463 -29.13 -17.99 16.53
C PRO D 463 -29.57 -18.21 17.98
N PHE D 464 -29.32 -19.42 18.47
CA PHE D 464 -29.61 -19.84 19.84
C PHE D 464 -31.09 -19.70 20.19
N GLU D 465 -31.96 -20.04 19.24
CA GLU D 465 -33.40 -19.95 19.45
C GLU D 465 -34.01 -21.34 19.45
N ARG D 466 -35.07 -21.50 20.24
CA ARG D 466 -35.78 -22.76 20.39
C ARG D 466 -37.24 -22.55 20.05
N ASP D 467 -37.83 -23.49 19.32
CA ASP D 467 -39.25 -23.45 18.97
C ASP D 467 -39.87 -24.82 19.20
N ILE D 468 -40.93 -24.84 20.01
CA ILE D 468 -41.65 -26.07 20.35
C ILE D 468 -43.08 -26.02 19.83
N SER D 469 -43.42 -24.98 19.07
CA SER D 469 -44.76 -24.85 18.51
C SER D 469 -45.03 -25.95 17.49
N THR D 470 -46.21 -26.56 17.59
CA THR D 470 -46.57 -27.71 16.78
C THR D 470 -47.78 -27.43 15.88
N GLU D 471 -48.04 -26.18 15.54
CA GLU D 471 -49.15 -25.85 14.66
C GLU D 471 -48.86 -26.33 13.24
N ILE D 472 -49.93 -26.67 12.51
CA ILE D 472 -49.76 -27.26 11.19
C ILE D 472 -49.29 -26.20 10.20
N TYR D 473 -48.22 -26.54 9.47
CA TYR D 473 -47.59 -25.63 8.52
C TYR D 473 -48.45 -25.50 7.27
N GLN D 474 -48.79 -24.27 6.92
CA GLN D 474 -49.64 -24.00 5.75
C GLN D 474 -48.77 -23.88 4.50
N ALA D 475 -48.35 -25.04 4.00
CA ALA D 475 -47.54 -25.08 2.79
C ALA D 475 -48.37 -24.69 1.57
N GLY D 476 -49.59 -25.22 1.48
CA GLY D 476 -50.43 -24.94 0.33
C GLY D 476 -51.23 -23.66 0.47
N SER D 477 -51.89 -23.29 -0.63
CA SER D 477 -52.73 -22.09 -0.62
C SER D 477 -53.95 -22.29 0.27
N THR D 478 -54.53 -23.49 0.26
CA THR D 478 -55.69 -23.78 1.08
C THR D 478 -55.29 -23.82 2.56
N PRO D 479 -55.96 -23.08 3.44
CA PRO D 479 -55.58 -23.09 4.86
C PRO D 479 -55.84 -24.44 5.51
N CYS D 480 -54.89 -24.89 6.32
CA CYS D 480 -55.03 -26.17 7.00
C CYS D 480 -56.06 -26.10 8.11
N ASN D 481 -56.13 -24.95 8.80
CA ASN D 481 -57.05 -24.70 9.92
C ASN D 481 -56.87 -25.72 11.04
N GLY D 482 -55.63 -26.13 11.28
CA GLY D 482 -55.33 -27.07 12.34
C GLY D 482 -55.66 -28.51 12.04
N VAL D 483 -56.08 -28.83 10.82
CA VAL D 483 -56.46 -30.18 10.43
C VAL D 483 -55.52 -30.62 9.31
N GLU D 484 -54.96 -31.82 9.46
CA GLU D 484 -54.07 -32.36 8.45
C GLU D 484 -54.82 -32.67 7.16
N GLY D 485 -54.24 -32.25 6.03
CA GLY D 485 -54.84 -32.50 4.73
C GLY D 485 -53.77 -32.58 3.67
N PHE D 486 -54.21 -32.56 2.42
CA PHE D 486 -53.28 -32.55 1.30
C PHE D 486 -52.52 -31.22 1.27
N ASN D 487 -51.20 -31.31 1.09
CA ASN D 487 -50.24 -30.22 1.17
C ASN D 487 -50.27 -29.51 2.53
N CYS D 488 -50.69 -30.20 3.57
CA CYS D 488 -50.64 -29.72 4.94
C CYS D 488 -49.91 -30.76 5.77
N TYR D 489 -48.83 -30.36 6.44
CA TYR D 489 -47.95 -31.31 7.11
C TYR D 489 -47.70 -30.88 8.55
N PHE D 490 -47.70 -31.87 9.43
CA PHE D 490 -47.25 -31.64 10.81
C PHE D 490 -45.74 -31.43 10.80
N PRO D 491 -45.22 -30.43 11.51
CA PRO D 491 -43.80 -30.09 11.36
C PRO D 491 -42.84 -31.15 11.89
N LEU D 492 -43.05 -31.63 13.11
CA LEU D 492 -42.13 -32.58 13.72
C LEU D 492 -42.27 -33.96 13.06
N GLN D 493 -41.13 -34.56 12.75
CA GLN D 493 -41.08 -35.88 12.15
C GLN D 493 -40.01 -36.70 12.86
N SER D 494 -40.18 -38.02 12.85
CA SER D 494 -39.31 -38.90 13.62
C SER D 494 -38.07 -39.29 12.83
N TYR D 495 -36.94 -39.37 13.53
CA TYR D 495 -35.71 -39.89 12.93
C TYR D 495 -35.85 -41.36 12.54
N GLY D 496 -36.32 -42.18 13.47
CA GLY D 496 -36.43 -43.61 13.20
C GLY D 496 -35.10 -44.33 13.16
N PHE D 497 -34.32 -44.24 14.24
CA PHE D 497 -33.03 -44.90 14.29
C PHE D 497 -33.19 -46.41 14.34
N GLN D 498 -32.41 -47.10 13.51
CA GLN D 498 -32.36 -48.55 13.48
C GLN D 498 -30.92 -49.01 13.60
N PRO D 499 -30.67 -50.12 14.30
CA PRO D 499 -29.28 -50.61 14.46
C PRO D 499 -28.66 -51.14 13.18
N THR D 500 -29.46 -51.44 12.16
CA THR D 500 -28.95 -51.93 10.88
C THR D 500 -28.77 -50.80 9.87
N ASN D 501 -28.99 -49.56 10.27
CA ASN D 501 -28.87 -48.44 9.35
C ASN D 501 -27.42 -48.11 9.07
N GLY D 502 -27.20 -47.25 8.08
CA GLY D 502 -25.87 -46.80 7.75
C GLY D 502 -25.30 -45.87 8.81
N VAL D 503 -24.00 -45.60 8.66
CA VAL D 503 -23.26 -44.82 9.66
C VAL D 503 -23.81 -43.40 9.75
N GLY D 504 -24.15 -42.80 8.61
CA GLY D 504 -24.77 -41.50 8.63
C GLY D 504 -26.14 -41.51 9.29
N TYR D 505 -26.87 -42.63 9.17
CA TYR D 505 -28.19 -42.71 9.76
C TYR D 505 -28.16 -43.11 11.23
N GLN D 506 -26.99 -43.53 11.71
CA GLN D 506 -26.88 -43.88 13.12
C GLN D 506 -26.93 -42.61 13.97
N PRO D 507 -27.49 -42.67 15.19
CA PRO D 507 -27.57 -41.47 16.02
C PRO D 507 -26.21 -41.06 16.56
N TYR D 508 -25.97 -39.75 16.53
CA TYR D 508 -24.74 -39.15 17.08
C TYR D 508 -25.15 -38.15 18.14
N ARG D 509 -24.81 -38.44 19.40
CA ARG D 509 -25.08 -37.50 20.48
C ARG D 509 -24.14 -36.32 20.38
N VAL D 510 -24.71 -35.11 20.39
CA VAL D 510 -23.96 -33.88 20.23
C VAL D 510 -24.18 -33.00 21.46
N VAL D 511 -23.08 -32.61 22.09
CA VAL D 511 -23.09 -31.64 23.18
C VAL D 511 -22.21 -30.48 22.76
N VAL D 512 -22.77 -29.29 22.75
CA VAL D 512 -22.02 -28.09 22.39
C VAL D 512 -21.97 -27.19 23.62
N LEU D 513 -20.78 -26.67 23.90
CA LEU D 513 -20.52 -25.84 25.06
C LEU D 513 -20.36 -24.39 24.62
N SER D 514 -21.17 -23.51 25.19
CA SER D 514 -21.09 -22.08 24.93
C SER D 514 -20.25 -21.44 26.02
N PHE D 515 -19.16 -20.79 25.63
CA PHE D 515 -18.21 -20.21 26.56
C PHE D 515 -18.21 -18.69 26.43
N GLU D 516 -17.95 -18.02 27.54
CA GLU D 516 -17.64 -16.60 27.56
C GLU D 516 -16.23 -16.47 28.12
N LEU D 517 -15.40 -15.67 27.45
CA LEU D 517 -13.97 -15.63 27.74
C LEU D 517 -13.57 -14.24 28.21
N LEU D 518 -13.15 -14.16 29.48
CA LEU D 518 -12.29 -13.09 29.99
C LEU D 518 -12.99 -11.72 29.90
N HIS D 519 -14.27 -11.72 30.27
CA HIS D 519 -15.06 -10.49 30.25
C HIS D 519 -15.80 -10.27 31.55
N ALA D 520 -15.77 -11.26 32.44
CA ALA D 520 -16.53 -11.24 33.68
C ALA D 520 -15.90 -12.24 34.63
N PRO D 521 -16.18 -12.13 35.93
CA PRO D 521 -15.66 -13.13 36.87
C PRO D 521 -16.18 -14.54 36.57
N ALA D 522 -15.30 -15.51 36.75
CA ALA D 522 -15.54 -16.88 36.30
C ALA D 522 -15.79 -17.79 37.49
N THR D 523 -16.77 -18.67 37.35
CA THR D 523 -17.09 -19.67 38.38
C THR D 523 -16.52 -21.04 38.06
N VAL D 524 -16.12 -21.29 36.83
CA VAL D 524 -15.56 -22.57 36.40
C VAL D 524 -14.25 -22.32 35.69
N CYS D 525 -13.24 -23.14 35.98
CA CYS D 525 -11.93 -22.99 35.37
C CYS D 525 -11.24 -24.34 35.25
N GLY D 526 -10.03 -24.31 34.69
CA GLY D 526 -9.30 -25.51 34.36
C GLY D 526 -8.70 -26.22 35.55
N PRO D 527 -8.15 -27.42 35.32
CA PRO D 527 -7.67 -28.24 36.44
C PRO D 527 -6.32 -27.81 37.00
N LYS D 528 -5.74 -26.72 36.50
CA LYS D 528 -4.40 -26.32 36.93
C LYS D 528 -4.42 -25.85 38.38
N LYS D 529 -3.45 -26.32 39.16
CA LYS D 529 -3.38 -26.01 40.58
C LYS D 529 -2.68 -24.69 40.79
N SER D 530 -3.26 -23.86 41.67
CA SER D 530 -2.76 -22.51 41.88
C SER D 530 -1.49 -22.53 42.72
N THR D 531 -0.65 -21.51 42.50
CA THR D 531 0.61 -21.34 43.22
C THR D 531 0.59 -20.04 44.00
N ASN D 532 1.65 -19.82 44.78
CA ASN D 532 1.74 -18.63 45.61
C ASN D 532 2.06 -17.40 44.75
N LEU D 533 1.71 -16.23 45.28
CA LEU D 533 1.90 -14.98 44.55
C LEU D 533 3.31 -14.46 44.72
N VAL D 534 3.88 -13.97 43.63
CA VAL D 534 5.13 -13.20 43.65
C VAL D 534 4.81 -11.80 43.16
N LYS D 535 5.02 -10.81 44.02
CA LYS D 535 4.64 -9.43 43.72
C LYS D 535 5.88 -8.58 43.48
N ASN D 536 5.67 -7.47 42.76
CA ASN D 536 6.71 -6.50 42.43
C ASN D 536 7.89 -7.13 41.70
N LYS D 537 7.59 -8.03 40.76
CA LYS D 537 8.62 -8.76 40.04
C LYS D 537 8.10 -9.10 38.65
N CYS D 538 9.04 -9.34 37.74
CA CYS D 538 8.70 -9.77 36.38
C CYS D 538 8.52 -11.27 36.38
N VAL D 539 7.26 -11.71 36.35
CA VAL D 539 6.91 -13.12 36.48
C VAL D 539 5.74 -13.42 35.56
N ASN D 540 5.75 -14.63 35.00
CA ASN D 540 4.62 -15.08 34.18
C ASN D 540 3.42 -15.36 35.06
N PHE D 541 2.32 -14.67 34.75
CA PHE D 541 1.09 -14.81 35.56
C PHE D 541 -0.05 -15.40 34.73
N ASN D 542 -0.97 -16.12 35.38
CA ASN D 542 -2.16 -16.67 34.68
C ASN D 542 -3.37 -16.38 35.57
N PHE D 543 -3.80 -15.12 35.67
CA PHE D 543 -4.91 -14.79 36.59
C PHE D 543 -6.25 -15.08 35.93
N ASN D 544 -7.09 -15.90 36.55
CA ASN D 544 -8.46 -16.18 36.04
C ASN D 544 -8.44 -16.42 34.53
N GLY D 545 -7.38 -17.05 34.01
CA GLY D 545 -7.28 -17.36 32.60
C GLY D 545 -6.46 -16.39 31.79
N LEU D 546 -6.13 -15.23 32.34
CA LEU D 546 -5.36 -14.23 31.60
C LEU D 546 -3.87 -14.43 31.82
N THR D 547 -3.14 -14.62 30.73
CA THR D 547 -1.72 -14.93 30.77
C THR D 547 -0.91 -13.71 30.37
N GLY D 548 0.14 -13.42 31.12
CA GLY D 548 0.98 -12.28 30.78
C GLY D 548 2.30 -12.30 31.51
N THR D 549 3.21 -11.43 31.08
CA THR D 549 4.51 -11.23 31.72
C THR D 549 4.64 -9.76 32.09
N GLY D 550 4.53 -9.45 33.38
CA GLY D 550 4.58 -8.08 33.83
C GLY D 550 4.63 -8.00 35.34
N VAL D 551 4.97 -6.80 35.83
CA VAL D 551 5.09 -6.59 37.27
C VAL D 551 3.69 -6.37 37.85
N LEU D 552 3.45 -6.92 39.03
CA LEU D 552 2.15 -6.80 39.69
C LEU D 552 2.29 -5.91 40.90
N THR D 553 1.38 -4.95 41.06
CA THR D 553 1.42 -4.03 42.18
C THR D 553 0.03 -3.86 42.77
N GLU D 554 -0.03 -3.29 43.96
CA GLU D 554 -1.30 -3.09 44.65
C GLU D 554 -2.13 -2.03 43.94
N SER D 555 -3.42 -2.28 43.83
CA SER D 555 -4.34 -1.39 43.12
C SER D 555 -5.24 -0.68 44.12
N ASN D 556 -5.40 0.63 43.94
CA ASN D 556 -6.33 1.43 44.74
C ASN D 556 -7.57 1.79 43.93
N LYS D 557 -7.96 0.94 42.99
CA LYS D 557 -9.11 1.18 42.12
C LYS D 557 -10.25 0.26 42.53
N LYS D 558 -11.43 0.85 42.72
CA LYS D 558 -12.59 0.08 43.13
C LYS D 558 -13.20 -0.66 41.94
N PHE D 559 -13.59 -1.90 42.16
CA PHE D 559 -14.25 -2.72 41.14
C PHE D 559 -15.69 -2.99 41.55
N LEU D 560 -16.61 -2.83 40.60
CA LEU D 560 -17.98 -3.25 40.80
C LEU D 560 -18.04 -4.79 40.79
N PRO D 561 -19.04 -5.38 41.48
CA PRO D 561 -19.07 -6.85 41.59
C PRO D 561 -19.21 -7.60 40.27
N PHE D 562 -19.84 -7.01 39.27
CA PHE D 562 -20.12 -7.74 38.04
C PHE D 562 -18.94 -7.75 37.07
N GLN D 563 -17.85 -7.04 37.38
CA GLN D 563 -16.74 -6.88 36.47
C GLN D 563 -15.46 -7.43 37.11
N GLN D 564 -14.57 -7.98 36.28
CA GLN D 564 -13.38 -8.64 36.80
C GLN D 564 -12.11 -7.89 36.39
N PHE D 565 -11.95 -7.63 35.10
CA PHE D 565 -10.73 -7.03 34.57
C PHE D 565 -10.90 -5.52 34.43
N GLY D 566 -9.77 -4.82 34.30
CA GLY D 566 -9.83 -3.36 34.14
C GLY D 566 -8.81 -2.85 33.14
N ARG D 567 -9.26 -2.37 31.98
CA ARG D 567 -8.30 -1.92 30.94
C ARG D 567 -8.29 -0.40 30.92
N ASP D 568 -7.19 0.22 31.34
CA ASP D 568 -7.06 1.70 31.26
C ASP D 568 -7.04 2.11 29.79
N ILE D 569 -6.27 1.42 28.96
CA ILE D 569 -6.28 1.69 27.50
C ILE D 569 -6.91 0.43 26.91
N ALA D 570 -7.69 0.54 25.84
CA ALA D 570 -8.43 -0.65 25.38
C ALA D 570 -7.47 -1.78 25.01
N ASP D 571 -6.34 -1.45 24.40
CA ASP D 571 -5.39 -2.49 23.93
C ASP D 571 -4.78 -3.33 25.07
N THR D 572 -4.46 -2.74 26.22
CA THR D 572 -3.74 -3.50 27.28
C THR D 572 -4.54 -3.60 28.58
N THR D 573 -4.63 -4.80 29.16
CA THR D 573 -5.30 -4.94 30.49
C THR D 573 -4.41 -4.23 31.52
N ASP D 574 -5.02 -3.52 32.47
CA ASP D 574 -4.20 -2.75 33.43
C ASP D 574 -4.41 -3.31 34.84
N ALA D 575 -5.64 -3.68 35.20
CA ALA D 575 -5.93 -4.18 36.54
C ALA D 575 -6.70 -5.48 36.47
N VAL D 576 -6.64 -6.24 37.55
CA VAL D 576 -7.32 -7.52 37.66
C VAL D 576 -7.74 -7.69 39.13
N ARG D 577 -8.77 -8.51 39.33
CA ARG D 577 -9.17 -8.92 40.66
C ARG D 577 -8.62 -10.33 40.90
N ASP D 578 -7.76 -10.46 41.90
CA ASP D 578 -7.16 -11.75 42.22
C ASP D 578 -8.24 -12.70 42.73
N PRO D 579 -8.27 -13.96 42.28
CA PRO D 579 -9.39 -14.84 42.63
C PRO D 579 -9.40 -15.31 44.08
N GLN D 580 -8.25 -15.73 44.61
CA GLN D 580 -8.22 -16.29 45.95
C GLN D 580 -8.40 -15.20 47.01
N THR D 581 -7.69 -14.08 46.85
CA THR D 581 -7.83 -12.93 47.72
C THR D 581 -8.41 -11.78 46.91
N LEU D 582 -9.55 -11.24 47.36
CA LEU D 582 -10.32 -10.31 46.54
C LEU D 582 -9.71 -8.92 46.44
N GLU D 583 -8.49 -8.72 46.93
CA GLU D 583 -7.83 -7.43 46.76
C GLU D 583 -7.44 -7.22 45.29
N ILE D 584 -7.52 -5.96 44.85
CA ILE D 584 -7.29 -5.65 43.45
C ILE D 584 -5.80 -5.51 43.18
N LEU D 585 -5.34 -6.06 42.06
CA LEU D 585 -3.93 -6.12 41.70
C LEU D 585 -3.80 -5.54 40.30
N ASP D 586 -3.08 -4.43 40.14
CA ASP D 586 -2.95 -3.87 38.80
C ASP D 586 -1.57 -4.19 38.22
N ILE D 587 -1.54 -4.33 36.90
CA ILE D 587 -0.35 -4.83 36.21
C ILE D 587 0.40 -3.67 35.59
N THR D 588 1.61 -3.44 36.07
CA THR D 588 2.53 -2.52 35.42
C THR D 588 3.41 -3.32 34.47
N PRO D 589 3.94 -2.68 33.44
CA PRO D 589 4.80 -3.38 32.49
C PRO D 589 6.05 -3.95 33.14
N CYS D 590 6.56 -5.05 32.56
CA CYS D 590 7.82 -5.63 33.02
C CYS D 590 8.97 -4.66 32.83
N SER D 591 8.99 -3.95 31.71
CA SER D 591 10.01 -2.95 31.43
C SER D 591 9.45 -1.56 31.68
N PHE D 592 10.27 -0.69 32.26
CA PHE D 592 9.90 0.70 32.49
C PHE D 592 10.21 1.52 31.23
N GLY D 593 10.22 2.83 31.38
CA GLY D 593 10.50 3.70 30.24
C GLY D 593 11.88 3.43 29.66
N GLY D 594 11.93 3.34 28.33
CA GLY D 594 13.11 2.88 27.61
C GLY D 594 14.39 3.65 27.88
N VAL D 595 15.44 2.93 28.26
CA VAL D 595 16.71 3.55 28.61
C VAL D 595 17.36 4.15 27.37
N SER D 596 18.14 5.20 27.58
CA SER D 596 18.84 5.87 26.50
C SER D 596 20.34 5.76 26.74
N VAL D 597 21.00 4.89 26.00
CA VAL D 597 22.42 4.63 26.21
C VAL D 597 23.22 5.71 25.49
N ILE D 598 24.09 6.38 26.23
CA ILE D 598 24.95 7.44 25.72
C ILE D 598 26.34 6.85 25.55
N THR D 599 26.86 6.85 24.33
CA THR D 599 28.13 6.21 24.06
C THR D 599 28.96 7.03 23.07
N PRO D 600 30.30 7.14 23.28
CA PRO D 600 31.12 7.80 22.28
C PRO D 600 31.27 6.70 21.23
N GLY D 601 32.04 6.94 20.18
CA GLY D 601 32.10 5.94 19.12
C GLY D 601 32.61 4.62 19.65
N THR D 602 32.11 3.50 19.14
CA THR D 602 32.64 2.20 19.57
C THR D 602 34.12 2.19 19.22
N ASN D 603 34.48 2.80 18.09
CA ASN D 603 35.92 2.88 17.73
C ASN D 603 36.67 3.61 18.84
N THR D 604 36.15 4.76 19.28
CA THR D 604 36.90 5.54 20.30
C THR D 604 36.91 4.83 21.66
N SER D 605 35.79 4.29 22.12
CA SER D 605 35.76 3.70 23.47
C SER D 605 34.61 2.71 23.62
N ASN D 606 34.70 1.82 24.62
CA ASN D 606 33.59 0.88 24.88
C ASN D 606 32.96 1.20 26.24
N GLN D 607 33.30 2.34 26.85
CA GLN D 607 32.62 2.71 28.11
C GLN D 607 31.34 3.46 27.77
N VAL D 608 30.29 3.31 28.58
CA VAL D 608 29.00 3.90 28.23
C VAL D 608 28.37 4.49 29.48
N ALA D 609 27.41 5.39 29.27
CA ALA D 609 26.52 5.86 30.32
C ALA D 609 25.10 5.51 29.90
N VAL D 610 24.17 5.46 30.85
CA VAL D 610 22.78 5.13 30.54
C VAL D 610 21.88 6.16 31.21
N LEU D 611 21.00 6.78 30.42
CA LEU D 611 20.00 7.72 30.92
C LEU D 611 18.72 6.95 31.20
N TYR D 612 18.32 6.94 32.47
CA TYR D 612 17.03 6.42 32.90
C TYR D 612 15.98 7.51 32.72
N GLN D 613 14.77 7.12 32.35
CA GLN D 613 13.72 8.09 32.10
C GLN D 613 12.87 8.30 33.35
N ASP D 614 12.72 9.59 33.73
CA ASP D 614 11.78 10.15 34.72
C ASP D 614 11.50 9.24 35.92
N VAL D 615 12.58 8.75 36.55
CA VAL D 615 12.51 7.99 37.78
C VAL D 615 13.49 8.57 38.78
N ASN D 616 13.16 8.45 40.07
CA ASN D 616 14.09 8.84 41.12
C ASN D 616 15.25 7.85 41.18
N CYS D 617 16.41 8.34 41.64
CA CYS D 617 17.60 7.49 41.70
C CYS D 617 17.47 6.44 42.79
N THR D 618 16.68 6.72 43.83
CA THR D 618 16.46 5.74 44.88
C THR D 618 15.58 4.59 44.40
N GLU D 619 14.66 4.88 43.47
CA GLU D 619 13.76 3.88 42.92
C GLU D 619 14.34 3.17 41.69
N VAL D 620 15.60 3.43 41.36
CA VAL D 620 16.22 2.75 40.21
C VAL D 620 16.30 1.24 40.35
N PRO D 621 16.80 0.66 41.47
CA PRO D 621 16.81 -0.82 41.54
C PRO D 621 15.43 -1.45 41.50
N VAL D 622 14.41 -0.75 42.01
CA VAL D 622 13.05 -1.25 41.92
C VAL D 622 12.54 -1.20 40.48
N ALA D 623 12.86 -0.11 39.76
CA ALA D 623 12.33 0.06 38.41
C ALA D 623 13.03 -0.87 37.42
N ILE D 624 14.36 -1.01 37.52
CA ILE D 624 15.12 -1.81 36.56
C ILE D 624 15.09 -3.29 36.91
N HIS D 625 14.69 -3.65 38.14
CA HIS D 625 14.61 -5.03 38.63
C HIS D 625 15.96 -5.73 38.52
N ALA D 626 16.92 -5.24 39.32
CA ALA D 626 18.29 -5.75 39.27
C ALA D 626 18.42 -7.13 39.90
N ASP D 627 17.40 -7.62 40.59
CA ASP D 627 17.47 -8.92 41.25
C ASP D 627 17.57 -10.06 40.23
N GLN D 628 16.78 -9.99 39.16
CA GLN D 628 16.85 -10.96 38.09
C GLN D 628 17.86 -10.59 37.02
N LEU D 629 18.59 -9.51 37.20
CA LEU D 629 19.39 -8.92 36.13
C LEU D 629 20.87 -9.28 36.28
N THR D 630 21.56 -9.29 35.15
CA THR D 630 22.98 -9.66 35.11
C THR D 630 23.84 -8.64 35.85
N PRO D 631 24.97 -9.08 36.43
CA PRO D 631 25.84 -8.13 37.15
C PRO D 631 26.42 -7.03 36.27
N THR D 632 26.65 -7.31 34.98
CA THR D 632 27.17 -6.28 34.08
C THR D 632 26.17 -5.17 33.86
N TRP D 633 24.88 -5.46 34.01
CA TRP D 633 23.88 -4.41 34.05
C TRP D 633 23.65 -3.91 35.47
N ARG D 634 23.94 -4.75 36.47
CA ARG D 634 23.73 -4.35 37.86
C ARG D 634 24.72 -3.29 38.29
N VAL D 635 25.90 -3.26 37.67
CA VAL D 635 26.88 -2.21 38.00
C VAL D 635 26.38 -0.86 37.47
N TYR D 636 25.63 -0.87 36.37
CA TYR D 636 25.00 0.37 35.89
C TYR D 636 23.70 0.64 36.63
N SER D 637 23.15 -0.38 37.31
CA SER D 637 21.92 -0.19 38.07
C SER D 637 22.18 0.59 39.35
N THR D 638 23.28 0.26 40.05
CA THR D 638 23.66 0.94 41.28
C THR D 638 25.15 1.18 41.26
N GLY D 639 25.55 2.42 41.55
CA GLY D 639 26.96 2.77 41.52
C GLY D 639 27.24 4.01 42.33
N SER D 640 28.48 4.49 42.21
CA SER D 640 28.87 5.71 42.91
C SER D 640 28.58 6.94 42.06
N ASN D 641 28.78 6.86 40.75
CA ASN D 641 28.58 7.99 39.85
C ASN D 641 27.11 8.03 39.45
N VAL D 642 26.28 8.57 40.33
CA VAL D 642 24.85 8.71 40.09
C VAL D 642 24.51 10.20 40.14
N PHE D 643 23.84 10.70 39.10
CA PHE D 643 23.44 12.10 39.03
C PHE D 643 21.95 12.17 38.75
N GLN D 644 21.29 13.18 39.31
CA GLN D 644 19.82 13.30 39.15
C GLN D 644 19.48 14.52 38.29
N THR D 645 18.75 14.31 37.21
CA THR D 645 18.31 15.36 36.31
C THR D 645 16.80 15.45 36.35
N ARG D 646 16.27 16.49 35.70
CA ARG D 646 14.82 16.56 35.50
C ARG D 646 14.35 15.51 34.52
N ALA D 647 15.18 15.18 33.53
CA ALA D 647 14.84 14.11 32.60
C ALA D 647 14.89 12.75 33.27
N GLY D 648 15.87 12.54 34.14
CA GLY D 648 15.98 11.28 34.86
C GLY D 648 17.39 11.06 35.33
N CYS D 649 17.57 9.93 36.02
CA CYS D 649 18.86 9.61 36.62
C CYS D 649 19.86 9.18 35.57
N LEU D 650 21.14 9.49 35.84
CA LEU D 650 22.26 9.12 35.00
C LEU D 650 23.26 8.34 35.83
N ILE D 651 23.56 7.12 35.41
CA ILE D 651 24.61 6.31 36.03
C ILE D 651 25.58 5.89 34.94
N GLY D 652 26.86 6.09 35.22
CA GLY D 652 27.91 5.84 34.24
C GLY D 652 28.69 7.07 33.82
N ALA D 653 28.34 8.25 34.33
CA ALA D 653 29.08 9.46 34.07
C ALA D 653 29.22 10.23 35.39
N GLU D 654 30.29 11.01 35.47
CA GLU D 654 30.61 11.77 36.68
C GLU D 654 30.22 13.23 36.47
N HIS D 655 29.62 13.82 37.50
CA HIS D 655 29.15 15.20 37.40
C HIS D 655 30.26 16.17 37.78
N VAL D 656 30.45 17.18 36.94
CA VAL D 656 31.45 18.22 37.18
C VAL D 656 30.74 19.56 37.30
N ASN D 657 31.31 20.47 38.10
CA ASN D 657 30.69 21.77 38.26
C ASN D 657 31.06 22.70 37.11
N ASN D 658 32.18 22.44 36.45
CA ASN D 658 32.58 23.24 35.30
C ASN D 658 31.64 23.00 34.12
N SER D 659 31.41 24.06 33.35
CA SER D 659 30.48 24.02 32.24
C SER D 659 31.24 24.15 30.93
N TYR D 660 30.95 23.27 29.98
CA TYR D 660 31.53 23.30 28.65
C TYR D 660 30.40 23.20 27.62
N GLU D 661 30.78 23.37 26.36
CA GLU D 661 29.81 23.29 25.28
C GLU D 661 29.29 21.87 25.11
N CYS D 662 28.04 21.77 24.67
CA CYS D 662 27.38 20.47 24.56
C CYS D 662 27.97 19.65 23.42
N ASP D 663 28.22 18.36 23.68
CA ASP D 663 28.68 17.42 22.68
C ASP D 663 27.63 16.36 22.38
N ILE D 664 27.14 15.67 23.40
CA ILE D 664 26.04 14.72 23.28
C ILE D 664 24.89 15.26 24.13
N PRO D 665 23.75 15.61 23.54
CA PRO D 665 22.67 16.20 24.34
C PRO D 665 21.90 15.18 25.16
N ILE D 666 22.14 15.18 26.49
CA ILE D 666 21.36 14.31 27.37
C ILE D 666 19.93 14.83 27.48
N GLY D 667 19.78 16.14 27.67
CA GLY D 667 18.49 16.74 27.85
C GLY D 667 18.35 17.40 29.22
N ALA D 668 17.30 18.21 29.34
CA ALA D 668 16.97 18.96 30.56
C ALA D 668 18.14 19.82 31.03
N GLY D 669 18.87 20.39 30.07
CA GLY D 669 20.03 21.19 30.39
C GLY D 669 21.27 20.43 30.75
N ILE D 670 21.33 19.14 30.45
CA ILE D 670 22.48 18.30 30.76
C ILE D 670 23.03 17.76 29.46
N CYS D 671 24.36 17.68 29.35
CA CYS D 671 25.04 17.17 28.17
C CYS D 671 26.22 16.33 28.60
N ALA D 672 26.72 15.50 27.68
CA ALA D 672 27.78 14.56 27.98
C ALA D 672 28.91 14.70 26.98
N SER D 673 30.13 14.40 27.43
CA SER D 673 31.29 14.44 26.56
C SER D 673 32.37 13.50 27.11
N TYR D 674 33.24 13.04 26.21
CA TYR D 674 34.35 12.16 26.58
C TYR D 674 35.60 13.01 26.79
N GLN D 675 36.02 13.14 28.05
CA GLN D 675 37.14 14.01 28.39
C GLN D 675 37.92 13.38 29.53
N THR D 676 39.17 13.83 29.67
CA THR D 676 40.04 13.35 30.74
C THR D 676 39.79 14.13 32.03
N SER D 689 41.97 8.66 33.83
CA SER D 689 42.17 8.81 32.40
C SER D 689 40.92 9.39 31.74
N GLN D 690 40.77 9.11 30.44
CA GLN D 690 39.61 9.60 29.70
C GLN D 690 38.35 8.88 30.16
N SER D 691 37.26 9.63 30.32
CA SER D 691 36.01 9.07 30.80
C SER D 691 34.85 9.94 30.31
N ILE D 692 33.64 9.40 30.46
CA ILE D 692 32.44 10.16 30.12
C ILE D 692 32.09 11.07 31.30
N ILE D 693 31.93 12.36 31.00
CA ILE D 693 31.54 13.35 31.99
C ILE D 693 30.23 14.00 31.55
N ALA D 694 29.42 14.37 32.53
CA ALA D 694 28.15 15.03 32.32
C ALA D 694 28.17 16.40 32.98
N TYR D 695 27.70 17.41 32.27
CA TYR D 695 27.75 18.78 32.77
C TYR D 695 26.49 19.53 32.35
N THR D 696 26.19 20.58 33.10
CA THR D 696 25.18 21.53 32.65
C THR D 696 25.68 22.25 31.40
N MET D 697 24.78 22.51 30.46
CA MET D 697 25.16 23.15 29.21
C MET D 697 25.60 24.58 29.45
N SER D 698 26.75 24.94 28.90
CA SER D 698 27.32 26.27 29.12
C SER D 698 26.53 27.30 28.33
N LEU D 699 26.12 28.37 29.01
CA LEU D 699 25.42 29.46 28.32
C LEU D 699 26.37 30.20 27.38
N GLY D 700 27.61 30.37 27.79
CA GLY D 700 28.60 31.04 26.96
C GLY D 700 29.63 31.75 27.82
N ALA D 701 30.39 32.62 27.16
CA ALA D 701 31.42 33.38 27.85
C ALA D 701 30.79 34.48 28.70
N GLU D 702 31.08 34.45 30.00
CA GLU D 702 30.51 35.44 30.91
C GLU D 702 31.39 36.68 30.96
N ASN D 703 30.78 37.83 30.66
CA ASN D 703 31.47 39.10 30.69
C ASN D 703 30.52 40.16 31.24
N SER D 704 31.07 41.30 31.63
CA SER D 704 30.30 42.39 32.21
C SER D 704 30.69 43.70 31.55
N VAL D 705 29.69 44.42 31.04
CA VAL D 705 29.87 45.79 30.54
C VAL D 705 28.92 46.68 31.31
N ALA D 706 29.44 47.79 31.84
CA ALA D 706 28.70 48.68 32.71
C ALA D 706 28.10 49.81 31.88
N TYR D 707 26.81 50.08 32.07
CA TYR D 707 26.15 51.18 31.39
C TYR D 707 26.42 52.51 32.09
N SER D 708 26.53 53.57 31.29
CA SER D 708 26.46 54.93 31.77
C SER D 708 25.94 55.79 30.62
N ASN D 709 25.19 56.85 30.97
CA ASN D 709 24.57 57.66 29.94
C ASN D 709 25.55 58.63 29.27
N ASN D 710 26.77 58.74 29.79
CA ASN D 710 27.80 59.60 29.19
C ASN D 710 29.07 58.82 28.88
N SER D 711 28.97 57.50 28.71
CA SER D 711 30.12 56.64 28.46
C SER D 711 29.95 55.94 27.12
N ILE D 712 31.04 55.86 26.36
CA ILE D 712 31.06 55.22 25.05
C ILE D 712 32.33 54.38 24.98
N ALA D 713 32.29 53.30 24.21
CA ALA D 713 33.45 52.43 24.04
C ALA D 713 33.81 52.40 22.55
N ILE D 714 35.07 52.69 22.25
CA ILE D 714 35.57 52.70 20.88
C ILE D 714 36.81 51.82 20.81
N PRO D 715 36.86 50.83 19.92
CA PRO D 715 38.10 50.06 19.74
C PRO D 715 39.17 50.88 19.04
N THR D 716 40.41 50.55 19.33
CA THR D 716 41.56 51.16 18.67
C THR D 716 42.31 50.20 17.75
N ASN D 717 42.02 48.91 17.80
CA ASN D 717 42.65 47.92 16.95
C ASN D 717 41.60 46.98 16.38
N PHE D 718 42.01 46.20 15.38
CA PHE D 718 41.12 45.27 14.71
C PHE D 718 41.86 43.98 14.41
N THR D 719 41.10 42.90 14.29
CA THR D 719 41.64 41.56 14.02
C THR D 719 40.80 40.91 12.94
N ILE D 720 41.34 40.85 11.72
CA ILE D 720 40.64 40.16 10.64
C ILE D 720 40.68 38.66 10.88
N SER D 721 39.51 38.03 10.88
CA SER D 721 39.40 36.63 11.25
C SER D 721 38.78 35.83 10.11
N VAL D 722 39.22 34.58 9.96
CA VAL D 722 38.66 33.65 8.98
C VAL D 722 38.03 32.49 9.74
N THR D 723 36.75 32.26 9.51
CA THR D 723 35.99 31.25 10.21
C THR D 723 35.38 30.26 9.22
N THR D 724 35.54 28.98 9.50
CA THR D 724 34.96 27.91 8.68
C THR D 724 33.55 27.61 9.17
N GLU D 725 32.63 27.46 8.22
CA GLU D 725 31.25 27.09 8.54
C GLU D 725 30.79 26.01 7.56
N ILE D 726 30.52 24.84 8.10
CA ILE D 726 30.20 23.67 7.22
C ILE D 726 28.69 23.46 7.18
N LEU D 727 28.10 23.42 5.98
CA LEU D 727 26.69 23.20 5.77
C LEU D 727 26.46 22.07 4.77
N PRO D 728 25.81 20.98 5.16
CA PRO D 728 25.42 19.95 4.19
C PRO D 728 24.34 20.47 3.25
N VAL D 729 24.34 19.96 2.02
CA VAL D 729 23.41 20.44 1.00
C VAL D 729 22.62 19.30 0.35
N SER D 730 23.16 18.09 0.31
CA SER D 730 22.53 17.05 -0.49
C SER D 730 22.84 15.68 0.07
N MET D 731 21.86 15.08 0.72
CA MET D 731 21.92 13.68 1.10
C MET D 731 21.95 12.82 -0.17
N THR D 732 22.60 11.66 -0.05
CA THR D 732 22.85 10.79 -1.20
C THR D 732 21.56 10.33 -1.86
N LYS D 733 21.48 10.49 -3.18
CA LYS D 733 20.28 10.14 -3.92
C LYS D 733 20.09 8.64 -3.98
N THR D 734 18.90 8.18 -3.64
CA THR D 734 18.56 6.77 -3.66
C THR D 734 17.30 6.56 -4.48
N SER D 735 17.24 5.41 -5.14
CA SER D 735 16.06 5.01 -5.91
C SER D 735 15.93 3.50 -5.82
N VAL D 736 14.69 3.04 -5.81
CA VAL D 736 14.39 1.62 -5.61
C VAL D 736 14.06 1.00 -6.96
N ASP D 737 14.64 -0.16 -7.22
CA ASP D 737 14.26 -0.97 -8.38
C ASP D 737 12.97 -1.69 -8.03
N CYS D 738 11.87 -1.26 -8.65
CA CYS D 738 10.53 -1.71 -8.24
C CYS D 738 10.33 -3.21 -8.47
N THR D 739 10.62 -3.68 -9.68
CA THR D 739 10.41 -5.08 -10.01
C THR D 739 11.31 -5.99 -9.19
N MET D 740 12.56 -5.60 -8.99
CA MET D 740 13.47 -6.41 -8.20
C MET D 740 13.08 -6.38 -6.73
N TYR D 741 12.46 -5.28 -6.28
CA TYR D 741 12.04 -5.17 -4.89
C TYR D 741 10.85 -6.08 -4.60
N ILE D 742 9.83 -6.06 -5.46
CA ILE D 742 8.61 -6.79 -5.11
C ILE D 742 8.52 -8.13 -5.81
N CYS D 743 9.37 -8.41 -6.79
CA CYS D 743 9.40 -9.74 -7.40
C CYS D 743 10.73 -10.45 -7.22
N GLY D 744 11.84 -9.79 -7.57
CA GLY D 744 13.13 -10.43 -7.45
C GLY D 744 13.30 -11.52 -8.50
N ASP D 745 13.70 -12.70 -8.06
CA ASP D 745 13.88 -13.85 -8.93
C ASP D 745 12.73 -14.85 -8.84
N SER D 746 11.61 -14.47 -8.24
CA SER D 746 10.49 -15.39 -8.04
C SER D 746 9.73 -15.61 -9.34
N THR D 747 9.01 -16.74 -9.38
CA THR D 747 8.11 -17.03 -10.48
C THR D 747 6.81 -16.27 -10.33
N GLU D 748 5.92 -16.46 -11.32
CA GLU D 748 4.68 -15.67 -11.53
C GLU D 748 4.93 -14.17 -11.32
N CYS D 749 6.01 -13.66 -11.92
CA CYS D 749 6.45 -12.30 -11.69
C CYS D 749 5.43 -11.29 -12.23
N SER D 750 4.80 -11.60 -13.37
CA SER D 750 3.85 -10.69 -13.98
C SER D 750 2.61 -10.52 -13.11
N ASN D 751 2.12 -11.60 -12.50
CA ASN D 751 0.94 -11.51 -11.65
C ASN D 751 1.19 -10.70 -10.40
N LEU D 752 2.33 -10.96 -9.74
CA LEU D 752 2.69 -10.21 -8.53
C LEU D 752 2.92 -8.74 -8.85
N LEU D 753 3.57 -8.46 -9.99
CA LEU D 753 3.78 -7.07 -10.40
C LEU D 753 2.47 -6.37 -10.71
N LEU D 754 1.56 -7.04 -11.42
CA LEU D 754 0.27 -6.43 -11.74
C LEU D 754 -0.55 -6.21 -10.48
N GLN D 755 -0.38 -7.07 -9.46
CA GLN D 755 -1.21 -6.97 -8.28
C GLN D 755 -0.66 -5.95 -7.28
N TYR D 756 0.67 -5.78 -7.21
CA TYR D 756 1.27 -4.89 -6.22
C TYR D 756 2.29 -3.92 -6.79
N GLY D 757 2.16 -3.49 -8.04
CA GLY D 757 3.22 -2.71 -8.64
C GLY D 757 3.05 -1.22 -8.51
N SER D 758 1.80 -0.75 -8.49
CA SER D 758 1.59 0.70 -8.48
C SER D 758 1.88 1.29 -7.11
N PHE D 759 1.78 0.48 -6.05
CA PHE D 759 2.14 0.93 -4.71
C PHE D 759 3.64 1.21 -4.62
N CYS D 760 4.44 0.23 -5.06
CA CYS D 760 5.89 0.41 -5.19
C CYS D 760 6.23 1.50 -6.19
N THR D 761 5.43 1.67 -7.24
CA THR D 761 5.68 2.72 -8.21
C THR D 761 5.47 4.10 -7.60
N GLN D 762 4.45 4.24 -6.76
CA GLN D 762 4.24 5.50 -6.05
C GLN D 762 5.38 5.79 -5.08
N LEU D 763 5.85 4.76 -4.37
CA LEU D 763 7.00 4.95 -3.48
C LEU D 763 8.26 5.32 -4.27
N ASN D 764 8.44 4.74 -5.46
CA ASN D 764 9.59 5.06 -6.28
C ASN D 764 9.48 6.49 -6.85
N ARG D 765 8.26 6.93 -7.17
CA ARG D 765 8.06 8.33 -7.56
C ARG D 765 8.39 9.26 -6.41
N ALA D 766 8.04 8.87 -5.18
CA ALA D 766 8.41 9.66 -4.01
C ALA D 766 9.92 9.77 -3.87
N LEU D 767 10.64 8.66 -4.02
CA LEU D 767 12.09 8.68 -3.89
C LEU D 767 12.75 9.44 -5.04
N THR D 768 12.19 9.34 -6.25
CA THR D 768 12.69 10.11 -7.38
C THR D 768 12.46 11.60 -7.18
N GLY D 769 11.31 11.96 -6.59
CA GLY D 769 11.08 13.35 -6.23
C GLY D 769 12.08 13.86 -5.20
N ILE D 770 12.43 13.01 -4.24
CA ILE D 770 13.47 13.36 -3.27
C ILE D 770 14.80 13.60 -3.97
N ALA D 771 15.17 12.71 -4.91
CA ALA D 771 16.44 12.83 -5.60
C ALA D 771 16.52 14.08 -6.47
N VAL D 772 15.46 14.37 -7.23
CA VAL D 772 15.46 15.55 -8.07
C VAL D 772 15.36 16.81 -7.22
N GLU D 773 14.77 16.69 -6.02
CA GLU D 773 14.77 17.80 -5.07
C GLU D 773 16.18 18.09 -4.57
N GLN D 774 16.96 17.05 -4.29
CA GLN D 774 18.36 17.27 -3.87
C GLN D 774 19.19 17.87 -4.99
N ASP D 775 18.95 17.43 -6.23
CA ASP D 775 19.61 18.07 -7.37
C ASP D 775 19.20 19.53 -7.51
N LYS D 776 17.93 19.83 -7.21
CA LYS D 776 17.45 21.20 -7.22
C LYS D 776 18.14 22.04 -6.14
N ASN D 777 18.37 21.46 -4.95
CA ASN D 777 19.12 22.17 -3.91
C ASN D 777 20.56 22.43 -4.35
N THR D 778 21.19 21.45 -5.00
CA THR D 778 22.56 21.64 -5.49
C THR D 778 22.63 22.75 -6.52
N GLN D 779 21.67 22.79 -7.45
CA GLN D 779 21.63 23.88 -8.43
C GLN D 779 21.25 25.20 -7.78
N GLU D 780 20.49 25.15 -6.68
CA GLU D 780 20.08 26.36 -6.00
C GLU D 780 21.26 27.00 -5.28
N VAL D 781 22.18 26.18 -4.76
CA VAL D 781 23.29 26.75 -4.01
C VAL D 781 24.53 27.02 -4.87
N PHE D 782 24.86 26.14 -5.83
CA PHE D 782 26.09 26.26 -6.58
C PHE D 782 25.95 26.89 -7.95
N ALA D 783 24.75 27.30 -8.34
CA ALA D 783 24.53 27.91 -9.65
C ALA D 783 23.81 29.23 -9.57
N GLN D 784 24.25 30.14 -8.69
CA GLN D 784 23.77 31.51 -8.75
C GLN D 784 24.08 32.13 -10.10
N VAL D 785 25.34 32.07 -10.52
CA VAL D 785 25.79 32.75 -11.73
C VAL D 785 26.25 31.68 -12.72
N LYS D 786 25.89 31.87 -13.99
CA LYS D 786 26.30 30.95 -15.02
C LYS D 786 27.61 31.37 -15.68
N GLN D 787 27.99 32.63 -15.52
CA GLN D 787 29.21 33.13 -16.15
C GLN D 787 30.44 32.49 -15.53
N ILE D 788 31.33 32.02 -16.39
CA ILE D 788 32.54 31.32 -15.97
C ILE D 788 33.73 32.23 -16.19
N TYR D 789 34.55 32.41 -15.16
CA TYR D 789 35.70 33.29 -15.22
C TYR D 789 36.96 32.54 -14.82
N LYS D 790 38.11 33.09 -15.22
CA LYS D 790 39.41 32.52 -14.91
C LYS D 790 40.31 33.61 -14.35
N THR D 791 41.22 33.21 -13.46
CA THR D 791 42.12 34.16 -12.80
C THR D 791 43.54 33.91 -13.26
N PRO D 792 44.10 34.74 -14.14
CA PRO D 792 45.51 34.59 -14.54
C PRO D 792 46.49 34.82 -13.39
N PRO D 793 46.46 35.98 -12.63
CA PRO D 793 47.55 36.19 -11.67
C PRO D 793 47.30 35.52 -10.33
N ILE D 794 48.36 35.40 -9.51
CA ILE D 794 48.24 34.68 -8.25
C ILE D 794 48.49 35.61 -7.06
N LYS D 795 49.40 36.55 -7.21
CA LYS D 795 49.86 37.34 -6.06
C LYS D 795 49.91 38.82 -6.43
N ASP D 796 48.83 39.35 -6.99
CA ASP D 796 48.69 40.80 -7.15
C ASP D 796 47.43 41.33 -6.51
N PHE D 797 46.84 40.60 -5.56
CA PHE D 797 45.59 41.01 -4.92
C PHE D 797 45.86 41.80 -3.64
N GLY D 798 46.72 42.82 -3.78
CA GLY D 798 47.03 43.68 -2.65
C GLY D 798 47.78 42.98 -1.53
N GLY D 799 48.67 42.07 -1.87
CA GLY D 799 49.43 41.34 -0.88
C GLY D 799 48.73 40.15 -0.26
N PHE D 800 47.50 39.87 -0.66
CA PHE D 800 46.75 38.74 -0.10
C PHE D 800 47.08 37.47 -0.88
N ASN D 801 47.67 36.49 -0.20
CA ASN D 801 48.01 35.22 -0.82
C ASN D 801 46.74 34.40 -1.01
N PHE D 802 46.52 33.91 -2.23
CA PHE D 802 45.33 33.15 -2.59
C PHE D 802 45.67 31.84 -3.30
N SER D 803 46.79 31.21 -2.95
CA SER D 803 47.25 30.06 -3.71
C SER D 803 46.44 28.80 -3.40
N GLN D 804 45.85 28.73 -2.21
CA GLN D 804 45.33 27.45 -1.74
C GLN D 804 43.81 27.37 -1.81
N ILE D 805 43.12 28.52 -1.79
CA ILE D 805 41.67 28.47 -1.92
C ILE D 805 41.25 28.62 -3.37
N LEU D 806 42.05 29.31 -4.19
CA LEU D 806 41.84 29.30 -5.62
C LEU D 806 42.29 27.96 -6.18
N PRO D 807 41.65 27.47 -7.24
CA PRO D 807 42.14 26.24 -7.88
C PRO D 807 43.54 26.41 -8.46
N ASP D 808 44.38 25.42 -8.21
CA ASP D 808 45.75 25.47 -8.68
C ASP D 808 45.81 25.16 -10.18
N PRO D 809 46.73 25.77 -10.92
CA PRO D 809 46.84 25.48 -12.35
C PRO D 809 47.57 24.18 -12.61
N SER D 810 47.53 23.75 -13.88
CA SER D 810 48.30 22.63 -14.42
C SER D 810 48.00 21.32 -13.71
N LYS D 811 46.74 21.08 -13.38
CA LYS D 811 46.31 19.80 -12.82
C LYS D 811 45.04 19.36 -13.54
N PRO D 812 44.82 18.06 -13.74
CA PRO D 812 43.60 17.62 -14.45
C PRO D 812 42.32 17.91 -13.69
N SER D 813 42.37 17.87 -12.36
CA SER D 813 41.24 18.27 -11.55
C SER D 813 41.25 19.78 -11.38
N LYS D 814 40.06 20.39 -11.42
CA LYS D 814 39.91 21.81 -11.14
C LYS D 814 39.88 22.10 -9.64
N ARG D 815 40.30 21.14 -8.82
CA ARG D 815 40.15 21.22 -7.37
C ARG D 815 41.28 22.05 -6.73
N SER D 816 40.95 22.71 -5.63
CA SER D 816 41.94 23.43 -4.87
C SER D 816 42.56 22.54 -3.79
N PHE D 817 43.56 23.09 -3.09
CA PHE D 817 44.24 22.34 -2.03
C PHE D 817 43.32 22.15 -0.82
N ILE D 818 42.58 23.21 -0.46
CA ILE D 818 41.61 23.10 0.62
C ILE D 818 40.52 22.11 0.26
N GLU D 819 40.03 22.15 -0.97
CA GLU D 819 39.02 21.19 -1.41
C GLU D 819 39.61 19.79 -1.56
N ASP D 820 40.92 19.70 -1.83
CA ASP D 820 41.60 18.41 -1.76
C ASP D 820 41.49 17.83 -0.35
N LEU D 821 41.77 18.65 0.66
CA LEU D 821 41.64 18.20 2.04
C LEU D 821 40.19 17.88 2.40
N LEU D 822 39.24 18.66 1.85
CA LEU D 822 37.82 18.43 2.13
C LEU D 822 37.36 17.08 1.59
N PHE D 823 37.69 16.74 0.33
CA PHE D 823 37.31 15.43 -0.17
C PHE D 823 38.14 14.31 0.45
N ASN D 824 39.35 14.61 0.90
CA ASN D 824 40.16 13.57 1.51
C ASN D 824 39.70 13.21 2.92
N LYS D 825 39.26 14.18 3.72
CA LYS D 825 39.02 13.98 5.15
C LYS D 825 37.71 13.27 5.45
N VAL D 826 36.85 13.06 4.47
CA VAL D 826 35.55 12.42 4.68
C VAL D 826 35.58 11.03 4.06
N THR D 827 35.21 10.03 4.85
CA THR D 827 35.25 8.63 4.42
C THR D 827 33.83 8.12 4.20
N LEU D 828 33.63 7.41 3.10
CA LEU D 828 32.32 6.85 2.78
C LEU D 828 32.13 5.49 3.44
N ALA D 852 23.08 -3.73 -6.50
CA ALA D 852 21.61 -3.85 -6.64
C ALA D 852 21.15 -5.09 -5.87
N GLN D 853 21.72 -6.25 -6.19
CA GLN D 853 21.37 -7.50 -5.48
C GLN D 853 21.75 -7.30 -4.01
N LYS D 854 22.87 -6.61 -3.78
CA LYS D 854 23.36 -6.39 -2.39
C LYS D 854 22.29 -5.63 -1.60
N PHE D 855 21.62 -4.68 -2.23
CA PHE D 855 20.65 -3.86 -1.46
C PHE D 855 19.22 -4.30 -1.78
N ASN D 856 19.05 -5.48 -2.37
CA ASN D 856 17.69 -5.99 -2.70
C ASN D 856 16.95 -4.97 -3.56
N GLY D 857 17.62 -4.40 -4.55
CA GLY D 857 16.95 -3.49 -5.49
C GLY D 857 17.13 -2.02 -5.16
N LEU D 858 17.62 -1.69 -3.97
CA LEU D 858 17.87 -0.24 -3.74
C LEU D 858 19.11 0.16 -4.53
N THR D 859 19.04 1.25 -5.28
CA THR D 859 20.18 1.71 -6.11
C THR D 859 20.55 3.13 -5.69
N VAL D 860 21.76 3.56 -6.01
CA VAL D 860 22.16 4.92 -5.67
C VAL D 860 22.29 5.69 -6.98
N LEU D 861 21.41 6.67 -7.17
CA LEU D 861 21.48 7.50 -8.36
C LEU D 861 22.63 8.49 -8.24
N PRO D 862 23.44 8.64 -9.28
CA PRO D 862 24.52 9.62 -9.26
C PRO D 862 23.96 11.03 -9.31
N PRO D 863 24.66 12.00 -8.73
CA PRO D 863 24.21 13.40 -8.83
C PRO D 863 24.25 13.88 -10.27
N LEU D 864 23.29 14.74 -10.62
CA LEU D 864 23.27 15.32 -11.96
C LEU D 864 24.47 16.25 -12.17
N LEU D 865 24.81 17.04 -11.16
CA LEU D 865 26.03 17.82 -11.19
C LEU D 865 27.16 17.03 -10.56
N THR D 866 28.16 16.67 -11.36
CA THR D 866 29.30 15.95 -10.82
C THR D 866 30.20 16.89 -10.03
N ASP D 867 31.14 16.29 -9.30
CA ASP D 867 32.01 17.06 -8.40
C ASP D 867 32.92 17.99 -9.17
N GLU D 868 33.28 17.63 -10.41
CA GLU D 868 34.15 18.47 -11.22
C GLU D 868 33.49 19.80 -11.56
N MET D 869 32.21 19.77 -11.95
CA MET D 869 31.53 21.01 -12.26
C MET D 869 31.12 21.77 -11.00
N ILE D 870 30.96 21.07 -9.88
CA ILE D 870 30.76 21.77 -8.61
C ILE D 870 32.01 22.56 -8.25
N ALA D 871 33.19 21.94 -8.40
CA ALA D 871 34.44 22.66 -8.20
C ALA D 871 34.61 23.78 -9.21
N GLN D 872 34.15 23.57 -10.44
CA GLN D 872 34.20 24.63 -11.45
C GLN D 872 33.29 25.79 -11.09
N TYR D 873 32.12 25.50 -10.51
CA TYR D 873 31.22 26.57 -10.10
C TYR D 873 31.81 27.36 -8.95
N THR D 874 32.44 26.68 -7.99
CA THR D 874 33.14 27.39 -6.92
C THR D 874 34.30 28.21 -7.46
N SER D 875 35.01 27.66 -8.46
CA SER D 875 36.10 28.40 -9.11
C SER D 875 35.58 29.65 -9.80
N ALA D 876 34.44 29.54 -10.50
CA ALA D 876 33.85 30.69 -11.18
C ALA D 876 33.39 31.73 -10.18
N LEU D 877 32.80 31.30 -9.06
CA LEU D 877 32.38 32.25 -8.02
C LEU D 877 33.58 32.97 -7.42
N LEU D 878 34.65 32.24 -7.10
CA LEU D 878 35.84 32.87 -6.53
C LEU D 878 36.49 33.82 -7.53
N ALA D 879 36.62 33.40 -8.80
CA ALA D 879 37.25 34.23 -9.81
C ALA D 879 36.45 35.51 -10.05
N GLY D 880 35.12 35.38 -10.18
CA GLY D 880 34.29 36.55 -10.37
C GLY D 880 34.33 37.49 -9.17
N THR D 881 34.29 36.92 -7.95
CA THR D 881 34.36 37.73 -6.74
C THR D 881 35.66 38.52 -6.67
N ILE D 882 36.79 37.84 -6.82
CA ILE D 882 38.10 38.48 -6.70
C ILE D 882 38.30 39.52 -7.80
N THR D 883 37.91 39.18 -9.03
CA THR D 883 38.17 40.10 -10.14
C THR D 883 37.21 41.28 -10.17
N SER D 884 35.99 41.13 -9.64
CA SER D 884 34.96 42.09 -9.94
C SER D 884 34.10 42.57 -8.77
N GLY D 885 34.38 42.17 -7.53
CA GLY D 885 33.54 42.63 -6.44
C GLY D 885 32.17 41.98 -6.49
N TRP D 886 31.14 42.81 -6.34
CA TRP D 886 29.76 42.31 -6.37
C TRP D 886 29.19 42.38 -7.78
N THR D 887 29.97 42.90 -8.73
CA THR D 887 29.42 43.31 -10.02
C THR D 887 29.13 42.12 -10.93
N PHE D 888 29.86 41.01 -10.77
CA PHE D 888 29.90 39.96 -11.80
C PHE D 888 28.54 39.29 -11.98
N GLY D 889 27.74 39.21 -10.91
CA GLY D 889 26.44 38.57 -11.03
C GLY D 889 25.41 39.45 -11.71
N ALA D 890 25.62 40.77 -11.69
CA ALA D 890 24.64 41.69 -12.25
C ALA D 890 24.64 41.65 -13.77
N GLY D 891 25.82 41.66 -14.38
CA GLY D 891 25.90 41.70 -15.83
C GLY D 891 27.29 41.38 -16.31
N ALA D 892 27.76 42.17 -17.26
CA ALA D 892 29.14 42.07 -17.73
C ALA D 892 30.09 42.41 -16.60
N ALA D 893 31.16 41.63 -16.47
CA ALA D 893 32.07 41.78 -15.36
C ALA D 893 32.90 43.06 -15.50
N LEU D 894 32.94 43.84 -14.43
CA LEU D 894 33.76 45.04 -14.36
C LEU D 894 34.94 44.78 -13.44
N GLN D 895 36.15 44.87 -13.99
CA GLN D 895 37.35 44.59 -13.22
C GLN D 895 37.58 45.69 -12.17
N ILE D 896 38.08 45.27 -11.01
CA ILE D 896 38.38 46.19 -9.91
C ILE D 896 39.55 45.61 -9.13
N PRO D 897 40.50 46.42 -8.68
CA PRO D 897 41.56 45.91 -7.80
C PRO D 897 41.00 45.42 -6.48
N PHE D 898 41.68 44.44 -5.89
CA PHE D 898 41.20 43.81 -4.66
C PHE D 898 41.25 44.79 -3.48
N ALA D 899 42.25 45.68 -3.49
CA ALA D 899 42.37 46.68 -2.44
C ALA D 899 41.22 47.67 -2.48
N MET D 900 40.83 48.10 -3.68
CA MET D 900 39.70 49.03 -3.80
C MET D 900 38.38 48.35 -3.44
N GLN D 901 38.27 47.06 -3.76
CA GLN D 901 37.12 46.28 -3.29
C GLN D 901 37.08 46.23 -1.77
N MET D 902 38.25 46.04 -1.12
CA MET D 902 38.30 46.01 0.33
C MET D 902 37.94 47.37 0.92
N ALA D 903 38.34 48.44 0.23
CA ALA D 903 37.95 49.78 0.65
C ALA D 903 36.44 49.96 0.59
N TYR D 904 35.81 49.45 -0.47
CA TYR D 904 34.36 49.54 -0.56
C TYR D 904 33.65 48.66 0.47
N ARG D 905 34.20 47.50 0.79
CA ARG D 905 33.60 46.67 1.84
C ARG D 905 33.73 47.32 3.21
N PHE D 906 34.87 47.96 3.50
CA PHE D 906 35.01 48.70 4.75
C PHE D 906 34.06 49.88 4.80
N ASN D 907 33.88 50.59 3.68
CA ASN D 907 32.90 51.67 3.64
C ASN D 907 31.49 51.16 3.86
N GLY D 908 31.18 49.97 3.35
CA GLY D 908 29.88 49.36 3.62
C GLY D 908 29.70 48.98 5.08
N ILE D 909 30.78 48.54 5.73
CA ILE D 909 30.70 48.22 7.16
C ILE D 909 30.46 49.49 7.98
N GLY D 910 31.23 50.54 7.72
CA GLY D 910 31.13 51.79 8.47
C GLY D 910 32.46 52.40 8.85
N VAL D 911 33.56 51.68 8.70
CA VAL D 911 34.88 52.23 8.95
C VAL D 911 35.41 52.87 7.66
N THR D 912 36.07 54.01 7.79
CA THR D 912 36.59 54.70 6.63
C THR D 912 37.71 53.89 5.98
N GLN D 913 37.81 54.02 4.65
CA GLN D 913 38.76 53.25 3.86
C GLN D 913 40.21 53.64 4.10
N ASN D 914 40.47 54.81 4.69
CA ASN D 914 41.82 55.28 4.93
C ASN D 914 42.60 54.39 5.87
N VAL D 915 41.91 53.63 6.73
CA VAL D 915 42.56 52.65 7.58
C VAL D 915 43.21 51.56 6.73
N LEU D 916 42.48 51.08 5.71
CA LEU D 916 42.94 49.97 4.88
C LEU D 916 44.26 50.28 4.18
N TYR D 917 44.33 51.45 3.53
CA TYR D 917 45.56 51.84 2.87
C TYR D 917 46.64 52.26 3.86
N GLU D 918 46.30 52.41 5.14
CA GLU D 918 47.32 52.66 6.15
C GLU D 918 47.89 51.37 6.72
N ASN D 919 47.15 50.26 6.61
CA ASN D 919 47.56 48.98 7.18
C ASN D 919 47.28 47.84 6.22
N GLN D 920 47.62 48.01 4.95
CA GLN D 920 47.33 46.98 3.95
C GLN D 920 48.17 45.73 4.20
N LYS D 921 49.46 45.91 4.51
CA LYS D 921 50.33 44.76 4.74
C LYS D 921 49.93 44.01 6.01
N LEU D 922 49.45 44.74 7.03
CA LEU D 922 49.03 44.10 8.26
C LEU D 922 47.80 43.21 8.03
N ILE D 923 46.82 43.72 7.29
CA ILE D 923 45.61 42.93 7.00
C ILE D 923 45.95 41.75 6.10
N ALA D 924 46.85 41.95 5.13
CA ALA D 924 47.27 40.84 4.29
C ALA D 924 47.97 39.75 5.08
N ASN D 925 48.85 40.15 6.02
CA ASN D 925 49.55 39.17 6.84
C ASN D 925 48.59 38.46 7.79
N GLN D 926 47.61 39.17 8.34
CA GLN D 926 46.62 38.53 9.21
C GLN D 926 45.77 37.54 8.43
N PHE D 927 45.38 37.88 7.20
CA PHE D 927 44.59 36.97 6.38
C PHE D 927 45.41 35.73 6.02
N ASN D 928 46.69 35.92 5.66
CA ASN D 928 47.53 34.77 5.32
C ASN D 928 47.77 33.88 6.53
N SER D 929 47.98 34.47 7.70
CA SER D 929 48.16 33.68 8.91
C SER D 929 46.88 32.94 9.29
N ALA D 930 45.73 33.58 9.07
CA ALA D 930 44.46 32.93 9.38
C ALA D 930 44.20 31.74 8.46
N ILE D 931 44.43 31.90 7.15
CA ILE D 931 44.20 30.79 6.23
C ILE D 931 45.25 29.71 6.44
N GLY D 932 46.45 30.07 6.90
CA GLY D 932 47.43 29.07 7.28
C GLY D 932 47.00 28.28 8.51
N LYS D 933 46.40 28.96 9.47
CA LYS D 933 45.86 28.28 10.65
C LYS D 933 44.72 27.34 10.28
N ILE D 934 43.86 27.77 9.34
CA ILE D 934 42.80 26.89 8.85
C ILE D 934 43.37 25.69 8.11
N GLN D 935 44.45 25.91 7.34
CA GLN D 935 45.11 24.82 6.64
C GLN D 935 45.69 23.80 7.62
N ASP D 936 46.32 24.28 8.69
CA ASP D 936 46.89 23.38 9.69
C ASP D 936 45.80 22.66 10.48
N SER D 937 44.67 23.33 10.71
CA SER D 937 43.55 22.70 11.40
C SER D 937 42.92 21.59 10.56
N LEU D 938 42.77 21.84 9.26
CA LEU D 938 42.15 20.85 8.39
C LEU D 938 43.12 19.71 8.07
N SER D 939 44.42 20.01 7.98
CA SER D 939 45.40 18.99 7.65
C SER D 939 45.58 18.00 8.80
N SER D 940 45.62 18.51 10.03
CA SER D 940 45.78 17.64 11.19
C SER D 940 44.51 16.83 11.44
N THR D 941 44.69 15.67 12.05
CA THR D 941 43.56 14.81 12.37
C THR D 941 42.74 15.43 13.51
N ALA D 942 41.44 15.56 13.28
CA ALA D 942 40.55 16.18 14.26
C ALA D 942 39.14 15.69 14.01
N SER D 943 38.25 16.04 14.95
CA SER D 943 36.84 15.67 14.86
C SER D 943 36.02 16.67 14.06
N ALA D 944 36.66 17.46 13.20
CA ALA D 944 35.93 18.40 12.34
C ALA D 944 35.22 17.65 11.22
N LEU D 945 34.46 18.41 10.43
CA LEU D 945 33.63 17.89 9.34
C LEU D 945 32.65 16.81 9.81
N GLY D 946 32.08 17.00 11.00
CA GLY D 946 31.19 15.98 11.54
C GLY D 946 29.81 15.97 10.90
N LYS D 947 29.41 17.10 10.30
CA LYS D 947 28.08 17.19 9.72
C LYS D 947 27.96 16.34 8.46
N LEU D 948 28.95 16.44 7.56
CA LEU D 948 28.93 15.67 6.33
C LEU D 948 29.07 14.17 6.59
N GLN D 949 29.96 13.82 7.52
CA GLN D 949 30.11 12.42 7.92
C GLN D 949 28.83 11.91 8.59
N ASP D 950 28.15 12.79 9.32
CA ASP D 950 26.87 12.42 9.91
C ASP D 950 25.82 12.16 8.85
N VAL D 951 25.82 12.97 7.78
CA VAL D 951 24.90 12.74 6.67
C VAL D 951 25.17 11.40 5.99
N VAL D 952 26.44 11.10 5.73
CA VAL D 952 26.80 9.84 5.08
C VAL D 952 26.45 8.66 5.98
N ASN D 953 26.75 8.76 7.28
CA ASN D 953 26.43 7.67 8.21
C ASN D 953 24.93 7.52 8.40
N GLN D 954 24.18 8.63 8.31
CA GLN D 954 22.73 8.54 8.40
C GLN D 954 22.13 7.83 7.20
N ASN D 955 22.66 8.12 6.00
CA ASN D 955 22.21 7.40 4.80
C ASN D 955 22.55 5.92 4.89
N ALA D 956 23.77 5.61 5.34
CA ALA D 956 24.18 4.22 5.48
C ALA D 956 23.33 3.49 6.53
N GLN D 957 23.01 4.19 7.63
CA GLN D 957 22.17 3.60 8.67
C GLN D 957 20.76 3.38 8.19
N ALA D 958 20.24 4.29 7.36
CA ALA D 958 18.91 4.12 6.79
C ALA D 958 18.86 2.90 5.87
N LEU D 959 19.89 2.74 5.02
CA LEU D 959 19.94 1.55 4.15
C LEU D 959 20.10 0.28 4.96
N ASN D 960 20.92 0.32 6.02
CA ASN D 960 21.11 -0.86 6.87
C ASN D 960 19.82 -1.23 7.59
N THR D 961 19.09 -0.24 8.08
CA THR D 961 17.81 -0.50 8.74
C THR D 961 16.79 -1.03 7.75
N LEU D 962 16.83 -0.55 6.50
CA LEU D 962 15.99 -1.10 5.45
C LEU D 962 16.28 -2.58 5.22
N VAL D 963 17.57 -2.94 5.15
CA VAL D 963 17.94 -4.34 4.95
C VAL D 963 17.50 -5.18 6.13
N LYS D 964 17.67 -4.67 7.35
CA LYS D 964 17.32 -5.44 8.55
C LYS D 964 15.81 -5.62 8.68
N GLN D 965 15.03 -4.60 8.32
CA GLN D 965 13.58 -4.76 8.29
C GLN D 965 13.15 -5.74 7.21
N LEU D 966 13.81 -5.70 6.05
CA LEU D 966 13.44 -6.56 4.94
C LEU D 966 13.86 -8.00 5.21
N SER D 967 14.80 -8.22 6.13
CA SER D 967 15.23 -9.57 6.45
C SER D 967 14.17 -10.32 7.26
N SER D 968 13.22 -9.62 7.86
CA SER D 968 12.18 -10.26 8.66
C SER D 968 11.21 -11.03 7.77
N ASN D 969 10.59 -12.06 8.34
CA ASN D 969 9.66 -12.88 7.57
C ASN D 969 8.27 -12.25 7.48
N PHE D 970 8.01 -11.22 8.29
CA PHE D 970 6.73 -10.50 8.31
C PHE D 970 5.55 -11.41 8.59
N GLY D 971 5.74 -12.43 9.42
CA GLY D 971 4.67 -13.34 9.78
C GLY D 971 4.36 -14.41 8.77
N ALA D 972 5.17 -14.53 7.72
CA ALA D 972 4.96 -15.58 6.73
C ALA D 972 5.56 -16.90 7.21
N ILE D 973 5.33 -17.95 6.42
CA ILE D 973 5.91 -19.25 6.73
C ILE D 973 7.43 -19.21 6.60
N SER D 974 7.91 -18.62 5.51
CA SER D 974 9.34 -18.45 5.30
C SER D 974 9.61 -17.03 4.83
N SER D 975 10.81 -16.54 5.14
CA SER D 975 11.19 -15.19 4.73
C SER D 975 11.46 -15.13 3.23
N VAL D 976 11.80 -16.26 2.61
CA VAL D 976 12.09 -16.28 1.19
C VAL D 976 10.80 -16.44 0.41
N LEU D 977 10.59 -15.57 -0.57
CA LEU D 977 9.41 -15.67 -1.43
C LEU D 977 9.47 -16.93 -2.30
N ASN D 978 10.67 -17.28 -2.78
CA ASN D 978 10.81 -18.43 -3.67
C ASN D 978 10.43 -19.72 -2.97
N ASP D 979 10.71 -19.82 -1.67
CA ASP D 979 10.33 -21.00 -0.90
C ASP D 979 8.82 -21.17 -0.86
N ILE D 980 8.09 -20.07 -0.62
CA ILE D 980 6.65 -20.20 -0.44
C ILE D 980 5.92 -20.20 -1.78
N LEU D 981 6.62 -19.88 -2.87
CA LEU D 981 6.13 -20.31 -4.18
C LEU D 981 6.36 -21.80 -4.40
N SER D 982 7.51 -22.33 -3.95
CA SER D 982 7.87 -23.69 -4.30
C SER D 982 7.05 -24.72 -3.52
N ARG D 983 6.83 -24.49 -2.24
CA ARG D 983 6.21 -25.51 -1.38
C ARG D 983 4.77 -25.18 -1.00
N LEU D 984 4.13 -24.23 -1.67
CA LEU D 984 2.74 -23.89 -1.37
C LEU D 984 1.97 -23.70 -2.67
N ASP D 985 0.79 -24.33 -2.76
CA ASP D 985 -0.06 -24.13 -3.92
C ASP D 985 -0.75 -22.76 -3.87
N PRO D 986 -1.00 -22.14 -5.02
CA PRO D 986 -1.31 -20.67 -5.06
C PRO D 986 -2.50 -20.21 -4.22
N PRO D 987 -3.67 -20.90 -4.20
CA PRO D 987 -4.85 -20.27 -3.56
C PRO D 987 -4.72 -19.96 -2.07
N GLU D 988 -4.05 -20.83 -1.30
CA GLU D 988 -3.72 -20.47 0.08
C GLU D 988 -2.35 -19.82 0.17
N ALA D 989 -1.56 -19.86 -0.91
CA ALA D 989 -0.24 -19.23 -0.86
C ALA D 989 -0.34 -17.71 -0.95
N GLU D 990 -1.38 -17.20 -1.63
CA GLU D 990 -1.55 -15.76 -1.84
C GLU D 990 -1.58 -14.95 -0.55
N VAL D 991 -2.07 -15.55 0.54
CA VAL D 991 -2.10 -14.88 1.83
C VAL D 991 -0.68 -14.64 2.34
N GLN D 992 0.17 -15.66 2.26
CA GLN D 992 1.57 -15.48 2.64
C GLN D 992 2.26 -14.52 1.69
N ILE D 993 1.91 -14.59 0.40
CA ILE D 993 2.46 -13.68 -0.61
C ILE D 993 2.22 -12.23 -0.24
N ASP D 994 0.96 -11.83 -0.10
CA ASP D 994 0.73 -10.42 0.16
C ASP D 994 1.06 -10.02 1.59
N ARG D 995 1.08 -10.97 2.55
CA ARG D 995 1.61 -10.63 3.88
C ARG D 995 3.07 -10.20 3.79
N LEU D 996 3.90 -11.05 3.18
CA LEU D 996 5.34 -10.74 3.07
C LEU D 996 5.54 -9.50 2.21
N ILE D 997 4.86 -9.39 1.07
CA ILE D 997 5.05 -8.29 0.15
C ILE D 997 4.62 -6.95 0.73
N THR D 998 3.41 -6.87 1.31
CA THR D 998 3.01 -5.62 1.94
C THR D 998 3.88 -5.29 3.15
N GLY D 999 4.38 -6.30 3.88
CA GLY D 999 5.32 -6.01 4.97
C GLY D 999 6.59 -5.35 4.48
N ARG D 1000 7.08 -5.85 3.33
CA ARG D 1000 8.30 -5.27 2.70
C ARG D 1000 7.95 -3.88 2.21
N LEU D 1001 6.79 -3.71 1.57
CA LEU D 1001 6.42 -2.40 1.00
C LEU D 1001 6.27 -1.38 2.12
N GLN D 1002 5.65 -1.79 3.23
CA GLN D 1002 5.46 -0.88 4.39
C GLN D 1002 6.84 -0.49 4.90
N SER D 1003 7.77 -1.43 4.92
CA SER D 1003 9.13 -1.11 5.37
C SER D 1003 9.71 -0.06 4.45
N LEU D 1004 9.44 -0.17 3.15
CA LEU D 1004 9.91 0.89 2.24
C LEU D 1004 9.21 2.20 2.64
N GLN D 1005 7.92 2.15 2.98
CA GLN D 1005 7.22 3.42 3.29
C GLN D 1005 8.00 4.13 4.40
N THR D 1006 8.39 3.39 5.44
CA THR D 1006 9.07 4.07 6.53
C THR D 1006 10.48 4.50 6.14
N TYR D 1007 11.11 3.76 5.22
CA TYR D 1007 12.34 4.28 4.63
C TYR D 1007 12.09 5.59 3.91
N VAL D 1008 10.97 5.67 3.17
CA VAL D 1008 10.62 6.89 2.45
C VAL D 1008 10.38 8.04 3.42
N THR D 1009 9.67 7.79 4.52
CA THR D 1009 9.37 8.88 5.46
C THR D 1009 10.62 9.33 6.22
N GLN D 1010 11.52 8.40 6.55
CA GLN D 1010 12.79 8.79 7.12
C GLN D 1010 13.61 9.61 6.14
N GLN D 1011 13.60 9.22 4.86
CA GLN D 1011 14.24 10.03 3.83
C GLN D 1011 13.58 11.40 3.70
N LEU D 1012 12.27 11.47 3.95
CA LEU D 1012 11.56 12.74 3.89
C LEU D 1012 11.98 13.69 5.01
N ILE D 1013 12.07 13.19 6.25
CA ILE D 1013 12.47 14.07 7.33
C ILE D 1013 13.96 14.44 7.21
N ARG D 1014 14.78 13.49 6.74
CA ARG D 1014 16.18 13.81 6.51
C ARG D 1014 16.33 14.83 5.39
N ALA D 1015 15.51 14.72 4.35
CA ALA D 1015 15.54 15.68 3.25
C ALA D 1015 14.98 17.02 3.69
N ALA D 1016 14.08 17.04 4.68
CA ALA D 1016 13.62 18.30 5.24
C ALA D 1016 14.73 19.02 5.98
N GLU D 1017 15.50 18.28 6.80
CA GLU D 1017 16.65 18.87 7.46
C GLU D 1017 17.71 19.32 6.46
N ILE D 1018 17.94 18.51 5.43
CA ILE D 1018 18.92 18.84 4.40
C ILE D 1018 18.47 20.04 3.58
N ARG D 1019 17.15 20.16 3.32
CA ARG D 1019 16.61 21.33 2.65
C ARG D 1019 16.74 22.58 3.50
N ALA D 1020 16.55 22.46 4.82
CA ALA D 1020 16.76 23.61 5.69
C ALA D 1020 18.21 24.08 5.64
N SER D 1021 19.16 23.14 5.74
CA SER D 1021 20.57 23.49 5.64
C SER D 1021 20.93 24.04 4.26
N ALA D 1022 20.33 23.49 3.20
CA ALA D 1022 20.65 23.93 1.84
C ALA D 1022 20.05 25.30 1.55
N ASN D 1023 18.87 25.59 2.07
CA ASN D 1023 18.29 26.92 1.94
C ASN D 1023 19.11 27.94 2.72
N LEU D 1024 19.62 27.53 3.89
CA LEU D 1024 20.55 28.39 4.62
C LEU D 1024 21.81 28.67 3.80
N ALA D 1025 22.35 27.62 3.16
CA ALA D 1025 23.56 27.78 2.36
C ALA D 1025 23.31 28.64 1.12
N ALA D 1026 22.14 28.50 0.49
CA ALA D 1026 21.82 29.30 -0.68
C ALA D 1026 21.60 30.76 -0.31
N THR D 1027 20.94 31.01 0.82
CA THR D 1027 20.76 32.38 1.30
C THR D 1027 22.11 33.00 1.66
N LYS D 1028 23.02 32.20 2.22
CA LYS D 1028 24.35 32.71 2.51
C LYS D 1028 25.15 32.98 1.24
N MET D 1029 25.07 32.11 0.24
CA MET D 1029 25.76 32.38 -1.03
C MET D 1029 25.18 33.60 -1.73
N SER D 1030 23.89 33.87 -1.52
CA SER D 1030 23.31 35.08 -2.08
C SER D 1030 23.72 36.31 -1.28
N GLU D 1031 23.97 36.15 0.03
CA GLU D 1031 24.20 37.33 0.87
C GLU D 1031 25.64 37.43 1.34
N CYS D 1032 26.21 36.35 1.87
CA CYS D 1032 27.56 36.40 2.43
C CYS D 1032 28.62 36.54 1.34
N VAL D 1033 28.47 35.80 0.25
CA VAL D 1033 29.53 35.75 -0.76
C VAL D 1033 29.37 36.88 -1.78
N LEU D 1034 28.20 36.97 -2.42
CA LEU D 1034 27.97 37.93 -3.48
C LEU D 1034 27.53 39.29 -2.98
N GLY D 1035 27.62 39.53 -1.67
CA GLY D 1035 27.27 40.82 -1.12
C GLY D 1035 27.86 40.96 0.27
N GLN D 1036 27.52 42.07 0.91
CA GLN D 1036 27.89 42.33 2.29
C GLN D 1036 26.64 42.36 3.15
N SER D 1037 26.61 41.55 4.20
CA SER D 1037 25.42 41.35 5.02
C SER D 1037 25.55 42.18 6.29
N LYS D 1038 24.55 43.00 6.60
CA LYS D 1038 24.63 43.72 7.89
C LYS D 1038 24.11 42.81 9.00
N ARG D 1039 23.42 41.74 8.64
CA ARG D 1039 22.84 40.86 9.65
C ARG D 1039 23.92 40.31 10.56
N VAL D 1040 23.68 40.41 11.87
CA VAL D 1040 24.70 40.10 12.87
C VAL D 1040 24.70 38.60 13.14
N ASP D 1041 25.88 37.99 13.07
CA ASP D 1041 26.19 36.56 13.25
C ASP D 1041 25.54 35.67 12.19
N PHE D 1042 24.94 36.25 11.14
CA PHE D 1042 24.44 35.43 10.05
C PHE D 1042 25.63 34.87 9.27
N CYS D 1043 26.59 35.73 8.93
CA CYS D 1043 27.74 35.40 8.10
C CYS D 1043 28.99 35.50 8.98
N GLY D 1044 29.32 34.40 9.67
CA GLY D 1044 30.47 34.38 10.55
C GLY D 1044 30.25 35.19 11.81
N LYS D 1045 31.32 35.30 12.61
CA LYS D 1045 31.29 36.10 13.83
C LYS D 1045 32.07 37.39 13.62
N GLY D 1046 31.41 38.52 13.82
CA GLY D 1046 32.00 39.82 13.61
C GLY D 1046 31.42 40.53 12.41
N TYR D 1047 31.98 41.71 12.14
CA TYR D 1047 31.57 42.47 10.96
C TYR D 1047 32.08 41.81 9.70
N HIS D 1048 31.16 41.30 8.89
CA HIS D 1048 31.48 40.45 7.74
C HIS D 1048 32.05 41.25 6.57
N LEU D 1049 33.20 40.78 6.08
CA LEU D 1049 33.83 41.40 4.92
C LEU D 1049 33.59 40.57 3.66
N MET D 1050 34.04 39.31 3.66
CA MET D 1050 33.84 38.43 2.51
C MET D 1050 33.51 37.04 3.00
N SER D 1051 33.16 36.19 2.04
CA SER D 1051 33.03 34.76 2.28
C SER D 1051 33.50 34.03 1.02
N PHE D 1052 34.09 32.87 1.24
CA PHE D 1052 34.65 32.06 0.15
C PHE D 1052 34.03 30.67 0.20
N PRO D 1053 33.29 30.27 -0.83
CA PRO D 1053 32.70 28.92 -0.83
C PRO D 1053 33.70 27.90 -1.35
N GLN D 1054 33.67 26.71 -0.75
CA GLN D 1054 34.47 25.57 -1.19
C GLN D 1054 33.59 24.34 -1.15
N SER D 1055 33.72 23.48 -2.16
CA SER D 1055 32.93 22.26 -2.22
C SER D 1055 33.35 21.30 -1.13
N ALA D 1056 32.47 20.34 -0.83
CA ALA D 1056 32.68 19.42 0.27
C ALA D 1056 31.83 18.18 0.01
N PRO D 1057 32.21 17.03 0.58
CA PRO D 1057 31.44 15.81 0.33
C PRO D 1057 30.01 15.95 0.84
N HIS D 1058 29.08 16.01 -0.12
CA HIS D 1058 27.66 16.27 0.14
C HIS D 1058 27.46 17.55 0.94
N GLY D 1059 28.23 18.58 0.62
CA GLY D 1059 28.09 19.82 1.36
C GLY D 1059 28.97 20.93 0.81
N VAL D 1060 28.93 22.05 1.53
CA VAL D 1060 29.72 23.23 1.21
C VAL D 1060 30.33 23.75 2.50
N VAL D 1061 31.47 24.40 2.38
CA VAL D 1061 32.10 25.07 3.52
C VAL D 1061 32.38 26.51 3.13
N PHE D 1062 32.08 27.43 4.03
CA PHE D 1062 32.28 28.85 3.82
C PHE D 1062 33.41 29.34 4.71
N LEU D 1063 34.38 30.01 4.10
CA LEU D 1063 35.43 30.71 4.82
C LEU D 1063 35.01 32.18 4.92
N HIS D 1064 34.52 32.57 6.09
CA HIS D 1064 34.07 33.94 6.33
C HIS D 1064 35.24 34.78 6.81
N VAL D 1065 35.52 35.88 6.09
CA VAL D 1065 36.56 36.85 6.52
C VAL D 1065 35.85 37.98 7.24
N THR D 1066 35.96 38.10 8.55
CA THR D 1066 35.16 39.11 9.30
C THR D 1066 36.03 40.05 10.13
N TYR D 1067 35.78 41.36 10.07
CA TYR D 1067 36.50 42.38 10.89
C TYR D 1067 36.01 42.23 12.32
N VAL D 1068 36.92 42.20 13.29
CA VAL D 1068 36.54 42.01 14.72
C VAL D 1068 37.15 43.16 15.51
N PRO D 1069 36.35 43.91 16.31
CA PRO D 1069 36.89 45.00 17.10
C PRO D 1069 37.73 44.45 18.25
N ALA D 1070 38.88 45.06 18.52
CA ALA D 1070 39.73 44.66 19.63
C ALA D 1070 40.32 45.91 20.27
N GLN D 1071 40.77 45.74 21.53
CA GLN D 1071 41.38 46.81 22.33
C GLN D 1071 40.45 48.01 22.46
N GLU D 1072 39.28 47.78 23.04
CA GLU D 1072 38.32 48.86 23.23
C GLU D 1072 38.80 49.81 24.31
N LYS D 1073 38.31 51.05 24.25
CA LYS D 1073 38.66 52.09 25.22
C LYS D 1073 37.40 52.83 25.65
N ASN D 1074 37.33 53.14 26.94
CA ASN D 1074 36.31 54.04 27.46
C ASN D 1074 36.56 55.46 26.96
N PHE D 1075 35.47 56.20 26.74
CA PHE D 1075 35.52 57.61 26.37
C PHE D 1075 34.25 58.30 26.85
N THR D 1076 34.34 59.61 26.98
CA THR D 1076 33.18 60.42 27.35
C THR D 1076 32.53 60.98 26.09
N THR D 1077 31.20 60.94 26.05
CA THR D 1077 30.45 61.33 24.88
C THR D 1077 29.32 62.30 25.26
N ALA D 1078 28.92 63.12 24.28
CA ALA D 1078 27.82 64.05 24.41
C ALA D 1078 26.99 64.01 23.13
N PRO D 1079 25.67 64.16 23.22
CA PRO D 1079 24.84 64.07 22.01
C PRO D 1079 24.98 65.26 21.07
N ALA D 1080 25.31 66.44 21.59
CA ALA D 1080 25.38 67.65 20.79
C ALA D 1080 26.34 68.64 21.41
N ILE D 1081 26.70 69.66 20.62
CA ILE D 1081 27.58 70.74 21.06
C ILE D 1081 26.81 72.05 20.99
N CYS D 1082 26.92 72.87 22.03
CA CYS D 1082 26.31 74.19 22.05
C CYS D 1082 27.38 75.22 21.71
N HIS D 1083 27.37 75.69 20.47
CA HIS D 1083 28.37 76.62 19.98
C HIS D 1083 27.69 77.75 19.22
N ASP D 1084 28.11 78.99 19.51
CA ASP D 1084 27.57 80.21 18.91
C ASP D 1084 26.06 80.33 19.09
N GLY D 1085 25.55 79.86 20.22
CA GLY D 1085 24.11 79.84 20.46
C GLY D 1085 23.36 78.89 19.56
N LYS D 1086 24.04 77.86 19.07
CA LYS D 1086 23.46 76.91 18.13
C LYS D 1086 23.77 75.49 18.57
N ALA D 1087 22.89 74.56 18.21
CA ALA D 1087 23.09 73.15 18.51
C ALA D 1087 23.70 72.46 17.29
N HIS D 1088 24.86 71.84 17.49
CA HIS D 1088 25.58 71.15 16.44
C HIS D 1088 25.53 69.66 16.73
N PHE D 1089 25.05 68.89 15.75
CA PHE D 1089 24.79 67.46 15.82
C PHE D 1089 25.76 66.72 14.91
N PRO D 1090 26.22 65.53 15.31
CA PRO D 1090 27.26 64.86 14.52
C PRO D 1090 26.69 64.27 13.23
N ARG D 1091 27.43 64.47 12.14
CA ARG D 1091 27.07 63.94 10.83
C ARG D 1091 27.96 62.75 10.53
N GLU D 1092 27.36 61.55 10.52
CA GLU D 1092 28.07 60.29 10.31
C GLU D 1092 29.23 60.12 11.28
N GLY D 1093 28.98 60.44 12.54
CA GLY D 1093 30.04 60.37 13.54
C GLY D 1093 29.48 60.33 14.94
N VAL D 1094 30.40 60.10 15.89
CA VAL D 1094 30.10 60.02 17.31
C VAL D 1094 31.03 61.00 18.02
N PHE D 1095 30.48 61.80 18.93
CA PHE D 1095 31.30 62.73 19.69
C PHE D 1095 32.10 61.97 20.75
N VAL D 1096 33.39 62.29 20.84
CA VAL D 1096 34.33 61.61 21.70
C VAL D 1096 35.10 62.68 22.47
N SER D 1097 35.54 62.33 23.68
CA SER D 1097 36.34 63.25 24.48
C SER D 1097 37.54 62.52 25.07
N ASN D 1098 38.71 63.15 24.98
CA ASN D 1098 39.85 62.73 25.79
C ASN D 1098 40.15 63.84 26.80
N GLY D 1099 40.13 63.49 28.09
CA GLY D 1099 40.28 64.51 29.11
C GLY D 1099 39.16 65.53 29.05
N THR D 1100 39.51 66.71 28.56
CA THR D 1100 38.53 67.77 28.30
C THR D 1100 38.35 68.05 26.82
N HIS D 1101 39.29 67.65 25.97
CA HIS D 1101 39.18 67.94 24.54
C HIS D 1101 38.14 67.06 23.87
N TRP D 1102 37.42 67.62 22.91
CA TRP D 1102 36.32 66.95 22.23
C TRP D 1102 36.62 66.85 20.74
N PHE D 1103 36.28 65.70 20.16
CA PHE D 1103 36.46 65.41 18.75
C PHE D 1103 35.26 64.64 18.24
N VAL D 1104 35.26 64.33 16.95
CA VAL D 1104 34.25 63.48 16.33
C VAL D 1104 34.97 62.33 15.63
N THR D 1105 34.46 61.12 15.83
CA THR D 1105 35.10 59.93 15.25
C THR D 1105 34.04 58.91 14.89
N GLN D 1106 34.39 58.04 13.94
CA GLN D 1106 33.52 56.94 13.56
C GLN D 1106 33.41 55.94 14.71
N ARG D 1107 32.30 55.20 14.72
CA ARG D 1107 31.99 54.38 15.90
C ARG D 1107 32.85 53.11 15.95
N ASN D 1108 33.15 52.54 14.79
CA ASN D 1108 33.82 51.24 14.73
C ASN D 1108 35.34 51.33 14.80
N PHE D 1109 35.92 52.52 14.79
CA PHE D 1109 37.37 52.68 14.86
C PHE D 1109 37.69 54.05 15.43
N TYR D 1110 38.80 54.13 16.17
CA TYR D 1110 39.21 55.37 16.81
C TYR D 1110 40.06 56.18 15.83
N GLU D 1111 39.42 57.09 15.11
CA GLU D 1111 40.09 58.06 14.25
C GLU D 1111 39.58 59.43 14.66
N PRO D 1112 40.22 60.07 15.63
CA PRO D 1112 39.73 61.36 16.12
C PRO D 1112 39.94 62.47 15.11
N GLN D 1113 38.85 63.16 14.76
CA GLN D 1113 38.89 64.29 13.85
C GLN D 1113 38.32 65.50 14.58
N ILE D 1114 38.94 66.66 14.35
CA ILE D 1114 38.51 67.88 15.03
C ILE D 1114 37.11 68.27 14.56
N ILE D 1115 36.31 68.78 15.48
CA ILE D 1115 34.92 69.13 15.17
C ILE D 1115 34.89 70.37 14.29
N THR D 1116 34.39 70.22 13.07
CA THR D 1116 34.29 71.31 12.12
C THR D 1116 32.84 71.46 11.69
N THR D 1117 32.54 72.59 11.05
CA THR D 1117 31.20 72.86 10.58
C THR D 1117 30.81 71.92 9.45
N ASP D 1118 31.80 71.39 8.73
CA ASP D 1118 31.50 70.42 7.67
C ASP D 1118 31.12 69.06 8.25
N ASN D 1119 31.67 68.73 9.42
CA ASN D 1119 31.43 67.43 10.04
C ASN D 1119 30.20 67.39 10.92
N THR D 1120 29.50 68.52 11.08
CA THR D 1120 28.31 68.60 11.92
C THR D 1120 27.21 69.34 11.18
N PHE D 1121 25.98 69.17 11.65
CA PHE D 1121 24.84 69.90 11.10
C PHE D 1121 24.09 70.60 12.22
N VAL D 1122 23.53 71.77 11.91
CA VAL D 1122 22.89 72.64 12.90
C VAL D 1122 21.39 72.49 12.77
N SER D 1123 20.72 72.21 13.88
CA SER D 1123 19.26 72.12 13.91
C SER D 1123 18.78 72.43 15.31
N GLY D 1124 18.01 73.51 15.45
CA GLY D 1124 17.43 73.88 16.73
C GLY D 1124 18.42 74.59 17.64
N ASN D 1125 17.90 75.02 18.78
CA ASN D 1125 18.71 75.70 19.77
C ASN D 1125 19.25 74.73 20.82
N CYS D 1126 19.98 75.27 21.79
CA CYS D 1126 20.73 74.43 22.72
C CYS D 1126 19.85 73.79 23.79
N ASP D 1127 18.77 74.45 24.20
CA ASP D 1127 18.09 74.04 25.43
C ASP D 1127 17.18 72.83 25.23
N VAL D 1128 16.78 72.56 23.99
CA VAL D 1128 15.80 71.50 23.74
C VAL D 1128 16.43 70.13 23.95
N VAL D 1129 17.72 70.00 23.67
CA VAL D 1129 18.41 68.72 23.84
C VAL D 1129 19.00 68.63 25.25
N ILE D 1130 18.93 67.44 25.84
CA ILE D 1130 19.50 67.18 27.15
C ILE D 1130 20.89 66.58 26.95
N GLY D 1131 21.80 66.84 27.89
CA GLY D 1131 23.14 66.32 27.82
C GLY D 1131 24.09 67.07 26.92
N ILE D 1132 23.72 68.26 26.44
CA ILE D 1132 24.57 69.00 25.53
C ILE D 1132 25.76 69.58 26.31
N VAL D 1133 26.91 69.63 25.66
CA VAL D 1133 28.17 70.02 26.30
C VAL D 1133 28.77 71.18 25.50
N ASN D 1134 29.14 72.24 26.22
CA ASN D 1134 29.71 73.42 25.59
C ASN D 1134 31.10 73.13 25.03
N ASN D 1135 31.31 73.49 23.77
CA ASN D 1135 32.62 73.46 23.13
C ASN D 1135 32.56 74.36 21.90
N THR D 1136 33.73 74.63 21.32
CA THR D 1136 33.84 75.49 20.15
C THR D 1136 34.00 74.65 18.90
N VAL D 1137 33.18 74.93 17.90
CA VAL D 1137 33.23 74.24 16.60
C VAL D 1137 34.12 75.10 15.70
N TYR D 1138 35.22 74.53 15.24
CA TYR D 1138 36.17 75.29 14.43
C TYR D 1138 35.65 75.43 13.02
N ASP D 1139 35.77 76.65 12.47
CA ASP D 1139 35.34 76.94 11.12
C ASP D 1139 36.54 76.89 10.19
N PRO D 1140 36.57 75.98 9.21
CA PRO D 1140 37.74 75.91 8.30
C PRO D 1140 37.91 77.15 7.42
N LEU D 1141 36.85 77.94 7.24
CA LEU D 1141 36.94 79.11 6.38
C LEU D 1141 37.73 80.23 7.04
N GLN D 1142 37.73 80.26 8.38
CA GLN D 1142 38.39 81.34 9.11
C GLN D 1142 39.91 81.38 8.95
N PRO D 1143 40.68 80.27 9.04
CA PRO D 1143 42.12 80.38 8.75
C PRO D 1143 42.44 80.79 7.32
N GLU D 1144 41.61 80.40 6.36
CA GLU D 1144 41.82 80.80 4.98
C GLU D 1144 41.53 82.29 4.80
N LEU D 1145 40.51 82.79 5.50
CA LEU D 1145 40.16 84.21 5.41
C LEU D 1145 41.23 85.07 6.09
N ASP D 1146 41.63 84.69 7.30
CA ASP D 1146 42.59 85.50 8.05
C ASP D 1146 43.99 85.42 7.46
N SER D 1147 44.42 84.22 7.08
CA SER D 1147 45.76 84.04 6.52
C SER D 1147 45.80 82.87 5.53
N GLN E 14 -59.96 -17.33 36.85
CA GLN E 14 -60.11 -17.25 35.38
C GLN E 14 -59.90 -15.80 34.93
N CYS E 15 -60.64 -15.33 33.92
CA CYS E 15 -60.36 -13.98 33.45
C CYS E 15 -61.48 -13.06 33.89
N VAL E 16 -61.12 -11.95 34.54
CA VAL E 16 -62.14 -10.91 34.86
C VAL E 16 -61.91 -9.81 33.84
N ASN E 17 -62.59 -9.88 32.69
CA ASN E 17 -62.29 -8.89 31.63
C ASN E 17 -62.68 -7.50 32.12
N LEU E 18 -61.73 -6.56 32.10
CA LEU E 18 -61.98 -5.15 32.51
C LEU E 18 -61.87 -4.29 31.27
N THR E 19 -61.85 -4.91 30.08
CA THR E 19 -61.64 -4.15 28.83
C THR E 19 -62.75 -3.14 28.55
N THR E 20 -62.38 -1.96 28.07
CA THR E 20 -63.33 -0.89 27.77
C THR E 20 -63.17 -0.48 26.32
N ARG E 21 -64.29 -0.20 25.66
CA ARG E 21 -64.25 0.22 24.26
C ARG E 21 -63.61 1.61 24.13
N THR E 22 -63.90 2.50 25.08
CA THR E 22 -63.28 3.82 25.06
C THR E 22 -61.83 3.73 25.52
N GLN E 23 -60.91 4.17 24.66
CA GLN E 23 -59.48 4.10 24.93
C GLN E 23 -58.90 5.50 24.86
N LEU E 24 -57.98 5.79 25.78
CA LEU E 24 -57.25 7.05 25.73
C LEU E 24 -56.30 7.04 24.53
N PRO E 25 -56.32 8.07 23.69
CA PRO E 25 -55.30 8.18 22.64
C PRO E 25 -53.92 8.36 23.25
N PRO E 26 -52.83 7.79 22.64
CA PRO E 26 -51.51 7.83 23.29
C PRO E 26 -50.95 9.23 23.48
N ALA E 27 -50.28 9.45 24.61
CA ALA E 27 -49.64 10.76 24.85
C ALA E 27 -48.13 10.57 24.70
N TYR E 28 -47.48 11.42 23.92
CA TYR E 28 -46.03 11.24 23.67
C TYR E 28 -45.28 12.31 24.45
N THR E 29 -44.29 11.90 25.25
CA THR E 29 -43.47 12.87 26.02
C THR E 29 -42.03 12.74 25.54
N ASN E 30 -41.20 13.74 25.79
CA ASN E 30 -39.83 13.69 25.24
C ASN E 30 -38.90 12.95 26.20
N SER E 31 -38.13 12.00 25.68
CA SER E 31 -37.14 11.31 26.49
C SER E 31 -35.83 12.09 26.46
N PHE E 32 -35.37 12.53 27.62
CA PHE E 32 -34.21 13.40 27.74
C PHE E 32 -33.02 12.62 28.25
N THR E 33 -32.22 12.08 27.33
CA THR E 33 -30.95 11.38 27.62
C THR E 33 -31.15 10.22 28.60
N ARG E 34 -31.98 9.26 28.19
CA ARG E 34 -32.24 8.08 29.00
C ARG E 34 -31.93 6.84 28.19
N GLY E 35 -31.95 5.69 28.85
CA GLY E 35 -31.81 4.42 28.18
C GLY E 35 -30.39 3.96 27.89
N VAL E 36 -29.40 4.58 28.51
CA VAL E 36 -28.01 4.19 28.28
C VAL E 36 -27.59 3.16 29.31
N TYR E 37 -27.07 2.03 28.82
CA TYR E 37 -26.68 0.91 29.67
C TYR E 37 -25.19 0.63 29.52
N TYR E 38 -24.68 -0.21 30.42
CA TYR E 38 -23.29 -0.62 30.32
C TYR E 38 -23.11 -1.64 29.20
N PRO E 39 -22.22 -1.39 28.24
CA PRO E 39 -22.05 -2.37 27.15
C PRO E 39 -21.42 -3.68 27.59
N ASP E 40 -20.30 -3.62 28.31
CA ASP E 40 -19.57 -4.83 28.68
C ASP E 40 -19.11 -4.70 30.12
N LYS E 41 -18.89 -5.85 30.77
CA LYS E 41 -18.54 -5.90 32.18
C LYS E 41 -17.03 -5.76 32.36
N VAL E 42 -16.51 -4.65 31.85
CA VAL E 42 -15.08 -4.34 31.91
C VAL E 42 -14.89 -2.96 32.55
N PHE E 43 -13.90 -2.85 33.41
CA PHE E 43 -13.62 -1.59 34.11
C PHE E 43 -12.80 -0.69 33.21
N ARG E 44 -13.36 0.45 32.84
CA ARG E 44 -12.68 1.47 32.04
C ARG E 44 -12.74 2.78 32.80
N SER E 45 -11.61 3.47 32.89
CA SER E 45 -11.48 4.64 33.74
C SER E 45 -10.95 5.83 32.94
N SER E 46 -11.68 6.94 32.99
CA SER E 46 -11.25 8.24 32.46
C SER E 46 -10.93 8.19 30.96
N VAL E 47 -11.71 7.41 30.22
CA VAL E 47 -11.52 7.25 28.79
C VAL E 47 -12.86 7.43 28.08
N LEU E 48 -12.79 7.78 26.80
CA LEU E 48 -13.98 8.04 25.99
C LEU E 48 -14.11 6.90 24.98
N HIS E 49 -15.15 6.09 25.11
CA HIS E 49 -15.29 4.89 24.29
C HIS E 49 -16.53 4.98 23.41
N SER E 50 -16.36 4.74 22.12
CA SER E 50 -17.46 4.78 21.17
C SER E 50 -17.86 3.36 20.81
N THR E 51 -19.16 3.06 20.87
CA THR E 51 -19.65 1.72 20.56
C THR E 51 -20.96 1.83 19.78
N GLN E 52 -21.19 0.87 18.90
CA GLN E 52 -22.41 0.80 18.10
C GLN E 52 -23.24 -0.39 18.58
N ASP E 53 -24.47 -0.11 19.01
CA ASP E 53 -25.34 -1.15 19.55
C ASP E 53 -26.77 -0.64 19.54
N LEU E 54 -27.67 -1.45 20.08
CA LEU E 54 -29.05 -1.01 20.26
C LEU E 54 -29.11 0.02 21.36
N PHE E 55 -29.77 1.15 21.08
CA PHE E 55 -29.78 2.27 22.02
C PHE E 55 -31.08 3.05 21.84
N LEU E 56 -31.39 3.85 22.86
CA LEU E 56 -32.52 4.77 22.77
C LEU E 56 -32.02 6.10 22.26
N PRO E 57 -32.48 6.57 21.11
CA PRO E 57 -32.03 7.87 20.60
C PRO E 57 -32.43 9.01 21.53
N PHE E 58 -31.54 9.99 21.67
CA PHE E 58 -31.80 11.10 22.57
C PHE E 58 -32.83 12.05 21.96
N PHE E 59 -33.66 12.59 22.86
CA PHE E 59 -34.73 13.51 22.43
C PHE E 59 -35.73 12.73 21.59
N SER E 60 -35.86 11.45 21.88
CA SER E 60 -36.87 10.62 21.17
C SER E 60 -38.25 10.82 21.77
N ASN E 61 -39.34 10.62 21.00
CA ASN E 61 -40.71 10.66 21.62
C ASN E 61 -41.03 9.29 22.19
N VAL E 62 -41.25 9.21 23.49
CA VAL E 62 -41.59 7.93 24.19
C VAL E 62 -43.09 7.89 24.49
N THR E 63 -43.79 6.88 23.99
CA THR E 63 -45.24 6.74 24.28
C THR E 63 -45.41 6.55 25.79
N TRP E 64 -46.34 7.28 26.40
CA TRP E 64 -46.52 7.23 27.87
C TRP E 64 -47.92 6.68 28.13
N PHE E 65 -48.01 5.55 28.81
CA PHE E 65 -49.35 4.93 29.00
C PHE E 65 -49.74 4.96 30.48
N HIS E 66 -50.91 5.53 30.77
CA HIS E 66 -51.39 5.62 32.16
C HIS E 66 -51.97 4.26 32.55
N ALA E 67 -52.34 4.11 33.82
CA ALA E 67 -52.96 2.86 34.23
C ALA E 67 -54.39 3.07 34.73
N ILE E 68 -54.71 4.29 35.14
CA ILE E 68 -56.00 4.58 35.79
C ILE E 68 -56.67 5.75 35.08
N HIS E 69 -57.96 5.59 34.79
CA HIS E 69 -58.83 6.66 34.32
C HIS E 69 -60.26 6.42 34.77
N LYS E 77 -63.30 5.42 35.11
CA LYS E 77 -62.83 4.21 35.77
C LYS E 77 -62.54 3.10 34.76
N ARG E 78 -61.74 3.43 33.75
CA ARG E 78 -61.35 2.50 32.70
C ARG E 78 -59.88 2.14 32.88
N PHE E 79 -59.60 0.86 33.06
CA PHE E 79 -58.25 0.34 33.23
C PHE E 79 -57.85 -0.37 31.95
N ASP E 80 -56.86 0.17 31.25
CA ASP E 80 -56.44 -0.35 29.96
C ASP E 80 -54.93 -0.52 29.94
N ASN E 81 -54.48 -1.68 29.47
CA ASN E 81 -53.08 -1.93 29.17
C ASN E 81 -52.89 -2.51 27.77
N PRO E 82 -52.31 -1.76 26.84
CA PRO E 82 -52.22 -2.22 25.47
C PRO E 82 -51.14 -3.28 25.28
N VAL E 83 -51.31 -4.06 24.22
CA VAL E 83 -50.30 -5.04 23.82
C VAL E 83 -49.33 -4.39 22.84
N LEU E 84 -48.33 -3.71 23.38
CA LEU E 84 -47.41 -2.93 22.57
C LEU E 84 -46.41 -3.85 21.87
N PRO E 85 -46.03 -3.51 20.64
CA PRO E 85 -45.06 -4.36 19.92
C PRO E 85 -43.66 -4.22 20.49
N PHE E 86 -42.95 -5.35 20.55
CA PHE E 86 -41.57 -5.41 21.01
C PHE E 86 -40.69 -5.50 19.77
N ASN E 87 -40.02 -4.40 19.43
CA ASN E 87 -39.13 -4.35 18.29
C ASN E 87 -37.76 -3.82 18.71
N ASP E 88 -36.73 -4.67 18.54
CA ASP E 88 -35.33 -4.32 18.76
C ASP E 88 -35.06 -3.83 20.18
N GLY E 89 -35.77 -4.41 21.16
CA GLY E 89 -35.59 -4.03 22.54
C GLY E 89 -36.39 -2.79 22.92
N VAL E 90 -36.82 -2.77 24.18
CA VAL E 90 -37.72 -1.74 24.69
C VAL E 90 -37.20 -1.21 26.01
N TYR E 91 -37.20 0.12 26.16
CA TYR E 91 -36.89 0.80 27.41
C TYR E 91 -38.20 1.14 28.12
N PHE E 92 -38.32 0.70 29.37
CA PHE E 92 -39.54 0.82 30.16
C PHE E 92 -39.24 1.59 31.43
N ALA E 93 -40.00 2.64 31.69
CA ALA E 93 -39.82 3.49 32.86
C ALA E 93 -41.09 3.48 33.70
N SER E 94 -40.95 3.19 34.99
CA SER E 94 -42.09 3.15 35.91
C SER E 94 -41.82 4.14 37.03
N THR E 95 -42.69 5.15 37.18
CA THR E 95 -42.51 6.19 38.19
C THR E 95 -43.67 6.18 39.19
N GLU E 96 -43.63 5.24 40.13
CA GLU E 96 -44.63 5.16 41.18
C GLU E 96 -43.98 4.68 42.47
N LYS E 97 -44.71 4.85 43.57
CA LYS E 97 -44.21 4.53 44.90
C LYS E 97 -44.90 3.34 45.55
N SER E 98 -46.06 2.92 45.05
CA SER E 98 -46.85 1.87 45.68
C SER E 98 -46.91 0.61 44.84
N ASN E 99 -45.79 0.22 44.20
CA ASN E 99 -45.53 -1.06 43.52
C ASN E 99 -46.73 -1.64 42.76
N ILE E 100 -47.46 -0.76 42.05
CA ILE E 100 -48.59 -1.22 41.25
C ILE E 100 -48.09 -2.02 40.05
N ILE E 101 -47.07 -1.52 39.36
CA ILE E 101 -46.46 -2.22 38.24
C ILE E 101 -45.59 -3.35 38.80
N ARG E 102 -45.91 -4.58 38.40
CA ARG E 102 -45.27 -5.75 38.99
C ARG E 102 -44.35 -6.49 38.02
N GLY E 103 -44.88 -6.90 36.86
CA GLY E 103 -44.09 -7.74 35.97
C GLY E 103 -44.43 -7.48 34.52
N TRP E 104 -43.96 -8.39 33.67
CA TRP E 104 -44.11 -8.27 32.23
C TRP E 104 -44.32 -9.64 31.58
N ILE E 105 -44.86 -9.63 30.37
CA ILE E 105 -44.93 -10.80 29.51
C ILE E 105 -44.29 -10.45 28.19
N PHE E 106 -43.75 -11.46 27.50
CA PHE E 106 -43.15 -11.30 26.18
C PHE E 106 -43.49 -12.52 25.34
N GLY E 107 -43.86 -12.29 24.09
CA GLY E 107 -44.21 -13.41 23.22
C GLY E 107 -44.50 -12.97 21.81
N THR E 108 -44.68 -13.97 20.94
CA THR E 108 -45.03 -13.69 19.55
C THR E 108 -46.49 -13.29 19.43
N THR E 109 -47.40 -14.20 19.79
CA THR E 109 -48.83 -13.92 19.75
C THR E 109 -49.50 -14.02 21.11
N LEU E 110 -48.73 -14.35 22.16
CA LEU E 110 -49.19 -14.36 23.55
C LEU E 110 -50.37 -15.31 23.76
N ASP E 111 -50.29 -16.47 23.12
CA ASP E 111 -51.30 -17.51 23.27
C ASP E 111 -50.60 -18.84 23.59
N SER E 112 -51.40 -19.90 23.66
CA SER E 112 -50.87 -21.19 24.06
C SER E 112 -50.15 -21.90 22.91
N LYS E 113 -50.28 -21.38 21.68
CA LYS E 113 -49.64 -22.02 20.54
C LYS E 113 -48.12 -21.86 20.57
N THR E 114 -47.65 -20.67 20.99
CA THR E 114 -46.22 -20.38 21.05
C THR E 114 -45.82 -20.10 22.50
N GLN E 115 -44.53 -20.27 22.79
CA GLN E 115 -44.04 -20.03 24.13
C GLN E 115 -44.04 -18.54 24.47
N SER E 116 -43.93 -18.26 25.76
CA SER E 116 -43.89 -16.88 26.23
C SER E 116 -43.05 -16.80 27.49
N LEU E 117 -42.49 -15.61 27.71
CA LEU E 117 -41.68 -15.30 28.89
C LEU E 117 -42.51 -14.47 29.86
N LEU E 118 -42.57 -14.93 31.10
CA LEU E 118 -43.35 -14.29 32.17
C LEU E 118 -42.42 -13.91 33.30
N ILE E 119 -42.44 -12.64 33.67
CA ILE E 119 -41.70 -12.12 34.81
C ILE E 119 -42.72 -11.59 35.80
N VAL E 120 -42.76 -12.18 37.00
CA VAL E 120 -43.66 -11.77 38.06
C VAL E 120 -42.82 -11.39 39.27
N ASN E 121 -43.13 -10.22 39.85
CA ASN E 121 -42.41 -9.70 41.01
C ASN E 121 -43.41 -9.40 42.13
N ASN E 122 -43.66 -10.43 42.93
CA ASN E 122 -44.50 -10.22 44.13
C ASN E 122 -43.53 -9.89 45.26
N ALA E 123 -44.05 -9.59 46.45
CA ALA E 123 -43.21 -9.19 47.58
C ALA E 123 -42.41 -10.34 48.17
N THR E 124 -42.80 -11.58 47.89
CA THR E 124 -41.96 -12.71 48.23
C THR E 124 -40.69 -12.72 47.39
N ASN E 125 -40.82 -12.85 46.07
CA ASN E 125 -39.68 -13.14 45.21
C ASN E 125 -40.03 -12.76 43.77
N VAL E 126 -39.02 -12.86 42.90
CA VAL E 126 -39.23 -12.76 41.46
C VAL E 126 -39.21 -14.16 40.86
N VAL E 127 -40.21 -14.45 40.03
CA VAL E 127 -40.30 -15.70 39.29
C VAL E 127 -40.28 -15.35 37.81
N ILE E 128 -39.32 -15.93 37.09
CA ILE E 128 -39.13 -15.66 35.66
C ILE E 128 -39.15 -17.01 34.96
N LYS E 129 -40.15 -17.23 34.12
CA LYS E 129 -40.30 -18.54 33.49
C LYS E 129 -40.74 -18.41 32.04
N VAL E 130 -40.20 -19.26 31.18
CA VAL E 130 -40.68 -19.37 29.80
C VAL E 130 -41.50 -20.65 29.66
N CYS E 131 -42.77 -20.48 29.32
CA CYS E 131 -43.70 -21.60 29.25
C CYS E 131 -44.72 -21.31 28.15
N GLU E 132 -45.41 -22.36 27.72
CA GLU E 132 -46.54 -22.18 26.82
C GLU E 132 -47.73 -21.69 27.62
N PHE E 133 -47.95 -20.38 27.64
CA PHE E 133 -48.94 -19.75 28.49
C PHE E 133 -50.14 -19.31 27.67
N GLN E 134 -51.33 -19.66 28.15
CA GLN E 134 -52.58 -19.16 27.59
C GLN E 134 -53.01 -17.95 28.40
N PHE E 135 -52.95 -16.77 27.78
CA PHE E 135 -53.16 -15.51 28.48
C PHE E 135 -54.61 -15.06 28.34
N CYS E 136 -55.07 -14.29 29.32
CA CYS E 136 -56.35 -13.61 29.20
C CYS E 136 -56.22 -12.44 28.23
N ASN E 137 -57.33 -11.74 28.00
CA ASN E 137 -57.25 -10.52 27.15
C ASN E 137 -56.59 -9.44 28.02
N ASP E 138 -56.87 -9.45 29.33
CA ASP E 138 -56.25 -8.50 30.24
C ASP E 138 -55.64 -9.20 31.47
N PRO E 139 -54.40 -9.69 31.37
CA PRO E 139 -53.70 -10.18 32.57
C PRO E 139 -53.48 -9.10 33.62
N PHE E 140 -53.80 -9.38 34.88
CA PHE E 140 -53.44 -8.50 35.97
C PHE E 140 -53.28 -9.31 37.25
N LEU E 141 -52.35 -8.89 38.10
CA LEU E 141 -52.24 -9.49 39.41
C LEU E 141 -53.34 -8.94 40.31
N GLY E 142 -54.17 -9.85 40.84
CA GLY E 142 -55.31 -9.44 41.60
C GLY E 142 -55.14 -9.66 43.10
N VAL E 143 -55.37 -8.60 43.86
CA VAL E 143 -55.15 -8.69 45.33
C VAL E 143 -56.49 -8.50 46.04
N TYR E 144 -56.73 -9.28 47.10
CA TYR E 144 -57.99 -9.19 47.88
C TYR E 144 -57.60 -9.02 49.34
N TYR E 145 -57.13 -7.82 49.67
CA TYR E 145 -56.66 -7.53 51.05
C TYR E 145 -57.82 -7.65 52.03
N HIS E 146 -57.58 -8.29 53.20
CA HIS E 146 -58.65 -8.45 54.22
C HIS E 146 -59.00 -7.06 54.74
N LYS E 147 -60.30 -6.72 54.83
CA LYS E 147 -60.64 -5.33 55.20
C LYS E 147 -60.02 -5.01 56.56
N ASN E 148 -59.23 -3.95 56.64
CA ASN E 148 -58.64 -3.51 57.94
C ASN E 148 -57.98 -4.69 58.65
N ASN E 149 -57.21 -5.50 57.92
CA ASN E 149 -56.49 -6.64 58.56
C ASN E 149 -55.00 -6.54 58.22
N LYS E 150 -54.13 -6.82 59.20
CA LYS E 150 -52.67 -6.80 58.93
C LYS E 150 -52.39 -7.85 57.86
N SER E 151 -53.02 -9.02 57.97
CA SER E 151 -52.88 -10.04 56.90
C SER E 151 -53.77 -9.63 55.72
N TRP E 152 -53.25 -9.73 54.49
CA TRP E 152 -54.05 -9.41 53.27
C TRP E 152 -53.99 -10.63 52.34
N MET E 153 -55.02 -10.85 51.51
CA MET E 153 -54.92 -11.96 50.52
C MET E 153 -54.40 -11.38 49.21
N GLU E 154 -53.33 -11.97 48.66
CA GLU E 154 -52.72 -11.40 47.43
C GLU E 154 -52.30 -12.53 46.47
N SER E 155 -51.49 -12.20 45.46
CA SER E 155 -50.95 -13.20 44.53
C SER E 155 -52.03 -14.14 43.99
N GLU E 156 -53.13 -13.54 43.48
CA GLU E 156 -54.12 -14.31 42.73
C GLU E 156 -53.81 -14.17 41.24
N PHE E 157 -52.93 -15.06 40.77
CA PHE E 157 -52.40 -14.99 39.41
C PHE E 157 -53.46 -15.30 38.37
N ARG E 158 -53.91 -14.28 37.64
CA ARG E 158 -54.88 -14.43 36.57
C ARG E 158 -54.23 -14.45 35.19
N VAL E 159 -52.90 -14.47 35.14
CA VAL E 159 -52.20 -14.26 33.88
C VAL E 159 -52.30 -15.49 32.98
N TYR E 160 -52.23 -16.70 33.53
CA TYR E 160 -52.39 -17.91 32.75
C TYR E 160 -53.58 -18.70 33.28
N SER E 161 -54.47 -19.11 32.36
CA SER E 161 -55.49 -20.09 32.71
C SER E 161 -54.89 -21.49 32.80
N SER E 162 -54.00 -21.79 31.85
CA SER E 162 -53.34 -23.12 31.78
C SER E 162 -51.87 -22.94 31.40
N ALA E 163 -50.97 -23.67 32.07
CA ALA E 163 -49.52 -23.58 31.77
C ALA E 163 -48.96 -24.97 31.49
N ASN E 164 -48.22 -25.11 30.40
CA ASN E 164 -47.60 -26.41 30.08
C ASN E 164 -46.24 -26.20 29.41
N ASN E 165 -45.34 -27.18 29.44
CA ASN E 165 -44.04 -27.08 28.73
C ASN E 165 -43.15 -25.97 29.30
N CYS E 166 -42.99 -25.90 30.63
CA CYS E 166 -42.04 -24.92 31.17
C CYS E 166 -40.62 -25.45 31.00
N THR E 167 -39.75 -24.64 30.39
CA THR E 167 -38.38 -25.07 30.15
C THR E 167 -37.36 -24.34 31.03
N PHE E 168 -37.51 -23.04 31.21
CA PHE E 168 -36.60 -22.26 32.05
C PHE E 168 -37.39 -21.57 33.15
N GLU E 169 -36.97 -21.79 34.38
CA GLU E 169 -37.58 -21.21 35.58
C GLU E 169 -36.48 -20.67 36.47
N TYR E 170 -36.65 -19.43 36.96
CA TYR E 170 -35.63 -18.76 37.75
C TYR E 170 -36.31 -17.92 38.83
N VAL E 171 -36.00 -18.22 40.08
CA VAL E 171 -36.55 -17.48 41.22
C VAL E 171 -35.42 -16.75 41.91
N SER E 172 -35.67 -15.51 42.31
CA SER E 172 -34.61 -14.67 42.88
C SER E 172 -35.22 -13.62 43.80
N GLN E 173 -34.39 -12.67 44.25
CA GLN E 173 -34.86 -11.58 45.14
C GLN E 173 -35.52 -10.46 44.32
N PRO E 174 -36.38 -9.61 44.91
CA PRO E 174 -37.00 -8.47 44.20
C PRO E 174 -36.03 -7.39 43.74
N PHE E 175 -36.32 -6.74 42.60
CA PHE E 175 -35.39 -5.72 42.04
C PHE E 175 -35.62 -4.36 42.69
N LEU E 176 -35.14 -4.13 43.92
CA LEU E 176 -35.26 -2.82 44.61
C LEU E 176 -36.75 -2.40 44.63
N MET E 177 -37.64 -3.34 44.94
CA MET E 177 -39.09 -3.04 44.85
C MET E 177 -39.62 -2.60 46.22
N ASP E 178 -40.30 -1.45 46.28
CA ASP E 178 -40.87 -0.93 47.55
C ASP E 178 -42.13 -1.72 47.93
N LEU E 179 -42.52 -1.69 49.20
CA LEU E 179 -43.71 -2.44 49.69
C LEU E 179 -44.98 -1.70 49.28
N GLY E 184 -38.84 7.76 53.68
CA GLY E 184 -39.55 8.87 53.04
C GLY E 184 -40.39 8.43 51.87
N ASN E 185 -41.63 8.92 51.80
CA ASN E 185 -42.54 8.60 50.71
C ASN E 185 -42.37 9.63 49.61
N PHE E 186 -41.83 9.19 48.47
CA PHE E 186 -41.65 10.04 47.31
C PHE E 186 -41.94 9.23 46.06
N LYS E 187 -42.08 9.93 44.94
CA LYS E 187 -42.17 9.26 43.64
C LYS E 187 -40.84 8.57 43.35
N ASN E 188 -40.92 7.38 42.74
CA ASN E 188 -39.79 6.48 42.60
C ASN E 188 -39.69 6.00 41.15
N LEU E 189 -38.60 6.34 40.47
CA LEU E 189 -38.41 5.99 39.07
C LEU E 189 -37.53 4.77 38.95
N ARG E 190 -38.09 3.68 38.44
CA ARG E 190 -37.36 2.47 38.09
C ARG E 190 -37.24 2.41 36.58
N GLU E 191 -36.01 2.36 36.09
CA GLU E 191 -35.72 2.30 34.66
C GLU E 191 -35.22 0.92 34.31
N PHE E 192 -35.80 0.33 33.26
CA PHE E 192 -35.39 -0.97 32.76
C PHE E 192 -35.22 -0.84 31.25
N VAL E 193 -34.34 -1.66 30.69
CA VAL E 193 -34.26 -1.83 29.25
C VAL E 193 -34.08 -3.32 28.97
N PHE E 194 -34.82 -3.82 27.97
CA PHE E 194 -34.88 -5.23 27.63
C PHE E 194 -34.41 -5.40 26.19
N LYS E 195 -33.47 -6.31 25.98
CA LYS E 195 -32.92 -6.61 24.66
C LYS E 195 -32.98 -8.12 24.45
N ASN E 196 -33.20 -8.53 23.20
CA ASN E 196 -33.27 -9.94 22.83
C ASN E 196 -32.26 -10.20 21.71
N ILE E 197 -31.06 -10.62 22.08
CA ILE E 197 -29.97 -10.83 21.12
C ILE E 197 -29.37 -12.21 21.32
N ASP E 198 -29.25 -12.97 20.22
CA ASP E 198 -28.59 -14.27 20.18
C ASP E 198 -29.23 -15.27 21.16
N GLY E 199 -30.55 -15.24 21.25
CA GLY E 199 -31.25 -16.09 22.18
C GLY E 199 -31.10 -15.72 23.63
N TYR E 200 -30.56 -14.53 23.92
CA TYR E 200 -30.32 -14.08 25.27
C TYR E 200 -31.16 -12.85 25.56
N PHE E 201 -31.82 -12.85 26.71
CA PHE E 201 -32.63 -11.74 27.16
C PHE E 201 -31.81 -10.91 28.15
N LYS E 202 -31.38 -9.73 27.71
CA LYS E 202 -30.52 -8.86 28.51
C LYS E 202 -31.36 -7.76 29.13
N ILE E 203 -31.30 -7.65 30.45
CA ILE E 203 -32.06 -6.66 31.21
C ILE E 203 -31.05 -5.76 31.91
N TYR E 204 -31.23 -4.45 31.76
CA TYR E 204 -30.44 -3.47 32.51
C TYR E 204 -31.38 -2.55 33.28
N SER E 205 -31.03 -2.27 34.55
CA SER E 205 -31.97 -1.61 35.44
C SER E 205 -31.25 -0.55 36.27
N LYS E 206 -32.06 0.40 36.77
CA LYS E 206 -31.53 1.49 37.63
C LYS E 206 -32.68 2.05 38.47
N HIS E 207 -32.42 2.42 39.72
CA HIS E 207 -33.37 3.00 40.66
C HIS E 207 -32.98 4.44 40.96
N THR E 208 -33.91 5.37 40.79
CA THR E 208 -33.67 6.79 41.05
C THR E 208 -34.82 7.38 41.84
N PRO E 209 -34.57 8.00 43.00
CA PRO E 209 -35.60 8.88 43.58
C PRO E 209 -35.85 10.08 42.70
N ILE E 210 -37.12 10.49 42.63
CA ILE E 210 -37.53 11.60 41.78
C ILE E 210 -38.53 12.46 42.55
N ASN E 211 -38.59 13.74 42.19
CA ASN E 211 -39.53 14.68 42.78
C ASN E 211 -40.94 14.40 42.26
N LEU E 212 -41.86 15.29 42.64
CA LEU E 212 -43.28 15.09 42.34
C LEU E 212 -43.64 15.46 40.91
N VAL E 213 -42.68 15.84 40.08
CA VAL E 213 -42.97 16.16 38.68
C VAL E 213 -43.34 14.89 37.93
N ARG E 214 -44.35 14.99 37.07
CA ARG E 214 -44.88 13.80 36.40
C ARG E 214 -43.99 13.36 35.24
N ASP E 215 -43.38 14.30 34.55
CA ASP E 215 -42.67 13.98 33.31
C ASP E 215 -41.34 13.28 33.58
N LEU E 216 -40.78 12.69 32.53
CA LEU E 216 -39.50 12.03 32.62
C LEU E 216 -38.41 13.07 32.83
N PRO E 217 -37.54 12.92 33.83
CA PRO E 217 -36.65 14.03 34.21
C PRO E 217 -35.54 14.27 33.21
N GLN E 218 -35.09 15.51 33.15
CA GLN E 218 -33.87 15.84 32.42
C GLN E 218 -32.65 15.49 33.28
N GLY E 219 -31.66 14.91 32.64
CA GLY E 219 -30.48 14.40 33.32
C GLY E 219 -30.06 13.06 32.75
N PHE E 220 -29.07 12.46 33.42
CA PHE E 220 -28.47 11.21 32.96
C PHE E 220 -28.44 10.23 34.11
N SER E 221 -28.90 9.00 33.86
CA SER E 221 -28.74 7.88 34.77
C SER E 221 -28.29 6.68 33.97
N ALA E 222 -27.11 6.16 34.28
CA ALA E 222 -26.49 5.08 33.52
C ALA E 222 -27.00 3.74 34.04
N LEU E 223 -27.74 3.02 33.20
CA LEU E 223 -28.33 1.75 33.61
C LEU E 223 -27.25 0.70 33.81
N GLU E 224 -27.42 -0.09 34.87
CA GLU E 224 -26.42 -1.06 35.31
C GLU E 224 -26.85 -2.47 34.90
N PRO E 225 -25.89 -3.37 34.70
CA PRO E 225 -26.22 -4.74 34.29
C PRO E 225 -27.00 -5.50 35.36
N LEU E 226 -27.87 -6.40 34.91
CA LEU E 226 -28.66 -7.26 35.78
C LEU E 226 -28.51 -8.69 35.29
N VAL E 227 -29.35 -9.61 35.80
CA VAL E 227 -29.24 -11.01 35.45
C VAL E 227 -29.52 -11.23 33.96
N ASP E 228 -28.79 -12.17 33.37
CA ASP E 228 -28.88 -12.47 31.94
C ASP E 228 -29.65 -13.78 31.78
N LEU E 229 -30.66 -13.76 30.89
CA LEU E 229 -31.59 -14.86 30.78
C LEU E 229 -31.48 -15.56 29.44
N PRO E 230 -31.05 -16.82 29.41
CA PRO E 230 -31.00 -17.59 28.16
C PRO E 230 -32.35 -18.20 27.77
N ILE E 231 -33.31 -17.32 27.47
CA ILE E 231 -34.67 -17.80 27.19
C ILE E 231 -34.75 -18.43 25.80
N GLY E 232 -34.08 -17.87 24.81
CA GLY E 232 -34.05 -18.41 23.47
C GLY E 232 -35.38 -18.53 22.74
N ILE E 233 -36.22 -17.49 22.80
CA ILE E 233 -37.52 -17.52 22.16
C ILE E 233 -37.71 -16.25 21.34
N ASN E 234 -38.59 -16.35 20.34
CA ASN E 234 -38.98 -15.19 19.54
C ASN E 234 -39.90 -14.29 20.36
N ILE E 235 -39.61 -13.00 20.39
CA ILE E 235 -40.38 -12.03 21.16
C ILE E 235 -40.86 -10.95 20.19
N THR E 236 -42.18 -10.69 20.21
CA THR E 236 -42.78 -9.72 19.30
C THR E 236 -43.65 -8.70 20.00
N ARG E 237 -44.41 -9.09 21.03
CA ARG E 237 -45.32 -8.19 21.73
C ARG E 237 -45.12 -8.35 23.23
N PHE E 238 -45.35 -7.26 23.97
CA PHE E 238 -45.23 -7.28 25.42
C PHE E 238 -46.42 -6.57 26.05
N GLN E 239 -46.74 -6.96 27.28
CA GLN E 239 -47.80 -6.33 28.06
C GLN E 239 -47.36 -6.29 29.52
N THR E 240 -47.84 -5.27 30.24
CA THR E 240 -47.34 -4.97 31.59
C THR E 240 -48.30 -5.52 32.63
N LEU E 241 -47.77 -6.19 33.64
CA LEU E 241 -48.58 -6.71 34.73
C LEU E 241 -48.75 -5.66 35.82
N LEU E 242 -49.97 -5.54 36.32
CA LEU E 242 -50.33 -4.54 37.33
C LEU E 242 -51.01 -5.22 38.51
N ALA E 243 -50.96 -4.55 39.65
CA ALA E 243 -51.66 -4.96 40.86
C ALA E 243 -52.85 -4.05 41.07
N LEU E 244 -54.05 -4.61 41.00
CA LEU E 244 -55.29 -3.84 41.10
C LEU E 244 -56.01 -4.21 42.39
N HIS E 245 -56.52 -3.21 43.08
CA HIS E 245 -57.28 -3.44 44.30
C HIS E 245 -58.74 -3.77 43.97
N ARG E 246 -59.41 -4.40 44.93
CA ARG E 246 -60.81 -4.79 44.73
C ARG E 246 -61.74 -3.59 44.86
N GLY E 257 -65.72 -5.33 38.88
CA GLY E 257 -65.55 -4.35 39.94
C GLY E 257 -64.16 -4.34 40.55
N TRP E 258 -63.28 -3.52 39.98
CA TRP E 258 -61.90 -3.44 40.44
C TRP E 258 -61.48 -1.97 40.50
N THR E 259 -60.63 -1.66 41.49
CA THR E 259 -60.11 -0.32 41.66
C THR E 259 -58.59 -0.35 41.49
N ALA E 260 -57.98 0.83 41.49
CA ALA E 260 -56.55 0.96 41.32
C ALA E 260 -56.07 2.27 41.92
N GLY E 261 -54.76 2.34 42.15
CA GLY E 261 -54.15 3.60 42.50
C GLY E 261 -53.67 4.37 41.27
N ALA E 262 -53.04 5.51 41.52
CA ALA E 262 -52.46 6.29 40.44
C ALA E 262 -51.21 5.61 39.91
N ALA E 263 -51.15 5.41 38.59
CA ALA E 263 -50.00 4.76 37.97
C ALA E 263 -49.95 5.10 36.49
N ALA E 264 -48.72 5.21 35.97
CA ALA E 264 -48.46 5.44 34.56
C ALA E 264 -47.05 4.96 34.26
N TYR E 265 -46.79 4.69 32.98
CA TYR E 265 -45.48 4.18 32.59
C TYR E 265 -45.08 4.69 31.21
N TYR E 266 -43.76 4.70 30.97
CA TYR E 266 -43.17 5.19 29.74
C TYR E 266 -42.57 4.02 28.96
N VAL E 267 -42.82 4.00 27.65
CA VAL E 267 -42.33 2.96 26.76
C VAL E 267 -41.61 3.63 25.59
N GLY E 268 -40.37 3.21 25.33
CA GLY E 268 -39.62 3.70 24.19
C GLY E 268 -38.88 2.61 23.45
N TYR E 269 -39.10 2.50 22.14
CA TYR E 269 -38.43 1.47 21.36
C TYR E 269 -36.99 1.88 21.08
N LEU E 270 -36.12 0.88 20.91
CA LEU E 270 -34.70 1.09 20.67
C LEU E 270 -34.43 0.94 19.18
N GLN E 271 -33.71 1.89 18.62
CA GLN E 271 -33.18 1.84 17.26
C GLN E 271 -31.67 1.81 17.31
N PRO E 272 -31.03 0.93 16.53
CA PRO E 272 -29.57 0.77 16.62
C PRO E 272 -28.84 2.05 16.23
N ARG E 273 -27.79 2.37 17.00
CA ARG E 273 -27.10 3.65 16.86
C ARG E 273 -25.68 3.49 17.39
N THR E 274 -24.83 4.44 17.02
CA THR E 274 -23.49 4.59 17.57
C THR E 274 -23.52 5.65 18.64
N PHE E 275 -23.16 5.27 19.87
CA PHE E 275 -23.07 6.20 20.99
C PHE E 275 -21.62 6.32 21.40
N LEU E 276 -21.32 7.38 22.15
CA LEU E 276 -19.99 7.56 22.72
C LEU E 276 -20.16 7.85 24.21
N LEU E 277 -19.36 7.17 25.03
CA LEU E 277 -19.56 7.09 26.47
C LEU E 277 -18.34 7.64 27.18
N LYS E 278 -18.58 8.34 28.29
CA LYS E 278 -17.53 8.87 29.14
C LYS E 278 -17.48 8.10 30.45
N TYR E 279 -16.37 7.43 30.72
CA TYR E 279 -16.27 6.61 31.96
C TYR E 279 -15.46 7.40 32.97
N ASN E 280 -15.94 7.56 34.21
CA ASN E 280 -15.22 8.44 35.17
C ASN E 280 -14.10 7.70 35.89
N GLU E 281 -13.34 8.43 36.72
CA GLU E 281 -12.20 7.82 37.45
C GLU E 281 -12.74 6.70 38.34
N ASN E 282 -13.89 6.93 38.96
CA ASN E 282 -14.49 5.92 39.86
C ASN E 282 -15.01 4.75 39.01
N GLY E 283 -15.03 4.91 37.67
CA GLY E 283 -15.45 3.81 36.78
C GLY E 283 -16.92 3.86 36.39
N THR E 284 -17.61 4.96 36.72
CA THR E 284 -19.07 5.07 36.42
C THR E 284 -19.29 5.95 35.18
N ILE E 285 -20.36 5.69 34.44
CA ILE E 285 -20.64 6.46 33.22
C ILE E 285 -21.28 7.78 33.62
N THR E 286 -20.55 8.88 33.36
CA THR E 286 -20.99 10.21 33.76
C THR E 286 -21.86 10.88 32.69
N ASP E 287 -21.40 10.88 31.44
CA ASP E 287 -22.12 11.52 30.35
C ASP E 287 -21.90 10.74 29.07
N ALA E 288 -22.80 10.93 28.11
CA ALA E 288 -22.73 10.27 26.82
C ALA E 288 -23.21 11.21 25.74
N VAL E 289 -22.83 10.92 24.50
CA VAL E 289 -23.23 11.72 23.34
C VAL E 289 -23.73 10.78 22.25
N ASP E 290 -24.80 11.20 21.58
CA ASP E 290 -25.40 10.45 20.49
C ASP E 290 -24.87 10.98 19.16
N CYS E 291 -24.43 10.08 18.29
CA CYS E 291 -23.72 10.50 17.08
C CYS E 291 -24.66 11.12 16.06
N ALA E 292 -25.90 10.63 16.00
CA ALA E 292 -26.82 11.11 14.95
C ALA E 292 -27.74 12.24 15.44
N LEU E 293 -27.74 12.54 16.73
CA LEU E 293 -28.68 13.55 17.27
C LEU E 293 -28.48 14.91 16.59
N ASP E 294 -27.37 15.59 16.85
CA ASP E 294 -27.20 16.97 16.33
C ASP E 294 -25.92 17.07 15.51
N PRO E 295 -25.76 18.09 14.65
CA PRO E 295 -24.52 18.24 13.93
C PRO E 295 -23.34 18.44 14.89
N LEU E 296 -23.53 19.17 15.99
CA LEU E 296 -22.43 19.29 16.98
C LEU E 296 -22.11 17.89 17.51
N SER E 297 -23.15 17.10 17.76
CA SER E 297 -22.93 15.77 18.33
C SER E 297 -22.10 14.92 17.37
N GLU E 298 -22.38 15.01 16.08
CA GLU E 298 -21.63 14.22 15.08
C GLU E 298 -20.15 14.63 15.16
N THR E 299 -19.90 15.94 15.25
CA THR E 299 -18.50 16.43 15.29
C THR E 299 -17.82 15.81 16.50
N LYS E 300 -18.52 15.74 17.63
CA LYS E 300 -17.90 15.22 18.85
C LYS E 300 -17.50 13.76 18.58
N CYS E 301 -18.37 13.02 17.89
CA CYS E 301 -18.07 11.60 17.63
C CYS E 301 -16.82 11.49 16.75
N THR E 302 -16.70 12.29 15.69
CA THR E 302 -15.53 12.13 14.79
C THR E 302 -14.24 12.51 15.50
N LEU E 303 -14.25 13.62 16.25
CA LEU E 303 -13.05 14.04 17.01
C LEU E 303 -12.76 13.06 18.14
N LYS E 304 -13.79 12.35 18.65
CA LYS E 304 -13.64 11.36 19.75
C LYS E 304 -13.32 12.10 21.05
N SER E 305 -14.06 13.16 21.33
CA SER E 305 -13.89 13.95 22.55
C SER E 305 -15.12 14.82 22.78
N PHE E 306 -15.42 15.08 24.05
CA PHE E 306 -16.57 15.90 24.38
C PHE E 306 -16.30 17.38 24.06
N THR E 307 -15.10 17.85 24.37
CA THR E 307 -14.75 19.25 24.13
C THR E 307 -14.30 19.43 22.68
N VAL E 308 -14.92 20.37 21.98
CA VAL E 308 -14.62 20.67 20.59
C VAL E 308 -14.20 22.13 20.50
N GLU E 309 -13.02 22.38 19.94
CA GLU E 309 -12.48 23.72 19.84
C GLU E 309 -13.13 24.49 18.69
N LYS E 310 -12.71 25.74 18.54
CA LYS E 310 -13.28 26.62 17.53
C LYS E 310 -12.67 26.37 16.16
N GLY E 311 -13.53 26.21 15.16
CA GLY E 311 -13.07 26.09 13.79
C GLY E 311 -14.02 25.24 12.96
N ILE E 312 -13.48 24.79 11.83
CA ILE E 312 -14.18 23.88 10.92
C ILE E 312 -13.74 22.46 11.24
N TYR E 313 -14.66 21.51 11.11
CA TYR E 313 -14.34 20.10 11.39
C TYR E 313 -15.14 19.23 10.42
N GLN E 314 -14.47 18.56 9.49
CA GLN E 314 -15.21 17.64 8.58
C GLN E 314 -15.79 16.52 9.43
N THR E 315 -17.05 16.18 9.20
CA THR E 315 -17.71 15.16 10.04
C THR E 315 -18.09 13.96 9.20
N SER E 316 -17.76 12.77 9.68
CA SER E 316 -18.18 11.54 8.97
C SER E 316 -18.97 10.69 9.95
N ASN E 317 -20.20 10.35 9.60
CA ASN E 317 -21.01 9.45 10.47
C ASN E 317 -22.29 9.08 9.72
N PHE E 318 -22.77 7.87 9.93
CA PHE E 318 -24.00 7.42 9.24
C PHE E 318 -25.20 8.03 9.97
N ARG E 319 -25.42 9.33 9.77
CA ARG E 319 -26.59 10.01 10.39
C ARG E 319 -27.88 9.38 9.86
N VAL E 320 -27.86 8.81 8.65
CA VAL E 320 -29.10 8.27 8.01
C VAL E 320 -29.64 7.01 8.71
N GLN E 321 -28.91 5.89 8.65
CA GLN E 321 -29.36 4.62 9.27
C GLN E 321 -30.68 4.14 8.63
N PRO E 322 -30.73 3.71 7.35
CA PRO E 322 -31.98 3.35 6.68
C PRO E 322 -32.71 2.13 7.26
N THR E 323 -34.05 2.15 7.26
CA THR E 323 -34.86 1.04 7.83
C THR E 323 -35.66 0.30 6.75
N GLU E 324 -35.33 0.46 5.47
CA GLU E 324 -36.17 -0.15 4.41
C GLU E 324 -35.33 -1.15 3.59
N SER E 325 -35.87 -2.34 3.33
CA SER E 325 -35.17 -3.38 2.52
C SER E 325 -35.98 -3.73 1.27
N ILE E 326 -35.37 -3.66 0.08
CA ILE E 326 -36.05 -4.02 -1.16
C ILE E 326 -35.25 -5.09 -1.87
N VAL E 327 -35.95 -6.05 -2.48
CA VAL E 327 -35.35 -7.12 -3.26
C VAL E 327 -36.01 -7.12 -4.64
N ARG E 328 -35.20 -7.14 -5.70
CA ARG E 328 -35.70 -7.21 -7.06
C ARG E 328 -35.00 -8.35 -7.79
N PHE E 329 -35.74 -9.42 -8.06
CA PHE E 329 -35.25 -10.61 -8.73
C PHE E 329 -36.14 -10.83 -9.95
N PRO E 330 -35.62 -11.51 -10.99
CA PRO E 330 -36.39 -11.64 -12.24
C PRO E 330 -37.65 -12.49 -12.08
N ASN E 331 -38.41 -12.55 -13.18
CA ASN E 331 -39.73 -13.17 -13.15
C ASN E 331 -39.68 -14.69 -13.15
N ILE E 332 -38.48 -15.28 -13.17
CA ILE E 332 -38.34 -16.73 -13.17
C ILE E 332 -38.88 -17.31 -11.87
N THR E 333 -39.78 -18.28 -11.99
CA THR E 333 -40.38 -18.93 -10.83
C THR E 333 -40.47 -20.43 -10.95
N ASN E 334 -40.18 -21.01 -12.12
CA ASN E 334 -40.15 -22.46 -12.26
C ASN E 334 -38.98 -23.04 -11.47
N LEU E 335 -39.21 -24.18 -10.85
CA LEU E 335 -38.17 -24.82 -10.05
C LEU E 335 -37.11 -25.45 -10.94
N CYS E 336 -35.87 -25.44 -10.46
CA CYS E 336 -34.78 -26.05 -11.19
C CYS E 336 -34.90 -27.57 -11.16
N PRO E 337 -34.38 -28.27 -12.21
CA PRO E 337 -34.43 -29.73 -12.24
C PRO E 337 -33.41 -30.42 -11.33
N PHE E 338 -33.33 -29.93 -10.10
CA PHE E 338 -32.39 -30.51 -9.12
C PHE E 338 -32.85 -31.93 -8.85
N GLY E 339 -34.16 -32.13 -8.91
CA GLY E 339 -34.67 -33.47 -8.62
C GLY E 339 -34.12 -34.48 -9.62
N GLU E 340 -34.08 -34.11 -10.90
CA GLU E 340 -33.58 -35.06 -11.93
C GLU E 340 -32.10 -35.33 -11.68
N VAL E 341 -31.30 -34.29 -11.46
CA VAL E 341 -29.83 -34.54 -11.35
C VAL E 341 -29.57 -35.39 -10.11
N PHE E 342 -30.13 -35.00 -8.97
CA PHE E 342 -29.84 -35.71 -7.72
C PHE E 342 -30.46 -37.11 -7.71
N ASN E 343 -31.66 -37.25 -8.27
CA ASN E 343 -32.37 -38.56 -8.14
C ASN E 343 -32.20 -39.44 -9.39
N ALA E 344 -31.30 -39.10 -10.31
CA ALA E 344 -31.21 -39.90 -11.54
C ALA E 344 -30.90 -41.35 -11.18
N THR E 345 -31.58 -42.29 -11.82
CA THR E 345 -31.41 -43.73 -11.46
C THR E 345 -29.98 -44.16 -11.76
N ARG E 346 -29.36 -43.56 -12.76
CA ARG E 346 -27.99 -43.94 -13.18
C ARG E 346 -27.09 -42.72 -13.36
N PHE E 347 -25.98 -42.67 -12.65
CA PHE E 347 -24.99 -41.61 -12.74
C PHE E 347 -23.85 -42.03 -13.66
N ALA E 348 -23.26 -41.06 -14.36
CA ALA E 348 -22.13 -41.35 -15.21
C ALA E 348 -20.88 -41.65 -14.38
N SER E 349 -19.95 -42.38 -14.99
CA SER E 349 -18.71 -42.71 -14.31
C SER E 349 -17.79 -41.49 -14.23
N VAL E 350 -16.71 -41.63 -13.46
CA VAL E 350 -15.87 -40.48 -13.15
C VAL E 350 -14.93 -40.16 -14.32
N TYR E 351 -14.62 -41.16 -15.15
CA TYR E 351 -13.71 -40.90 -16.26
C TYR E 351 -14.40 -40.09 -17.36
N ALA E 352 -15.71 -40.23 -17.47
CA ALA E 352 -16.54 -39.38 -18.33
C ALA E 352 -17.60 -38.76 -17.43
N TRP E 353 -17.24 -37.67 -16.77
CA TRP E 353 -18.17 -37.02 -15.85
C TRP E 353 -19.20 -36.20 -16.61
N ASN E 354 -20.47 -36.42 -16.28
CA ASN E 354 -21.59 -35.78 -16.97
C ASN E 354 -21.72 -34.36 -16.46
N ARG E 355 -21.65 -33.40 -17.38
CA ARG E 355 -21.80 -31.99 -17.08
C ARG E 355 -23.12 -31.50 -17.67
N LYS E 356 -23.98 -30.94 -16.82
CA LYS E 356 -25.29 -30.45 -17.23
C LYS E 356 -25.42 -28.98 -16.87
N ARG E 357 -25.76 -28.15 -17.86
CA ARG E 357 -26.10 -26.77 -17.60
C ARG E 357 -27.49 -26.68 -16.98
N ILE E 358 -27.67 -25.76 -16.04
CA ILE E 358 -28.98 -25.50 -15.47
C ILE E 358 -29.29 -24.03 -15.66
N SER E 359 -30.47 -23.72 -16.21
CA SER E 359 -30.78 -22.35 -16.58
C SER E 359 -32.28 -22.10 -16.44
N ASN E 360 -32.62 -20.81 -16.34
CA ASN E 360 -33.99 -20.30 -16.40
C ASN E 360 -34.87 -20.88 -15.29
N CYS E 361 -34.39 -20.76 -14.04
CA CYS E 361 -35.14 -21.30 -12.91
C CYS E 361 -34.69 -20.67 -11.59
N VAL E 362 -35.35 -21.11 -10.53
CA VAL E 362 -35.04 -20.71 -9.16
C VAL E 362 -34.57 -21.95 -8.39
N ALA E 363 -33.42 -21.81 -7.74
CA ALA E 363 -32.80 -22.98 -7.06
C ALA E 363 -33.12 -22.95 -5.59
N ASP E 364 -34.15 -23.70 -5.19
CA ASP E 364 -34.49 -23.76 -3.75
C ASP E 364 -33.86 -25.01 -3.18
N TYR E 365 -32.91 -24.87 -2.27
CA TYR E 365 -32.32 -26.06 -1.61
CA TYR E 365 -32.31 -26.05 -1.59
C TYR E 365 -33.24 -26.85 -0.63
N SER E 366 -34.34 -26.17 -0.31
CA SER E 366 -35.30 -26.81 0.63
C SER E 366 -35.87 -28.10 0.04
N VAL E 367 -36.10 -28.15 -1.27
CA VAL E 367 -36.80 -29.35 -1.82
C VAL E 367 -35.98 -30.59 -1.46
N LEU E 368 -34.66 -30.51 -1.55
CA LEU E 368 -33.77 -31.67 -1.27
C LEU E 368 -33.90 -32.09 0.20
N TYR E 369 -34.01 -31.14 1.12
CA TYR E 369 -34.02 -31.45 2.58
C TYR E 369 -34.80 -32.71 2.92
N ASN E 370 -36.01 -32.89 2.38
CA ASN E 370 -36.83 -34.03 2.78
C ASN E 370 -36.34 -35.34 2.17
N SER E 371 -35.82 -35.28 0.94
CA SER E 371 -35.46 -36.51 0.23
C SER E 371 -34.26 -37.20 0.85
N ALA E 372 -33.18 -36.44 1.10
CA ALA E 372 -31.96 -37.03 1.62
C ALA E 372 -31.13 -35.95 2.29
N SER E 373 -30.17 -36.39 3.10
CA SER E 373 -29.21 -35.50 3.75
C SER E 373 -27.84 -35.77 3.16
N PHE E 374 -27.10 -34.69 2.89
CA PHE E 374 -25.82 -34.79 2.21
C PHE E 374 -24.68 -34.89 3.22
N SER E 375 -23.75 -35.80 2.95
CA SER E 375 -22.62 -36.01 3.85
C SER E 375 -21.64 -34.83 3.80
N THR E 376 -21.49 -34.22 2.62
CA THR E 376 -20.55 -33.12 2.44
C THR E 376 -21.26 -31.97 1.74
N PHE E 377 -21.08 -30.75 2.26
CA PHE E 377 -21.62 -29.55 1.64
C PHE E 377 -20.59 -28.42 1.65
N LYS E 378 -19.32 -28.73 1.39
CA LYS E 378 -18.28 -27.71 1.41
C LYS E 378 -18.40 -26.79 0.20
N CYS E 379 -18.66 -25.51 0.45
CA CYS E 379 -18.72 -24.50 -0.60
C CYS E 379 -17.46 -23.64 -0.57
N TYR E 380 -16.82 -23.52 -1.72
CA TYR E 380 -15.60 -22.74 -1.85
C TYR E 380 -15.94 -21.43 -2.57
N GLY E 381 -15.59 -20.31 -1.94
CA GLY E 381 -15.85 -19.00 -2.49
C GLY E 381 -17.19 -18.41 -2.11
N VAL E 382 -18.14 -19.21 -1.62
CA VAL E 382 -19.42 -18.72 -1.16
C VAL E 382 -19.71 -19.32 0.21
N SER E 383 -20.59 -18.67 0.93
CA SER E 383 -21.05 -19.23 2.19
C SER E 383 -22.43 -19.84 2.00
N PRO E 384 -22.71 -20.99 2.62
CA PRO E 384 -24.03 -21.62 2.46
C PRO E 384 -25.18 -20.77 2.97
N THR E 385 -24.97 -20.00 4.05
CA THR E 385 -26.06 -19.22 4.61
C THR E 385 -26.45 -18.06 3.71
N LYS E 386 -25.54 -17.64 2.83
CA LYS E 386 -25.86 -16.67 1.79
C LYS E 386 -26.05 -17.33 0.43
N LEU E 387 -26.10 -18.65 0.37
CA LEU E 387 -26.41 -19.32 -0.89
C LEU E 387 -27.88 -19.14 -1.27
N ASN E 388 -28.72 -18.84 -0.28
CA ASN E 388 -30.14 -18.65 -0.53
C ASN E 388 -30.41 -17.33 -1.25
N ASP E 389 -29.62 -16.30 -0.96
CA ASP E 389 -29.93 -14.93 -1.36
C ASP E 389 -29.09 -14.44 -2.54
N LEU E 390 -28.69 -15.33 -3.45
CA LEU E 390 -27.87 -14.93 -4.59
C LEU E 390 -28.48 -15.39 -5.91
N CYS E 391 -28.33 -14.56 -6.92
CA CYS E 391 -28.56 -14.93 -8.31
C CYS E 391 -27.25 -15.43 -8.92
N PHE E 392 -27.36 -16.43 -9.78
CA PHE E 392 -26.20 -17.07 -10.40
C PHE E 392 -26.26 -16.86 -11.91
N THR E 393 -25.13 -16.48 -12.50
CA THR E 393 -25.11 -16.21 -13.94
C THR E 393 -25.27 -17.49 -14.76
N ASN E 394 -24.51 -18.52 -14.41
CA ASN E 394 -24.59 -19.80 -15.12
C ASN E 394 -24.08 -20.89 -14.20
N VAL E 395 -24.86 -21.95 -14.02
CA VAL E 395 -24.52 -23.04 -13.11
C VAL E 395 -24.36 -24.33 -13.90
N TYR E 396 -23.27 -25.03 -13.63
CA TYR E 396 -23.00 -26.33 -14.25
C TYR E 396 -22.86 -27.39 -13.17
N ALA E 397 -23.63 -28.46 -13.28
CA ALA E 397 -23.58 -29.56 -12.32
C ALA E 397 -22.80 -30.71 -12.95
N ASP E 398 -21.75 -31.15 -12.26
CA ASP E 398 -20.93 -32.29 -12.68
C ASP E 398 -21.28 -33.46 -11.78
N SER E 399 -21.78 -34.54 -12.36
CA SER E 399 -22.30 -35.66 -11.58
C SER E 399 -21.46 -36.90 -11.83
N PHE E 400 -21.04 -37.56 -10.74
CA PHE E 400 -20.29 -38.79 -10.85
C PHE E 400 -20.41 -39.58 -9.56
N VAL E 401 -19.82 -40.78 -9.56
CA VAL E 401 -19.83 -41.68 -8.42
C VAL E 401 -18.40 -42.08 -8.12
N ILE E 402 -18.00 -41.96 -6.85
CA ILE E 402 -16.66 -42.35 -6.42
C ILE E 402 -16.78 -43.19 -5.15
N ARG E 403 -15.62 -43.53 -4.60
CA ARG E 403 -15.57 -44.19 -3.31
C ARG E 403 -15.60 -43.15 -2.19
N GLY E 404 -15.86 -43.62 -0.97
CA GLY E 404 -15.92 -42.72 0.17
C GLY E 404 -14.58 -42.10 0.50
N ASP E 405 -13.51 -42.90 0.47
CA ASP E 405 -12.19 -42.40 0.82
C ASP E 405 -11.68 -41.39 -0.21
N GLU E 406 -12.23 -41.42 -1.42
CA GLU E 406 -11.88 -40.45 -2.45
C GLU E 406 -12.77 -39.20 -2.41
N VAL E 407 -13.72 -39.13 -1.47
CA VAL E 407 -14.61 -37.97 -1.37
C VAL E 407 -13.80 -36.72 -1.03
N ARG E 408 -12.77 -36.86 -0.20
CA ARG E 408 -11.89 -35.75 0.11
C ARG E 408 -11.10 -35.28 -1.11
N GLN E 409 -10.96 -36.14 -2.12
CA GLN E 409 -10.16 -35.78 -3.29
C GLN E 409 -10.88 -34.80 -4.19
N ILE E 410 -12.19 -34.62 -4.00
CA ILE E 410 -12.94 -33.62 -4.76
C ILE E 410 -12.85 -32.30 -4.00
N ALA E 411 -11.75 -31.57 -4.21
CA ALA E 411 -11.49 -30.31 -3.53
C ALA E 411 -10.37 -29.60 -4.28
N PRO E 412 -10.37 -28.27 -4.28
CA PRO E 412 -9.23 -27.54 -4.87
C PRO E 412 -7.95 -27.79 -4.08
N GLY E 413 -6.85 -27.91 -4.79
CA GLY E 413 -5.56 -28.15 -4.16
C GLY E 413 -5.43 -29.50 -3.48
N GLN E 414 -5.91 -30.56 -4.12
CA GLN E 414 -5.82 -31.91 -3.59
C GLN E 414 -5.36 -32.85 -4.68
N THR E 415 -4.75 -33.97 -4.27
CA THR E 415 -4.23 -34.97 -5.19
C THR E 415 -4.65 -36.36 -4.76
N GLY E 416 -4.61 -37.29 -5.72
CA GLY E 416 -5.01 -38.65 -5.48
C GLY E 416 -5.27 -39.37 -6.78
N LYS E 417 -6.11 -40.40 -6.70
CA LYS E 417 -6.59 -41.07 -7.91
C LYS E 417 -7.43 -40.12 -8.76
N ILE E 418 -8.55 -39.68 -8.19
CA ILE E 418 -9.56 -38.94 -8.94
C ILE E 418 -9.06 -37.54 -9.28
N ALA E 419 -8.35 -36.90 -8.35
CA ALA E 419 -7.91 -35.53 -8.56
C ALA E 419 -6.86 -35.44 -9.67
N ASP E 420 -5.97 -36.44 -9.75
CA ASP E 420 -4.90 -36.37 -10.73
C ASP E 420 -5.32 -36.96 -12.07
N TYR E 421 -6.01 -38.11 -12.06
CA TYR E 421 -6.23 -38.85 -13.29
C TYR E 421 -7.67 -38.82 -13.78
N ASN E 422 -8.63 -38.41 -12.94
CA ASN E 422 -10.03 -38.50 -13.33
C ASN E 422 -10.72 -37.15 -13.41
N TYR E 423 -10.62 -36.34 -12.36
CA TYR E 423 -11.35 -35.09 -12.29
C TYR E 423 -10.59 -34.10 -11.42
N LYS E 424 -10.10 -33.02 -12.02
CA LYS E 424 -9.32 -31.99 -11.34
C LYS E 424 -10.17 -30.74 -11.19
N LEU E 425 -10.33 -30.28 -9.95
CA LEU E 425 -11.01 -29.02 -9.71
C LEU E 425 -10.01 -27.87 -9.83
N PRO E 426 -10.45 -26.69 -10.28
CA PRO E 426 -9.53 -25.55 -10.36
C PRO E 426 -9.16 -25.01 -8.99
N ASP E 427 -8.03 -24.30 -8.95
CA ASP E 427 -7.56 -23.72 -7.69
C ASP E 427 -8.49 -22.62 -7.21
N ASP E 428 -8.92 -21.74 -8.11
CA ASP E 428 -9.88 -20.69 -7.79
C ASP E 428 -11.25 -21.16 -8.23
N PHE E 429 -11.88 -22.01 -7.41
CA PHE E 429 -13.15 -22.62 -7.73
C PHE E 429 -14.25 -21.98 -6.89
N THR E 430 -15.16 -21.27 -7.54
CA THR E 430 -16.30 -20.64 -6.90
C THR E 430 -17.51 -21.56 -7.03
N GLY E 431 -17.56 -22.59 -6.19
CA GLY E 431 -18.65 -23.55 -6.26
C GLY E 431 -18.93 -24.30 -4.99
N CYS E 432 -19.74 -25.35 -5.08
CA CYS E 432 -20.07 -26.20 -3.95
C CYS E 432 -19.96 -27.66 -4.32
N VAL E 433 -19.70 -28.50 -3.32
CA VAL E 433 -19.56 -29.93 -3.50
C VAL E 433 -20.61 -30.63 -2.65
N ILE E 434 -21.38 -31.54 -3.26
CA ILE E 434 -22.41 -32.30 -2.57
C ILE E 434 -22.09 -33.77 -2.75
N ALA E 435 -22.03 -34.50 -1.63
CA ALA E 435 -21.74 -35.92 -1.66
C ALA E 435 -22.69 -36.65 -0.72
N TRP E 436 -23.18 -37.80 -1.16
CA TRP E 436 -24.03 -38.59 -0.27
C TRP E 436 -23.82 -40.08 -0.55
N ASN E 437 -23.95 -40.88 0.51
CA ASN E 437 -23.78 -42.32 0.39
C ASN E 437 -24.91 -42.92 -0.44
N SER E 438 -24.57 -43.90 -1.27
CA SER E 438 -25.53 -44.55 -2.15
C SER E 438 -25.38 -46.07 -2.14
N ASN E 439 -25.25 -46.65 -0.93
CA ASN E 439 -25.11 -48.11 -0.83
C ASN E 439 -26.42 -48.80 -1.20
N ASN E 440 -27.55 -48.15 -0.95
CA ASN E 440 -28.84 -48.75 -1.32
C ASN E 440 -29.11 -48.61 -2.81
N LEU E 441 -28.44 -47.67 -3.47
CA LEU E 441 -28.75 -47.39 -4.87
C LEU E 441 -27.71 -48.00 -5.80
N ASP E 442 -26.43 -47.65 -5.61
CA ASP E 442 -25.39 -47.95 -6.59
C ASP E 442 -24.63 -49.23 -6.28
N SER E 443 -25.07 -50.02 -5.32
CA SER E 443 -24.43 -51.27 -4.98
C SER E 443 -25.35 -52.44 -5.31
N LYS E 444 -24.80 -53.46 -5.95
CA LYS E 444 -25.53 -54.66 -6.32
C LYS E 444 -24.92 -55.86 -5.61
N VAL E 445 -25.76 -56.82 -5.23
CA VAL E 445 -25.26 -58.03 -4.58
C VAL E 445 -24.42 -58.82 -5.56
N GLY E 446 -23.23 -59.22 -5.11
CA GLY E 446 -22.26 -59.87 -5.96
C GLY E 446 -21.33 -58.93 -6.71
N GLY E 447 -21.53 -57.63 -6.59
CA GLY E 447 -20.64 -56.67 -7.23
C GLY E 447 -21.29 -55.96 -8.40
N ASN E 448 -21.17 -54.63 -8.39
CA ASN E 448 -21.63 -53.79 -9.48
C ASN E 448 -20.42 -53.15 -10.14
N TYR E 449 -20.24 -53.41 -11.43
CA TYR E 449 -19.03 -53.03 -12.14
C TYR E 449 -19.28 -52.06 -13.29
N ASN E 450 -20.36 -51.29 -13.23
CA ASN E 450 -20.63 -50.33 -14.29
C ASN E 450 -19.70 -49.13 -14.19
N TYR E 451 -19.41 -48.67 -12.98
CA TYR E 451 -18.57 -47.49 -12.80
C TYR E 451 -17.10 -47.84 -12.95
N LEU E 452 -16.34 -46.91 -13.53
CA LEU E 452 -14.94 -47.12 -13.83
C LEU E 452 -14.13 -45.89 -13.45
N TYR E 453 -12.82 -46.09 -13.26
CA TYR E 453 -11.91 -44.99 -12.98
C TYR E 453 -10.63 -45.20 -13.79
N ARG E 454 -9.84 -44.14 -13.90
CA ARG E 454 -8.61 -44.16 -14.69
C ARG E 454 -7.43 -44.32 -13.73
N LEU E 455 -6.90 -45.54 -13.65
CA LEU E 455 -5.82 -45.82 -12.71
C LEU E 455 -4.49 -45.30 -13.22
N PHE E 456 -4.24 -45.41 -14.52
CA PHE E 456 -2.97 -44.99 -15.11
C PHE E 456 -3.20 -43.89 -16.15
N ARG E 457 -2.32 -42.90 -16.12
CA ARG E 457 -2.32 -41.85 -17.14
C ARG E 457 -0.90 -41.31 -17.25
N LYS E 458 -0.58 -40.74 -18.42
CA LYS E 458 0.76 -40.23 -18.66
C LYS E 458 1.05 -39.00 -17.82
N SER E 459 0.08 -38.09 -17.69
CA SER E 459 0.29 -36.84 -16.98
C SER E 459 -0.96 -36.49 -16.18
N ASN E 460 -0.78 -35.60 -15.21
CA ASN E 460 -1.89 -35.14 -14.38
C ASN E 460 -2.83 -34.27 -15.20
N LEU E 461 -4.11 -34.27 -14.80
CA LEU E 461 -5.12 -33.54 -15.57
C LEU E 461 -5.06 -32.05 -15.29
N LYS E 462 -5.33 -31.27 -16.33
CA LYS E 462 -5.44 -29.80 -16.15
C LYS E 462 -6.84 -29.57 -15.59
N PRO E 463 -7.19 -28.39 -15.03
CA PRO E 463 -8.48 -28.22 -14.40
C PRO E 463 -9.71 -28.50 -15.28
N PHE E 464 -10.71 -29.21 -14.76
CA PHE E 464 -11.98 -29.44 -15.48
C PHE E 464 -11.74 -30.06 -16.85
N GLU E 465 -10.83 -31.01 -16.97
CA GLU E 465 -10.57 -31.68 -18.26
C GLU E 465 -11.03 -33.14 -18.19
N ARG E 466 -11.70 -33.63 -19.22
CA ARG E 466 -12.24 -35.01 -19.23
C ARG E 466 -11.45 -35.84 -20.24
N ASP E 467 -10.94 -37.00 -19.84
CA ASP E 467 -10.26 -37.89 -20.81
C ASP E 467 -11.10 -39.16 -20.92
N ILE E 468 -11.64 -39.45 -22.11
CA ILE E 468 -12.49 -40.65 -22.29
C ILE E 468 -11.70 -41.71 -23.06
N SER E 469 -10.40 -41.47 -23.27
CA SER E 469 -9.56 -42.39 -24.07
C SER E 469 -9.40 -43.74 -23.39
N THR E 470 -9.38 -44.83 -24.16
CA THR E 470 -9.17 -46.18 -23.60
C THR E 470 -7.87 -46.79 -24.09
N GLU E 471 -6.94 -45.98 -24.62
CA GLU E 471 -5.70 -46.51 -25.21
C GLU E 471 -4.84 -47.21 -24.15
N ILE E 472 -4.17 -48.31 -24.52
CA ILE E 472 -3.33 -49.08 -23.56
C ILE E 472 -2.18 -48.22 -23.04
N TYR E 473 -2.07 -48.03 -21.72
CA TYR E 473 -1.01 -47.27 -21.09
C TYR E 473 0.30 -48.03 -21.18
N GLN E 474 1.39 -47.30 -21.44
CA GLN E 474 2.72 -47.87 -21.58
C GLN E 474 3.44 -47.75 -20.24
N ALA E 475 3.51 -48.85 -19.50
CA ALA E 475 4.19 -48.90 -18.21
C ALA E 475 5.57 -49.53 -18.31
N GLY E 476 6.04 -49.84 -19.51
CA GLY E 476 7.34 -50.46 -19.69
C GLY E 476 8.13 -49.78 -20.80
N SER E 477 9.39 -50.21 -20.93
CA SER E 477 10.26 -49.66 -21.96
CA SER E 477 10.25 -49.66 -21.97
C SER E 477 9.77 -50.05 -23.36
N THR E 478 9.33 -51.29 -23.52
CA THR E 478 8.87 -51.75 -24.82
C THR E 478 7.51 -51.15 -25.16
N PRO E 479 7.25 -50.93 -26.46
CA PRO E 479 5.90 -50.48 -26.85
C PRO E 479 4.85 -51.56 -26.58
N CYS E 480 3.65 -51.11 -26.21
CA CYS E 480 2.58 -52.05 -25.92
C CYS E 480 2.00 -52.63 -27.21
N ASN E 481 2.02 -51.86 -28.29
CA ASN E 481 1.50 -52.22 -29.61
C ASN E 481 0.03 -52.60 -29.59
N GLY E 482 -0.75 -52.03 -28.67
CA GLY E 482 -2.17 -52.32 -28.60
C GLY E 482 -2.52 -53.64 -27.96
N VAL E 483 -1.56 -54.36 -27.40
CA VAL E 483 -1.80 -55.67 -26.79
C VAL E 483 -1.43 -55.58 -25.32
N GLU E 484 -2.36 -55.97 -24.45
CA GLU E 484 -2.10 -55.97 -23.03
C GLU E 484 -1.17 -57.12 -22.64
N GLY E 485 -0.36 -56.89 -21.61
CA GLY E 485 0.56 -57.91 -21.14
C GLY E 485 1.29 -57.42 -19.92
N PHE E 486 2.51 -57.93 -19.74
CA PHE E 486 3.37 -57.44 -18.67
C PHE E 486 3.84 -56.03 -19.00
N ASN E 487 3.79 -55.15 -18.00
CA ASN E 487 4.09 -53.72 -18.10
C ASN E 487 3.24 -52.99 -19.12
N CYS E 488 2.04 -53.50 -19.40
CA CYS E 488 1.08 -52.85 -20.29
C CYS E 488 -0.31 -53.05 -19.71
N TYR E 489 -0.97 -51.96 -19.34
CA TYR E 489 -2.21 -52.05 -18.57
C TYR E 489 -3.30 -51.25 -19.24
N PHE E 490 -4.53 -51.73 -19.09
CA PHE E 490 -5.70 -50.96 -19.53
C PHE E 490 -5.91 -49.79 -18.56
N PRO E 491 -6.17 -48.58 -19.06
CA PRO E 491 -6.25 -47.42 -18.16
C PRO E 491 -7.45 -47.43 -17.23
N LEU E 492 -8.56 -48.05 -17.64
CA LEU E 492 -9.79 -48.03 -16.87
C LEU E 492 -9.91 -49.30 -16.05
N GLN E 493 -10.25 -49.13 -14.77
CA GLN E 493 -10.45 -50.24 -13.85
C GLN E 493 -11.78 -50.04 -13.12
N SER E 494 -12.40 -51.14 -12.73
CA SER E 494 -13.73 -51.05 -12.12
C SER E 494 -13.64 -50.90 -10.61
N TYR E 495 -14.60 -50.15 -10.07
CA TYR E 495 -14.84 -50.08 -8.62
C TYR E 495 -15.26 -51.41 -8.02
N GLY E 496 -16.41 -51.94 -8.41
CA GLY E 496 -16.90 -53.18 -7.84
C GLY E 496 -17.45 -53.02 -6.44
N PHE E 497 -18.50 -52.21 -6.29
CA PHE E 497 -19.13 -52.01 -4.99
C PHE E 497 -19.86 -53.27 -4.54
N GLN E 498 -19.85 -53.50 -3.23
CA GLN E 498 -20.56 -54.59 -2.60
C GLN E 498 -21.40 -54.04 -1.45
N PRO E 499 -22.56 -54.64 -1.18
CA PRO E 499 -23.39 -54.15 -0.07
C PRO E 499 -22.75 -54.33 1.30
N THR E 500 -21.86 -55.30 1.44
CA THR E 500 -21.18 -55.57 2.71
C THR E 500 -19.84 -54.86 2.83
N ASN E 501 -19.50 -54.00 1.86
CA ASN E 501 -18.22 -53.32 1.87
C ASN E 501 -18.16 -52.27 2.97
N GLY E 502 -16.95 -51.81 3.27
CA GLY E 502 -16.76 -50.81 4.30
C GLY E 502 -17.22 -49.43 3.87
N VAL E 503 -17.19 -48.51 4.83
CA VAL E 503 -17.70 -47.15 4.60
C VAL E 503 -16.87 -46.43 3.54
N GLY E 504 -15.54 -46.59 3.60
CA GLY E 504 -14.70 -46.03 2.56
C GLY E 504 -14.94 -46.69 1.21
N TYR E 505 -15.28 -47.97 1.21
CA TYR E 505 -15.54 -48.70 -0.03
C TYR E 505 -16.97 -48.56 -0.51
N GLN E 506 -17.86 -47.94 0.27
CA GLN E 506 -19.23 -47.76 -0.18
C GLN E 506 -19.30 -46.69 -1.27
N PRO E 507 -20.25 -46.80 -2.20
CA PRO E 507 -20.37 -45.79 -3.26
C PRO E 507 -20.91 -44.47 -2.71
N TYR E 508 -20.24 -43.37 -3.07
CA TYR E 508 -20.70 -42.04 -2.76
C TYR E 508 -20.97 -41.30 -4.06
N ARG E 509 -22.18 -40.80 -4.21
CA ARG E 509 -22.55 -39.98 -5.36
C ARG E 509 -22.15 -38.55 -5.07
N VAL E 510 -21.35 -37.97 -5.96
CA VAL E 510 -20.83 -36.62 -5.81
C VAL E 510 -21.31 -35.80 -7.00
N VAL E 511 -22.03 -34.72 -6.71
CA VAL E 511 -22.34 -33.70 -7.71
C VAL E 511 -21.69 -32.41 -7.24
N VAL E 512 -20.92 -31.79 -8.13
CA VAL E 512 -20.24 -30.55 -7.82
C VAL E 512 -20.83 -29.47 -8.71
N LEU E 513 -21.26 -28.38 -8.08
CA LEU E 513 -21.87 -27.28 -8.81
C LEU E 513 -20.86 -26.14 -8.97
N SER E 514 -20.62 -25.76 -10.21
CA SER E 514 -19.72 -24.66 -10.54
C SER E 514 -20.57 -23.44 -10.89
N PHE E 515 -20.24 -22.33 -10.24
CA PHE E 515 -20.99 -21.09 -10.32
C PHE E 515 -20.15 -20.04 -11.05
N GLU E 516 -20.82 -18.95 -11.41
CA GLU E 516 -20.16 -17.69 -11.74
C GLU E 516 -21.09 -16.57 -11.29
N LEU E 517 -20.56 -15.64 -10.51
CA LEU E 517 -21.39 -14.67 -9.78
C LEU E 517 -21.05 -13.25 -10.17
N LEU E 518 -22.09 -12.46 -10.41
CA LEU E 518 -22.02 -10.99 -10.45
C LEU E 518 -21.09 -10.48 -11.55
N HIS E 519 -21.04 -11.23 -12.66
CA HIS E 519 -20.27 -10.82 -13.82
C HIS E 519 -21.04 -10.92 -15.12
N ALA E 520 -22.29 -11.38 -15.10
CA ALA E 520 -23.06 -11.64 -16.31
C ALA E 520 -24.54 -11.57 -15.95
N PRO E 521 -25.43 -11.50 -16.94
CA PRO E 521 -26.86 -11.69 -16.64
C PRO E 521 -27.12 -13.06 -16.05
N ALA E 522 -28.04 -13.10 -15.08
CA ALA E 522 -28.31 -14.29 -14.29
C ALA E 522 -29.57 -14.97 -14.83
N THR E 523 -29.40 -16.17 -15.38
CA THR E 523 -30.55 -16.94 -15.85
C THR E 523 -31.21 -17.72 -14.72
N VAL E 524 -30.45 -18.02 -13.67
CA VAL E 524 -30.93 -18.80 -12.54
C VAL E 524 -30.72 -17.98 -11.27
N CYS E 525 -31.66 -18.09 -10.33
CA CYS E 525 -31.54 -17.29 -9.11
C CYS E 525 -32.15 -18.00 -7.91
N GLY E 526 -31.99 -17.37 -6.74
CA GLY E 526 -32.42 -17.96 -5.49
C GLY E 526 -33.82 -17.53 -5.09
N PRO E 527 -34.38 -18.26 -4.13
CA PRO E 527 -35.78 -18.04 -3.70
C PRO E 527 -35.93 -16.97 -2.63
N LYS E 528 -35.70 -15.72 -3.01
CA LYS E 528 -36.01 -14.58 -2.15
C LYS E 528 -37.12 -13.78 -2.83
N LYS E 529 -38.17 -13.48 -2.06
CA LYS E 529 -39.36 -12.86 -2.64
C LYS E 529 -39.08 -11.42 -3.03
N SER E 530 -39.44 -11.07 -4.27
CA SER E 530 -39.21 -9.73 -4.77
C SER E 530 -40.24 -8.75 -4.19
N THR E 531 -39.79 -7.54 -3.93
CA THR E 531 -40.65 -6.48 -3.40
C THR E 531 -40.67 -5.31 -4.37
N ASN E 532 -41.40 -4.27 -3.98
CA ASN E 532 -41.54 -3.09 -4.83
C ASN E 532 -40.25 -2.29 -4.87
N LEU E 533 -39.96 -1.69 -6.02
CA LEU E 533 -38.77 -0.90 -6.21
C LEU E 533 -39.09 0.57 -5.94
N VAL E 534 -38.34 1.18 -5.02
CA VAL E 534 -38.49 2.59 -4.69
C VAL E 534 -37.18 3.28 -5.04
N LYS E 535 -37.25 4.30 -5.89
CA LYS E 535 -36.06 4.99 -6.37
C LYS E 535 -35.86 6.31 -5.64
N ASN E 536 -34.64 6.85 -5.80
CA ASN E 536 -34.25 8.17 -5.28
C ASN E 536 -34.41 8.26 -3.77
N LYS E 537 -34.10 7.18 -3.07
CA LYS E 537 -34.10 7.22 -1.61
C LYS E 537 -33.08 6.20 -1.11
N CYS E 538 -32.62 6.40 0.12
CA CYS E 538 -31.67 5.48 0.72
C CYS E 538 -32.39 4.21 1.16
N VAL E 539 -31.91 3.07 0.67
CA VAL E 539 -32.59 1.80 0.87
C VAL E 539 -31.56 0.68 0.80
N ASN E 540 -31.81 -0.39 1.54
CA ASN E 540 -30.99 -1.60 1.50
C ASN E 540 -31.49 -2.47 0.36
N PHE E 541 -30.88 -2.33 -0.81
CA PHE E 541 -31.31 -3.00 -2.02
C PHE E 541 -30.49 -4.25 -2.28
N ASN E 542 -31.16 -5.30 -2.75
CA ASN E 542 -30.52 -6.52 -3.22
C ASN E 542 -30.95 -6.72 -4.67
N PHE E 543 -30.13 -6.23 -5.60
CA PHE E 543 -30.41 -6.34 -7.03
C PHE E 543 -29.47 -7.35 -7.66
N ASN E 544 -30.04 -8.48 -8.09
CA ASN E 544 -29.34 -9.50 -8.90
C ASN E 544 -28.11 -10.03 -8.16
N GLY E 545 -28.23 -10.24 -6.86
CA GLY E 545 -27.12 -10.69 -6.04
C GLY E 545 -26.25 -9.60 -5.48
N LEU E 546 -26.47 -8.35 -5.87
CA LEU E 546 -25.74 -7.20 -5.34
C LEU E 546 -26.50 -6.67 -4.12
N THR E 547 -25.92 -6.86 -2.93
CA THR E 547 -26.52 -6.40 -1.69
C THR E 547 -25.79 -5.16 -1.21
N GLY E 548 -26.53 -4.09 -0.98
CA GLY E 548 -25.91 -2.85 -0.51
C GLY E 548 -26.95 -1.81 -0.18
N THR E 549 -26.56 -0.86 0.68
CA THR E 549 -27.43 0.25 1.06
C THR E 549 -27.00 1.47 0.25
N GLY E 550 -27.96 2.07 -0.47
CA GLY E 550 -27.63 3.21 -1.29
C GLY E 550 -28.85 3.82 -1.94
N VAL E 551 -28.61 4.90 -2.67
CA VAL E 551 -29.68 5.61 -3.36
C VAL E 551 -29.62 5.30 -4.86
N LEU E 552 -30.79 5.06 -5.45
CA LEU E 552 -30.90 4.68 -6.85
C LEU E 552 -31.21 5.91 -7.70
N THR E 553 -30.66 5.91 -8.91
CA THR E 553 -30.78 7.04 -9.81
C THR E 553 -30.98 6.52 -11.24
N GLU E 554 -31.85 7.20 -11.98
CA GLU E 554 -32.07 6.90 -13.39
C GLU E 554 -31.05 7.66 -14.23
N SER E 555 -30.26 6.94 -15.01
CA SER E 555 -29.21 7.54 -15.83
C SER E 555 -29.24 6.96 -17.22
N ASN E 556 -28.73 7.74 -18.18
CA ASN E 556 -28.71 7.32 -19.59
C ASN E 556 -27.40 6.60 -19.90
N LYS E 557 -27.32 5.37 -19.38
CA LYS E 557 -26.14 4.51 -19.64
C LYS E 557 -26.61 3.29 -20.42
N LYS E 558 -25.97 2.98 -21.55
CA LYS E 558 -26.37 1.87 -22.43
C LYS E 558 -25.49 0.66 -22.17
N PHE E 559 -26.10 -0.50 -22.02
CA PHE E 559 -25.38 -1.74 -21.76
C PHE E 559 -25.48 -2.67 -22.96
N LEU E 560 -24.37 -3.31 -23.30
CA LEU E 560 -24.41 -4.44 -24.21
C LEU E 560 -25.14 -5.61 -23.53
N PRO E 561 -25.76 -6.50 -24.32
CA PRO E 561 -26.53 -7.61 -23.72
C PRO E 561 -25.72 -8.55 -22.85
N PHE E 562 -24.41 -8.67 -23.08
CA PHE E 562 -23.61 -9.58 -22.28
C PHE E 562 -23.10 -8.92 -21.00
N GLN E 563 -23.33 -7.59 -20.90
CA GLN E 563 -22.85 -6.82 -19.72
C GLN E 563 -24.00 -6.46 -18.78
N GLN E 564 -24.06 -7.08 -17.59
CA GLN E 564 -25.15 -6.85 -16.66
C GLN E 564 -24.78 -5.81 -15.61
N PHE E 565 -23.61 -5.96 -15.00
CA PHE E 565 -23.17 -5.10 -13.92
C PHE E 565 -22.14 -4.10 -14.45
N GLY E 566 -22.30 -2.83 -14.09
CA GLY E 566 -21.40 -1.80 -14.54
C GLY E 566 -20.55 -1.22 -13.44
N ARG E 567 -19.25 -1.08 -13.70
CA ARG E 567 -18.31 -0.52 -12.73
C ARG E 567 -17.73 0.77 -13.28
N ASP E 568 -17.64 1.79 -12.41
CA ASP E 568 -17.09 3.08 -12.80
C ASP E 568 -15.57 3.06 -12.67
N ILE E 569 -14.96 4.24 -12.78
CA ILE E 569 -13.54 4.37 -12.47
C ILE E 569 -13.34 4.15 -10.98
N ALA E 570 -12.17 3.63 -10.62
CA ALA E 570 -11.82 3.15 -9.28
C ALA E 570 -12.83 2.14 -8.78
N ASP E 571 -13.18 1.14 -9.60
CA ASP E 571 -13.89 -0.14 -9.41
C ASP E 571 -15.11 -0.06 -8.47
N THR E 572 -15.79 1.08 -8.37
CA THR E 572 -17.06 1.12 -7.67
C THR E 572 -18.19 0.80 -8.64
N THR E 573 -19.28 0.21 -8.11
CA THR E 573 -20.40 -0.15 -8.97
C THR E 573 -21.34 1.03 -9.16
N ASP E 574 -21.17 1.75 -10.28
CA ASP E 574 -22.00 2.92 -10.51
C ASP E 574 -23.38 2.54 -11.06
N ALA E 575 -23.45 1.52 -11.91
CA ALA E 575 -24.68 1.21 -12.61
C ALA E 575 -24.98 -0.28 -12.54
N VAL E 576 -26.26 -0.61 -12.63
CA VAL E 576 -26.71 -2.01 -12.62
C VAL E 576 -28.00 -2.10 -13.43
N ARG E 577 -28.21 -3.22 -14.11
CA ARG E 577 -29.42 -3.42 -14.89
C ARG E 577 -30.41 -4.25 -14.06
N ASP E 578 -31.58 -3.66 -13.79
CA ASP E 578 -32.60 -4.34 -13.02
C ASP E 578 -33.18 -5.49 -13.84
N PRO E 579 -33.44 -6.65 -13.22
CA PRO E 579 -33.95 -7.79 -14.00
C PRO E 579 -35.39 -7.64 -14.46
N GLN E 580 -36.29 -7.16 -13.57
CA GLN E 580 -37.70 -7.08 -13.91
C GLN E 580 -37.95 -6.01 -14.96
N THR E 581 -37.42 -4.81 -14.76
CA THR E 581 -37.51 -3.72 -15.73
C THR E 581 -36.12 -3.42 -16.26
N LEU E 582 -35.98 -3.40 -17.58
CA LEU E 582 -34.66 -3.35 -18.22
C LEU E 582 -34.04 -1.96 -18.21
N GLU E 583 -34.54 -1.04 -17.40
CA GLU E 583 -33.90 0.27 -17.25
C GLU E 583 -32.56 0.12 -16.53
N ILE E 584 -31.57 0.86 -16.98
CA ILE E 584 -30.25 0.87 -16.36
C ILE E 584 -30.27 1.89 -15.22
N LEU E 585 -29.95 1.43 -14.02
CA LEU E 585 -30.12 2.20 -12.79
C LEU E 585 -28.76 2.58 -12.24
N ASP E 586 -28.55 3.88 -12.06
CA ASP E 586 -27.32 4.37 -11.47
C ASP E 586 -27.38 4.23 -9.95
N ILE E 587 -26.23 3.89 -9.35
CA ILE E 587 -26.12 3.67 -7.91
C ILE E 587 -25.39 4.87 -7.31
N THR E 588 -26.02 5.52 -6.35
CA THR E 588 -25.49 6.69 -5.67
C THR E 588 -25.48 6.43 -4.17
N PRO E 589 -24.52 7.02 -3.46
CA PRO E 589 -24.39 6.74 -2.01
C PRO E 589 -25.57 7.25 -1.20
N CYS E 590 -25.76 6.60 -0.05
CA CYS E 590 -26.81 7.00 0.89
C CYS E 590 -26.54 8.40 1.44
N SER E 591 -25.30 8.69 1.79
CA SER E 591 -24.91 10.00 2.30
C SER E 591 -23.78 10.55 1.43
N PHE E 592 -23.91 11.81 1.02
CA PHE E 592 -22.87 12.42 0.20
C PHE E 592 -21.62 12.71 1.03
N GLY E 593 -21.79 12.91 2.34
CA GLY E 593 -20.66 12.93 3.25
C GLY E 593 -19.80 14.17 3.23
N GLY E 594 -20.21 15.22 2.53
CA GLY E 594 -19.46 16.46 2.50
C GLY E 594 -19.79 17.44 3.58
N VAL E 595 -20.47 16.99 4.64
CA VAL E 595 -20.89 17.87 5.71
C VAL E 595 -19.68 18.31 6.53
N SER E 596 -19.55 19.62 6.73
CA SER E 596 -18.54 20.17 7.61
C SER E 596 -19.23 21.05 8.65
N VAL E 597 -18.77 20.99 9.89
CA VAL E 597 -19.37 21.73 10.99
C VAL E 597 -18.48 22.92 11.33
N ILE E 598 -19.06 24.12 11.26
CA ILE E 598 -18.45 25.34 11.77
C ILE E 598 -18.91 25.50 13.21
N THR E 599 -17.96 25.49 14.16
CA THR E 599 -18.35 25.58 15.55
C THR E 599 -17.45 26.56 16.29
N PRO E 600 -18.00 27.33 17.23
CA PRO E 600 -17.14 28.04 18.19
C PRO E 600 -16.67 27.08 19.27
N GLY E 601 -16.07 27.66 20.31
CA GLY E 601 -15.69 26.87 21.46
C GLY E 601 -16.91 26.29 22.17
N THR E 602 -16.75 25.07 22.68
CA THR E 602 -17.83 24.42 23.41
C THR E 602 -18.13 25.18 24.70
N ASN E 603 -17.12 25.79 25.30
CA ASN E 603 -17.33 26.68 26.44
C ASN E 603 -18.17 27.89 26.06
N THR E 604 -17.91 28.46 24.88
CA THR E 604 -18.61 29.68 24.47
C THR E 604 -20.07 29.41 24.15
N SER E 605 -20.35 28.40 23.34
CA SER E 605 -21.72 28.12 22.92
C SER E 605 -21.82 26.69 22.43
N ASN E 606 -23.06 26.20 22.38
CA ASN E 606 -23.36 24.90 21.78
C ASN E 606 -23.99 25.05 20.40
N GLN E 607 -24.18 26.29 19.93
CA GLN E 607 -24.76 26.51 18.62
C GLN E 607 -23.69 26.41 17.54
N VAL E 608 -24.05 25.77 16.42
CA VAL E 608 -23.13 25.49 15.33
C VAL E 608 -23.75 25.94 14.01
N ALA E 609 -22.96 25.83 12.95
CA ALA E 609 -23.42 26.02 11.58
C ALA E 609 -22.94 24.83 10.75
N VAL E 610 -23.67 24.51 9.69
CA VAL E 610 -23.37 23.34 8.86
C VAL E 610 -23.16 23.80 7.42
N LEU E 611 -22.04 23.38 6.84
CA LEU E 611 -21.70 23.67 5.45
C LEU E 611 -21.80 22.37 4.65
N TYR E 612 -22.57 22.40 3.57
CA TYR E 612 -22.69 21.28 2.65
C TYR E 612 -21.88 21.64 1.41
N GLN E 613 -20.83 20.89 1.14
CA GLN E 613 -19.90 21.26 0.07
C GLN E 613 -20.54 21.06 -1.30
N ASP E 614 -20.15 21.95 -2.23
CA ASP E 614 -20.41 21.95 -3.69
C ASP E 614 -21.77 21.36 -4.09
N VAL E 615 -22.82 21.83 -3.41
CA VAL E 615 -24.20 21.49 -3.76
C VAL E 615 -25.03 22.77 -3.82
N ASN E 616 -26.05 22.76 -4.67
CA ASN E 616 -27.02 23.84 -4.69
C ASN E 616 -27.85 23.82 -3.40
N CYS E 617 -28.24 25.01 -2.94
CA CYS E 617 -29.04 25.11 -1.71
C CYS E 617 -30.41 24.48 -1.88
N THR E 618 -31.07 24.71 -3.02
CA THR E 618 -32.44 24.25 -3.21
C THR E 618 -32.52 22.73 -3.27
N GLU E 619 -31.41 22.07 -3.59
CA GLU E 619 -31.37 20.61 -3.59
C GLU E 619 -30.72 20.02 -2.35
N VAL E 620 -30.49 20.84 -1.30
CA VAL E 620 -29.95 20.30 -0.05
C VAL E 620 -30.87 19.26 0.60
N PRO E 621 -32.16 19.54 0.90
CA PRO E 621 -32.98 18.57 1.62
C PRO E 621 -32.81 17.17 1.02
N VAL E 622 -33.00 17.06 -0.30
CA VAL E 622 -32.95 15.70 -0.92
C VAL E 622 -31.51 15.18 -0.86
N ALA E 623 -30.53 16.08 -0.98
CA ALA E 623 -29.12 15.62 -1.03
C ALA E 623 -28.76 14.93 0.27
N ILE E 624 -29.18 15.50 1.40
CA ILE E 624 -28.82 14.91 2.72
C ILE E 624 -29.92 13.94 3.15
N HIS E 625 -30.92 13.74 2.29
CA HIS E 625 -32.07 12.84 2.62
C HIS E 625 -32.69 13.29 3.94
N ALA E 626 -32.94 14.58 4.11
CA ALA E 626 -33.39 15.12 5.41
C ALA E 626 -34.67 14.45 5.91
N ASP E 627 -35.58 14.07 5.01
CA ASP E 627 -36.81 13.36 5.43
C ASP E 627 -36.44 12.30 6.48
N GLN E 628 -35.52 11.41 6.14
CA GLN E 628 -35.11 10.31 7.07
C GLN E 628 -34.40 10.86 8.31
N LEU E 629 -33.67 11.96 8.20
CA LEU E 629 -32.85 12.46 9.34
C LEU E 629 -33.72 12.89 10.53
N THR E 630 -33.16 12.88 11.73
CA THR E 630 -33.94 13.20 12.96
C THR E 630 -34.38 14.66 12.97
N PRO E 631 -35.43 15.05 13.72
CA PRO E 631 -35.93 16.41 13.67
C PRO E 631 -34.85 17.42 14.06
N THR E 632 -34.02 17.08 15.04
CA THR E 632 -33.01 18.06 15.50
C THR E 632 -32.09 18.41 14.34
N TRP E 633 -31.69 17.42 13.55
CA TRP E 633 -30.86 17.70 12.35
C TRP E 633 -31.68 18.47 11.32
N ARG E 634 -32.96 18.15 11.15
CA ARG E 634 -33.74 18.80 10.08
C ARG E 634 -33.76 20.33 10.28
N VAL E 635 -33.74 20.80 11.51
CA VAL E 635 -33.66 22.28 11.74
C VAL E 635 -32.42 22.78 11.01
N TYR E 636 -31.33 22.01 11.10
CA TYR E 636 -30.08 22.39 10.40
C TYR E 636 -30.14 21.97 8.93
N SER E 637 -31.15 21.19 8.52
CA SER E 637 -31.17 20.89 7.09
C SER E 637 -31.81 22.01 6.30
N THR E 638 -32.92 22.55 6.79
CA THR E 638 -33.65 23.61 6.11
C THR E 638 -34.06 24.68 7.11
N GLY E 639 -33.75 25.93 6.80
CA GLY E 639 -34.10 27.03 7.68
C GLY E 639 -34.02 28.35 6.95
N SER E 640 -34.42 29.41 7.67
CA SER E 640 -34.40 30.76 7.11
C SER E 640 -32.97 31.26 6.94
N ASN E 641 -32.07 30.89 7.86
CA ASN E 641 -30.66 31.30 7.79
C ASN E 641 -29.93 30.36 6.83
N VAL E 642 -30.12 30.60 5.55
CA VAL E 642 -29.50 29.81 4.49
C VAL E 642 -28.72 30.76 3.58
N PHE E 643 -27.52 30.35 3.19
CA PHE E 643 -26.66 31.17 2.35
C PHE E 643 -25.98 30.30 1.30
N GLN E 644 -25.89 30.81 0.08
CA GLN E 644 -25.26 30.08 -1.00
C GLN E 644 -23.85 30.62 -1.25
N THR E 645 -22.86 29.73 -1.22
CA THR E 645 -21.48 30.08 -1.51
C THR E 645 -21.00 29.25 -2.69
N ARG E 646 -19.84 29.62 -3.23
CA ARG E 646 -19.21 28.81 -4.26
C ARG E 646 -18.71 27.50 -3.68
N ALA E 647 -18.32 27.49 -2.40
CA ALA E 647 -17.90 26.26 -1.75
C ALA E 647 -19.09 25.34 -1.49
N GLY E 648 -20.24 25.90 -1.15
CA GLY E 648 -21.40 25.10 -0.87
C GLY E 648 -22.51 25.94 -0.27
N CYS E 649 -23.40 25.25 0.44
CA CYS E 649 -24.56 25.87 1.07
C CYS E 649 -24.38 25.83 2.58
N LEU E 650 -24.53 26.99 3.22
CA LEU E 650 -24.31 27.13 4.66
C LEU E 650 -25.63 27.43 5.35
N ILE E 651 -25.97 26.63 6.36
CA ILE E 651 -27.19 26.81 7.13
C ILE E 651 -26.84 26.82 8.62
N GLY E 652 -27.35 27.82 9.33
CA GLY E 652 -27.07 27.98 10.74
C GLY E 652 -26.29 29.23 11.08
N ALA E 653 -25.77 29.93 10.09
CA ALA E 653 -25.09 31.20 10.29
C ALA E 653 -25.77 32.27 9.45
N GLU E 654 -25.99 33.44 10.04
CA GLU E 654 -26.67 34.54 9.38
C GLU E 654 -25.66 35.32 8.55
N HIS E 655 -26.06 35.69 7.33
CA HIS E 655 -25.16 36.43 6.47
C HIS E 655 -25.20 37.92 6.81
N VAL E 656 -24.02 38.52 6.92
CA VAL E 656 -23.90 39.93 7.27
C VAL E 656 -23.16 40.66 6.15
N ASN E 657 -23.60 41.88 5.87
CA ASN E 657 -23.03 42.63 4.75
C ASN E 657 -21.65 43.19 5.08
N ASN E 658 -21.42 43.57 6.34
CA ASN E 658 -20.14 44.16 6.73
C ASN E 658 -19.04 43.11 6.68
N SER E 659 -17.83 43.57 6.36
CA SER E 659 -16.68 42.69 6.17
C SER E 659 -15.82 42.68 7.43
N TYR E 660 -15.62 41.49 7.99
CA TYR E 660 -14.84 41.29 9.20
C TYR E 660 -13.62 40.44 8.87
N GLU E 661 -12.68 40.39 9.81
CA GLU E 661 -11.52 39.54 9.66
C GLU E 661 -11.92 38.07 9.74
N CYS E 662 -11.12 37.22 9.11
CA CYS E 662 -11.43 35.80 9.00
C CYS E 662 -11.07 35.10 10.30
N ASP E 663 -12.09 34.72 11.07
CA ASP E 663 -11.86 33.92 12.26
C ASP E 663 -11.91 32.44 11.95
N ILE E 664 -13.04 31.97 11.41
CA ILE E 664 -13.20 30.60 10.95
C ILE E 664 -13.38 30.65 9.44
N PRO E 665 -12.52 29.97 8.66
CA PRO E 665 -12.63 30.07 7.20
C PRO E 665 -13.74 29.20 6.62
N ILE E 666 -14.82 29.84 6.16
CA ILE E 666 -15.85 29.15 5.40
C ILE E 666 -15.29 28.65 4.07
N GLY E 667 -14.54 29.50 3.37
CA GLY E 667 -14.04 29.15 2.06
C GLY E 667 -14.72 29.95 0.97
N ALA E 668 -14.13 29.94 -0.23
CA ALA E 668 -14.67 30.58 -1.43
C ALA E 668 -14.96 32.07 -1.20
N GLY E 669 -14.09 32.72 -0.44
CA GLY E 669 -14.27 34.13 -0.14
C GLY E 669 -15.16 34.44 1.03
N ILE E 670 -15.60 33.44 1.80
CA ILE E 670 -16.50 33.64 2.92
C ILE E 670 -15.76 33.20 4.19
N CYS E 671 -16.04 33.89 5.30
CA CYS E 671 -15.49 33.54 6.60
C CYS E 671 -16.56 33.70 7.67
N ALA E 672 -16.39 32.97 8.78
CA ALA E 672 -17.38 32.93 9.84
C ALA E 672 -16.79 33.45 11.14
N SER E 673 -17.69 33.90 12.02
CA SER E 673 -17.31 34.39 13.34
C SER E 673 -18.50 34.21 14.28
N TYR E 674 -18.23 34.32 15.58
CA TYR E 674 -19.25 34.26 16.61
C TYR E 674 -19.42 35.64 17.21
N GLN E 675 -20.58 36.26 16.97
CA GLN E 675 -20.77 37.66 17.30
C GLN E 675 -22.17 37.86 17.87
N THR E 676 -22.28 38.83 18.77
CA THR E 676 -23.58 39.20 19.34
C THR E 676 -24.32 40.16 18.40
N SER E 689 -29.60 36.68 20.13
CA SER E 689 -28.63 37.66 20.57
C SER E 689 -27.24 37.33 20.02
N GLN E 690 -26.64 36.26 20.54
CA GLN E 690 -25.33 35.80 20.12
C GLN E 690 -25.51 34.70 19.09
N SER E 691 -24.85 34.84 17.95
CA SER E 691 -25.04 33.89 16.85
C SER E 691 -23.79 33.86 15.98
N ILE E 692 -23.78 32.92 15.05
CA ILE E 692 -22.66 32.80 14.11
C ILE E 692 -23.00 33.59 12.86
N ILE E 693 -22.09 34.48 12.47
CA ILE E 693 -22.25 35.34 11.30
C ILE E 693 -21.27 34.88 10.22
N ALA E 694 -21.71 34.97 8.97
CA ALA E 694 -20.90 34.66 7.81
C ALA E 694 -20.81 35.90 6.94
N TYR E 695 -19.61 36.20 6.46
CA TYR E 695 -19.36 37.45 5.75
C TYR E 695 -18.31 37.24 4.66
N THR E 696 -18.30 38.14 3.69
CA THR E 696 -17.18 38.24 2.79
C THR E 696 -15.94 38.68 3.56
N MET E 697 -14.80 38.07 3.23
CA MET E 697 -13.57 38.35 3.98
C MET E 697 -13.12 39.78 3.78
N SER E 698 -12.82 40.45 4.90
CA SER E 698 -12.38 41.85 4.85
C SER E 698 -10.96 41.90 4.32
N LEU E 699 -10.82 42.43 3.11
CA LEU E 699 -9.49 42.57 2.52
C LEU E 699 -8.69 43.65 3.24
N GLY E 700 -9.36 44.67 3.74
CA GLY E 700 -8.70 45.71 4.51
C GLY E 700 -9.48 47.01 4.42
N ALA E 701 -8.93 48.02 5.09
CA ALA E 701 -9.56 49.34 5.07
C ALA E 701 -9.39 49.99 3.71
N GLU E 702 -10.47 50.59 3.21
CA GLU E 702 -10.45 51.26 1.91
C GLU E 702 -9.87 52.65 2.07
N ASN E 703 -8.76 52.91 1.39
CA ASN E 703 -8.10 54.21 1.40
C ASN E 703 -7.80 54.63 -0.02
N SER E 704 -7.78 55.94 -0.24
CA SER E 704 -7.58 56.52 -1.56
C SER E 704 -6.34 57.40 -1.56
N VAL E 705 -5.52 57.26 -2.59
CA VAL E 705 -4.34 58.10 -2.79
C VAL E 705 -4.50 58.82 -4.13
N ALA E 706 -4.12 60.09 -4.15
CA ALA E 706 -4.24 60.91 -5.36
C ALA E 706 -2.85 61.18 -5.91
N TYR E 707 -2.53 60.56 -7.05
CA TYR E 707 -1.23 60.76 -7.68
C TYR E 707 -1.28 62.02 -8.54
N SER E 708 -0.28 62.89 -8.35
CA SER E 708 -0.11 64.07 -9.18
C SER E 708 1.36 64.26 -9.47
N ASN E 709 1.66 64.88 -10.62
CA ASN E 709 3.05 65.01 -11.03
C ASN E 709 3.78 66.09 -10.23
N ASN E 710 3.04 67.02 -9.63
CA ASN E 710 3.63 68.14 -8.93
C ASN E 710 3.15 68.25 -7.48
N SER E 711 2.70 67.15 -6.88
CA SER E 711 2.24 67.14 -5.50
C SER E 711 2.96 66.04 -4.74
N ILE E 712 3.18 66.27 -3.44
CA ILE E 712 3.88 65.32 -2.59
C ILE E 712 3.25 65.41 -1.20
N ALA E 713 3.37 64.33 -0.42
CA ALA E 713 2.82 64.28 0.94
C ALA E 713 3.97 64.02 1.90
N ILE E 714 4.04 64.81 2.97
CA ILE E 714 5.03 64.62 4.03
C ILE E 714 4.32 64.72 5.37
N PRO E 715 4.50 63.74 6.27
CA PRO E 715 3.91 63.85 7.60
C PRO E 715 4.59 64.92 8.44
N THR E 716 3.82 65.52 9.34
CA THR E 716 4.34 66.50 10.28
C THR E 716 4.43 65.97 11.70
N ASN E 717 4.06 64.72 11.94
CA ASN E 717 4.14 64.14 13.27
C ASN E 717 4.41 62.64 13.15
N PHE E 718 4.75 62.04 14.28
CA PHE E 718 5.11 60.62 14.30
C PHE E 718 4.61 59.98 15.59
N THR E 719 4.45 58.66 15.54
CA THR E 719 3.98 57.87 16.67
C THR E 719 4.90 56.67 16.85
N ILE E 720 5.37 56.47 18.07
CA ILE E 720 6.14 55.28 18.42
C ILE E 720 5.15 54.21 18.88
N SER E 721 5.16 53.07 18.21
CA SER E 721 4.17 52.03 18.46
C SER E 721 4.86 50.73 18.84
N VAL E 722 4.18 49.93 19.65
CA VAL E 722 4.65 48.61 20.04
C VAL E 722 3.64 47.59 19.55
N THR E 723 4.10 46.67 18.71
CA THR E 723 3.26 45.63 18.12
C THR E 723 3.66 44.28 18.70
N THR E 724 2.68 43.55 19.21
CA THR E 724 2.91 42.24 19.80
C THR E 724 2.73 41.17 18.73
N GLU E 725 3.81 40.49 18.37
CA GLU E 725 3.78 39.48 17.33
C GLU E 725 4.23 38.14 17.89
N ILE E 726 3.40 37.12 17.73
CA ILE E 726 3.58 35.83 18.40
C ILE E 726 3.97 34.80 17.34
N LEU E 727 5.07 34.08 17.57
CA LEU E 727 5.48 33.01 16.69
C LEU E 727 5.72 31.74 17.51
N PRO E 728 5.35 30.57 17.02
CA PRO E 728 5.79 29.33 17.66
C PRO E 728 7.19 28.96 17.22
N VAL E 729 7.92 28.32 18.14
CA VAL E 729 9.30 27.92 17.88
C VAL E 729 9.39 26.41 17.83
N SER E 730 8.82 25.75 18.84
CA SER E 730 8.89 24.30 18.92
C SER E 730 7.57 23.76 19.42
N MET E 731 7.46 22.44 19.39
CA MET E 731 6.35 21.72 20.02
C MET E 731 6.93 20.62 20.89
N THR E 732 6.04 19.85 21.53
CA THR E 732 6.48 18.88 22.53
C THR E 732 7.26 17.75 21.88
N LYS E 733 8.46 17.50 22.40
CA LYS E 733 9.28 16.37 21.88
C LYS E 733 8.63 15.09 22.36
N THR E 734 8.17 14.24 21.47
CA THR E 734 7.51 12.98 21.80
C THR E 734 8.33 11.82 21.26
N SER E 735 8.27 10.71 21.99
CA SER E 735 8.95 9.49 21.59
C SER E 735 8.07 8.32 22.01
N VAL E 736 8.36 7.16 21.44
CA VAL E 736 7.60 5.95 21.72
C VAL E 736 8.54 4.92 22.37
N ASP E 737 8.07 4.29 23.43
CA ASP E 737 8.77 3.14 24.00
C ASP E 737 8.44 1.92 23.16
N CYS E 738 9.41 1.47 22.38
CA CYS E 738 9.16 0.50 21.32
C CYS E 738 8.75 -0.86 21.87
N THR E 739 9.52 -1.37 22.84
CA THR E 739 9.21 -2.66 23.44
C THR E 739 7.91 -2.62 24.24
N MET E 740 7.54 -1.42 24.70
CA MET E 740 6.23 -1.25 25.30
C MET E 740 5.14 -1.27 24.23
N TYR E 741 5.42 -0.68 23.07
CA TYR E 741 4.40 -0.53 22.04
C TYR E 741 4.04 -1.86 21.38
N ILE E 742 5.05 -2.64 21.00
CA ILE E 742 4.74 -3.86 20.26
C ILE E 742 4.47 -5.02 21.21
N CYS E 743 5.05 -4.97 22.41
CA CYS E 743 4.91 -6.05 23.39
C CYS E 743 4.22 -5.50 24.63
N GLY E 744 2.89 -5.62 24.67
CA GLY E 744 2.12 -5.21 25.82
C GLY E 744 1.97 -6.34 26.83
N ASP E 745 3.08 -6.67 27.52
CA ASP E 745 3.13 -7.74 28.52
C ASP E 745 2.69 -9.10 27.95
N SER E 746 3.08 -9.38 26.71
CA SER E 746 2.76 -10.68 26.11
C SER E 746 3.73 -11.74 26.61
N THR E 747 3.30 -13.00 26.49
CA THR E 747 4.13 -14.11 26.93
C THR E 747 5.33 -14.32 26.01
N GLU E 748 5.10 -14.32 24.70
CA GLU E 748 6.18 -14.50 23.72
C GLU E 748 6.71 -13.14 23.27
N CYS E 749 7.32 -12.43 24.22
CA CYS E 749 7.74 -11.05 23.96
C CYS E 749 8.97 -11.00 23.04
N SER E 750 9.95 -11.87 23.27
CA SER E 750 11.21 -11.79 22.54
C SER E 750 11.02 -12.18 21.07
N ASN E 751 10.12 -13.13 20.81
CA ASN E 751 9.80 -13.48 19.43
C ASN E 751 9.14 -12.31 18.71
N LEU E 752 8.25 -11.60 19.42
CA LEU E 752 7.62 -10.41 18.84
C LEU E 752 8.65 -9.33 18.55
N LEU E 753 9.60 -9.12 19.47
CA LEU E 753 10.68 -8.17 19.22
C LEU E 753 11.51 -8.58 18.00
N LEU E 754 11.86 -9.85 17.89
CA LEU E 754 12.67 -10.32 16.78
C LEU E 754 11.95 -10.15 15.45
N GLN E 755 10.64 -10.44 15.42
CA GLN E 755 9.92 -10.37 14.15
C GLN E 755 9.57 -8.94 13.77
N TYR E 756 9.27 -8.09 14.76
CA TYR E 756 8.72 -6.77 14.46
C TYR E 756 9.34 -5.63 15.25
N GLY E 757 10.63 -5.67 15.54
CA GLY E 757 11.23 -4.60 16.32
C GLY E 757 11.92 -3.55 15.48
N SER E 758 12.45 -3.94 14.32
CA SER E 758 13.21 -3.00 13.50
C SER E 758 12.31 -1.97 12.83
N PHE E 759 11.07 -2.37 12.53
CA PHE E 759 10.10 -1.45 11.95
C PHE E 759 9.73 -0.35 12.94
N CYS E 760 9.38 -0.75 14.15
CA CYS E 760 9.14 0.18 15.25
C CYS E 760 10.38 0.99 15.59
N THR E 761 11.57 0.39 15.42
CA THR E 761 12.81 1.11 15.66
C THR E 761 13.01 2.22 14.65
N GLN E 762 12.67 1.96 13.38
CA GLN E 762 12.73 3.00 12.36
C GLN E 762 11.73 4.12 12.65
N LEU E 763 10.52 3.76 13.09
CA LEU E 763 9.53 4.78 13.44
C LEU E 763 9.98 5.60 14.65
N ASN E 764 10.60 4.95 15.64
CA ASN E 764 11.12 5.67 16.80
C ASN E 764 12.31 6.54 16.42
N ARG E 765 13.10 6.10 15.44
CA ARG E 765 14.17 6.94 14.91
C ARG E 765 13.63 8.17 14.23
N ALA E 766 12.52 8.02 13.50
CA ALA E 766 11.86 9.19 12.90
C ALA E 766 11.35 10.15 13.97
N LEU E 767 10.75 9.63 15.04
CA LEU E 767 10.26 10.48 16.12
C LEU E 767 11.42 11.17 16.86
N THR E 768 12.54 10.46 17.04
CA THR E 768 13.72 11.05 17.64
C THR E 768 14.29 12.15 16.76
N GLY E 769 14.25 11.95 15.44
CA GLY E 769 14.64 13.00 14.52
C GLY E 769 13.74 14.21 14.60
N ILE E 770 12.43 13.98 14.81
CA ILE E 770 11.49 15.08 15.05
C ILE E 770 11.89 15.87 16.31
N ALA E 771 12.21 15.14 17.38
CA ALA E 771 12.55 15.78 18.65
C ALA E 771 13.84 16.58 18.53
N VAL E 772 14.86 16.01 17.86
CA VAL E 772 16.12 16.72 17.66
C VAL E 772 15.90 17.92 16.74
N GLU E 773 14.99 17.81 15.78
CA GLU E 773 14.66 18.93 14.89
C GLU E 773 14.04 20.09 15.68
N GLN E 774 13.12 19.79 16.60
CA GLN E 774 12.53 20.86 17.41
C GLN E 774 13.55 21.47 18.37
N ASP E 775 14.43 20.64 18.94
CA ASP E 775 15.48 21.17 19.80
C ASP E 775 16.43 22.08 19.03
N LYS E 776 16.79 21.69 17.80
CA LYS E 776 17.64 22.54 16.98
C LYS E 776 16.92 23.81 16.56
N ASN E 777 15.60 23.74 16.40
CA ASN E 777 14.81 24.94 16.15
C ASN E 777 14.89 25.91 17.32
N THR E 778 14.79 25.40 18.54
CA THR E 778 14.96 26.25 19.72
C THR E 778 16.36 26.85 19.78
N GLN E 779 17.37 26.04 19.44
CA GLN E 779 18.74 26.55 19.46
C GLN E 779 18.95 27.63 18.41
N GLU E 780 18.33 27.48 17.23
CA GLU E 780 18.49 28.49 16.18
C GLU E 780 17.76 29.78 16.53
N VAL E 781 16.57 29.69 17.11
CA VAL E 781 15.79 30.89 17.40
C VAL E 781 16.37 31.62 18.61
N PHE E 782 16.55 30.90 19.72
CA PHE E 782 16.86 31.58 20.98
C PHE E 782 18.36 31.79 21.15
N ALA E 783 19.17 30.80 20.81
CA ALA E 783 20.61 30.86 21.03
C ALA E 783 21.30 31.27 19.72
N GLN E 784 21.25 32.57 19.42
CA GLN E 784 21.96 33.11 18.26
C GLN E 784 23.33 33.67 18.62
N VAL E 785 23.44 34.42 19.70
CA VAL E 785 24.71 34.92 20.22
C VAL E 785 24.93 34.32 21.60
N LYS E 786 26.07 33.68 21.79
CA LYS E 786 26.36 32.96 23.02
C LYS E 786 26.89 33.86 24.13
N GLN E 787 27.09 35.15 23.88
CA GLN E 787 27.57 36.05 24.91
C GLN E 787 26.47 36.32 25.94
N ILE E 788 26.82 36.20 27.21
CA ILE E 788 25.90 36.39 28.32
C ILE E 788 26.32 37.64 29.07
N TYR E 789 25.41 38.59 29.23
CA TYR E 789 25.70 39.84 29.91
C TYR E 789 24.78 40.03 31.10
N LYS E 790 25.34 40.59 32.17
CA LYS E 790 24.57 40.87 33.39
C LYS E 790 23.52 41.93 33.13
N THR E 791 22.35 41.75 33.74
CA THR E 791 21.29 42.75 33.66
C THR E 791 21.75 44.02 34.36
N PRO E 792 21.67 45.19 33.71
CA PRO E 792 22.09 46.43 34.35
C PRO E 792 21.21 46.79 35.53
N PRO E 793 21.79 47.31 36.60
CA PRO E 793 20.99 47.58 37.81
C PRO E 793 20.15 48.85 37.72
N ILE E 794 20.45 49.73 36.76
CA ILE E 794 19.77 51.03 36.71
C ILE E 794 18.31 50.86 36.29
N LYS E 795 18.04 49.90 35.39
CA LYS E 795 16.72 49.47 34.92
C LYS E 795 15.95 50.57 34.18
N ASP E 796 16.52 51.75 33.95
CA ASP E 796 15.86 52.82 33.22
C ASP E 796 16.90 53.56 32.40
N PHE E 797 16.56 53.84 31.14
CA PHE E 797 17.53 54.33 30.17
C PHE E 797 16.98 55.56 29.46
N GLY E 798 17.28 56.73 29.99
CA GLY E 798 16.90 57.98 29.33
C GLY E 798 15.41 58.21 29.23
N GLY E 799 14.67 57.88 30.29
CA GLY E 799 13.24 58.01 30.29
C GLY E 799 12.49 56.81 29.76
N PHE E 800 13.19 55.84 29.17
CA PHE E 800 12.57 54.59 28.73
C PHE E 800 12.56 53.61 29.89
N ASN E 801 11.39 53.07 30.19
CA ASN E 801 11.18 52.24 31.37
C ASN E 801 11.15 50.77 30.94
N PHE E 802 12.09 49.97 31.45
CA PHE E 802 12.22 48.56 31.11
C PHE E 802 12.06 47.64 32.31
N SER E 803 11.24 48.02 33.29
CA SER E 803 11.05 47.17 34.45
C SER E 803 10.27 45.90 34.11
N GLN E 804 9.30 46.01 33.21
CA GLN E 804 8.40 44.89 32.93
C GLN E 804 9.06 43.82 32.07
N ILE E 805 9.91 44.20 31.13
CA ILE E 805 10.42 43.24 30.17
C ILE E 805 11.74 42.64 30.64
N LEU E 806 12.47 43.36 31.48
CA LEU E 806 13.71 42.83 32.01
C LEU E 806 13.44 41.96 33.24
N PRO E 807 14.28 40.97 33.51
CA PRO E 807 14.10 40.14 34.70
C PRO E 807 14.27 40.94 35.98
N ASP E 808 13.47 40.59 36.98
CA ASP E 808 13.51 41.21 38.30
C ASP E 808 14.40 40.41 39.23
N PRO E 809 15.40 41.04 39.86
CA PRO E 809 16.26 40.29 40.80
C PRO E 809 15.54 39.78 42.03
N SER E 810 14.39 40.37 42.38
CA SER E 810 13.60 39.85 43.50
C SER E 810 13.07 38.46 43.21
N LYS E 811 12.65 38.22 41.97
CA LYS E 811 12.24 36.89 41.57
C LYS E 811 13.47 35.98 41.49
N PRO E 812 13.46 34.83 42.17
CA PRO E 812 14.58 33.88 42.03
C PRO E 812 14.76 33.36 40.61
N SER E 813 13.67 33.21 39.87
CA SER E 813 13.78 32.85 38.46
C SER E 813 14.19 34.07 37.63
N LYS E 814 14.72 33.81 36.44
CA LYS E 814 15.12 34.87 35.53
C LYS E 814 13.96 35.39 34.69
N ARG E 815 12.72 35.12 35.10
CA ARG E 815 11.55 35.48 34.30
C ARG E 815 11.13 36.91 34.60
N SER E 816 10.66 37.60 33.56
CA SER E 816 10.14 38.96 33.71
C SER E 816 8.65 38.93 34.02
N PHE E 817 8.09 40.12 34.25
CA PHE E 817 6.66 40.24 34.54
C PHE E 817 5.82 39.87 33.31
N ILE E 818 6.22 40.35 32.14
CA ILE E 818 5.52 40.01 30.90
C ILE E 818 5.63 38.52 30.63
N GLU E 819 6.82 37.94 30.82
CA GLU E 819 6.99 36.50 30.68
C GLU E 819 6.18 35.74 31.72
N ASP E 820 6.02 36.31 32.93
CA ASP E 820 5.18 35.69 33.94
C ASP E 820 3.73 35.62 33.49
N LEU E 821 3.22 36.71 32.91
CA LEU E 821 1.84 36.70 32.39
C LEU E 821 1.70 35.74 31.22
N LEU E 822 2.71 35.68 30.35
CA LEU E 822 2.66 34.77 29.21
C LEU E 822 2.64 33.31 29.66
N PHE E 823 3.45 32.98 30.67
CA PHE E 823 3.47 31.60 31.18
C PHE E 823 2.20 31.27 31.96
N ASN E 824 1.63 32.25 32.64
CA ASN E 824 0.40 32.00 33.39
C ASN E 824 -0.80 31.86 32.47
N LYS E 825 -0.77 32.49 31.29
CA LYS E 825 -1.93 32.46 30.41
C LYS E 825 -2.10 31.09 29.75
N VAL E 826 -1.02 30.50 29.25
CA VAL E 826 -1.12 29.24 28.54
C VAL E 826 -1.30 28.08 29.52
N THR E 827 -2.28 27.23 29.22
CA THR E 827 -2.53 26.02 30.00
C THR E 827 -2.24 24.81 29.14
N LEU E 828 -1.90 23.70 29.80
CA LEU E 828 -1.59 22.46 29.10
C LEU E 828 -2.85 21.66 28.81
N ALA E 852 2.93 7.44 29.84
CA ALA E 852 3.80 6.25 29.93
C ALA E 852 2.96 5.00 29.62
N GLN E 853 2.70 4.18 30.64
CA GLN E 853 1.90 2.95 30.45
C GLN E 853 0.50 3.31 29.94
N LYS E 854 -0.06 4.41 30.43
CA LYS E 854 -1.42 4.86 30.01
C LYS E 854 -1.43 5.33 28.56
N PHE E 855 -0.30 5.82 28.06
CA PHE E 855 -0.21 6.26 26.64
C PHE E 855 0.31 5.12 25.77
N ASN E 856 0.43 3.91 26.33
CA ASN E 856 0.92 2.74 25.58
C ASN E 856 2.34 2.98 25.10
N GLY E 857 3.17 3.61 25.94
CA GLY E 857 4.58 3.81 25.57
C GLY E 857 4.89 5.15 24.94
N LEU E 858 3.89 5.99 24.71
CA LEU E 858 4.23 7.34 24.19
C LEU E 858 4.65 8.24 25.35
N THR E 859 5.93 8.60 25.43
CA THR E 859 6.44 9.49 26.46
C THR E 859 6.81 10.82 25.81
N VAL E 860 6.86 11.85 26.65
CA VAL E 860 7.29 13.18 26.22
C VAL E 860 8.72 13.39 26.68
N LEU E 861 9.54 13.92 25.78
CA LEU E 861 10.93 14.19 26.12
C LEU E 861 11.08 15.65 26.49
N PRO E 862 11.65 15.96 27.66
CA PRO E 862 11.88 17.36 28.01
C PRO E 862 12.91 17.97 27.07
N PRO E 863 12.75 19.25 26.72
CA PRO E 863 13.72 19.90 25.84
C PRO E 863 15.06 20.10 26.52
N LEU E 864 16.11 20.14 25.70
CA LEU E 864 17.45 20.41 26.22
C LEU E 864 17.54 21.83 26.79
N LEU E 865 16.92 22.79 26.11
CA LEU E 865 16.86 24.16 26.61
C LEU E 865 15.69 24.29 27.57
N THR E 866 15.97 24.28 28.86
CA THR E 866 14.92 24.49 29.84
C THR E 866 14.47 25.94 29.83
N ASP E 867 13.32 26.20 30.47
CA ASP E 867 12.75 27.54 30.46
C ASP E 867 13.63 28.54 31.19
N GLU E 868 14.40 28.07 32.17
CA GLU E 868 15.28 28.97 32.90
C GLU E 868 16.42 29.47 32.02
N MET E 869 17.03 28.58 31.23
CA MET E 869 18.11 29.01 30.35
C MET E 869 17.58 29.81 29.17
N ILE E 870 16.36 29.51 28.73
CA ILE E 870 15.74 30.30 27.68
C ILE E 870 15.48 31.72 28.19
N ALA E 871 15.01 31.85 29.43
CA ALA E 871 14.84 33.16 30.04
C ALA E 871 16.17 33.88 30.21
N GLN E 872 17.23 33.13 30.54
CA GLN E 872 18.56 33.71 30.62
C GLN E 872 19.03 34.22 29.26
N TYR E 873 18.78 33.46 28.20
CA TYR E 873 19.16 33.88 26.85
C TYR E 873 18.40 35.15 26.44
N THR E 874 17.10 35.21 26.74
CA THR E 874 16.33 36.41 26.43
C THR E 874 16.79 37.60 27.26
N SER E 875 17.16 37.37 28.53
CA SER E 875 17.68 38.44 29.36
C SER E 875 19.00 38.97 28.81
N ALA E 876 19.87 38.08 28.34
CA ALA E 876 21.13 38.49 27.72
C ALA E 876 20.87 39.28 26.44
N LEU E 877 19.90 38.85 25.62
CA LEU E 877 19.58 39.56 24.39
C LEU E 877 19.02 40.95 24.67
N LEU E 878 18.14 41.07 25.67
CA LEU E 878 17.63 42.38 26.07
C LEU E 878 18.74 43.29 26.58
N ALA E 879 19.62 42.76 27.44
CA ALA E 879 20.70 43.57 27.99
C ALA E 879 21.64 44.04 26.89
N GLY E 880 21.98 43.15 25.95
CA GLY E 880 22.85 43.54 24.85
C GLY E 880 22.20 44.52 23.90
N THR E 881 20.90 44.33 23.61
CA THR E 881 20.21 45.25 22.71
C THR E 881 20.11 46.64 23.31
N ILE E 882 19.83 46.72 24.61
CA ILE E 882 19.75 48.02 25.26
C ILE E 882 21.12 48.68 25.37
N THR E 883 22.12 47.94 25.84
CA THR E 883 23.38 48.56 26.25
C THR E 883 24.45 48.61 25.17
N SER E 884 24.35 47.80 24.12
CA SER E 884 25.44 47.65 23.16
C SER E 884 25.06 48.01 21.73
N GLY E 885 23.77 48.14 21.43
CA GLY E 885 23.38 48.37 20.06
C GLY E 885 23.56 47.11 19.24
N TRP E 886 24.15 47.26 18.04
CA TRP E 886 24.43 46.11 17.20
C TRP E 886 25.89 45.63 17.31
N THR E 887 26.65 46.12 18.28
CA THR E 887 27.99 45.60 18.53
C THR E 887 27.98 44.40 19.47
N PHE E 888 26.79 43.91 19.84
CA PHE E 888 26.67 42.75 20.73
C PHE E 888 27.24 41.49 20.11
N GLY E 889 26.84 41.16 18.88
CA GLY E 889 27.24 39.89 18.32
C GLY E 889 28.64 39.89 17.73
N ALA E 890 29.14 41.08 17.38
CA ALA E 890 30.43 41.21 16.73
C ALA E 890 31.53 41.22 17.80
N GLY E 891 31.78 40.04 18.37
CA GLY E 891 32.86 39.92 19.34
C GLY E 891 32.58 40.67 20.62
N ALA E 892 33.55 41.49 21.04
CA ALA E 892 33.39 42.31 22.23
C ALA E 892 32.36 43.41 21.98
N ALA E 893 31.54 43.66 22.99
CA ALA E 893 30.45 44.63 22.88
C ALA E 893 30.92 45.98 23.38
N LEU E 894 30.38 47.05 22.80
CA LEU E 894 30.73 48.42 23.15
C LEU E 894 29.54 49.06 23.84
N GLN E 895 29.74 49.59 25.03
CA GLN E 895 28.67 50.30 25.72
C GLN E 895 28.37 51.60 25.00
N ILE E 896 27.11 52.01 25.05
CA ILE E 896 26.63 53.18 24.32
C ILE E 896 25.41 53.71 25.08
N PRO E 897 25.21 55.03 25.13
CA PRO E 897 23.94 55.55 25.66
C PRO E 897 22.77 55.07 24.81
N PHE E 898 21.65 54.80 25.49
CA PHE E 898 20.51 54.18 24.81
C PHE E 898 19.88 55.15 23.81
N ALA E 899 19.73 56.42 24.20
CA ALA E 899 19.12 57.40 23.31
C ALA E 899 20.00 57.69 22.10
N MET E 900 21.32 57.61 22.28
CA MET E 900 22.24 57.74 21.14
C MET E 900 22.02 56.62 20.13
N GLN E 901 21.89 55.38 20.63
CA GLN E 901 21.54 54.25 19.79
C GLN E 901 20.19 54.47 19.11
N MET E 902 19.25 55.11 19.82
CA MET E 902 17.94 55.33 19.24
C MET E 902 18.03 56.32 18.09
N ALA E 903 18.91 57.31 18.24
CA ALA E 903 19.18 58.27 17.17
C ALA E 903 19.82 57.59 15.97
N TYR E 904 20.78 56.68 16.21
CA TYR E 904 21.40 56.00 15.07
C TYR E 904 20.43 55.03 14.40
N ARG E 905 19.43 54.53 15.14
CA ARG E 905 18.41 53.70 14.52
C ARG E 905 17.38 54.53 13.76
N PHE E 906 17.13 55.77 14.21
CA PHE E 906 16.37 56.69 13.36
C PHE E 906 17.14 57.05 12.11
N ASN E 907 18.47 57.09 12.18
CA ASN E 907 19.28 57.45 11.01
C ASN E 907 19.12 56.45 9.89
N GLY E 908 18.83 55.19 10.22
CA GLY E 908 18.58 54.20 9.18
C GLY E 908 17.21 54.36 8.53
N ILE E 909 16.25 54.89 9.30
CA ILE E 909 14.92 55.16 8.75
C ILE E 909 14.98 56.28 7.72
N GLY E 910 15.74 57.32 8.03
CA GLY E 910 15.78 58.52 7.19
C GLY E 910 15.52 59.75 8.03
N VAL E 911 15.07 59.53 9.25
CA VAL E 911 14.85 60.63 10.19
C VAL E 911 16.16 61.03 10.83
N THR E 912 16.47 62.32 10.81
CA THR E 912 17.69 62.80 11.43
C THR E 912 17.58 62.76 12.95
N GLN E 913 18.73 62.95 13.60
CA GLN E 913 18.79 62.80 15.05
C GLN E 913 18.12 63.97 15.77
N ASN E 914 17.91 65.08 15.09
CA ASN E 914 17.35 66.27 15.72
C ASN E 914 15.90 66.06 16.12
N VAL E 915 15.16 65.25 15.35
CA VAL E 915 13.77 64.98 15.68
C VAL E 915 13.69 64.17 16.97
N LEU E 916 14.62 63.24 17.16
CA LEU E 916 14.69 62.49 18.42
C LEU E 916 15.08 63.40 19.58
N TYR E 917 16.17 64.16 19.41
CA TYR E 917 16.72 64.89 20.55
C TYR E 917 15.85 66.09 20.92
N GLU E 918 15.04 66.58 19.98
CA GLU E 918 14.07 67.61 20.34
C GLU E 918 12.85 67.02 21.03
N ASN E 919 12.54 65.76 20.75
CA ASN E 919 11.33 65.11 21.23
C ASN E 919 11.61 63.81 21.98
N GLN E 920 12.66 63.79 22.81
CA GLN E 920 13.04 62.57 23.51
C GLN E 920 12.00 62.18 24.56
N LYS E 921 11.49 63.18 25.29
CA LYS E 921 10.52 62.93 26.35
C LYS E 921 9.21 62.38 25.79
N LEU E 922 8.77 62.92 24.64
CA LEU E 922 7.55 62.44 24.01
C LEU E 922 7.68 60.99 23.56
N ILE E 923 8.83 60.64 22.99
CA ILE E 923 9.09 59.26 22.57
C ILE E 923 9.12 58.32 23.77
N ALA E 924 9.77 58.75 24.86
CA ALA E 924 9.83 57.93 26.06
C ALA E 924 8.45 57.71 26.67
N ASN E 925 7.64 58.77 26.75
CA ASN E 925 6.29 58.65 27.30
C ASN E 925 5.41 57.78 26.41
N GLN E 926 5.51 57.93 25.09
CA GLN E 926 4.72 57.11 24.18
C GLN E 926 5.12 55.64 24.28
N PHE E 927 6.42 55.36 24.40
CA PHE E 927 6.87 53.98 24.51
C PHE E 927 6.43 53.36 25.84
N ASN E 928 6.52 54.13 26.93
CA ASN E 928 6.07 53.62 28.22
C ASN E 928 4.56 53.36 28.23
N SER E 929 3.78 54.26 27.61
CA SER E 929 2.35 54.04 27.50
C SER E 929 2.03 52.82 26.65
N ALA E 930 2.82 52.59 25.58
CA ALA E 930 2.61 51.42 24.74
C ALA E 930 2.91 50.13 25.51
N ILE E 931 4.01 50.12 26.28
CA ILE E 931 4.33 48.94 27.09
C ILE E 931 3.25 48.70 28.14
N GLY E 932 2.74 49.77 28.76
CA GLY E 932 1.65 49.61 29.70
C GLY E 932 0.38 49.08 29.06
N LYS E 933 0.08 49.53 27.84
CA LYS E 933 -1.08 49.03 27.11
C LYS E 933 -0.93 47.55 26.78
N ILE E 934 0.27 47.14 26.35
CA ILE E 934 0.53 45.72 26.08
C ILE E 934 0.41 44.91 27.36
N GLN E 935 0.87 45.47 28.48
CA GLN E 935 0.77 44.78 29.76
C GLN E 935 -0.67 44.56 30.19
N ASP E 936 -1.51 45.59 30.07
CA ASP E 936 -2.90 45.43 30.50
C ASP E 936 -3.70 44.62 29.48
N SER E 937 -3.26 44.58 28.22
CA SER E 937 -3.91 43.70 27.24
C SER E 937 -3.57 42.25 27.53
N LEU E 938 -2.32 41.96 27.90
CA LEU E 938 -1.95 40.59 28.25
C LEU E 938 -2.55 40.18 29.58
N SER E 939 -2.79 41.13 30.48
CA SER E 939 -3.45 40.82 31.75
C SER E 939 -4.95 40.61 31.59
N SER E 940 -5.53 40.95 30.45
CA SER E 940 -6.96 40.79 30.24
C SER E 940 -7.32 39.34 29.96
N THR E 941 -8.61 39.05 30.04
CA THR E 941 -9.10 37.69 29.78
C THR E 941 -8.92 37.31 28.31
N ALA E 942 -9.21 38.25 27.40
CA ALA E 942 -9.05 37.98 25.98
C ALA E 942 -7.59 37.80 25.63
N SER E 943 -7.31 36.78 24.81
CA SER E 943 -5.94 36.34 24.55
C SER E 943 -5.66 36.35 23.05
N ALA E 944 -4.55 36.99 22.67
CA ALA E 944 -3.98 36.84 21.34
C ALA E 944 -2.83 35.85 21.32
N LEU E 945 -2.51 35.25 22.47
CA LEU E 945 -1.43 34.28 22.64
C LEU E 945 -1.88 32.86 22.30
N GLY E 946 -3.19 32.65 22.12
CA GLY E 946 -3.74 31.31 22.06
C GLY E 946 -3.31 30.52 20.85
N LYS E 947 -2.66 31.20 19.89
CA LYS E 947 -1.99 30.52 18.78
C LYS E 947 -1.05 29.44 19.29
N LEU E 948 -0.19 29.78 20.26
CA LEU E 948 0.67 28.76 20.85
C LEU E 948 -0.15 27.70 21.57
N GLN E 949 -1.23 28.14 22.24
CA GLN E 949 -2.18 27.21 22.84
C GLN E 949 -2.68 26.20 21.81
N ASP E 950 -2.97 26.69 20.60
CA ASP E 950 -3.42 25.82 19.52
C ASP E 950 -2.43 24.70 19.27
N VAL E 951 -1.13 25.04 19.22
CA VAL E 951 -0.08 24.05 19.03
C VAL E 951 -0.16 22.99 20.11
N VAL E 952 -0.24 23.43 21.38
CA VAL E 952 -0.33 22.50 22.49
C VAL E 952 -1.58 21.65 22.35
N ASN E 953 -2.72 22.31 22.04
CA ASN E 953 -3.97 21.58 21.88
C ASN E 953 -3.85 20.58 20.74
N GLN E 954 -3.21 21.00 19.64
CA GLN E 954 -3.05 20.13 18.50
C GLN E 954 -2.25 18.90 18.89
N ASN E 955 -1.18 19.11 19.67
CA ASN E 955 -0.37 18.00 20.16
C ASN E 955 -1.22 17.03 20.95
N ALA E 956 -2.00 17.57 21.90
CA ALA E 956 -2.84 16.71 22.73
C ALA E 956 -3.85 15.99 21.87
N GLN E 957 -4.41 16.70 20.88
CA GLN E 957 -5.41 16.12 20.00
C GLN E 957 -4.83 14.93 19.26
N ALA E 958 -3.59 15.07 18.78
CA ALA E 958 -2.95 13.98 18.05
C ALA E 958 -2.84 12.75 18.94
N LEU E 959 -2.36 12.94 20.18
CA LEU E 959 -2.22 11.81 21.09
C LEU E 959 -3.56 11.19 21.39
N ASN E 960 -4.60 12.02 21.53
CA ASN E 960 -5.94 11.51 21.76
C ASN E 960 -6.37 10.62 20.59
N THR E 961 -6.19 11.12 19.37
CA THR E 961 -6.54 10.33 18.19
C THR E 961 -5.69 9.06 18.16
N LEU E 962 -4.43 9.19 18.56
CA LEU E 962 -3.52 8.04 18.55
C LEU E 962 -4.02 6.95 19.49
N VAL E 963 -4.46 7.34 20.70
CA VAL E 963 -4.86 6.29 21.64
C VAL E 963 -6.22 5.73 21.23
N LYS E 964 -7.00 6.53 20.49
CA LYS E 964 -8.26 6.02 19.96
C LYS E 964 -7.99 4.98 18.90
N GLN E 965 -6.88 5.14 18.18
CA GLN E 965 -6.50 4.14 17.19
C GLN E 965 -6.02 2.85 17.86
N LEU E 966 -5.62 2.94 19.14
CA LEU E 966 -5.31 1.72 19.87
C LEU E 966 -6.56 1.07 20.42
N SER E 967 -7.71 1.76 20.36
CA SER E 967 -8.94 1.17 20.85
C SER E 967 -9.48 0.08 19.92
N SER E 968 -9.27 0.24 18.62
CA SER E 968 -9.81 -0.72 17.66
C SER E 968 -8.98 -1.99 17.64
N ASN E 969 -9.65 -3.11 17.35
CA ASN E 969 -9.00 -4.41 17.26
C ASN E 969 -8.48 -4.72 15.86
N PHE E 970 -8.74 -3.85 14.89
CA PHE E 970 -8.32 -4.00 13.49
C PHE E 970 -8.81 -5.31 12.89
N GLY E 971 -10.07 -5.65 13.18
CA GLY E 971 -10.68 -6.86 12.64
C GLY E 971 -10.11 -8.16 13.17
N ALA E 972 -9.73 -8.19 14.44
CA ALA E 972 -9.20 -9.39 15.07
C ALA E 972 -10.24 -9.95 16.03
N ILE E 973 -9.86 -11.03 16.71
CA ILE E 973 -10.76 -11.66 17.67
C ILE E 973 -10.98 -10.77 18.88
N SER E 974 -9.90 -10.18 19.40
CA SER E 974 -10.00 -9.32 20.56
C SER E 974 -8.97 -8.20 20.44
N SER E 975 -9.25 -7.09 21.13
CA SER E 975 -8.33 -5.95 21.11
C SER E 975 -7.09 -6.22 21.95
N VAL E 976 -7.24 -7.01 23.01
CA VAL E 976 -6.15 -7.20 23.96
C VAL E 976 -5.16 -8.21 23.39
N LEU E 977 -3.86 -7.88 23.50
CA LEU E 977 -2.81 -8.80 23.09
C LEU E 977 -2.84 -10.09 23.90
N ASN E 978 -2.97 -9.96 25.22
CA ASN E 978 -2.85 -11.12 26.11
C ASN E 978 -4.03 -12.06 25.94
N ASP E 979 -5.21 -11.53 25.59
CA ASP E 979 -6.35 -12.40 25.31
C ASP E 979 -6.10 -13.25 24.08
N ILE E 980 -5.48 -12.68 23.05
CA ILE E 980 -5.18 -13.43 21.83
C ILE E 980 -4.12 -14.48 22.12
N LEU E 981 -3.14 -14.16 22.96
CA LEU E 981 -2.16 -15.16 23.37
C LEU E 981 -2.79 -16.29 24.17
N SER E 982 -3.69 -15.95 25.09
CA SER E 982 -4.21 -16.96 26.03
C SER E 982 -5.25 -17.86 25.38
N ARG E 983 -6.15 -17.29 24.57
CA ARG E 983 -7.29 -18.06 24.08
C ARG E 983 -6.88 -19.07 23.02
N LEU E 984 -5.93 -18.72 22.16
CA LEU E 984 -5.61 -19.51 20.99
C LEU E 984 -4.22 -20.14 21.11
N ASP E 985 -4.06 -21.28 20.46
CA ASP E 985 -2.74 -21.86 20.26
C ASP E 985 -1.93 -20.97 19.32
N PRO E 986 -0.60 -20.98 19.43
CA PRO E 986 0.25 -20.12 18.58
C PRO E 986 0.04 -20.32 17.07
N PRO E 987 -0.11 -21.56 16.52
CA PRO E 987 -0.25 -21.67 15.05
C PRO E 987 -1.45 -20.93 14.46
N GLU E 988 -2.55 -20.86 15.20
CA GLU E 988 -3.64 -19.99 14.76
C GLU E 988 -3.33 -18.54 15.09
N ALA E 989 -2.37 -18.31 15.99
CA ALA E 989 -2.24 -16.99 16.59
C ALA E 989 -1.25 -16.10 15.85
N GLU E 990 -0.39 -16.64 14.97
CA GLU E 990 0.54 -15.73 14.28
C GLU E 990 -0.20 -14.72 13.42
N VAL E 991 -1.25 -15.17 12.72
CA VAL E 991 -1.98 -14.28 11.82
C VAL E 991 -2.76 -13.22 12.61
N GLN E 992 -3.32 -13.61 13.76
CA GLN E 992 -4.07 -12.65 14.57
C GLN E 992 -3.13 -11.63 15.21
N ILE E 993 -1.97 -12.08 15.70
CA ILE E 993 -0.99 -11.16 16.26
C ILE E 993 -0.46 -10.22 15.18
N ASP E 994 -0.20 -10.76 13.99
CA ASP E 994 0.27 -9.97 12.87
C ASP E 994 -0.75 -8.90 12.51
N ARG E 995 -2.03 -9.27 12.45
CA ARG E 995 -3.09 -8.31 12.13
C ARG E 995 -3.18 -7.21 13.17
N LEU E 996 -3.21 -7.60 14.45
CA LEU E 996 -3.41 -6.62 15.53
C LEU E 996 -2.23 -5.65 15.64
N ILE E 997 -1.00 -6.18 15.70
CA ILE E 997 0.13 -5.28 15.89
C ILE E 997 0.51 -4.60 14.57
N THR E 998 0.07 -5.15 13.43
CA THR E 998 0.24 -4.42 12.17
C THR E 998 -0.69 -3.22 12.14
N GLY E 999 -1.91 -3.36 12.65
CA GLY E 999 -2.77 -2.20 12.82
C GLY E 999 -2.19 -1.18 13.78
N ARG E 1000 -1.55 -1.66 14.84
CA ARG E 1000 -0.95 -0.74 15.84
C ARG E 1000 0.22 -0.01 15.18
N LEU E 1001 1.02 -0.71 14.39
CA LEU E 1001 2.19 -0.09 13.77
C LEU E 1001 1.78 0.85 12.64
N GLN E 1002 0.68 0.54 11.95
CA GLN E 1002 0.14 1.49 10.98
C GLN E 1002 -0.36 2.75 11.66
N SER E 1003 -0.97 2.59 12.84
CA SER E 1003 -1.33 3.75 13.66
C SER E 1003 -0.13 4.58 14.03
N LEU E 1004 0.96 3.92 14.46
CA LEU E 1004 2.17 4.64 14.83
C LEU E 1004 2.78 5.35 13.62
N GLN E 1005 2.76 4.70 12.45
CA GLN E 1005 3.27 5.32 11.23
C GLN E 1005 2.45 6.54 10.83
N THR E 1006 1.13 6.45 10.97
CA THR E 1006 0.27 7.59 10.66
C THR E 1006 0.50 8.74 11.62
N TYR E 1007 0.72 8.40 12.90
CA TYR E 1007 1.11 9.41 13.88
C TYR E 1007 2.44 10.06 13.52
N VAL E 1008 3.39 9.26 13.01
CA VAL E 1008 4.69 9.80 12.57
C VAL E 1008 4.51 10.77 11.41
N THR E 1009 3.65 10.42 10.46
CA THR E 1009 3.40 11.32 9.32
C THR E 1009 2.75 12.62 9.77
N GLN E 1010 1.77 12.55 10.68
CA GLN E 1010 1.13 13.76 11.19
C GLN E 1010 2.11 14.61 11.99
N GLN E 1011 2.97 13.96 12.78
CA GLN E 1011 4.03 14.66 13.50
C GLN E 1011 4.98 15.35 12.54
N LEU E 1012 5.27 14.71 11.39
CA LEU E 1012 6.21 15.30 10.44
C LEU E 1012 5.57 16.51 9.74
N ILE E 1013 4.26 16.43 9.47
CA ILE E 1013 3.56 17.59 8.90
C ILE E 1013 3.59 18.77 9.87
N ARG E 1014 3.24 18.52 11.14
CA ARG E 1014 3.25 19.60 12.11
C ARG E 1014 4.67 20.08 12.40
N ALA E 1015 5.66 19.19 12.29
CA ALA E 1015 7.04 19.60 12.49
C ALA E 1015 7.53 20.46 11.33
N ALA E 1016 7.05 20.18 10.12
CA ALA E 1016 7.37 21.05 8.99
C ALA E 1016 6.77 22.44 9.18
N GLU E 1017 5.52 22.50 9.65
CA GLU E 1017 4.89 23.80 9.92
C GLU E 1017 5.63 24.54 11.02
N ILE E 1018 5.99 23.84 12.10
CA ILE E 1018 6.69 24.45 13.22
C ILE E 1018 8.10 24.87 12.81
N ARG E 1019 8.76 24.09 11.95
CA ARG E 1019 10.08 24.46 11.45
C ARG E 1019 10.00 25.71 10.58
N ALA E 1020 8.97 25.82 9.76
CA ALA E 1020 8.78 27.04 8.98
C ALA E 1020 8.57 28.25 9.88
N SER E 1021 7.74 28.10 10.91
CA SER E 1021 7.51 29.19 11.85
C SER E 1021 8.78 29.54 12.62
N ALA E 1022 9.57 28.53 12.97
CA ALA E 1022 10.81 28.77 13.71
C ALA E 1022 11.87 29.42 12.84
N ASN E 1023 11.91 29.06 11.55
CA ASN E 1023 12.82 29.73 10.62
C ASN E 1023 12.41 31.19 10.44
N LEU E 1024 11.11 31.45 10.36
CA LEU E 1024 10.64 32.83 10.31
C LEU E 1024 11.02 33.59 11.58
N ALA E 1025 10.87 32.96 12.74
CA ALA E 1025 11.19 33.61 14.00
C ALA E 1025 12.69 33.85 14.13
N ALA E 1026 13.51 32.94 13.64
CA ALA E 1026 14.96 33.13 13.65
C ALA E 1026 15.36 34.26 12.69
N THR E 1027 14.64 34.38 11.57
CA THR E 1027 14.87 35.52 10.67
C THR E 1027 14.50 36.83 11.36
N LYS E 1028 13.42 36.84 12.14
CA LYS E 1028 13.08 38.02 12.93
C LYS E 1028 14.14 38.31 13.98
N MET E 1029 14.70 37.25 14.58
CA MET E 1029 15.76 37.42 15.58
C MET E 1029 17.01 38.04 14.97
N SER E 1030 17.42 37.55 13.79
CA SER E 1030 18.66 38.03 13.18
C SER E 1030 18.49 39.41 12.55
N GLU E 1031 17.34 39.66 11.91
CA GLU E 1031 17.18 40.87 11.12
C GLU E 1031 16.57 42.03 11.89
N CYS E 1032 15.87 41.77 13.00
CA CYS E 1032 15.16 42.83 13.71
C CYS E 1032 15.64 43.01 15.14
N VAL E 1033 15.93 41.94 15.86
CA VAL E 1033 16.43 42.09 17.23
C VAL E 1033 17.89 42.55 17.22
N LEU E 1034 18.73 41.88 16.43
CA LEU E 1034 20.15 42.20 16.45
C LEU E 1034 20.46 43.48 15.67
N GLY E 1035 19.76 43.70 14.56
CA GLY E 1035 20.03 44.86 13.74
C GLY E 1035 18.74 45.52 13.29
N GLN E 1036 18.89 46.66 12.62
CA GLN E 1036 17.75 47.38 12.08
C GLN E 1036 17.39 46.84 10.71
N SER E 1037 16.09 46.62 10.48
CA SER E 1037 15.59 46.05 9.24
C SER E 1037 14.85 47.12 8.45
N LYS E 1038 15.21 47.26 7.18
CA LYS E 1038 14.49 48.16 6.28
C LYS E 1038 13.32 47.47 5.59
N ARG E 1039 13.08 46.19 5.90
CA ARG E 1039 12.00 45.44 5.26
C ARG E 1039 10.65 45.96 5.74
N VAL E 1040 9.72 46.10 4.81
CA VAL E 1040 8.41 46.69 5.07
C VAL E 1040 7.48 45.60 5.58
N ASP E 1041 6.82 45.87 6.71
CA ASP E 1041 5.75 45.10 7.35
C ASP E 1041 6.29 43.81 7.97
N PHE E 1042 7.56 43.44 7.72
CA PHE E 1042 8.14 42.20 8.22
C PHE E 1042 8.21 42.19 9.75
N CYS E 1043 8.63 43.29 10.36
CA CYS E 1043 8.66 43.41 11.81
C CYS E 1043 7.84 44.64 12.19
N GLY E 1044 6.69 44.41 12.79
CA GLY E 1044 5.78 45.47 13.15
C GLY E 1044 5.09 46.06 11.92
N LYS E 1045 4.48 47.22 12.13
CA LYS E 1045 3.83 47.97 11.07
C LYS E 1045 4.50 49.33 10.97
N GLY E 1046 4.75 49.78 9.74
CA GLY E 1046 5.51 50.99 9.52
C GLY E 1046 7.00 50.72 9.50
N TYR E 1047 7.76 51.81 9.61
CA TYR E 1047 9.21 51.70 9.65
C TYR E 1047 9.66 51.06 10.96
N HIS E 1048 10.58 50.11 10.84
CA HIS E 1048 10.98 49.25 11.94
C HIS E 1048 12.13 49.90 12.70
N LEU E 1049 11.92 50.13 14.00
CA LEU E 1049 13.00 50.60 14.85
C LEU E 1049 13.74 49.43 15.47
N MET E 1050 13.01 48.56 16.17
CA MET E 1050 13.62 47.38 16.79
C MET E 1050 12.51 46.41 17.16
N SER E 1051 12.92 45.30 17.76
CA SER E 1051 11.99 44.39 18.40
C SER E 1051 12.67 43.81 19.63
N PHE E 1052 11.86 43.55 20.65
CA PHE E 1052 12.33 42.97 21.90
C PHE E 1052 11.78 41.55 22.01
N PRO E 1053 12.63 40.54 22.10
CA PRO E 1053 12.13 39.16 22.20
C PRO E 1053 11.80 38.78 23.64
N GLN E 1054 10.74 38.00 23.80
CA GLN E 1054 10.36 37.43 25.09
C GLN E 1054 10.01 35.97 24.88
N SER E 1055 10.40 35.13 25.82
CA SER E 1055 10.06 33.72 25.76
C SER E 1055 8.57 33.52 25.97
N ALA E 1056 8.06 32.39 25.50
CA ALA E 1056 6.63 32.10 25.57
C ALA E 1056 6.48 30.59 25.51
N PRO E 1057 5.36 30.04 26.01
CA PRO E 1057 5.20 28.58 26.02
C PRO E 1057 5.20 28.02 24.60
N HIS E 1058 6.25 27.27 24.29
CA HIS E 1058 6.54 26.73 22.97
C HIS E 1058 6.63 27.81 21.90
N GLY E 1059 7.20 28.97 22.21
CA GLY E 1059 7.32 30.00 21.21
C GLY E 1059 8.05 31.24 21.71
N VAL E 1060 8.11 32.23 20.83
CA VAL E 1060 8.72 33.52 21.13
C VAL E 1060 7.77 34.62 20.69
N VAL E 1061 7.73 35.71 21.45
CA VAL E 1061 6.91 36.87 21.12
C VAL E 1061 7.83 38.07 20.97
N PHE E 1062 7.57 38.89 19.96
CA PHE E 1062 8.36 40.08 19.69
C PHE E 1062 7.51 41.31 19.96
N LEU E 1063 8.04 42.21 20.79
CA LEU E 1063 7.48 43.55 20.94
C LEU E 1063 8.21 44.45 19.95
N HIS E 1064 7.59 44.70 18.81
CA HIS E 1064 8.17 45.51 17.74
C HIS E 1064 7.96 46.98 18.06
N VAL E 1065 9.04 47.68 18.36
CA VAL E 1065 9.01 49.14 18.46
C VAL E 1065 9.19 49.68 17.05
N THR E 1066 8.21 50.46 16.59
CA THR E 1066 8.14 50.91 15.20
C THR E 1066 7.74 52.38 15.15
N TYR E 1067 8.03 52.99 14.00
CA TYR E 1067 7.77 54.39 13.72
C TYR E 1067 6.60 54.47 12.75
N VAL E 1068 5.58 55.25 13.08
CA VAL E 1068 4.40 55.42 12.24
C VAL E 1068 4.24 56.90 11.92
N PRO E 1069 4.20 57.29 10.64
CA PRO E 1069 3.91 58.69 10.32
C PRO E 1069 2.48 59.07 10.67
N ALA E 1070 2.28 60.35 10.91
CA ALA E 1070 0.95 60.87 11.24
C ALA E 1070 0.89 62.35 10.88
N GLN E 1071 -0.34 62.82 10.67
CA GLN E 1071 -0.63 64.20 10.26
C GLN E 1071 0.10 64.56 8.98
N GLU E 1072 -0.23 63.85 7.91
CA GLU E 1072 0.37 64.12 6.61
C GLU E 1072 -0.15 65.44 6.05
N LYS E 1073 0.69 66.09 5.24
CA LYS E 1073 0.31 67.34 4.59
C LYS E 1073 0.80 67.35 3.15
N ASN E 1074 -0.01 67.94 2.28
CA ASN E 1074 0.36 68.15 0.89
C ASN E 1074 1.39 69.27 0.77
N PHE E 1075 2.23 69.16 -0.25
CA PHE E 1075 3.22 70.16 -0.59
C PHE E 1075 3.42 70.15 -2.10
N THR E 1076 3.83 71.29 -2.64
CA THR E 1076 4.15 71.39 -4.06
C THR E 1076 5.61 71.00 -4.28
N THR E 1077 5.83 70.08 -5.21
CA THR E 1077 7.15 69.49 -5.39
C THR E 1077 7.66 69.75 -6.80
N ALA E 1078 8.98 69.63 -6.95
CA ALA E 1078 9.67 69.74 -8.23
C ALA E 1078 10.96 68.94 -8.12
N PRO E 1079 11.35 68.23 -9.19
CA PRO E 1079 12.53 67.37 -9.10
C PRO E 1079 13.85 68.13 -9.03
N ALA E 1080 13.88 69.40 -9.43
CA ALA E 1080 15.14 70.13 -9.50
C ALA E 1080 14.90 71.62 -9.40
N ILE E 1081 15.98 72.36 -9.19
CA ILE E 1081 15.96 73.82 -9.10
C ILE E 1081 16.97 74.37 -10.09
N CYS E 1082 16.54 75.34 -10.91
CA CYS E 1082 17.42 76.01 -11.87
C CYS E 1082 17.83 77.35 -11.25
N HIS E 1083 19.07 77.43 -10.77
CA HIS E 1083 19.53 78.67 -10.15
C HIS E 1083 19.89 79.70 -11.21
N ASP E 1084 20.95 79.42 -11.99
CA ASP E 1084 21.27 80.24 -13.15
C ASP E 1084 21.98 79.40 -14.21
N GLY E 1085 21.22 78.84 -15.13
CA GLY E 1085 21.80 77.92 -16.12
C GLY E 1085 22.11 76.55 -15.57
N LYS E 1086 22.70 76.49 -14.38
CA LYS E 1086 23.03 75.21 -13.76
C LYS E 1086 21.79 74.60 -13.12
N ALA E 1087 21.75 73.27 -13.08
CA ALA E 1087 20.67 72.53 -12.44
C ALA E 1087 21.14 72.00 -11.10
N HIS E 1088 20.40 72.32 -10.05
CA HIS E 1088 20.74 71.92 -8.69
C HIS E 1088 19.83 70.78 -8.26
N PHE E 1089 20.44 69.64 -7.86
CA PHE E 1089 19.73 68.44 -7.45
C PHE E 1089 19.99 68.19 -5.97
N PRO E 1090 19.01 67.75 -5.20
CA PRO E 1090 19.20 67.60 -3.75
C PRO E 1090 20.08 66.40 -3.43
N ARG E 1091 20.90 66.54 -2.38
CA ARG E 1091 21.70 65.42 -1.91
C ARG E 1091 20.82 64.39 -1.21
N GLU E 1092 20.18 64.79 -0.11
CA GLU E 1092 19.16 63.98 0.54
C GLU E 1092 17.95 64.87 0.82
N GLY E 1093 16.77 64.36 0.53
CA GLY E 1093 15.54 65.10 0.73
C GLY E 1093 14.89 65.51 -0.58
N VAL E 1094 13.62 65.89 -0.46
CA VAL E 1094 12.79 66.27 -1.59
C VAL E 1094 12.53 67.77 -1.51
N PHE E 1095 12.17 68.36 -2.66
CA PHE E 1095 11.85 69.78 -2.70
C PHE E 1095 10.37 69.99 -2.41
N VAL E 1096 10.08 70.94 -1.51
CA VAL E 1096 8.72 71.26 -1.10
C VAL E 1096 8.53 72.77 -1.19
N SER E 1097 7.26 73.18 -1.20
CA SER E 1097 6.90 74.59 -1.24
C SER E 1097 5.71 74.84 -0.33
N ASN E 1098 5.84 75.83 0.54
CA ASN E 1098 4.73 76.26 1.39
C ASN E 1098 3.94 77.40 0.79
N GLY E 1099 4.24 77.78 -0.46
CA GLY E 1099 3.56 78.86 -1.14
C GLY E 1099 4.45 80.02 -1.55
N THR E 1100 5.49 80.33 -0.78
CA THR E 1100 6.38 81.44 -1.09
C THR E 1100 7.82 81.00 -1.31
N HIS E 1101 8.37 80.17 -0.43
CA HIS E 1101 9.78 79.78 -0.48
C HIS E 1101 9.89 78.29 -0.69
N TRP E 1102 10.80 77.88 -1.57
CA TRP E 1102 11.07 76.46 -1.77
C TRP E 1102 12.10 75.98 -0.75
N PHE E 1103 11.82 74.83 -0.16
CA PHE E 1103 12.70 74.22 0.83
C PHE E 1103 13.07 72.81 0.38
N VAL E 1104 14.12 72.27 1.00
CA VAL E 1104 14.46 70.86 0.88
C VAL E 1104 14.25 70.21 2.24
N THR E 1105 13.64 69.04 2.25
CA THR E 1105 13.29 68.39 3.50
C THR E 1105 13.61 66.90 3.44
N GLN E 1106 13.76 66.29 4.62
CA GLN E 1106 13.91 64.84 4.68
C GLN E 1106 12.57 64.17 4.40
N ARG E 1107 12.63 62.90 3.99
CA ARG E 1107 11.46 62.22 3.45
C ARG E 1107 10.41 61.96 4.53
N ASN E 1108 10.84 61.54 5.72
CA ASN E 1108 9.93 61.00 6.72
C ASN E 1108 9.48 62.03 7.76
N PHE E 1109 9.91 63.29 7.62
CA PHE E 1109 9.52 64.33 8.56
C PHE E 1109 9.62 65.68 7.89
N TYR E 1110 8.70 66.57 8.20
CA TYR E 1110 8.69 67.91 7.60
C TYR E 1110 9.56 68.83 8.43
N GLU E 1111 10.84 68.92 8.06
CA GLU E 1111 11.76 69.92 8.61
C GLU E 1111 12.23 70.77 7.43
N PRO E 1112 11.77 72.01 7.35
CA PRO E 1112 12.16 72.87 6.23
C PRO E 1112 13.57 73.42 6.40
N GLN E 1113 14.34 73.37 5.32
CA GLN E 1113 15.67 73.95 5.27
C GLN E 1113 15.81 74.75 3.99
N ILE E 1114 16.54 75.87 4.07
CA ILE E 1114 16.71 76.73 2.91
C ILE E 1114 17.60 76.04 1.88
N ILE E 1115 17.41 76.39 0.60
CA ILE E 1115 18.18 75.77 -0.45
C ILE E 1115 19.59 76.35 -0.45
N THR E 1116 20.57 75.50 -0.17
CA THR E 1116 21.96 75.92 -0.09
C THR E 1116 22.79 75.09 -1.06
N THR E 1117 24.02 75.55 -1.29
CA THR E 1117 24.95 74.79 -2.13
C THR E 1117 25.45 73.55 -1.41
N ASP E 1118 25.32 73.51 -0.08
CA ASP E 1118 25.68 72.31 0.67
C ASP E 1118 24.65 71.21 0.46
N ASN E 1119 23.38 71.59 0.32
CA ASN E 1119 22.30 70.61 0.19
C ASN E 1119 22.02 70.22 -1.25
N THR E 1120 22.72 70.80 -2.23
CA THR E 1120 22.49 70.52 -3.63
C THR E 1120 23.83 70.29 -4.34
N PHE E 1121 23.76 69.56 -5.45
CA PHE E 1121 24.90 69.37 -6.34
C PHE E 1121 24.49 69.70 -7.77
N VAL E 1122 25.47 70.08 -8.58
CA VAL E 1122 25.23 70.58 -9.93
C VAL E 1122 25.56 69.47 -10.92
N SER E 1123 24.61 69.16 -11.79
CA SER E 1123 24.82 68.19 -12.87
C SER E 1123 23.91 68.53 -14.04
N GLY E 1124 24.50 68.70 -15.21
CA GLY E 1124 23.75 68.98 -16.41
C GLY E 1124 23.22 70.40 -16.45
N ASN E 1125 22.25 70.61 -17.34
CA ASN E 1125 21.62 71.90 -17.54
C ASN E 1125 20.10 71.80 -17.34
N CYS E 1126 19.43 72.94 -17.42
CA CYS E 1126 18.06 73.04 -16.94
C CYS E 1126 17.04 72.53 -17.96
N ASP E 1127 17.40 72.53 -19.25
CA ASP E 1127 16.40 72.26 -20.27
C ASP E 1127 16.08 70.76 -20.37
N VAL E 1128 17.05 69.90 -20.05
CA VAL E 1128 16.86 68.46 -20.26
C VAL E 1128 15.93 67.88 -19.21
N VAL E 1129 15.84 68.52 -18.04
CA VAL E 1129 14.98 68.00 -16.98
C VAL E 1129 13.57 68.55 -17.12
N ILE E 1130 12.58 67.72 -16.78
CA ILE E 1130 11.17 68.04 -16.89
C ILE E 1130 10.63 68.34 -15.51
N GLY E 1131 9.95 69.49 -15.36
CA GLY E 1131 9.35 69.88 -14.11
C GLY E 1131 10.20 70.78 -13.24
N ILE E 1132 11.26 71.35 -13.77
CA ILE E 1132 12.13 72.20 -12.95
C ILE E 1132 11.49 73.59 -12.80
N VAL E 1133 11.74 74.22 -11.65
CA VAL E 1133 11.17 75.51 -11.32
C VAL E 1133 12.31 76.47 -10.97
N ASN E 1134 12.17 77.73 -11.41
CA ASN E 1134 13.17 78.74 -11.09
C ASN E 1134 13.11 79.11 -9.62
N ASN E 1135 14.26 79.08 -8.96
CA ASN E 1135 14.37 79.48 -7.56
C ASN E 1135 15.81 79.87 -7.29
N THR E 1136 16.02 80.58 -6.19
CA THR E 1136 17.34 81.08 -5.81
C THR E 1136 18.00 80.10 -4.85
N VAL E 1137 19.23 79.72 -5.15
CA VAL E 1137 20.03 78.84 -4.30
C VAL E 1137 20.95 79.74 -3.47
N TYR E 1138 20.71 79.77 -2.16
CA TYR E 1138 21.51 80.60 -1.27
C TYR E 1138 22.93 80.04 -1.15
N ASP E 1139 23.91 80.92 -1.08
CA ASP E 1139 25.29 80.53 -0.91
C ASP E 1139 25.76 80.97 0.47
N PRO E 1140 26.43 80.11 1.25
CA PRO E 1140 26.73 80.47 2.64
C PRO E 1140 27.83 81.51 2.81
N LEU E 1141 28.94 81.40 2.07
CA LEU E 1141 30.11 82.21 2.42
C LEU E 1141 30.13 83.54 1.68
N GLN E 1142 29.26 83.74 0.70
CA GLN E 1142 29.21 85.03 0.01
C GLN E 1142 28.76 86.20 0.89
N PRO E 1143 27.71 86.10 1.72
CA PRO E 1143 27.40 87.25 2.61
C PRO E 1143 28.50 87.58 3.61
N GLU E 1144 29.26 86.59 4.06
CA GLU E 1144 30.31 86.79 5.06
C GLU E 1144 31.68 86.48 4.49
N LEU E 1145 31.95 86.92 3.26
CA LEU E 1145 33.24 86.66 2.63
C LEU E 1145 34.33 87.51 3.27
N ASP E 1146 34.00 88.74 3.66
CA ASP E 1146 34.91 89.69 4.30
C ASP E 1146 36.14 89.97 3.43
N SER E 1147 35.91 90.54 2.26
CA SER E 1147 36.99 90.89 1.34
C SER E 1147 37.75 92.12 1.84
C1 NAG F . 22.75 54.03 -24.84
C2 NAG F . 23.13 55.16 -25.80
C3 NAG F . 21.87 55.75 -26.44
C4 NAG F . 21.04 54.66 -27.10
C5 NAG F . 20.74 53.55 -26.09
C6 NAG F . 20.03 52.36 -26.69
C7 NAG F . 25.16 56.47 -25.39
C8 NAG F . 25.79 57.57 -24.58
N2 NAG F . 23.88 56.20 -25.11
O3 NAG F . 22.25 56.74 -27.40
O4 NAG F . 19.82 55.20 -27.59
O5 NAG F . 21.97 53.04 -25.54
O6 NAG F . 18.95 51.93 -25.87
O7 NAG F . 25.79 55.86 -26.24
C1 NAG F . 19.83 55.17 -29.03
C2 NAG F . 18.39 55.04 -29.53
C3 NAG F . 18.36 55.06 -31.05
C4 NAG F . 19.08 56.28 -31.60
C5 NAG F . 20.49 56.37 -31.02
C6 NAG F . 21.22 57.63 -31.42
C7 NAG F . 16.52 53.82 -28.50
C8 NAG F . 16.04 52.49 -28.02
N2 NAG F . 17.76 53.84 -29.01
O3 NAG F . 17.01 55.05 -31.50
O4 NAG F . 19.17 56.21 -33.02
O5 NAG F . 20.43 56.35 -29.58
O6 NAG F . 20.46 58.78 -31.12
O7 NAG F . 15.84 54.83 -28.44
C1 NAG G . -0.10 52.20 -23.32
C2 NAG G . -0.43 53.30 -24.32
C3 NAG G . -1.80 53.04 -24.95
C4 NAG G . -1.85 51.64 -25.55
C5 NAG G . -1.45 50.61 -24.50
C6 NAG G . -1.36 49.19 -25.05
C7 NAG G . 0.10 55.70 -24.26
C8 NAG G . 0.03 56.96 -23.46
N2 NAG G . -0.41 54.61 -23.68
O3 NAG G . -2.04 54.02 -25.96
O4 NAG G . -3.18 51.36 -26.02
O5 NAG G . -0.16 50.93 -23.96
O6 NAG G . -2.48 48.42 -24.67
O7 NAG G . 0.58 55.66 -25.39
C1 NAG G . -3.17 51.25 -27.46
C2 NAG G . -4.50 50.61 -27.89
C3 NAG G . -4.56 50.50 -29.41
C4 NAG G . -4.31 51.87 -30.05
C5 NAG G . -3.01 52.47 -29.53
C6 NAG G . -2.77 53.88 -30.02
C7 NAG G . -5.45 49.09 -26.21
C8 NAG G . -5.52 47.67 -25.72
N2 NAG G . -4.67 49.30 -27.28
O3 NAG G . -5.83 50.01 -29.80
O4 NAG G . -4.24 51.73 -31.47
O5 NAG G . -3.03 52.53 -28.10
O6 NAG G . -1.50 54.00 -30.65
O7 NAG G . -6.05 50.00 -25.66
C1 NAG H . 39.73 63.63 -20.92
C2 NAG H . 40.77 64.34 -21.74
C3 NAG H . 40.86 65.74 -21.18
C4 NAG H . 39.49 66.36 -21.23
C5 NAG H . 38.50 65.53 -20.42
C6 NAG H . 37.09 66.10 -20.45
C7 NAG H . 42.48 62.92 -22.67
C8 NAG H . 43.46 63.57 -23.62
N2 NAG H . 42.06 63.69 -21.68
O3 NAG H . 41.78 66.48 -21.98
O4 NAG H . 39.58 67.64 -20.60
O5 NAG H . 38.45 64.22 -20.97
O6 NAG H . 36.65 66.19 -21.82
O7 NAG H . 42.11 61.78 -22.81
C1 NAG H . 39.28 68.68 -21.55
C2 NAG H . 39.13 69.97 -20.76
C3 NAG H . 38.90 71.12 -21.71
C4 NAG H . 40.02 71.17 -22.75
C5 NAG H . 40.14 69.83 -23.46
C6 NAG H . 41.33 69.80 -24.41
C7 NAG H . 38.06 69.28 -18.64
C8 NAG H . 36.75 69.01 -17.98
N2 NAG H . 38.00 69.86 -19.85
O3 NAG H . 38.89 72.35 -20.98
O4 NAG H . 39.73 72.20 -23.71
O5 NAG H . 40.32 68.79 -22.52
O6 NAG H . 42.51 69.53 -23.63
O7 NAG H . 39.13 68.98 -18.11
C1 NAG I . 55.22 63.13 -6.34
C2 NAG I . 56.33 62.21 -6.85
C3 NAG I . 57.40 62.02 -5.79
C4 NAG I . 57.92 63.37 -5.30
C5 NAG I . 56.75 64.24 -4.82
C6 NAG I . 57.16 65.63 -4.43
C7 NAG I . 55.84 60.50 -8.55
C8 NAG I . 55.25 59.15 -8.80
N2 NAG I . 55.80 60.93 -7.28
O3 NAG I . 58.47 61.25 -6.33
O4 NAG I . 58.84 63.19 -4.24
O5 NAG I . 55.79 64.37 -5.89
O6 NAG I . 56.09 66.56 -4.61
O7 NAG I . 56.34 61.17 -9.44
C1 NAG I . 60.17 63.55 -4.69
C2 NAG I . 61.01 63.98 -3.50
C3 NAG I . 62.44 64.31 -3.95
C4 NAG I . 63.04 63.15 -4.72
C5 NAG I . 62.12 62.74 -5.87
C6 NAG I . 62.60 61.52 -6.61
C7 NAG I . 59.71 65.01 -1.69
C8 NAG I . 59.16 66.28 -1.13
N2 NAG I . 60.41 65.12 -2.82
O3 NAG I . 63.23 64.61 -2.81
O4 NAG I . 64.31 63.52 -5.25
O5 NAG I . 60.80 62.45 -5.36
O6 NAG I . 63.23 60.59 -5.72
O7 NAG I . 59.52 63.92 -1.15
C1 NAG J . -27.15 -27.05 -41.96
C2 NAG J . -28.00 -27.91 -42.87
C3 NAG J . -29.29 -28.30 -42.18
C4 NAG J . -29.08 -28.75 -40.74
C5 NAG J . -28.26 -27.70 -40.01
C6 NAG J . -27.97 -28.02 -38.56
C7 NAG J . -27.50 -27.12 -45.12
C8 NAG J . -27.52 -28.31 -46.04
N2 NAG J . -28.32 -27.18 -44.08
O3 NAG J . -29.91 -29.38 -42.90
O4 NAG J . -30.35 -28.90 -40.09
O5 NAG J . -27.01 -27.69 -40.69
O6 NAG J . -29.12 -27.72 -37.76
O7 NAG J . -26.77 -26.16 -45.32
C1 NAG J . -30.46 -30.26 -39.60
C2 NAG J . -31.77 -30.40 -38.85
C3 NAG J . -32.03 -31.84 -38.45
C4 NAG J . -31.79 -32.78 -39.63
C5 NAG J . -30.39 -32.53 -40.17
C6 NAG J . -30.03 -33.49 -41.30
C7 NAG J . -32.24 -28.37 -37.54
C8 NAG J . -33.17 -28.16 -36.39
N2 NAG J . -31.73 -29.60 -37.63
O3 NAG J . -33.38 -31.97 -38.03
O4 NAG J . -31.90 -34.14 -39.19
O5 NAG J . -30.35 -31.20 -40.66
O6 NAG J . -30.66 -33.03 -42.50
O7 NAG J . -31.95 -27.48 -38.32
C1 NAG K . -2.28 -33.17 -24.11
C2 NAG K . -1.56 -33.81 -22.92
C3 NAG K . -0.06 -33.72 -23.13
C4 NAG K . 0.34 -34.29 -24.47
C5 NAG K . -0.45 -33.65 -25.60
C6 NAG K . -0.25 -34.38 -26.91
C7 NAG K . -2.81 -33.44 -20.88
C8 NAG K . -3.00 -32.56 -19.68
N2 NAG K . -1.86 -33.07 -21.72
O3 NAG K . 0.56 -34.48 -22.09
O4 NAG K . 1.73 -33.97 -24.62
O5 NAG K . -1.85 -33.73 -25.34
O6 NAG K . -0.75 -35.70 -26.76
O7 NAG K . -3.50 -34.43 -21.06
C1 NAG K . 2.50 -35.13 -24.93
C2 NAG K . 3.69 -34.76 -25.80
C3 NAG K . 4.37 -36.03 -26.25
C4 NAG K . 4.81 -36.81 -25.03
C5 NAG K . 3.56 -37.11 -24.19
C6 NAG K . 3.88 -37.92 -22.94
C7 NAG K . 3.24 -32.69 -27.00
C8 NAG K . 2.86 -32.10 -28.32
N2 NAG K . 3.26 -34.02 -26.96
O3 NAG K . 5.48 -35.70 -27.07
O4 NAG K . 5.39 -38.05 -25.46
O5 NAG K . 2.94 -35.88 -23.81
O6 NAG K . 4.64 -37.11 -22.04
O7 NAG K . 3.51 -32.01 -26.04
C1 BMA K . 6.81 -38.11 -25.23
C2 BMA K . 7.35 -39.30 -25.98
C3 BMA K . 8.85 -39.44 -25.79
C4 BMA K . 9.51 -38.13 -26.19
C5 BMA K . 8.91 -36.96 -25.43
C6 BMA K . 9.50 -35.65 -25.94
O2 BMA K . 7.07 -39.14 -27.38
O3 BMA K . 9.35 -40.48 -26.62
O4 BMA K . 10.92 -38.21 -25.90
O5 BMA K . 7.50 -36.92 -25.61
O6 BMA K . 8.84 -34.53 -25.34
C1 NAG L . -17.99 -45.36 -26.73
C2 NAG L . -18.65 -45.88 -25.46
C3 NAG L . -18.16 -47.29 -25.24
C4 NAG L . -18.46 -48.12 -26.47
C5 NAG L . -17.80 -47.50 -27.70
C6 NAG L . -18.08 -48.27 -28.98
C7 NAG L . -19.00 -44.04 -23.89
C8 NAG L . -18.70 -43.61 -22.48
N2 NAG L . -18.26 -45.06 -24.33
O3 NAG L . -18.83 -47.83 -24.09
O4 NAG L . -18.01 -49.47 -26.26
O5 NAG L . -18.27 -46.17 -27.87
O6 NAG L . -19.45 -48.08 -29.34
O7 NAG L . -19.84 -43.51 -24.56
C1 NAG L . -19.16 -50.33 -26.38
C2 NAG L . -18.82 -51.76 -26.01
C3 NAG L . -20.03 -52.62 -26.30
C4 NAG L . -21.22 -52.08 -25.52
C5 NAG L . -21.46 -50.62 -25.91
C6 NAG L . -22.61 -50.04 -25.09
C7 NAG L . -16.46 -52.26 -26.22
C8 NAG L . -15.45 -53.13 -26.91
N2 NAG L . -17.67 -52.24 -26.76
O3 NAG L . -19.78 -53.97 -25.90
O4 NAG L . -22.38 -52.85 -25.82
O5 NAG L . -20.29 -49.87 -25.65
O6 NAG L . -22.22 -50.01 -23.72
O7 NAG L . -16.18 -51.60 -25.23
C1 NAG M . 47.06 45.75 16.65
C2 NAG M . 48.34 46.53 16.95
C3 NAG M . 49.50 46.00 16.13
C4 NAG M . 49.65 44.50 16.31
C5 NAG M . 48.33 43.79 16.03
C6 NAG M . 48.36 42.31 16.33
C7 NAG M . 48.03 48.84 17.72
C8 NAG M . 47.84 50.27 17.30
N2 NAG M . 48.15 47.95 16.73
O3 NAG M . 50.69 46.67 16.49
O4 NAG M . 50.65 43.99 15.43
O5 NAG M . 47.29 44.35 16.86
O6 NAG M . 47.14 41.67 15.97
O7 NAG M . 48.07 48.52 18.90
C1 NAG M . 51.80 43.58 16.21
C2 NAG M . 52.55 42.49 15.44
C3 NAG M . 53.79 42.06 16.20
C4 NAG M . 54.66 43.27 16.52
C5 NAG M . 53.84 44.34 17.25
C6 NAG M . 54.60 45.62 17.48
C7 NAG M . 51.37 40.91 13.98
C8 NAG M . 50.46 39.72 13.91
N2 NAG M . 51.68 41.34 15.20
O3 NAG M . 54.53 41.13 15.42
O4 NAG M . 55.75 42.88 17.35
O5 NAG M . 52.69 44.68 16.46
O6 NAG M . 54.57 46.47 16.34
O7 NAG M . 51.80 41.45 12.96
C1 NAG N . 51.14 31.35 -0.45
C2 NAG N . 52.56 31.57 -0.94
C3 NAG N . 53.16 30.26 -1.45
C4 NAG N . 53.07 29.19 -0.37
C5 NAG N . 51.63 29.05 0.12
C6 NAG N . 51.48 28.11 1.29
C7 NAG N . 53.65 33.41 -2.14
C8 NAG N . 53.56 34.38 -3.28
N2 NAG N . 52.62 32.59 -1.99
O3 NAG N . 54.50 30.48 -1.85
O4 NAG N . 53.50 27.93 -0.87
O5 NAG N . 51.12 30.32 0.55
O6 NAG N . 50.98 28.78 2.44
O7 NAG N . 54.64 33.36 -1.41
C1 NAG N . 54.84 27.64 -0.44
C2 NAG N . 54.96 26.15 -0.08
C3 NAG N . 56.41 25.83 0.30
C4 NAG N . 57.37 26.26 -0.80
C5 NAG N . 57.15 27.74 -1.12
C6 NAG N . 57.98 28.22 -2.29
C7 NAG N . 53.22 24.76 0.95
C8 NAG N . 52.37 24.54 2.16
N2 NAG N . 54.06 25.81 1.01
O3 NAG N . 56.54 24.42 0.52
O4 NAG N . 58.71 26.07 -0.38
O5 NAG N . 55.78 27.96 -1.47
O6 NAG N . 57.60 29.54 -2.69
O7 NAG N . 53.16 24.03 -0.03
C1 NAG O . 43.73 64.68 23.51
C2 NAG O . 44.99 65.02 24.29
C3 NAG O . 45.53 66.37 23.82
C4 NAG O . 45.71 66.39 22.30
C5 NAG O . 44.48 65.85 21.57
C6 NAG O . 44.74 65.61 20.10
C7 NAG O . 45.14 64.08 26.54
C8 NAG O . 44.79 64.26 27.99
N2 NAG O . 44.73 65.04 25.72
O3 NAG O . 46.78 66.62 24.46
O4 NAG O . 45.90 67.74 21.90
O5 NAG O . 44.05 64.59 22.13
O6 NAG O . 46.08 65.24 19.86
O7 NAG O . 45.76 63.11 26.14
C1 NAG O . 47.23 68.01 21.41
C2 NAG O . 47.26 69.47 20.96
C3 NAG O . 48.64 69.84 20.43
C4 NAG O . 49.70 69.53 21.49
C5 NAG O . 49.58 68.08 21.95
C6 NAG O . 50.52 67.75 23.10
C7 NAG O . 45.05 70.26 20.21
C8 NAG O . 44.13 70.45 19.05
N2 NAG O . 46.24 69.72 19.94
O3 NAG O . 48.67 71.22 20.11
O4 NAG O . 51.00 69.75 20.96
O5 NAG O . 48.25 67.81 22.41
O6 NAG O . 51.11 68.92 23.64
O7 NAG O . 44.73 70.59 21.35
C1 NAG P . 27.22 76.84 28.14
C2 NAG P . 27.00 76.65 29.64
C3 NAG P . 25.70 77.33 30.06
C4 NAG P . 25.67 78.78 29.62
C5 NAG P . 25.96 78.89 28.12
C6 NAG P . 26.09 80.32 27.64
C7 NAG P . 28.05 74.62 30.52
C8 NAG P . 27.87 73.17 30.83
N2 NAG P . 26.99 75.25 30.00
O3 NAG P . 25.56 77.24 31.48
O4 NAG P . 24.39 79.34 29.88
O5 NAG P . 27.20 78.23 27.82
O6 NAG P . 27.44 80.63 27.31
O7 NAG P . 29.11 75.21 30.72
C1 NAG P . 24.46 80.29 30.96
C2 NAG P . 23.25 81.21 30.89
C3 NAG P . 23.25 82.19 32.06
C4 NAG P . 23.38 81.46 33.38
C5 NAG P . 24.60 80.52 33.35
C6 NAG P . 24.71 79.67 34.59
C7 NAG P . 22.50 81.49 28.57
C8 NAG P . 22.56 82.35 27.34
N2 NAG P . 23.20 81.92 29.62
O3 NAG P . 22.06 82.96 32.04
O4 NAG P . 23.52 82.38 34.45
O5 NAG P . 24.50 79.63 32.23
O6 NAG P . 23.79 78.58 34.56
O7 NAG P . 21.84 80.46 28.61
C1 NAG Q . 34.07 -50.74 19.16
C2 NAG Q . 34.85 -52.01 18.88
C3 NAG Q . 34.34 -52.64 17.60
C4 NAG Q . 32.83 -52.83 17.61
C5 NAG Q . 32.14 -51.50 17.95
C6 NAG Q . 30.65 -51.65 18.23
C7 NAG Q . 37.14 -51.62 19.66
C8 NAG Q . 37.16 -52.76 20.63
N2 NAG Q . 36.25 -51.71 18.68
O3 NAG Q . 34.96 -53.91 17.45
O4 NAG Q . 32.63 -53.22 16.25
O5 NAG Q . 32.67 -50.93 19.16
O6 NAG Q . 30.50 -52.20 19.54
O7 NAG Q . 37.89 -50.65 19.76
C1 NAG Q . 31.61 -54.20 15.93
C2 NAG Q . 31.08 -55.04 17.10
C3 NAG Q . 29.91 -55.89 16.61
C4 NAG Q . 28.86 -55.05 15.92
C5 NAG Q . 29.48 -54.22 14.81
C6 NAG Q . 28.50 -53.23 14.19
C7 NAG Q . 32.31 -56.09 18.91
C8 NAG Q . 33.56 -56.83 19.27
N2 NAG Q . 32.08 -55.95 17.60
O3 NAG Q . 29.31 -56.55 17.73
O4 NAG Q . 27.86 -55.91 15.36
O5 NAG Q . 30.57 -53.46 15.31
O6 NAG Q . 28.59 -52.01 14.91
O7 NAG Q . 31.55 -55.66 19.76
C1 NAG R . 10.45 -53.92 27.07
C2 NAG R . 10.38 -54.59 28.42
C3 NAG R . 9.71 -55.93 28.21
C4 NAG R . 8.35 -55.72 27.56
C5 NAG R . 8.53 -54.96 26.25
C6 NAG R . 7.21 -54.66 25.56
C7 NAG R . 12.24 -53.87 29.80
C8 NAG R . 11.48 -53.60 31.07
N2 NAG R . 11.70 -54.77 28.99
O3 NAG R . 9.58 -56.60 29.48
O4 NAG R . 7.79 -56.99 27.22
O5 NAG R . 9.18 -53.71 26.48
O6 NAG R . 7.49 -53.97 24.35
O7 NAG R . 13.29 -53.30 29.53
C1 NAG R . 6.65 -57.33 28.04
C2 NAG R . 6.63 -58.85 28.19
C3 NAG R . 5.46 -59.26 29.06
C4 NAG R . 5.53 -58.53 30.39
C5 NAG R . 5.59 -57.02 30.16
C6 NAG R . 5.74 -56.28 31.49
C7 NAG R . 7.51 -59.94 26.19
C8 NAG R . 7.59 -59.49 24.76
N2 NAG R . 6.48 -59.47 26.89
O3 NAG R . 5.56 -60.66 29.29
O4 NAG R . 4.37 -58.85 31.16
O5 NAG R . 6.68 -56.68 29.31
O6 NAG R . 7.03 -56.56 32.03
O7 NAG R . 8.33 -60.69 26.67
C1 NAG S . 10.62 -35.28 32.33
C2 NAG S . 9.20 -34.79 32.48
C3 NAG S . 9.12 -33.86 33.68
C4 NAG S . 9.64 -34.55 34.92
C5 NAG S . 11.05 -35.06 34.66
C6 NAG S . 11.58 -35.88 35.82
C7 NAG S . 7.84 -34.48 30.51
C8 NAG S . 6.99 -33.42 29.86
N2 NAG S . 8.79 -34.03 31.32
O3 NAG S . 7.75 -33.53 33.87
O4 NAG S . 9.67 -33.55 35.94
O5 NAG S . 11.08 -35.90 33.52
O6 NAG S . 10.80 -37.07 35.91
O7 NAG S . 7.65 -35.66 30.31
C1 NAG S . 8.98 -33.98 37.13
C2 NAG S . 9.21 -33.02 38.28
C3 NAG S . 8.58 -33.58 39.53
C4 NAG S . 7.12 -33.87 39.29
C5 NAG S . 6.97 -34.80 38.09
C6 NAG S . 5.50 -35.00 37.73
C7 NAG S . 11.30 -31.84 37.91
C8 NAG S . 12.78 -31.81 38.17
N2 NAG S . 10.63 -32.82 38.51
O3 NAG S . 8.71 -32.60 40.57
O4 NAG S . 6.62 -34.54 40.44
O5 NAG S . 7.61 -34.25 36.95
O6 NAG S . 4.97 -33.71 37.40
O7 NAG S . 10.75 -31.01 37.21
C1 BMA S . 5.59 -33.79 41.09
C2 BMA S . 4.62 -34.76 41.74
C3 BMA S . 3.49 -33.99 42.40
C4 BMA S . 4.07 -32.99 43.38
C5 BMA S . 5.07 -32.08 42.67
C6 BMA S . 5.69 -31.09 43.63
O2 BMA S . 5.30 -35.53 42.73
O3 BMA S . 2.65 -34.90 43.11
O4 BMA S . 3.02 -32.20 43.93
O5 BMA S . 6.09 -32.85 42.05
O6 BMA S . 6.50 -30.15 42.89
C1 NAG T . 2.25 64.87 17.77
C2 NAG T . 1.98 66.33 18.16
C3 NAG T . 2.13 66.51 19.66
C4 NAG T . 1.26 65.52 20.41
C5 NAG T . 1.57 64.09 19.94
C6 NAG T . 0.66 63.05 20.55
C7 NAG T . 2.43 68.09 16.51
C8 NAG T . 3.49 68.96 15.88
N2 NAG T . 2.87 67.23 17.44
O3 NAG T . 1.78 67.84 20.02
O4 NAG T . 1.49 65.61 21.81
O5 NAG T . 1.39 64.00 18.52
O6 NAG T . 1.37 62.23 21.48
O7 NAG T . 1.25 68.18 16.21
C1 NAG T . 0.32 66.18 22.44
C2 NAG T . 0.13 65.55 23.82
C3 NAG T . -1.07 66.17 24.53
C4 NAG T . -0.94 67.69 24.57
C5 NAG T . -0.70 68.25 23.17
C6 NAG T . -0.44 69.73 23.16
C7 NAG T . 0.67 63.22 24.44
C8 NAG T . 1.68 63.79 25.40
N2 NAG T . -0.03 64.11 23.72
O3 NAG T . -1.17 65.65 25.85
O4 NAG T . -2.13 68.27 25.10
O5 NAG T . 0.45 67.61 22.58
O6 NAG T . 0.66 70.07 23.99
O7 NAG T . 0.51 62.01 24.32
C1 NAG U . 8.50 51.90 35.52
C2 NAG U . 8.34 53.05 36.51
C3 NAG U . 8.08 52.51 37.91
C4 NAG U . 6.90 51.55 37.91
C5 NAG U . 7.10 50.46 36.84
C6 NAG U . 5.88 49.58 36.67
C7 NAG U . 9.59 55.04 35.79
C8 NAG U . 10.88 55.81 35.92
N2 NAG U . 9.52 53.91 36.51
O3 NAG U . 7.83 53.59 38.80
O4 NAG U . 6.78 50.94 39.18
O5 NAG U . 7.34 51.07 35.57
O6 NAG U . 5.75 48.66 37.75
O7 NAG U . 8.67 55.42 35.08
C1 NAG U . 5.55 51.34 39.83
C2 NAG U . 5.39 50.50 41.10
C3 NAG U . 4.12 50.92 41.84
C4 NAG U . 4.12 52.41 42.10
C5 NAG U . 4.33 53.18 40.80
C6 NAG U . 4.46 54.68 41.01
C7 NAG U . 6.45 48.30 40.88
C8 NAG U . 6.24 46.86 40.53
N2 NAG U . 5.37 49.09 40.80
O3 NAG U . 4.04 50.20 43.08
O4 NAG U . 2.87 52.81 42.67
O5 NAG U . 5.55 52.75 40.17
O6 NAG U . 4.35 55.38 39.78
O7 NAG U . 7.54 48.74 41.22
C1 NAG V . 6.29 80.04 4.06
C2 NAG V . 5.29 81.03 4.68
C3 NAG V . 5.91 82.42 4.76
C4 NAG V . 7.24 82.37 5.51
C5 NAG V . 8.16 81.31 4.88
C6 NAG V . 9.44 81.11 5.65
C7 NAG V . 2.98 80.36 4.21
C8 NAG V . 1.79 80.53 3.28
N2 NAG V . 4.07 81.08 3.89
O3 NAG V . 5.01 83.30 5.43
O4 NAG V . 7.88 83.64 5.43
O5 NAG V . 7.49 80.05 4.84
O6 NAG V . 9.20 80.43 6.88
O7 NAG V . 2.94 79.62 5.18
C1 NAG V . 7.90 84.28 6.72
C2 NAG V . 8.80 85.52 6.63
C3 NAG V . 8.82 86.27 7.96
C4 NAG V . 7.40 86.58 8.41
C5 NAG V . 6.56 85.31 8.44
C6 NAG V . 5.10 85.58 8.76
C7 NAG V . 10.88 85.87 5.38
C8 NAG V . 12.26 85.34 5.08
N2 NAG V . 10.16 85.14 6.24
O3 NAG V . 9.58 87.46 7.83
O4 NAG V . 7.41 87.17 9.71
O5 NAG V . 6.59 84.67 7.16
O6 NAG V . 4.54 86.53 7.87
O7 NAG V . 10.46 86.90 4.87
C1 NAG W . 13.33 80.67 -15.63
C2 NAG W . 12.07 80.82 -16.47
C3 NAG W . 12.41 80.78 -17.96
C4 NAG W . 13.47 81.83 -18.29
C5 NAG W . 14.69 81.64 -17.38
C6 NAG W . 15.73 82.72 -17.56
C7 NAG W . 9.83 80.04 -15.85
C8 NAG W . 8.97 78.84 -15.53
N2 NAG W . 11.11 79.78 -16.14
O3 NAG W . 11.23 81.02 -18.72
O4 NAG W . 13.87 81.71 -19.65
O5 NAG W . 14.28 81.69 -16.01
O6 NAG W . 16.14 83.26 -16.31
O7 NAG W . 9.38 81.18 -15.84
C1 NAG W . 13.40 82.85 -20.40
C2 NAG W . 14.40 83.14 -21.52
C3 NAG W . 13.92 84.32 -22.36
C4 NAG W . 12.50 84.08 -22.87
C5 NAG W . 11.57 83.73 -21.70
C6 NAG W . 10.19 83.35 -22.15
C7 NAG W . 16.75 82.56 -21.11
C8 NAG W . 18.04 82.99 -20.49
N2 NAG W . 15.73 83.41 -20.98
O3 NAG W . 14.80 84.52 -23.46
O4 NAG W . 12.02 85.22 -23.54
O5 NAG W . 12.10 82.62 -20.96
O6 NAG W . 10.16 82.04 -22.71
O7 NAG W . 16.63 81.49 -21.70
C1 NAG X . -45.28 -15.09 44.87
C2 NAG X . -45.69 -15.80 46.15
C3 NAG X . -44.71 -16.94 46.41
C4 NAG X . -44.55 -17.84 45.20
C5 NAG X . -44.20 -17.02 43.96
C6 NAG X . -44.35 -17.91 42.73
C7 NAG X . -46.89 -14.27 47.65
C8 NAG X . -47.75 -15.01 48.62
N2 NAG X . -45.77 -14.90 47.28
O3 NAG X . -45.19 -17.72 47.51
O4 NAG X . -43.38 -18.60 45.51
O5 NAG X . -45.13 -15.95 43.75
O6 NAG X . -45.70 -18.37 42.63
O7 NAG X . -47.18 -13.17 47.22
C1 NAG X . -43.58 -20.03 45.36
C2 NAG X . -43.05 -20.81 46.56
C3 NAG X . -43.09 -22.28 46.22
C4 NAG X . -44.53 -22.65 45.87
C5 NAG X . -44.99 -21.79 44.70
C6 NAG X . -46.41 -22.10 44.26
C7 NAG X . -41.40 -19.54 47.78
C8 NAG X . -39.93 -19.30 48.00
N2 NAG X . -41.68 -20.43 46.84
O3 NAG X . -42.65 -23.05 47.34
O4 NAG X . -44.57 -24.03 45.50
O5 NAG X . -44.91 -20.41 45.05
O6 NAG X . -46.69 -21.35 43.07
O7 NAG X . -42.27 -18.97 48.41
C1 NAG Y . -41.50 -14.05 15.30
C2 NAG Y . -41.02 -14.50 13.94
C3 NAG Y . -41.47 -13.52 12.90
C4 NAG Y . -42.97 -13.38 12.96
C5 NAG Y . -43.38 -12.96 14.36
C6 NAG Y . -44.90 -12.92 14.54
C7 NAG Y . -38.93 -15.73 13.89
C8 NAG Y . -37.58 -15.75 14.54
N2 NAG Y . -39.57 -14.57 13.91
O3 NAG Y . -41.09 -14.01 11.61
O4 NAG Y . -43.25 -12.32 12.04
O5 NAG Y . -42.92 -13.91 15.32
O6 NAG Y . -45.38 -14.26 14.51
O7 NAG Y . -39.39 -16.72 13.35
C1 NAG Y . -44.27 -12.65 11.10
C2 NAG Y . -44.60 -11.46 10.23
C3 NAG Y . -45.82 -11.78 9.40
C4 NAG Y . -45.52 -13.02 8.56
C5 NAG Y . -45.15 -14.14 9.51
C6 NAG Y . -44.82 -15.41 8.74
C7 NAG Y . -43.78 -9.46 11.29
C8 NAG Y . -43.80 -8.78 12.62
N2 NAG Y . -44.79 -10.27 11.02
O3 NAG Y . -46.10 -10.62 8.59
O4 NAG Y . -46.69 -13.47 7.88
O5 NAG Y . -44.01 -13.80 10.29
O6 NAG Y . -43.60 -15.19 8.02
O7 NAG Y . -42.87 -9.29 10.48
C1 BMA Y . -46.87 -12.88 6.58
C2 BMA Y . -47.33 -13.95 5.60
C3 BMA Y . -47.64 -13.33 4.26
C4 BMA Y . -48.67 -12.23 4.44
C5 BMA Y . -48.16 -11.21 5.43
C6 BMA Y . -49.20 -10.13 5.71
O2 BMA Y . -48.51 -14.59 6.12
O3 BMA Y . -48.15 -14.32 3.37
O4 BMA Y . -48.95 -11.60 3.18
O5 BMA Y . -47.86 -11.86 6.67
O6 BMA Y . -48.76 -9.36 6.83
C1 NAG Z . 40.32 46.43 -21.61
C2 NAG Z . 39.42 46.20 -22.81
C3 NAG Z . 39.40 44.71 -23.19
C4 NAG Z . 40.82 44.19 -23.38
C5 NAG Z . 41.66 44.49 -22.15
C6 NAG Z . 43.11 44.11 -22.33
C7 NAG Z . 37.30 47.24 -23.48
C8 NAG Z . 35.93 47.66 -23.04
N2 NAG Z . 38.06 46.67 -22.55
O3 NAG Z . 38.65 44.54 -24.38
O4 NAG Z . 40.79 42.79 -23.60
O5 NAG Z . 41.63 45.90 -21.87
O6 NAG Z . 43.83 45.10 -23.04
O7 NAG Z . 37.68 47.38 -24.64
C1 NAG AA . 9.44 -12.58 -39.06
C2 NAG AA . 10.18 -11.46 -38.32
C3 NAG AA . 11.40 -11.01 -39.12
C4 NAG AA . 12.28 -12.19 -39.48
C5 NAG AA . 11.47 -13.28 -40.18
C6 NAG AA . 12.25 -14.54 -40.45
C7 NAG AA . 9.40 -9.56 -36.97
C8 NAG AA . 8.41 -8.44 -36.87
N2 NAG AA . 9.29 -10.34 -38.05
O3 NAG AA . 12.14 -10.06 -38.37
O4 NAG AA . 13.33 -11.77 -40.34
O5 NAG AA . 10.35 -13.65 -39.34
O6 NAG AA . 12.17 -14.92 -41.81
O7 NAG AA . 10.27 -9.75 -36.12
C1 NAG BA . -37.42 -32.76 -49.53
C2 NAG BA . -36.89 -34.02 -48.83
C3 NAG BA . -37.96 -34.61 -47.93
C4 NAG BA . -38.49 -33.56 -46.96
C5 NAG BA . -38.96 -32.33 -47.72
C6 NAG BA . -39.38 -31.18 -46.81
C7 NAG BA . -35.15 -35.35 -49.94
C8 NAG BA . -34.86 -36.38 -50.98
N2 NAG BA . -36.43 -35.00 -49.79
O3 NAG BA . -37.42 -35.71 -47.20
O4 NAG BA . -39.58 -34.09 -46.21
O5 NAG BA . -37.90 -31.82 -48.54
O6 NAG BA . -38.25 -30.58 -46.19
O7 NAG BA . -34.27 -34.85 -49.24
C1 NAG CA . -21.57 5.86 -28.69
C2 NAG CA . -21.16 7.32 -28.73
C3 NAG CA . -22.43 8.14 -28.86
C4 NAG CA . -23.25 7.66 -30.06
C5 NAG CA . -23.54 6.16 -29.94
C6 NAG CA . -24.31 5.60 -31.12
C7 NAG CA . -19.13 7.60 -27.42
C8 NAG CA . -18.34 8.74 -27.96
N2 NAG CA . -20.46 7.70 -27.53
O3 NAG CA . -22.10 9.52 -29.03
O4 NAG CA . -24.49 8.36 -30.06
O5 NAG CA . -22.33 5.42 -29.80
O6 NAG CA . -24.82 4.31 -30.77
O7 NAG CA . -18.61 6.62 -26.92
C1 NAG DA . 1.31 -56.00 0.11
C2 NAG DA . 1.05 -55.72 -1.36
C3 NAG DA . 0.21 -56.84 -1.96
C4 NAG DA . 0.94 -58.15 -1.76
C5 NAG DA . 1.21 -58.37 -0.27
C6 NAG DA . 2.00 -59.64 -0.02
C7 NAG DA . 1.07 -53.36 -1.89
C8 NAG DA . 1.64 -53.37 -3.28
N2 NAG DA . 0.39 -54.45 -1.54
O3 NAG DA . 0.00 -56.60 -3.34
O4 NAG DA . 0.13 -59.20 -2.29
O5 NAG DA . 1.96 -57.27 0.22
O6 NAG DA . 1.29 -60.79 -0.48
O7 NAG DA . 1.21 -52.42 -1.13
C1 NAG EA . 33.71 -1.85 -17.76
C2 NAG EA . 33.98 -2.73 -16.55
C3 NAG EA . 35.21 -2.19 -15.84
C4 NAG EA . 36.38 -2.12 -16.80
C5 NAG EA . 36.00 -1.26 -18.00
C6 NAG EA . 37.13 -1.22 -19.03
C7 NAG EA . 31.92 -3.67 -15.71
C8 NAG EA . 30.55 -3.24 -15.29
N2 NAG EA . 32.85 -2.73 -15.64
O3 NAG EA . 35.54 -3.05 -14.74
O4 NAG EA . 37.52 -1.54 -16.16
O5 NAG EA . 34.83 -1.79 -18.63
O6 NAG EA . 36.77 -0.32 -20.08
O7 NAG EA . 32.16 -4.79 -16.10
C1 NAG FA . 0.19 19.54 -29.39
C2 NAG FA . -1.29 19.80 -29.18
C3 NAG FA . -1.76 20.96 -30.07
C4 NAG FA . -0.89 22.19 -29.86
C5 NAG FA . 0.59 21.83 -30.07
C6 NAG FA . 1.52 22.97 -29.75
C7 NAG FA . -2.55 17.83 -28.44
C8 NAG FA . -3.35 16.64 -28.88
N2 NAG FA . -2.09 18.61 -29.42
O3 NAG FA . -3.12 21.27 -29.78
O4 NAG FA . -1.25 23.21 -30.79
O5 NAG FA . 0.94 20.75 -29.18
O6 NAG FA . 1.74 23.10 -28.35
O7 NAG FA . -2.33 18.08 -27.26
C1 NAG GA . 24.51 -38.73 -13.29
C2 NAG GA . 25.98 -38.34 -13.42
C3 NAG GA . 26.37 -38.17 -14.89
C4 NAG GA . 26.01 -39.43 -15.67
C5 NAG GA . 24.55 -39.79 -15.47
C6 NAG GA . 24.16 -41.10 -16.12
C7 NAG GA . 27.07 -37.06 -11.60
C8 NAG GA . 27.71 -38.35 -11.18
N2 NAG GA . 26.26 -37.12 -12.67
O3 NAG GA . 27.76 -37.90 -14.99
O4 NAG GA . 26.27 -39.22 -17.06
O5 NAG GA . 24.27 -39.92 -14.07
O6 NAG GA . 25.21 -42.05 -16.01
O7 NAG GA . 27.27 -36.01 -11.01
C1 NAG HA . 51.00 46.00 -10.55
C2 NAG HA . 52.27 46.24 -9.74
C3 NAG HA . 53.47 46.34 -10.68
C4 NAG HA . 53.55 45.12 -11.58
C5 NAG HA . 52.22 44.92 -12.31
C6 NAG HA . 52.18 43.65 -13.13
C7 NAG HA . 51.80 47.42 -7.64
C8 NAG HA . 51.73 48.75 -6.96
N2 NAG HA . 52.15 47.44 -8.93
O3 NAG HA . 54.66 46.44 -9.90
O4 NAG HA . 54.60 45.28 -12.53
O5 NAG HA . 51.15 44.83 -11.37
O6 NAG HA . 53.12 42.69 -12.66
O7 NAG HA . 51.55 46.37 -7.05
C1 NAG IA . 32.97 15.83 -31.26
C2 NAG IA . 32.40 15.35 -32.59
C3 NAG IA . 33.03 14.02 -32.95
C4 NAG IA . 34.54 14.16 -32.98
C5 NAG IA . 35.04 14.68 -31.63
C6 NAG IA . 36.54 14.92 -31.63
C7 NAG IA . 30.11 16.12 -32.92
C8 NAG IA . 28.65 15.82 -32.69
N2 NAG IA . 30.95 15.18 -32.52
O3 NAG IA . 32.56 13.60 -34.23
O4 NAG IA . 35.11 12.87 -33.25
O5 NAG IA . 34.39 15.93 -31.34
O6 NAG IA . 37.24 13.68 -31.77
O7 NAG IA . 30.48 17.16 -33.44
C1 NAG JA . -1.98 -40.65 -50.63
C2 NAG JA . -1.25 -41.72 -51.42
C3 NAG JA . -0.68 -42.73 -50.44
C4 NAG JA . 0.23 -42.03 -49.45
C5 NAG JA . -0.56 -40.93 -48.73
C6 NAG JA . 0.32 -40.16 -47.77
C7 NAG JA . -2.01 -42.24 -53.65
C8 NAG JA . -3.23 -42.53 -54.47
N2 NAG JA . -2.15 -42.39 -52.34
O3 NAG JA . 0.04 -43.74 -51.14
O4 NAG JA . 0.74 -42.96 -48.49
O5 NAG JA . -1.09 -40.03 -49.70
O6 NAG JA . 1.21 -39.32 -48.52
O7 NAG JA . -0.96 -41.88 -54.16
C1 NAG KA . 22.83 60.65 33.51
C2 NAG KA . 21.61 61.54 33.70
C3 NAG KA . 21.83 62.51 34.87
C4 NAG KA . 22.23 61.74 36.12
C5 NAG KA . 23.42 60.82 35.84
C6 NAG KA . 23.78 59.94 37.00
C7 NAG KA . 20.35 61.87 31.63
C8 NAG KA . 20.15 62.75 30.42
N2 NAG KA . 21.29 62.27 32.49
O3 NAG KA . 20.64 63.24 35.11
O4 NAG KA . 22.58 62.65 37.16
O5 NAG KA . 23.13 59.96 34.73
O6 NAG KA . 23.91 58.59 36.60
O7 NAG KA . 19.69 60.86 31.81
C1 NAG LA . 35.87 51.31 31.57
C2 NAG LA . 36.92 50.21 31.55
C3 NAG LA . 36.52 49.07 32.48
C4 NAG LA . 36.24 49.60 33.89
C5 NAG LA . 35.20 50.72 33.83
C6 NAG LA . 34.95 51.37 35.16
C7 NAG LA . 38.21 49.97 29.47
C8 NAG LA . 38.25 49.37 28.11
N2 NAG LA . 37.12 49.70 30.20
O3 NAG LA . 37.56 48.10 32.54
O4 NAG LA . 35.76 48.56 34.72
O5 NAG LA . 35.65 51.75 32.93
O6 NAG LA . 35.95 51.02 36.11
O7 NAG LA . 39.13 50.66 29.91
C1 NAG MA . 29.86 21.83 43.20
C2 NAG MA . 30.78 21.07 44.15
C3 NAG MA . 29.92 20.35 45.16
C4 NAG MA . 28.99 21.33 45.86
C5 NAG MA . 28.15 22.07 44.83
C6 NAG MA . 27.21 23.08 45.49
C7 NAG MA . 32.81 20.12 43.13
C8 NAG MA . 33.77 19.96 44.28
N2 NAG MA . 31.52 20.04 43.45
O3 NAG MA . 30.76 19.72 46.14
O4 NAG MA . 28.16 20.61 46.78
O5 NAG MA . 29.00 22.73 43.88
O6 NAG MA . 26.25 22.42 46.31
O7 NAG MA . 33.19 20.30 41.99
C1 NAG NA . 11.08 11.62 43.89
C2 NAG NA . 9.55 11.56 43.86
C3 NAG NA . 8.99 12.90 44.33
C4 NAG NA . 9.55 13.25 45.70
C5 NAG NA . 11.07 13.24 45.66
C6 NAG NA . 11.67 13.45 47.04
C7 NAG NA . 9.46 11.75 41.40
C8 NAG NA . 9.87 10.74 40.37
N2 NAG NA . 9.01 11.24 42.55
O3 NAG NA . 7.57 12.82 44.39
O4 NAG NA . 9.09 14.54 46.08
O5 NAG NA . 11.54 11.98 45.18
O6 NAG NA . 13.08 13.25 46.98
O7 NAG NA . 9.50 12.94 41.16
C1 NAG OA . 39.35 -17.20 2.99
C2 NAG OA . 40.36 -16.30 3.70
C3 NAG OA . 41.60 -16.15 2.84
C4 NAG OA . 42.16 -17.52 2.52
C5 NAG OA . 41.10 -18.38 1.85
C6 NAG OA . 41.62 -19.79 1.60
C7 NAG OA . 39.14 -14.69 5.07
C8 NAG OA . 38.53 -13.32 5.13
N2 NAG OA . 39.78 -14.98 3.95
O3 NAG OA . 42.58 -15.40 3.56
O4 NAG OA . 43.29 -17.39 1.64
O5 NAG OA . 39.93 -18.47 2.68
O6 NAG OA . 40.61 -20.54 0.91
O7 NAG OA . 39.04 -15.48 5.99
C1 NAG PA . 28.23 -48.80 46.36
C2 NAG PA . 26.81 -49.24 46.02
C3 NAG PA . 25.85 -48.23 46.63
C4 NAG PA . 26.09 -48.14 48.11
C5 NAG PA . 27.53 -47.75 48.37
C6 NAG PA . 27.82 -47.64 49.87
C7 NAG PA . 26.80 -50.45 43.89
C8 NAG PA . 27.12 -50.26 42.44
N2 NAG PA . 26.61 -49.33 44.58
O3 NAG PA . 24.50 -48.60 46.35
O4 NAG PA . 25.23 -47.16 48.69
O5 NAG PA . 28.41 -48.72 47.77
O6 NAG PA . 27.65 -48.91 50.49
O7 NAG PA . 26.71 -51.55 44.39
C1 NAG QA . 29.69 -16.10 40.10
C2 NAG QA . 29.27 -14.68 39.75
C3 NAG QA . 29.67 -13.73 40.87
C4 NAG QA . 29.07 -14.21 42.18
C5 NAG QA . 29.49 -15.63 42.46
C6 NAG QA . 28.79 -16.14 43.71
C7 NAG QA . 29.27 -14.08 37.40
C8 NAG QA . 30.12 -13.76 36.21
N2 NAG QA . 29.94 -14.24 38.54
O3 NAG QA . 29.19 -12.42 40.56
O4 NAG QA . 29.52 -13.36 43.25
O5 NAG QA . 29.11 -16.47 41.36
O6 NAG QA . 29.21 -17.48 43.99
O7 NAG QA . 28.06 -14.19 37.33
C1 NAG RA . 49.00 -57.47 21.76
C2 NAG RA . 47.60 -57.95 21.42
C3 NAG RA . 47.63 -58.74 20.13
C4 NAG RA . 48.18 -57.85 19.03
C5 NAG RA . 49.57 -57.36 19.44
C6 NAG RA . 50.15 -56.39 18.42
C7 NAG RA . 45.83 -58.52 22.94
C8 NAG RA . 45.41 -59.28 24.16
N2 NAG RA . 47.05 -58.77 22.49
O3 NAG RA . 46.31 -59.17 19.79
O4 NAG RA . 48.22 -58.57 17.81
O5 NAG RA . 49.47 -56.66 20.68
O6 NAG RA . 50.34 -57.02 17.15
O7 NAG RA . 45.10 -57.70 22.39
C1 NAG SA . -8.67 -20.71 49.49
C2 NAG SA . -8.93 -19.39 50.23
C3 NAG SA . -7.66 -18.95 50.91
C4 NAG SA . -7.20 -20.06 51.84
C5 NAG SA . -7.01 -21.34 51.04
C6 NAG SA . -6.60 -22.46 51.99
C7 NAG SA . -10.74 -18.11 49.22
C8 NAG SA . -11.50 -17.95 50.50
N2 NAG SA . -9.43 -18.36 49.35
O3 NAG SA . -7.90 -17.75 51.65
O4 NAG SA . -5.97 -19.70 52.45
O5 NAG SA . -8.23 -21.71 50.40
O6 NAG SA . -7.64 -22.65 52.97
O7 NAG SA . -11.27 -18.02 48.13
C1 NAG TA . -21.71 -43.99 32.65
C2 NAG TA . -20.28 -44.18 33.16
C3 NAG TA . -19.91 -45.64 33.01
C4 NAG TA . -20.93 -46.47 33.77
C5 NAG TA . -22.33 -46.19 33.24
C6 NAG TA . -23.34 -46.99 34.03
C7 NAG TA . -18.78 -42.30 33.10
C8 NAG TA . -18.81 -40.99 32.38
N2 NAG TA . -19.35 -43.33 32.47
O3 NAG TA . -18.60 -45.87 33.53
O4 NAG TA . -20.62 -47.86 33.65
O5 NAG TA . -22.62 -44.80 33.38
O6 NAG TA . -23.22 -46.65 35.41
O7 NAG TA . -18.29 -42.43 34.20
C1 NAG UA . 39.35 4.23 14.46
C2 NAG UA . 39.35 4.26 12.94
C3 NAG UA . 40.77 3.95 12.49
C4 NAG UA . 41.73 4.96 13.10
C5 NAG UA . 41.61 4.90 14.61
C6 NAG UA . 42.52 5.89 15.32
C7 NAG UA . 37.26 3.54 11.94
C8 NAG UA . 37.19 3.83 10.47
N2 NAG UA . 38.47 3.25 12.40
O3 NAG UA . 40.83 4.02 11.05
O4 NAG UA . 43.08 4.66 12.71
O5 NAG UA . 40.27 5.17 15.00
O6 NAG UA . 42.34 5.73 16.74
O7 NAG UA . 36.28 3.57 12.66
C1 NAG VA . -4.16 66.68 -0.26
C2 NAG VA . -5.11 66.56 0.94
C3 NAG VA . -6.27 65.61 0.61
C4 NAG VA . -6.96 66.03 -0.67
C5 NAG VA . -5.95 66.14 -1.80
C6 NAG VA . -6.55 66.66 -3.10
C7 NAG VA . -4.76 66.44 3.36
C8 NAG VA . -3.91 65.88 4.47
N2 NAG VA . -4.39 66.11 2.12
O3 NAG VA . -7.20 65.61 1.69
O4 NAG VA . -7.95 65.08 -1.02
O5 NAG VA . -4.91 67.05 -1.44
O6 NAG VA . -6.07 65.94 -4.22
O7 NAG VA . -5.73 67.17 3.59
C1 NAG WA . -14.95 28.83 30.20
C2 NAG WA . -14.35 27.90 31.25
C3 NAG WA . -14.33 28.57 32.61
C4 NAG WA . -13.64 29.93 32.54
C5 NAG WA . -14.27 30.79 31.44
C6 NAG WA . -13.55 32.09 31.23
C7 NAG WA . -14.72 25.54 30.64
C8 NAG WA . -15.58 24.34 30.82
N2 NAG WA . -15.08 26.64 31.31
O3 NAG WA . -13.67 27.73 33.56
O4 NAG WA . -13.75 30.61 33.78
O5 NAG WA . -14.24 30.08 30.19
O6 NAG WA . -14.38 33.04 30.57
O7 NAG WA . -13.72 25.53 29.92
C1 NAG XA . 0.99 67.46 -14.79
C2 NAG XA . 1.63 68.29 -15.91
C3 NAG XA . 0.63 69.33 -16.42
C4 NAG XA . -0.68 68.67 -16.82
C5 NAG XA . -1.22 67.82 -15.67
C6 NAG XA . -2.46 67.02 -16.06
C7 NAG XA . 4.07 68.47 -15.77
C8 NAG XA . 5.22 69.25 -15.22
N2 NAG XA . 2.85 68.92 -15.46
O3 NAG XA . 1.20 70.02 -17.53
O4 NAG XA . -1.64 69.66 -17.17
O5 NAG XA . -0.23 66.87 -15.26
O6 NAG XA . -3.45 67.87 -16.63
O7 NAG XA . 4.23 67.47 -16.47
C1 NAG YA . -41.96 -9.37 -15.42
C2 NAG YA . -41.45 -8.74 -16.71
C3 NAG YA . -41.90 -7.29 -16.81
C4 NAG YA . -43.41 -7.19 -16.65
C5 NAG YA . -43.86 -7.88 -15.36
C6 NAG YA . -45.36 -7.93 -15.21
C7 NAG YA . -39.37 -9.81 -17.45
C8 NAG YA . -37.87 -9.75 -17.43
N2 NAG YA . -40.00 -8.83 -16.80
O3 NAG YA . -41.50 -6.74 -18.06
O4 NAG YA . -43.81 -5.82 -16.62
O5 NAG YA . -43.40 -9.25 -15.36
O6 NAG YA . -45.80 -9.20 -14.72
O7 NAG YA . -39.97 -10.71 -18.03
C1 NAG ZA . -45.72 -29.35 24.98
C2 NAG ZA . -46.21 -30.64 25.63
C3 NAG ZA . -46.34 -31.72 24.57
C4 NAG ZA . -47.26 -31.23 23.46
C5 NAG ZA . -46.73 -29.92 22.89
C6 NAG ZA . -47.69 -29.36 21.85
C7 NAG ZA . -45.52 -30.74 27.95
C8 NAG ZA . -44.46 -31.18 28.91
N2 NAG ZA . -45.32 -31.08 26.69
O3 NAG ZA . -46.86 -32.92 25.15
O4 NAG ZA . -47.33 -32.21 22.42
O5 NAG ZA . -46.61 -28.96 23.93
O6 NAG ZA . -47.19 -28.10 21.40
O7 NAG ZA . -46.50 -30.11 28.32
C1 NAG AB . -27.25 43.86 2.49
C2 NAG AB . -28.53 44.24 3.26
C3 NAG AB . -29.76 43.91 2.42
C4 NAG AB . -29.67 44.55 1.04
C5 NAG AB . -28.36 44.15 0.36
C6 NAG AB . -28.15 44.85 -0.96
C7 NAG AB . -28.20 44.14 5.69
C8 NAG AB . -28.32 43.31 6.92
N2 NAG AB . -28.58 43.56 4.54
O3 NAG AB . -30.93 44.37 3.10
O4 NAG AB . -30.77 44.13 0.24
O5 NAG AB . -27.25 44.50 1.20
O6 NAG AB . -26.78 44.84 -1.34
O7 NAG AB . -27.78 45.29 5.72
C1 NAG BB . -56.84 -11.60 59.26
C2 NAG BB . -57.96 -12.17 60.12
C3 NAG BB . -57.67 -13.61 60.51
C4 NAG BB . -57.41 -14.45 59.27
C5 NAG BB . -56.30 -13.82 58.41
C6 NAG BB . -56.10 -14.53 57.10
C7 NAG BB . -59.08 -10.39 61.40
C8 NAG BB . -59.14 -9.64 62.70
N2 NAG BB . -58.15 -11.35 61.32
O3 NAG BB . -58.77 -14.15 61.23
O4 NAG BB . -57.02 -15.77 59.64
O5 NAG BB . -56.65 -12.46 58.10
O6 NAG BB . -57.30 -14.67 56.37
O7 NAG BB . -59.84 -10.14 60.48
C1 NAG CB . -26.91 26.38 -8.46
C2 NAG CB . -27.91 27.25 -9.20
C3 NAG CB . -27.25 27.74 -10.47
C4 NAG CB . -25.97 28.46 -10.11
C5 NAG CB . -25.04 27.53 -9.33
C6 NAG CB . -23.76 28.24 -8.91
C7 NAG CB . -30.23 26.62 -8.84
C8 NAG CB . -31.44 26.98 -9.63
N2 NAG CB . -29.10 26.49 -9.52
O3 NAG CB . -28.13 28.63 -11.15
O4 NAG CB . -25.32 28.89 -11.32
O5 NAG CB . -25.71 27.08 -8.17
O6 NAG CB . -22.91 27.31 -8.26
O7 NAG CB . -30.26 26.46 -7.62
C1 NAG DB . -15.11 8.68 43.99
C2 NAG DB . -15.82 10.02 44.23
C3 NAG DB . -15.33 10.66 45.52
C4 NAG DB . -15.47 9.69 46.69
C5 NAG DB . -14.79 8.36 46.36
C6 NAG DB . -14.99 7.30 47.42
C7 NAG DB . -16.53 11.10 42.14
C8 NAG DB . -16.16 12.07 41.06
N2 NAG DB . -15.62 10.92 43.11
O3 NAG DB . -16.07 11.84 45.79
O4 NAG DB . -14.89 10.24 47.87
O5 NAG DB . -15.30 7.83 45.14
O6 NAG DB . -13.98 6.31 47.37
O7 NAG DB . -17.60 10.50 42.14
C1 NAG EB . -64.52 -12.46 28.94
C2 NAG EB . -65.50 -13.30 29.74
C3 NAG EB . -65.14 -14.76 29.52
C4 NAG EB . -65.07 -15.06 28.02
C5 NAG EB . -64.10 -14.12 27.32
C6 NAG EB . -64.05 -14.37 25.82
C7 NAG EB . -66.17 -12.05 31.72
C8 NAG EB . -65.82 -11.71 33.14
N2 NAG EB . -65.42 -12.99 31.15
O3 NAG EB . -66.10 -15.62 30.14
O4 NAG EB . -64.66 -16.42 27.84
O5 NAG EB . -64.46 -12.76 27.55
O6 NAG EB . -65.22 -13.81 25.21
O7 NAG EB . -67.09 -11.50 31.13
C1 NAG FB . -42.31 14.12 18.39
C2 NAG FB . -41.37 13.65 17.25
C3 NAG FB . -41.58 14.36 15.94
C4 NAG FB . -43.04 14.42 15.57
C5 NAG FB . -43.92 14.88 16.73
C6 NAG FB . -45.39 14.76 16.45
C7 NAG FB . -39.29 13.61 18.66
C8 NAG FB . -38.95 14.80 19.51
N2 NAG FB . -39.98 13.92 17.57
O3 NAG FB . -40.93 13.55 14.96
O4 NAG FB . -43.20 15.24 14.41
O5 NAG FB . -43.66 14.18 17.94
O6 NAG FB . -46.03 15.29 17.60
O7 NAG FB . -38.94 12.47 18.94
C1 NAG GB . -36.19 -41.08 -6.40
C2 NAG GB . -37.36 -40.69 -5.53
C3 NAG GB . -37.62 -41.81 -4.53
C4 NAG GB . -37.87 -43.09 -5.29
C5 NAG GB . -36.67 -43.39 -6.18
C6 NAG GB . -36.93 -44.68 -6.96
C7 NAG GB . -38.06 -38.47 -4.87
C8 NAG GB . -37.52 -37.07 -4.80
N2 NAG GB . -37.14 -39.43 -4.84
O3 NAG GB . -38.76 -41.49 -3.73
O4 NAG GB . -38.07 -44.17 -4.38
O5 NAG GB . -36.44 -42.31 -7.09
O6 NAG GB . -35.77 -45.07 -7.70
O7 NAG GB . -39.24 -38.72 -4.96
#